data_6ED7
#
_entry.id   6ED7
#
_cell.length_a   122.430
_cell.length_b   111.570
_cell.length_c   136.120
_cell.angle_alpha   90.00
_cell.angle_beta   92.08
_cell.angle_gamma   90.00
#
_symmetry.space_group_name_H-M   'P 1 21 1'
#
loop_
_entity.id
_entity.type
_entity.pdbx_description
1 polymer '7,8-diamino-pelargonic acid aminotransferase'
2 non-polymer "PYRIDOXAL-5'-PHOSPHATE"
3 non-polymer 2-[(2-nitrophenyl)sulfanyl]acetohydrazide
4 water water
#
_entity_poly.entity_id   1
_entity_poly.type   'polypeptide(L)'
_entity_poly.pdbx_seq_one_letter_code
;ATTDDLAFDQRHIWHPYTSMTSPLPVYPVVSAEGCELILSDGRRLVDGMSSWWAAIHGYNHPQLNAAMKSQIDAMSHVMF
GGITHAPAIELCRKLVAMTPQPLECVFLADSGSVAVEVAMKMALQYWQAKGEARQRFLTFRNGYHGDTFGAMSVCDPDNS
MHSLWKGYLPENLFAPAPQSRMDGEWDERDMVGFARLMAAHRHEIAAVIIEPIVQGAGGMRMYHPEWLKRIRKICDREGI
LLIADEIATGFGRTGKLFACEHAEIAPDILCLGKALTGGTMTLSATLTTREVAETISNGEAGCFMHGPTFMGNPLACAAA
NASLAILESGDWQQQVADIEVQLREQLAPARDAEMVADVRVLGAIGVVETTHPVNMAALQKFFVEQGVWIRPFGKLIYLM
PPYIILPQQLQRLTAAVNRAVQDETFFCQ
;
_entity_poly.pdbx_strand_id   A,B,C,D,E,F,G,H
#
loop_
_chem_comp.id
_chem_comp.type
_chem_comp.name
_chem_comp.formula
J4J non-polymer 2-[(2-nitrophenyl)sulfanyl]acetohydrazide 'C8 H9 N3 O3 S'
PLP non-polymer PYRIDOXAL-5'-PHOSPHATE 'C8 H10 N O6 P'
#
# COMPACT_ATOMS: atom_id res chain seq x y z
N ALA A 1 -24.74 52.45 21.41
CA ALA A 1 -24.17 52.01 22.68
C ALA A 1 -24.19 50.49 22.74
N THR A 2 -25.33 49.93 23.13
CA THR A 2 -25.47 48.48 23.11
C THR A 2 -25.71 48.11 21.65
N THR A 3 -26.13 49.07 20.85
CA THR A 3 -26.32 48.78 19.43
C THR A 3 -24.95 48.67 18.76
N ASP A 4 -23.95 49.27 19.38
CA ASP A 4 -22.59 49.26 18.87
C ASP A 4 -21.85 48.04 19.40
N ASP A 5 -22.17 47.67 20.63
CA ASP A 5 -21.70 46.44 21.21
C ASP A 5 -22.12 45.28 20.35
N LEU A 6 -23.42 45.20 20.09
CA LEU A 6 -23.97 44.09 19.30
C LEU A 6 -23.32 44.05 17.93
N ALA A 7 -22.97 45.22 17.41
CA ALA A 7 -22.39 45.26 16.08
C ALA A 7 -20.97 44.72 16.15
N PHE A 8 -20.28 45.01 17.25
CA PHE A 8 -18.93 44.52 17.41
C PHE A 8 -18.95 43.02 17.59
N ASP A 9 -19.91 42.53 18.37
CA ASP A 9 -20.05 41.11 18.63
C ASP A 9 -20.25 40.40 17.31
N GLN A 10 -21.16 40.92 16.51
CA GLN A 10 -21.49 40.31 15.24
C GLN A 10 -20.30 40.29 14.30
N ARG A 11 -19.50 41.34 14.39
CA ARG A 11 -18.40 41.55 13.47
C ARG A 11 -17.13 40.85 13.96
N HIS A 12 -17.03 40.52 15.25
CA HIS A 12 -15.75 40.06 15.75
C HIS A 12 -15.75 38.82 16.62
N ILE A 13 -16.90 38.44 17.15
CA ILE A 13 -16.94 37.42 18.18
C ILE A 13 -17.63 36.15 17.72
N TRP A 14 -16.92 35.02 17.74
CA TRP A 14 -17.56 33.76 17.42
C TRP A 14 -18.48 33.34 18.55
N HIS A 15 -19.55 32.65 18.17
CA HIS A 15 -20.37 31.99 19.13
C HIS A 15 -20.34 30.50 18.81
N PRO A 16 -20.93 29.65 19.67
CA PRO A 16 -20.86 28.22 19.38
C PRO A 16 -21.38 27.92 17.99
N TYR A 17 -20.57 27.26 17.16
CA TYR A 17 -20.96 26.85 15.81
C TYR A 17 -21.56 27.97 15.02
N THR A 18 -20.81 29.05 14.87
CA THR A 18 -21.36 30.21 14.23
C THR A 18 -20.57 30.54 12.98
N SER A 19 -21.18 31.32 12.10
CA SER A 19 -20.50 31.84 10.91
C SER A 19 -20.02 33.25 11.15
N MET A 20 -18.83 33.58 10.67
CA MET A 20 -18.40 34.97 10.81
C MET A 20 -18.90 35.83 9.67
N THR A 21 -19.27 35.20 8.56
CA THR A 21 -19.78 35.93 7.40
C THR A 21 -21.24 36.29 7.60
N SER A 22 -22.07 35.31 7.97
CA SER A 22 -23.48 35.57 8.19
C SER A 22 -23.95 35.08 9.56
N PRO A 23 -23.57 35.79 10.62
CA PRO A 23 -23.98 35.41 11.97
C PRO A 23 -25.44 35.77 12.22
N LEU A 24 -26.11 34.97 13.05
CA LEU A 24 -27.50 35.26 13.41
C LEU A 24 -27.52 36.28 14.55
N PRO A 25 -28.65 36.98 14.73
CA PRO A 25 -28.68 37.92 15.84
C PRO A 25 -28.59 37.16 17.15
N VAL A 26 -27.91 37.76 18.13
CA VAL A 26 -27.83 37.23 19.47
C VAL A 26 -28.42 38.29 20.43
N TYR A 27 -29.02 37.83 21.52
CA TYR A 27 -29.69 38.73 22.45
C TYR A 27 -28.78 39.09 23.60
N PRO A 28 -28.62 40.39 23.88
CA PRO A 28 -27.68 40.82 24.93
C PRO A 28 -28.31 40.62 26.27
N VAL A 29 -27.69 39.81 27.11
CA VAL A 29 -28.18 39.57 28.46
C VAL A 29 -27.32 40.40 29.39
N VAL A 30 -27.93 41.15 30.29
CA VAL A 30 -27.14 42.02 31.14
C VAL A 30 -26.97 41.38 32.49
N SER A 31 -27.94 40.55 32.88
CA SER A 31 -27.87 39.87 34.17
C SER A 31 -28.88 38.75 34.21
N ALA A 32 -28.93 38.04 35.33
CA ALA A 32 -29.86 36.94 35.49
C ALA A 32 -30.10 36.69 36.99
N GLU A 33 -31.30 36.21 37.31
CA GLU A 33 -31.71 35.98 38.68
C GLU A 33 -32.83 34.96 38.68
N GLY A 34 -32.86 34.08 39.67
CA GLY A 34 -33.88 33.04 39.68
C GLY A 34 -33.85 32.25 38.39
N CYS A 35 -34.96 32.17 37.67
CA CYS A 35 -34.97 31.50 36.37
C CYS A 35 -35.15 32.48 35.25
N GLU A 36 -34.65 33.68 35.43
CA GLU A 36 -34.85 34.66 34.40
C GLU A 36 -33.55 35.28 33.94
N LEU A 37 -33.45 35.42 32.62
CA LEU A 37 -32.39 36.19 32.01
C LEU A 37 -32.94 37.58 31.75
N ILE A 38 -32.16 38.62 32.03
CA ILE A 38 -32.61 39.97 31.77
C ILE A 38 -31.86 40.58 30.60
N LEU A 39 -32.58 40.88 29.54
CA LEU A 39 -31.99 41.45 28.34
C LEU A 39 -31.68 42.93 28.58
N SER A 40 -30.98 43.55 27.63
CA SER A 40 -30.64 44.96 27.76
C SER A 40 -31.85 45.85 27.89
N ASP A 41 -32.93 45.48 27.20
CA ASP A 41 -34.09 46.36 27.12
C ASP A 41 -34.99 46.19 28.31
N GLY A 42 -34.53 45.40 29.27
CA GLY A 42 -35.22 45.21 30.54
C GLY A 42 -36.17 44.04 30.54
N ARG A 43 -36.51 43.51 29.37
CA ARG A 43 -37.41 42.36 29.30
C ARG A 43 -36.78 41.16 29.99
N ARG A 44 -37.57 40.35 30.67
CA ARG A 44 -37.04 39.19 31.37
C ARG A 44 -37.47 37.93 30.68
N LEU A 45 -36.54 37.01 30.44
CA LEU A 45 -36.91 35.76 29.79
C LEU A 45 -36.86 34.65 30.83
N VAL A 46 -37.91 33.84 30.86
CA VAL A 46 -37.91 32.67 31.73
C VAL A 46 -36.97 31.69 31.08
N ASP A 47 -36.00 31.23 31.86
CA ASP A 47 -34.99 30.36 31.29
C ASP A 47 -35.45 28.93 31.19
N GLY A 48 -35.49 28.41 29.97
CA GLY A 48 -35.84 27.02 29.80
C GLY A 48 -34.65 26.11 29.55
N MET A 49 -33.45 26.69 29.47
CA MET A 49 -32.26 25.95 29.05
C MET A 49 -31.26 25.65 30.17
N SER A 50 -31.34 26.37 31.28
CA SER A 50 -30.32 26.22 32.33
C SER A 50 -28.94 26.44 31.76
N SER A 51 -28.84 27.33 30.78
CA SER A 51 -27.58 27.60 30.08
C SER A 51 -26.92 26.28 29.63
N TRP A 52 -27.73 25.46 28.95
CA TRP A 52 -27.34 24.14 28.52
C TRP A 52 -27.02 23.27 29.72
N TRP A 53 -28.07 22.79 30.38
CA TRP A 53 -28.01 21.78 31.44
C TRP A 53 -27.50 22.28 32.77
N ALA A 54 -26.45 23.08 32.72
CA ALA A 54 -25.59 23.31 33.86
C ALA A 54 -26.18 24.13 35.01
N ALA A 55 -27.05 25.10 34.72
CA ALA A 55 -27.49 26.01 35.76
C ALA A 55 -28.71 25.50 36.53
N ILE A 56 -28.56 24.32 37.14
CA ILE A 56 -29.67 23.62 37.76
C ILE A 56 -30.23 24.37 38.97
N HIS A 57 -29.46 25.29 39.52
CA HIS A 57 -29.94 26.08 40.66
C HIS A 57 -30.40 27.43 40.20
N GLY A 58 -30.54 27.60 38.89
CA GLY A 58 -30.94 28.88 38.34
C GLY A 58 -29.82 29.88 38.40
N TYR A 59 -30.17 31.15 38.48
CA TYR A 59 -29.19 32.20 38.40
C TYR A 59 -29.15 32.99 39.68
N ASN A 60 -28.00 33.63 39.90
CA ASN A 60 -27.73 34.42 41.09
C ASN A 60 -28.16 33.72 42.32
N HIS A 61 -27.82 32.45 42.40
CA HIS A 61 -28.13 31.71 43.58
C HIS A 61 -27.26 32.17 44.73
N PRO A 62 -27.87 32.56 45.84
CA PRO A 62 -27.12 33.13 46.97
C PRO A 62 -26.04 32.21 47.56
N GLN A 63 -26.29 30.91 47.65
CA GLN A 63 -25.30 30.02 48.27
C GLN A 63 -24.09 29.85 47.36
N LEU A 64 -24.37 29.74 46.06
CA LEU A 64 -23.32 29.71 45.06
C LEU A 64 -22.51 31.01 45.14
N ASN A 65 -23.21 32.14 45.19
CA ASN A 65 -22.55 33.45 45.21
C ASN A 65 -21.70 33.62 46.45
N ALA A 66 -22.21 33.14 47.57
CA ALA A 66 -21.50 33.25 48.84
C ALA A 66 -20.24 32.42 48.78
N ALA A 67 -20.36 31.22 48.24
CA ALA A 67 -19.21 30.34 48.12
C ALA A 67 -18.15 30.92 47.20
N MET A 68 -18.59 31.44 46.06
CA MET A 68 -17.67 31.97 45.08
C MET A 68 -16.94 33.17 45.61
N LYS A 69 -17.67 34.13 46.20
CA LYS A 69 -17.04 35.32 46.74
C LYS A 69 -16.10 35.00 47.89
N SER A 70 -16.55 34.12 48.77
CA SER A 70 -15.75 33.75 49.92
C SER A 70 -14.44 33.15 49.45
N GLN A 71 -14.51 32.25 48.48
CA GLN A 71 -13.30 31.62 47.93
C GLN A 71 -12.41 32.61 47.22
N ILE A 72 -13.00 33.59 46.53
CA ILE A 72 -12.21 34.66 45.93
C ILE A 72 -11.34 35.32 46.98
N ASP A 73 -11.92 35.53 48.18
CA ASP A 73 -11.23 36.20 49.28
C ASP A 73 -10.00 35.45 49.76
N ALA A 74 -10.06 34.13 49.75
CA ALA A 74 -8.89 33.33 50.08
C ALA A 74 -7.91 33.35 48.90
N MET A 75 -8.35 32.84 47.76
CA MET A 75 -7.57 32.82 46.51
C MET A 75 -8.47 32.24 45.39
N SER A 76 -8.67 32.95 44.28
CA SER A 76 -9.51 32.36 43.23
C SER A 76 -8.72 31.21 42.61
N HIS A 77 -7.40 31.33 42.53
CA HIS A 77 -6.62 30.25 41.96
C HIS A 77 -5.23 30.14 42.52
N VAL A 78 -4.73 28.91 42.57
CA VAL A 78 -3.32 28.62 42.82
C VAL A 78 -3.02 27.35 42.02
N MET A 79 -1.77 27.15 41.58
CA MET A 79 -1.43 25.95 40.80
C MET A 79 -1.68 24.70 41.61
N PHE A 80 -1.80 23.56 40.94
CA PHE A 80 -2.14 22.31 41.58
C PHE A 80 -0.95 21.37 41.55
N GLY A 81 0.17 21.81 40.99
CA GLY A 81 1.35 20.98 40.99
C GLY A 81 2.10 21.08 42.29
N GLY A 82 2.09 20.02 43.08
CA GLY A 82 2.79 20.00 44.35
C GLY A 82 2.04 20.79 45.42
N ILE A 83 0.83 21.22 45.07
CA ILE A 83 -0.02 21.98 45.95
C ILE A 83 -1.39 21.34 45.97
N THR A 84 -2.04 21.29 47.13
CA THR A 84 -3.45 20.91 47.16
C THR A 84 -4.17 21.98 47.97
N HIS A 85 -5.49 21.98 47.99
CA HIS A 85 -6.20 23.00 48.74
C HIS A 85 -7.55 22.47 49.12
N ALA A 86 -8.18 23.14 50.07
CA ALA A 86 -9.44 22.70 50.64
C ALA A 86 -10.58 22.59 49.62
N PRO A 87 -10.73 23.59 48.72
CA PRO A 87 -11.84 23.42 47.75
C PRO A 87 -11.69 22.16 46.89
N ALA A 88 -10.46 21.84 46.48
CA ALA A 88 -10.26 20.63 45.68
C ALA A 88 -10.53 19.37 46.49
N ILE A 89 -10.07 19.35 47.74
CA ILE A 89 -10.23 18.16 48.59
C ILE A 89 -11.70 17.92 48.95
N GLU A 90 -12.39 18.99 49.31
CA GLU A 90 -13.80 18.90 49.63
C GLU A 90 -14.62 18.40 48.45
N LEU A 91 -14.34 18.97 47.28
CA LEU A 91 -15.07 18.59 46.08
C LEU A 91 -14.81 17.11 45.77
N CYS A 92 -13.57 16.67 45.92
CA CYS A 92 -13.30 15.26 45.62
C CYS A 92 -13.91 14.33 46.63
N ARG A 93 -13.90 14.75 47.91
CA ARG A 93 -14.59 14.01 48.96
C ARG A 93 -16.06 13.84 48.59
N LYS A 94 -16.71 14.92 48.20
CA LYS A 94 -18.13 14.82 47.83
C LYS A 94 -18.34 13.88 46.64
N LEU A 95 -17.48 14.01 45.63
CA LEU A 95 -17.63 13.25 44.39
C LEU A 95 -17.39 11.77 44.65
N VAL A 96 -16.35 11.46 45.41
CA VAL A 96 -16.09 10.07 45.72
C VAL A 96 -17.27 9.45 46.46
N ALA A 97 -17.80 10.21 47.42
CA ALA A 97 -18.91 9.74 48.26
C ALA A 97 -20.22 9.49 47.49
N MET A 98 -20.54 10.34 46.54
CA MET A 98 -21.84 10.27 45.92
C MET A 98 -21.88 9.43 44.68
N THR A 99 -20.72 9.09 44.13
CA THR A 99 -20.68 8.30 42.89
C THR A 99 -20.56 6.81 43.26
N PRO A 100 -20.96 5.92 42.34
CA PRO A 100 -20.87 4.47 42.54
C PRO A 100 -19.63 4.02 43.29
N GLN A 101 -19.79 3.01 44.15
CA GLN A 101 -18.76 2.59 45.10
C GLN A 101 -17.34 2.39 44.54
N PRO A 102 -17.19 1.70 43.38
CA PRO A 102 -15.81 1.45 42.92
C PRO A 102 -15.05 2.72 42.45
N LEU A 103 -15.78 3.79 42.14
CA LEU A 103 -15.18 5.02 41.66
C LEU A 103 -14.60 5.87 42.76
N GLU A 104 -13.28 5.91 42.89
CA GLU A 104 -12.70 6.64 44.02
C GLU A 104 -11.45 7.44 43.67
N CYS A 105 -11.12 7.54 42.39
CA CYS A 105 -10.00 8.38 42.01
C CYS A 105 -10.45 9.53 41.14
N VAL A 106 -10.13 10.75 41.56
CA VAL A 106 -10.65 11.92 40.88
C VAL A 106 -9.57 12.72 40.18
N PHE A 107 -9.76 12.95 38.88
CA PHE A 107 -8.92 13.85 38.10
C PHE A 107 -9.72 15.08 37.73
N LEU A 108 -9.38 16.24 38.29
CA LEU A 108 -10.09 17.46 37.97
C LEU A 108 -9.61 18.07 36.66
N ALA A 109 -10.51 18.54 35.82
CA ALA A 109 -10.08 19.22 34.62
C ALA A 109 -10.99 20.43 34.40
N ASP A 110 -10.89 21.10 33.27
CA ASP A 110 -11.58 22.38 33.18
C ASP A 110 -12.85 22.37 32.32
N SER A 111 -12.96 21.48 31.35
CA SER A 111 -14.15 21.47 30.51
C SER A 111 -14.55 20.05 30.21
N GLY A 112 -15.81 19.88 29.79
CA GLY A 112 -16.31 18.56 29.48
C GLY A 112 -15.43 17.81 28.51
N SER A 113 -15.09 18.45 27.39
CA SER A 113 -14.28 17.79 26.38
C SER A 113 -12.98 17.31 26.99
N VAL A 114 -12.37 18.11 27.84
CA VAL A 114 -11.11 17.68 28.42
C VAL A 114 -11.37 16.48 29.33
N ALA A 115 -12.49 16.47 30.05
CA ALA A 115 -12.77 15.32 30.90
C ALA A 115 -12.90 14.05 30.06
N VAL A 116 -13.55 14.17 28.90
CA VAL A 116 -13.72 13.03 28.02
C VAL A 116 -12.38 12.57 27.52
N GLU A 117 -11.54 13.50 27.10
CA GLU A 117 -10.23 13.13 26.57
C GLU A 117 -9.39 12.51 27.66
N VAL A 118 -9.56 13.00 28.88
CA VAL A 118 -8.86 12.42 30.02
C VAL A 118 -9.33 10.98 30.22
N ALA A 119 -10.63 10.75 30.12
CA ALA A 119 -11.17 9.40 30.25
C ALA A 119 -10.60 8.52 29.13
N MET A 120 -10.58 9.07 27.93
CA MET A 120 -10.05 8.32 26.83
C MET A 120 -8.61 8.02 27.09
N LYS A 121 -7.84 9.00 27.56
CA LYS A 121 -6.44 8.73 27.88
C LYS A 121 -6.25 7.73 28.98
N MET A 122 -7.13 7.74 29.95
CA MET A 122 -7.04 6.73 30.99
C MET A 122 -7.12 5.33 30.39
N ALA A 123 -8.14 5.11 29.58
CA ALA A 123 -8.32 3.82 28.99
C ALA A 123 -7.11 3.46 28.15
N LEU A 124 -6.57 4.40 27.41
CA LEU A 124 -5.44 4.08 26.56
C LEU A 124 -4.22 3.73 27.42
N GLN A 125 -3.93 4.52 28.45
CA GLN A 125 -2.80 4.21 29.30
C GLN A 125 -3.06 2.92 30.04
N TYR A 126 -4.33 2.65 30.33
CA TYR A 126 -4.67 1.41 31.02
C TYR A 126 -4.16 0.21 30.28
N TRP A 127 -4.53 0.12 29.00
CA TRP A 127 -4.18 -1.02 28.18
C TRP A 127 -2.73 -1.03 27.75
N GLN A 128 -2.15 0.16 27.57
CA GLN A 128 -0.73 0.31 27.29
C GLN A 128 0.03 -0.26 28.50
N ALA A 129 -0.49 0.00 29.71
CA ALA A 129 0.19 -0.48 30.91
C ALA A 129 0.08 -1.98 31.10
N LYS A 130 -0.94 -2.59 30.50
CA LYS A 130 -1.14 -4.01 30.65
C LYS A 130 -0.43 -4.70 29.50
N GLY A 131 0.23 -3.90 28.66
CA GLY A 131 1.01 -4.38 27.55
C GLY A 131 0.20 -4.86 26.36
N GLU A 132 -1.08 -4.46 26.30
CA GLU A 132 -1.95 -4.74 25.14
C GLU A 132 -2.38 -3.41 24.51
N ALA A 133 -1.71 -2.98 23.45
CA ALA A 133 -2.00 -1.72 22.73
C ALA A 133 -3.43 -1.53 22.16
N ARG A 134 -4.48 -1.80 22.94
CA ARG A 134 -5.83 -1.51 22.50
C ARG A 134 -6.02 -0.02 22.29
N GLN A 135 -6.47 0.38 21.11
CA GLN A 135 -6.59 1.81 20.84
C GLN A 135 -7.93 2.29 20.32
N ARG A 136 -8.88 1.39 20.06
CA ARG A 136 -10.15 1.80 19.50
C ARG A 136 -11.22 1.99 20.57
N PHE A 137 -12.11 2.94 20.33
CA PHE A 137 -13.24 3.13 21.21
C PHE A 137 -14.49 2.73 20.50
N LEU A 138 -15.38 2.11 21.26
CA LEU A 138 -16.69 1.76 20.76
C LEU A 138 -17.67 2.72 21.39
N THR A 139 -18.41 3.43 20.57
CA THR A 139 -19.38 4.38 21.08
C THR A 139 -20.70 4.20 20.34
N PHE A 140 -21.71 4.97 20.73
CA PHE A 140 -22.98 4.93 20.01
C PHE A 140 -23.10 6.01 18.96
N ARG A 141 -23.90 5.77 17.93
CA ARG A 141 -24.31 6.85 17.08
C ARG A 141 -25.23 7.76 17.88
N ASN A 142 -25.33 9.01 17.45
CA ASN A 142 -26.06 10.10 18.13
C ASN A 142 -25.47 10.48 19.48
N GLY A 143 -24.23 10.06 19.72
CA GLY A 143 -23.52 10.46 20.92
C GLY A 143 -22.79 11.77 20.69
N TYR A 144 -22.61 12.53 21.77
CA TYR A 144 -21.82 13.76 21.75
C TYR A 144 -20.94 13.88 22.98
N HIS A 145 -19.65 14.13 22.76
CA HIS A 145 -18.70 14.15 23.87
C HIS A 145 -17.75 15.33 23.80
N GLY A 146 -18.05 16.31 22.95
CA GLY A 146 -17.22 17.50 22.89
C GLY A 146 -16.63 17.82 21.52
N ASP A 147 -15.89 18.91 21.44
CA ASP A 147 -15.46 19.40 20.15
C ASP A 147 -13.98 19.25 19.93
N THR A 148 -13.22 18.85 20.94
CA THR A 148 -11.79 18.57 20.73
C THR A 148 -11.60 17.31 19.89
N PHE A 149 -10.43 17.13 19.28
CA PHE A 149 -10.28 16.06 18.31
C PHE A 149 -10.52 14.69 18.90
N GLY A 150 -10.00 14.45 20.09
CA GLY A 150 -10.24 13.18 20.75
C GLY A 150 -11.72 12.99 21.03
N ALA A 151 -12.36 13.98 21.63
CA ALA A 151 -13.78 13.88 21.90
C ALA A 151 -14.60 13.76 20.62
N MET A 152 -14.24 14.48 19.55
CA MET A 152 -14.97 14.36 18.28
C MET A 152 -14.93 12.94 17.76
N SER A 153 -13.81 12.26 17.96
CA SER A 153 -13.61 10.96 17.36
C SER A 153 -14.53 9.92 17.97
N VAL A 154 -15.23 10.27 19.03
CA VAL A 154 -16.25 9.38 19.56
C VAL A 154 -17.58 10.06 19.54
N CYS A 155 -17.66 11.16 18.78
CA CYS A 155 -18.94 11.76 18.49
C CYS A 155 -19.54 11.08 17.27
N ASP A 156 -20.86 11.18 17.16
CA ASP A 156 -21.58 10.70 16.00
C ASP A 156 -20.98 11.26 14.72
N PRO A 157 -20.64 10.40 13.75
CA PRO A 157 -19.97 10.85 12.53
C PRO A 157 -20.87 11.67 11.59
N ASP A 158 -22.18 11.69 11.81
CA ASP A 158 -23.07 12.43 10.93
C ASP A 158 -23.33 13.84 11.46
N ASN A 159 -23.77 13.93 12.72
CA ASN A 159 -24.00 15.22 13.35
C ASN A 159 -22.70 16.03 13.34
N SER A 160 -21.58 15.34 13.59
CA SER A 160 -20.24 15.96 13.63
C SER A 160 -19.63 16.21 12.26
N MET A 161 -20.40 15.97 11.20
CA MET A 161 -19.90 16.12 9.83
C MET A 161 -18.48 15.50 9.70
N HIS A 162 -18.33 14.27 10.19
CA HIS A 162 -17.04 13.58 10.18
C HIS A 162 -16.46 13.36 8.78
N SER A 163 -17.26 13.59 7.73
CA SER A 163 -16.76 13.61 6.35
C SER A 163 -15.57 14.57 6.20
N LEU A 164 -15.64 15.67 6.95
CA LEU A 164 -14.58 16.68 6.94
C LEU A 164 -13.43 16.33 7.89
N TRP A 165 -13.66 15.42 8.83
CA TRP A 165 -12.60 15.06 9.78
C TRP A 165 -12.08 13.66 9.55
N LYS A 166 -12.81 12.92 8.71
CA LYS A 166 -12.37 11.60 8.27
C LYS A 166 -11.06 11.77 7.51
N GLY A 167 -9.97 11.49 8.21
CA GLY A 167 -8.64 11.70 7.67
C GLY A 167 -7.74 12.11 8.81
N TYR A 168 -8.21 13.01 9.68
CA TYR A 168 -7.45 13.39 10.87
C TYR A 168 -7.89 12.52 12.06
N LEU A 169 -9.20 12.39 12.23
CA LEU A 169 -9.72 11.59 13.35
C LEU A 169 -9.55 10.10 13.12
N PRO A 170 -8.89 9.40 14.09
CA PRO A 170 -8.85 7.94 14.00
C PRO A 170 -10.26 7.40 13.99
N GLU A 171 -10.46 6.31 13.28
CA GLU A 171 -11.81 5.81 13.12
C GLU A 171 -12.20 4.84 14.23
N ASN A 172 -13.20 5.25 14.99
CA ASN A 172 -13.74 4.43 16.05
C ASN A 172 -14.93 3.60 15.61
N LEU A 173 -15.49 2.83 16.54
CA LEU A 173 -16.57 1.92 16.22
C LEU A 173 -17.87 2.50 16.69
N PHE A 174 -18.85 2.55 15.81
CA PHE A 174 -20.14 3.16 16.14
C PHE A 174 -21.32 2.20 16.07
N ALA A 175 -21.75 1.73 17.23
CA ALA A 175 -22.96 0.94 17.32
C ALA A 175 -24.17 1.79 16.94
N PRO A 176 -25.26 1.13 16.49
CA PRO A 176 -26.48 1.89 16.21
C PRO A 176 -26.98 2.58 17.45
N ALA A 177 -27.67 3.69 17.27
CA ALA A 177 -28.27 4.40 18.39
C ALA A 177 -29.22 3.47 19.12
N PRO A 178 -29.13 3.43 20.45
CA PRO A 178 -30.07 2.62 21.22
C PRO A 178 -31.51 3.03 20.90
N GLN A 179 -32.30 2.07 20.44
CA GLN A 179 -33.63 2.37 19.93
C GLN A 179 -34.70 2.27 21.02
N SER A 180 -34.54 1.33 21.94
CA SER A 180 -35.52 1.13 23.02
C SER A 180 -35.69 2.37 23.87
N ARG A 181 -36.92 2.85 24.03
CA ARG A 181 -37.18 4.07 24.77
C ARG A 181 -37.12 3.83 26.26
N MET A 182 -37.13 4.91 27.02
CA MET A 182 -36.91 4.84 28.45
C MET A 182 -38.22 4.74 29.17
N ASP A 183 -39.29 5.10 28.48
CA ASP A 183 -40.65 4.78 28.91
C ASP A 183 -41.21 3.63 28.08
N GLY A 184 -40.50 3.30 27.01
CA GLY A 184 -40.52 1.99 26.36
C GLY A 184 -40.35 0.77 27.25
N GLU A 185 -40.85 -0.39 26.78
CA GLU A 185 -40.17 -1.65 27.08
C GLU A 185 -39.01 -1.93 26.17
N TRP A 186 -38.13 -2.78 26.72
CA TRP A 186 -36.92 -3.20 26.06
C TRP A 186 -37.19 -4.16 24.91
N ASP A 187 -36.51 -3.92 23.79
CA ASP A 187 -36.62 -4.76 22.62
C ASP A 187 -35.26 -5.39 22.41
N GLU A 188 -35.25 -6.71 22.47
CA GLU A 188 -34.04 -7.51 22.46
C GLU A 188 -33.26 -7.40 21.14
N ARG A 189 -33.97 -7.08 20.06
CA ARG A 189 -33.35 -6.96 18.72
C ARG A 189 -32.41 -5.75 18.63
N ASP A 190 -32.55 -4.84 19.59
CA ASP A 190 -31.75 -3.61 19.69
C ASP A 190 -30.26 -3.89 19.71
N MET A 191 -29.89 -4.98 20.35
CA MET A 191 -28.50 -5.31 20.65
C MET A 191 -27.68 -5.79 19.48
N VAL A 192 -28.31 -6.03 18.34
CA VAL A 192 -27.61 -6.75 17.28
C VAL A 192 -26.37 -6.03 16.77
N GLY A 193 -26.51 -4.75 16.44
CA GLY A 193 -25.38 -3.98 15.91
C GLY A 193 -24.25 -3.87 16.92
N PHE A 194 -24.62 -3.60 18.17
CA PHE A 194 -23.67 -3.45 19.26
C PHE A 194 -22.92 -4.75 19.54
N ALA A 195 -23.67 -5.84 19.72
CA ALA A 195 -23.11 -7.17 19.98
C ALA A 195 -22.23 -7.63 18.82
N ARG A 196 -22.69 -7.41 17.59
CA ARG A 196 -21.92 -7.83 16.41
C ARG A 196 -20.61 -7.05 16.31
N LEU A 197 -20.66 -5.73 16.53
CA LEU A 197 -19.44 -4.92 16.56
C LEU A 197 -18.52 -5.30 17.69
N MET A 198 -19.11 -5.49 18.88
CA MET A 198 -18.35 -5.90 20.03
C MET A 198 -17.65 -7.22 19.72
N ALA A 199 -18.41 -8.22 19.29
CA ALA A 199 -17.85 -9.52 18.95
C ALA A 199 -16.74 -9.41 17.90
N ALA A 200 -16.91 -8.53 16.91
CA ALA A 200 -15.97 -8.40 15.80
C ALA A 200 -14.67 -7.65 16.14
N HIS A 201 -14.65 -6.88 17.23
CA HIS A 201 -13.47 -6.07 17.57
C HIS A 201 -13.07 -6.14 19.04
N ARG A 202 -13.73 -7.00 19.81
CA ARG A 202 -13.59 -7.03 21.27
C ARG A 202 -12.14 -7.08 21.77
N HIS A 203 -11.19 -7.43 20.91
CA HIS A 203 -9.79 -7.48 21.33
C HIS A 203 -9.05 -6.19 21.04
N GLU A 204 -9.62 -5.34 20.20
CA GLU A 204 -8.98 -4.06 19.89
C GLU A 204 -9.68 -2.86 20.51
N ILE A 205 -10.71 -3.10 21.31
CA ILE A 205 -11.44 -2.01 21.97
C ILE A 205 -10.90 -1.66 23.36
N ALA A 206 -10.38 -0.44 23.52
CA ALA A 206 -9.86 0.04 24.80
C ALA A 206 -10.98 0.34 25.77
N ALA A 207 -12.07 0.90 25.25
CA ALA A 207 -13.17 1.31 26.09
C ALA A 207 -14.46 1.50 25.31
N VAL A 208 -15.57 1.33 26.01
CA VAL A 208 -16.87 1.73 25.50
C VAL A 208 -17.22 3.07 26.11
N ILE A 209 -17.65 4.03 25.29
CA ILE A 209 -18.09 5.31 25.84
C ILE A 209 -19.49 5.66 25.37
N ILE A 210 -20.36 5.97 26.33
CA ILE A 210 -21.72 6.34 26.03
C ILE A 210 -22.22 7.36 27.03
N GLU A 211 -23.22 8.13 26.60
CA GLU A 211 -23.97 8.90 27.54
C GLU A 211 -25.04 8.00 28.13
N PRO A 212 -25.04 7.85 29.45
CA PRO A 212 -26.02 6.92 30.03
C PRO A 212 -27.45 7.46 29.94
N ILE A 213 -28.36 6.62 29.43
CA ILE A 213 -29.80 6.89 29.38
C ILE A 213 -30.22 8.02 28.44
N VAL A 214 -29.63 9.20 28.59
CA VAL A 214 -29.97 10.34 27.74
C VAL A 214 -28.80 10.74 26.87
N GLN A 215 -28.92 10.53 25.56
CA GLN A 215 -27.93 11.07 24.62
C GLN A 215 -28.33 12.51 24.36
N GLY A 216 -27.58 13.46 24.91
CA GLY A 216 -28.01 14.85 24.91
C GLY A 216 -27.91 15.60 23.60
N ALA A 217 -26.77 16.24 23.38
CA ALA A 217 -26.63 17.14 22.25
C ALA A 217 -26.67 16.43 20.92
N GLY A 218 -26.59 15.11 20.95
CA GLY A 218 -26.58 14.34 19.72
C GLY A 218 -27.97 13.96 19.23
N GLY A 219 -28.99 14.41 19.96
CA GLY A 219 -30.35 14.14 19.56
C GLY A 219 -31.37 14.07 20.70
N MET A 220 -30.95 14.43 21.91
CA MET A 220 -31.86 14.39 23.05
C MET A 220 -32.66 13.11 23.07
N ARG A 221 -31.95 11.99 22.94
CA ARG A 221 -32.61 10.69 22.94
C ARG A 221 -32.65 10.13 24.35
N MET A 222 -33.73 9.43 24.71
CA MET A 222 -33.84 8.79 26.02
C MET A 222 -34.09 7.30 25.89
N TYR A 223 -33.08 6.49 26.15
CA TYR A 223 -33.16 5.07 25.82
C TYR A 223 -33.27 4.18 27.05
N HIS A 224 -33.57 2.90 26.83
CA HIS A 224 -33.89 1.97 27.93
C HIS A 224 -32.68 1.60 28.77
N PRO A 225 -32.82 1.65 30.10
CA PRO A 225 -31.71 1.36 31.01
C PRO A 225 -31.10 -0.01 30.84
N GLU A 226 -31.83 -0.92 30.18
CA GLU A 226 -31.33 -2.26 29.98
C GLU A 226 -30.02 -2.22 29.24
N TRP A 227 -29.89 -1.22 28.39
CA TRP A 227 -28.66 -0.96 27.65
C TRP A 227 -27.44 -0.86 28.54
N LEU A 228 -27.55 -0.16 29.66
CA LEU A 228 -26.39 -0.03 30.52
C LEU A 228 -26.07 -1.39 31.15
N LYS A 229 -27.12 -2.09 31.57
CA LYS A 229 -26.96 -3.40 32.16
C LYS A 229 -26.25 -4.34 31.20
N ARG A 230 -26.69 -4.37 29.95
CA ARG A 230 -26.09 -5.21 28.93
C ARG A 230 -24.67 -4.78 28.62
N ILE A 231 -24.46 -3.47 28.44
CA ILE A 231 -23.13 -2.96 28.07
C ILE A 231 -22.16 -3.18 29.21
N ARG A 232 -22.64 -2.99 30.44
CA ARG A 232 -21.83 -3.25 31.62
C ARG A 232 -21.40 -4.70 31.71
N LYS A 233 -22.33 -5.64 31.51
CA LYS A 233 -21.99 -7.06 31.58
C LYS A 233 -21.01 -7.46 30.47
N ILE A 234 -21.28 -7.04 29.24
CA ILE A 234 -20.40 -7.32 28.10
C ILE A 234 -19.00 -6.74 28.32
N CYS A 235 -18.92 -5.54 28.88
CA CYS A 235 -17.62 -4.92 29.14
C CYS A 235 -16.87 -5.73 30.18
N ASP A 236 -17.61 -6.20 31.19
CA ASP A 236 -17.06 -7.08 32.21
C ASP A 236 -16.50 -8.34 31.60
N ARG A 237 -17.25 -8.90 30.66
CA ARG A 237 -16.86 -10.14 30.04
C ARG A 237 -15.55 -9.98 29.30
N GLU A 238 -15.39 -8.85 28.63
CA GLU A 238 -14.21 -8.66 27.80
C GLU A 238 -13.09 -7.98 28.57
N GLY A 239 -13.41 -7.50 29.77
CA GLY A 239 -12.46 -6.73 30.56
C GLY A 239 -12.25 -5.32 30.02
N ILE A 240 -13.15 -4.90 29.13
CA ILE A 240 -13.11 -3.60 28.48
C ILE A 240 -13.63 -2.52 29.43
N LEU A 241 -12.99 -1.36 29.44
CA LEU A 241 -13.44 -0.27 30.29
C LEU A 241 -14.73 0.35 29.75
N LEU A 242 -15.64 0.66 30.67
CA LEU A 242 -16.83 1.40 30.33
C LEU A 242 -16.69 2.83 30.80
N ILE A 243 -16.74 3.76 29.84
CA ILE A 243 -16.78 5.18 30.12
C ILE A 243 -18.20 5.73 30.05
N ALA A 244 -18.75 6.14 31.17
CA ALA A 244 -20.05 6.79 31.18
C ALA A 244 -19.84 8.29 31.22
N ASP A 245 -20.20 8.96 30.13
CA ASP A 245 -20.11 10.40 30.06
C ASP A 245 -21.35 11.03 30.68
N GLU A 246 -21.26 11.42 31.95
CA GLU A 246 -22.40 12.04 32.63
C GLU A 246 -22.23 13.52 32.74
N ILE A 247 -21.55 14.11 31.77
CA ILE A 247 -21.32 15.55 31.81
C ILE A 247 -22.66 16.29 31.76
N ALA A 248 -23.61 15.73 31.01
CA ALA A 248 -24.95 16.34 30.87
C ALA A 248 -25.95 15.81 31.91
N THR A 249 -25.91 14.50 32.15
CA THR A 249 -26.93 13.84 32.96
C THR A 249 -26.62 13.93 34.43
N GLY A 250 -25.39 14.27 34.77
CA GLY A 250 -24.99 14.28 36.16
C GLY A 250 -25.81 15.25 37.01
N PHE A 251 -25.90 14.91 38.29
CA PHE A 251 -26.49 15.78 39.29
C PHE A 251 -27.98 16.05 39.10
N GLY A 252 -28.72 14.98 38.81
CA GLY A 252 -30.16 14.94 39.02
C GLY A 252 -31.09 15.16 37.84
N ARG A 253 -30.57 15.66 36.73
CA ARG A 253 -31.43 16.11 35.65
C ARG A 253 -32.41 15.02 35.16
N THR A 254 -32.01 13.76 35.22
CA THR A 254 -32.89 12.70 34.75
C THR A 254 -33.71 12.05 35.86
N GLY A 255 -33.69 12.66 37.06
CA GLY A 255 -34.43 12.15 38.20
C GLY A 255 -33.56 11.37 39.18
N LYS A 256 -32.43 10.86 38.70
CA LYS A 256 -31.48 10.25 39.63
C LYS A 256 -30.20 11.06 39.66
N LEU A 257 -29.48 10.97 40.78
CA LEU A 257 -28.27 11.75 41.01
C LEU A 257 -27.31 11.58 39.86
N PHE A 258 -27.12 10.34 39.41
CA PHE A 258 -26.39 10.07 38.18
C PHE A 258 -27.23 9.13 37.34
N ALA A 259 -27.26 9.35 36.03
CA ALA A 259 -28.13 8.60 35.16
C ALA A 259 -27.78 7.11 35.17
N CYS A 260 -26.57 6.77 35.59
CA CYS A 260 -26.20 5.37 35.70
C CYS A 260 -27.12 4.61 36.68
N GLU A 261 -27.67 5.32 37.66
CA GLU A 261 -28.47 4.71 38.70
C GLU A 261 -29.75 4.11 38.15
N HIS A 262 -30.23 4.63 37.04
CA HIS A 262 -31.38 4.07 36.34
C HIS A 262 -31.14 2.60 36.00
N ALA A 263 -29.88 2.18 35.96
CA ALA A 263 -29.60 0.79 35.65
C ALA A 263 -28.85 0.12 36.76
N GLU A 264 -28.60 0.85 37.83
CA GLU A 264 -27.79 0.35 38.94
C GLU A 264 -26.49 -0.30 38.44
N ILE A 265 -25.83 0.37 37.49
CA ILE A 265 -24.52 -0.05 37.04
C ILE A 265 -23.52 1.05 37.37
N ALA A 266 -22.25 0.66 37.41
CA ALA A 266 -21.14 1.59 37.65
C ALA A 266 -20.20 1.50 36.49
N PRO A 267 -19.75 2.65 35.99
CA PRO A 267 -18.74 2.66 34.93
C PRO A 267 -17.37 2.47 35.53
N ASP A 268 -16.37 2.15 34.70
CA ASP A 268 -15.00 2.15 35.16
C ASP A 268 -14.49 3.58 35.21
N ILE A 269 -14.98 4.39 34.29
CA ILE A 269 -14.60 5.77 34.24
C ILE A 269 -15.87 6.61 34.10
N LEU A 270 -15.95 7.66 34.92
CA LEU A 270 -17.10 8.53 34.97
C LEU A 270 -16.64 9.95 34.69
N CYS A 271 -17.27 10.60 33.71
CA CYS A 271 -17.02 11.98 33.38
C CYS A 271 -18.11 12.88 33.96
N LEU A 272 -17.72 14.01 34.55
CA LEU A 272 -18.68 14.94 35.11
C LEU A 272 -18.38 16.36 34.63
N GLY A 273 -19.40 17.21 34.54
CA GLY A 273 -19.18 18.61 34.20
C GLY A 273 -20.46 19.42 34.31
N LYS A 274 -20.54 20.54 33.59
CA LYS A 274 -21.78 21.33 33.54
C LYS A 274 -22.36 21.59 34.91
N ALA A 275 -23.36 20.80 35.32
CA ALA A 275 -24.06 21.10 36.57
C ALA A 275 -23.16 20.94 37.78
N LEU A 276 -22.02 20.33 37.54
CA LEU A 276 -21.00 20.17 38.57
C LEU A 276 -20.76 21.48 39.33
N THR A 277 -20.71 22.62 38.62
CA THR A 277 -20.44 23.92 39.24
C THR A 277 -21.70 24.75 39.43
N GLY A 278 -22.85 24.12 39.30
CA GLY A 278 -24.11 24.83 39.29
C GLY A 278 -24.20 25.71 38.06
N GLY A 279 -23.37 25.43 37.06
CA GLY A 279 -23.38 26.23 35.84
C GLY A 279 -22.83 27.63 36.01
N THR A 280 -22.02 27.82 37.05
CA THR A 280 -21.43 29.11 37.33
C THR A 280 -20.22 29.38 36.47
N MET A 281 -19.48 28.33 36.16
CA MET A 281 -18.24 28.42 35.42
C MET A 281 -17.78 27.04 35.01
N THR A 282 -16.77 26.96 34.17
CA THR A 282 -16.42 25.65 33.67
C THR A 282 -15.56 24.85 34.64
N LEU A 283 -15.84 23.55 34.71
CA LEU A 283 -15.07 22.61 35.52
C LEU A 283 -15.52 21.22 35.16
N SER A 284 -14.64 20.25 35.27
CA SER A 284 -15.06 18.89 34.98
C SER A 284 -14.32 17.94 35.88
N ALA A 285 -14.76 16.70 35.93
CA ALA A 285 -14.10 15.70 36.75
C ALA A 285 -14.26 14.38 36.05
N THR A 286 -13.18 13.62 36.04
CA THR A 286 -13.16 12.27 35.53
C THR A 286 -12.73 11.39 36.67
N LEU A 287 -13.63 10.48 37.05
CA LEU A 287 -13.41 9.56 38.13
C LEU A 287 -13.14 8.21 37.56
N THR A 288 -12.32 7.44 38.26
CA THR A 288 -12.08 6.11 37.82
C THR A 288 -11.87 5.17 39.00
N THR A 289 -11.78 3.89 38.71
CA THR A 289 -11.68 2.92 39.76
C THR A 289 -10.24 2.88 40.21
N ARG A 290 -10.01 2.46 41.44
CA ARG A 290 -8.64 2.31 41.90
C ARG A 290 -7.82 1.33 41.03
N GLU A 291 -8.45 0.26 40.54
CA GLU A 291 -7.75 -0.68 39.67
C GLU A 291 -7.14 0.03 38.46
N VAL A 292 -7.97 0.84 37.82
CA VAL A 292 -7.56 1.61 36.65
C VAL A 292 -6.48 2.58 37.02
N ALA A 293 -6.66 3.26 38.13
CA ALA A 293 -5.72 4.29 38.57
C ALA A 293 -4.32 3.72 38.82
N GLU A 294 -4.25 2.57 39.46
CA GLU A 294 -2.96 1.94 39.74
C GLU A 294 -2.32 1.31 38.51
N THR A 295 -3.15 0.67 37.68
CA THR A 295 -2.64 0.09 36.44
C THR A 295 -1.97 1.16 35.62
N ILE A 296 -2.68 2.27 35.44
CA ILE A 296 -2.15 3.43 34.73
C ILE A 296 -0.84 3.88 35.33
N SER A 297 -0.85 4.01 36.66
CA SER A 297 0.29 4.54 37.42
C SER A 297 1.48 3.58 37.44
N ASN A 298 1.23 2.29 37.29
CA ASN A 298 2.32 1.30 37.26
C ASN A 298 2.83 1.00 35.85
N GLY A 299 2.41 1.79 34.87
CA GLY A 299 2.89 1.65 33.51
C GLY A 299 4.23 2.34 33.29
N GLU A 300 4.68 2.41 32.03
CA GLU A 300 5.98 3.00 31.71
C GLU A 300 6.04 4.47 32.06
N ALA A 301 4.88 5.12 31.95
CA ALA A 301 4.77 6.55 32.21
C ALA A 301 5.03 6.85 33.68
N GLY A 302 4.61 5.93 34.55
CA GLY A 302 4.80 6.11 35.98
C GLY A 302 3.82 7.13 36.52
N CYS A 303 2.87 7.52 35.70
CA CYS A 303 1.89 8.53 36.08
C CYS A 303 0.80 8.65 35.03
N PHE A 304 -0.27 9.36 35.38
CA PHE A 304 -1.26 9.68 34.38
C PHE A 304 -0.89 10.99 33.69
N MET A 305 -0.66 10.91 32.39
CA MET A 305 -0.04 12.01 31.69
C MET A 305 -1.01 13.10 31.29
N HIS A 306 -1.56 13.80 32.26
CA HIS A 306 -2.43 14.93 31.97
C HIS A 306 -2.38 15.95 33.11
N GLY A 307 -2.36 17.24 32.78
CA GLY A 307 -2.39 18.26 33.81
C GLY A 307 -2.64 19.69 33.34
N PRO A 308 -3.92 20.08 33.24
CA PRO A 308 -4.23 21.42 32.75
C PRO A 308 -3.66 22.48 33.66
N THR A 309 -3.28 23.63 33.11
CA THR A 309 -2.76 24.72 33.91
C THR A 309 -3.63 25.02 35.12
N PHE A 310 -4.93 25.08 34.87
CA PHE A 310 -5.86 25.55 35.88
C PHE A 310 -6.49 24.42 36.62
N MET A 311 -5.81 23.28 36.56
CA MET A 311 -6.28 22.09 37.24
C MET A 311 -6.63 22.34 38.68
N GLY A 312 -7.83 21.95 39.05
CA GLY A 312 -8.26 22.05 40.43
C GLY A 312 -8.54 23.46 40.87
N ASN A 313 -8.73 24.37 39.92
CA ASN A 313 -9.04 25.77 40.20
C ASN A 313 -9.93 25.93 41.42
N PRO A 314 -9.38 26.51 42.49
CA PRO A 314 -10.11 26.72 43.76
C PRO A 314 -11.49 27.37 43.59
N LEU A 315 -11.58 28.41 42.78
CA LEU A 315 -12.87 29.06 42.63
C LEU A 315 -13.93 28.11 42.05
N ALA A 316 -13.60 27.44 40.96
CA ALA A 316 -14.56 26.53 40.34
C ALA A 316 -14.95 25.43 41.31
N CYS A 317 -13.96 24.95 42.07
CA CYS A 317 -14.23 23.92 43.07
C CYS A 317 -15.15 24.46 44.14
N ALA A 318 -14.93 25.71 44.55
CA ALA A 318 -15.79 26.31 45.55
C ALA A 318 -17.23 26.34 45.06
N ALA A 319 -17.40 26.70 43.80
CA ALA A 319 -18.72 26.77 43.20
C ALA A 319 -19.36 25.41 43.20
N ALA A 320 -18.55 24.42 42.85
CA ALA A 320 -18.98 23.02 42.77
C ALA A 320 -19.42 22.50 44.11
N ASN A 321 -18.62 22.77 45.14
CA ASN A 321 -18.99 22.41 46.50
C ASN A 321 -20.31 23.04 46.87
N ALA A 322 -20.47 24.31 46.52
CA ALA A 322 -21.72 24.98 46.83
C ALA A 322 -22.86 24.28 46.11
N SER A 323 -22.65 23.97 44.84
CA SER A 323 -23.71 23.37 44.07
C SER A 323 -24.07 22.04 44.66
N LEU A 324 -23.05 21.25 44.99
CA LEU A 324 -23.29 19.94 45.53
C LEU A 324 -23.94 20.02 46.89
N ALA A 325 -23.53 21.00 47.68
CA ALA A 325 -24.11 21.15 49.00
C ALA A 325 -25.62 21.42 48.91
N ILE A 326 -26.05 22.17 47.88
CA ILE A 326 -27.47 22.45 47.67
C ILE A 326 -28.22 21.15 47.41
N LEU A 327 -27.62 20.23 46.65
CA LEU A 327 -28.26 18.96 46.30
C LEU A 327 -28.35 18.03 47.50
N GLU A 328 -27.56 18.32 48.53
CA GLU A 328 -27.52 17.45 49.71
C GLU A 328 -28.81 17.56 50.54
N SER A 329 -29.53 18.66 50.39
CA SER A 329 -30.84 18.88 51.01
C SER A 329 -31.89 17.89 50.49
N GLY A 330 -31.67 17.37 49.29
CA GLY A 330 -32.55 16.41 48.67
C GLY A 330 -33.71 17.07 47.94
N ASP A 331 -33.77 18.40 47.98
CA ASP A 331 -34.92 19.07 47.40
C ASP A 331 -35.07 18.83 45.91
N TRP A 332 -33.95 18.54 45.24
CA TRP A 332 -33.97 18.36 43.80
C TRP A 332 -34.83 17.18 43.36
N GLN A 333 -34.87 16.12 44.16
CA GLN A 333 -35.61 14.92 43.80
C GLN A 333 -37.07 15.25 43.50
N GLN A 334 -37.69 15.98 44.42
CA GLN A 334 -39.08 16.30 44.25
C GLN A 334 -39.23 17.34 43.13
N GLN A 335 -38.29 18.27 43.07
CA GLN A 335 -38.31 19.34 42.08
C GLN A 335 -38.24 18.77 40.68
N VAL A 336 -37.40 17.75 40.52
CA VAL A 336 -37.21 17.12 39.23
C VAL A 336 -38.42 16.25 38.90
N ALA A 337 -38.95 15.57 39.93
CA ALA A 337 -40.15 14.78 39.79
C ALA A 337 -41.33 15.64 39.36
N ASP A 338 -41.49 16.79 40.04
CA ASP A 338 -42.60 17.67 39.74
C ASP A 338 -42.48 18.22 38.32
N ILE A 339 -41.27 18.61 37.95
CA ILE A 339 -41.05 19.15 36.61
C ILE A 339 -41.37 18.07 35.57
N GLU A 340 -40.98 16.84 35.87
CA GLU A 340 -41.27 15.73 34.98
C GLU A 340 -42.77 15.56 34.77
N VAL A 341 -43.50 15.51 35.88
CA VAL A 341 -44.94 15.37 35.82
C VAL A 341 -45.53 16.49 34.99
N GLN A 342 -45.13 17.71 35.32
CA GLN A 342 -45.67 18.90 34.67
C GLN A 342 -45.26 18.94 33.18
N LEU A 343 -44.04 18.47 32.88
CA LEU A 343 -43.57 18.44 31.49
C LEU A 343 -44.34 17.45 30.64
N ARG A 344 -44.61 16.27 31.18
CA ARG A 344 -45.34 15.23 30.47
C ARG A 344 -46.74 15.70 30.07
N GLU A 345 -47.45 16.29 31.04
CA GLU A 345 -48.82 16.73 30.83
C GLU A 345 -48.91 17.91 29.89
N GLN A 346 -48.02 18.90 30.08
CA GLN A 346 -48.13 20.14 29.33
C GLN A 346 -47.52 20.07 27.93
N LEU A 347 -46.71 19.06 27.68
CA LEU A 347 -46.13 18.88 26.36
C LEU A 347 -46.91 17.85 25.56
N ALA A 348 -47.77 17.10 26.25
CA ALA A 348 -48.62 16.11 25.58
C ALA A 348 -49.35 16.64 24.34
N PRO A 349 -50.01 17.82 24.45
CA PRO A 349 -50.74 18.29 23.26
C PRO A 349 -49.92 18.43 22.00
N ALA A 350 -48.62 18.63 22.17
CA ALA A 350 -47.78 18.86 21.00
C ALA A 350 -47.74 17.62 20.13
N ARG A 351 -47.98 16.43 20.69
CA ARG A 351 -47.94 15.19 19.91
C ARG A 351 -48.85 15.26 18.69
N ASP A 352 -49.97 15.95 18.84
CA ASP A 352 -50.97 16.03 17.80
C ASP A 352 -50.63 16.98 16.66
N ALA A 353 -49.61 17.81 16.85
CA ALA A 353 -49.24 18.76 15.81
C ALA A 353 -48.63 18.07 14.62
N GLU A 354 -48.90 18.60 13.44
CA GLU A 354 -48.45 17.97 12.21
C GLU A 354 -46.94 18.11 12.12
N MET A 355 -46.42 19.17 12.74
CA MET A 355 -44.97 19.47 12.72
C MET A 355 -44.16 18.66 13.71
N VAL A 356 -44.85 17.99 14.64
CA VAL A 356 -44.17 17.24 15.70
C VAL A 356 -44.09 15.76 15.38
N ALA A 357 -42.89 15.18 15.50
CA ALA A 357 -42.71 13.76 15.22
C ALA A 357 -42.69 12.92 16.51
N ASP A 358 -42.22 13.50 17.60
CA ASP A 358 -42.16 12.77 18.87
C ASP A 358 -42.07 13.73 20.04
N VAL A 359 -42.58 13.31 21.19
CA VAL A 359 -42.46 14.08 22.41
C VAL A 359 -42.02 13.14 23.49
N ARG A 360 -40.90 13.45 24.15
CA ARG A 360 -40.40 12.61 25.23
C ARG A 360 -39.92 13.43 26.41
N VAL A 361 -40.10 12.88 27.60
CA VAL A 361 -39.77 13.56 28.84
C VAL A 361 -39.08 12.63 29.83
N LEU A 362 -38.03 13.13 30.47
CA LEU A 362 -37.37 12.40 31.54
C LEU A 362 -36.79 13.37 32.55
N GLY A 363 -37.12 13.19 33.83
CA GLY A 363 -36.66 14.11 34.86
C GLY A 363 -37.03 15.52 34.44
N ALA A 364 -36.12 16.48 34.63
CA ALA A 364 -36.37 17.85 34.17
C ALA A 364 -35.91 18.04 32.72
N ILE A 365 -36.19 17.08 31.86
CA ILE A 365 -35.93 17.23 30.44
C ILE A 365 -37.20 17.00 29.61
N GLY A 366 -37.53 17.94 28.74
CA GLY A 366 -38.68 17.79 27.88
C GLY A 366 -38.25 17.97 26.44
N VAL A 367 -38.50 17.00 25.60
CA VAL A 367 -38.06 17.10 24.22
C VAL A 367 -39.24 17.06 23.28
N VAL A 368 -39.37 18.09 22.46
CA VAL A 368 -40.35 18.03 21.37
C VAL A 368 -39.58 17.95 20.05
N GLU A 369 -39.53 16.73 19.51
CA GLU A 369 -38.84 16.47 18.24
C GLU A 369 -39.77 16.73 17.06
N THR A 370 -39.32 17.52 16.11
CA THR A 370 -40.14 17.90 14.97
C THR A 370 -39.72 17.15 13.72
N THR A 371 -40.57 17.20 12.71
CA THR A 371 -40.34 16.46 11.47
C THR A 371 -39.39 17.20 10.53
N HIS A 372 -39.27 18.51 10.73
CA HIS A 372 -38.34 19.33 9.94
C HIS A 372 -37.50 20.21 10.86
N PRO A 373 -36.28 20.56 10.41
CA PRO A 373 -35.46 21.44 11.24
C PRO A 373 -36.15 22.77 11.47
N VAL A 374 -35.96 23.31 12.67
CA VAL A 374 -36.57 24.57 13.04
C VAL A 374 -35.92 25.68 12.26
N ASN A 375 -36.67 26.74 12.02
CA ASN A 375 -36.14 27.95 11.44
C ASN A 375 -35.50 28.77 12.57
N MET A 376 -34.20 28.56 12.79
CA MET A 376 -33.48 29.06 13.98
C MET A 376 -33.76 30.50 14.31
N ALA A 377 -33.53 31.38 13.34
CA ALA A 377 -33.66 32.79 13.59
C ALA A 377 -35.08 33.17 13.99
N ALA A 378 -36.05 32.76 13.20
CA ALA A 378 -37.44 33.14 13.42
C ALA A 378 -38.00 32.56 14.70
N LEU A 379 -37.74 31.27 14.93
CA LEU A 379 -38.26 30.63 16.11
C LEU A 379 -37.60 31.22 17.36
N GLN A 380 -36.29 31.50 17.28
CA GLN A 380 -35.60 32.11 18.42
C GLN A 380 -36.20 33.45 18.72
N LYS A 381 -36.45 34.23 17.67
CA LYS A 381 -37.10 35.52 17.81
C LYS A 381 -38.48 35.36 18.43
N PHE A 382 -39.20 34.34 17.98
CA PHE A 382 -40.53 34.08 18.53
C PHE A 382 -40.45 33.87 20.02
N PHE A 383 -39.53 33.02 20.44
CA PHE A 383 -39.41 32.65 21.83
C PHE A 383 -39.08 33.84 22.69
N VAL A 384 -38.15 34.67 22.22
CA VAL A 384 -37.74 35.82 23.00
C VAL A 384 -38.93 36.73 23.20
N GLU A 385 -39.68 36.95 22.12
CA GLU A 385 -40.84 37.82 22.18
C GLU A 385 -41.93 37.26 23.09
N GLN A 386 -42.01 35.97 23.24
CA GLN A 386 -42.94 35.40 24.19
C GLN A 386 -42.39 35.47 25.62
N GLY A 387 -41.23 36.08 25.77
CA GLY A 387 -40.58 36.20 27.07
C GLY A 387 -40.00 34.90 27.63
N VAL A 388 -39.69 33.94 26.76
CA VAL A 388 -39.05 32.73 27.23
C VAL A 388 -37.73 32.51 26.50
N TRP A 389 -36.76 31.90 27.18
CA TRP A 389 -35.52 31.57 26.51
C TRP A 389 -35.45 30.07 26.33
N ILE A 390 -35.72 29.67 25.09
CA ILE A 390 -35.67 28.30 24.63
C ILE A 390 -34.83 28.35 23.38
N ARG A 391 -33.80 27.49 23.34
CA ARG A 391 -32.86 27.44 22.24
C ARG A 391 -33.02 26.10 21.54
N PRO A 392 -33.81 26.08 20.47
CA PRO A 392 -34.02 24.82 19.75
C PRO A 392 -32.77 24.45 19.00
N PHE A 393 -32.67 23.20 18.60
CA PHE A 393 -31.51 22.73 17.87
C PHE A 393 -31.93 21.74 16.81
N GLY A 394 -31.65 22.07 15.55
CA GLY A 394 -32.01 21.18 14.46
C GLY A 394 -33.49 20.85 14.50
N LYS A 395 -33.82 19.59 14.75
CA LYS A 395 -35.22 19.21 14.82
C LYS A 395 -35.66 19.07 16.25
N LEU A 396 -34.98 19.75 17.17
CA LEU A 396 -35.33 19.60 18.57
C LEU A 396 -35.69 20.91 19.24
N ILE A 397 -36.88 20.94 19.81
CA ILE A 397 -37.31 22.01 20.70
C ILE A 397 -37.40 21.39 22.07
N TYR A 398 -36.43 21.69 22.93
CA TYR A 398 -36.40 20.99 24.20
C TYR A 398 -36.32 21.95 25.36
N LEU A 399 -36.77 21.48 26.53
CA LEU A 399 -36.79 22.26 27.75
C LEU A 399 -36.01 21.54 28.79
N MET A 400 -35.18 22.28 29.51
CA MET A 400 -34.46 21.72 30.64
C MET A 400 -34.28 22.80 31.65
N PRO A 401 -35.39 23.13 32.32
CA PRO A 401 -35.35 24.30 33.19
C PRO A 401 -34.50 24.05 34.43
N PRO A 402 -34.07 25.11 35.09
CA PRO A 402 -33.46 24.94 36.40
C PRO A 402 -34.43 24.24 37.35
N TYR A 403 -33.89 23.51 38.32
CA TYR A 403 -34.72 22.72 39.19
C TYR A 403 -35.68 23.57 40.00
N ILE A 404 -35.36 24.85 40.16
CA ILE A 404 -36.17 25.74 41.00
C ILE A 404 -37.27 26.50 40.25
N ILE A 405 -37.51 26.14 39.00
CA ILE A 405 -38.44 26.90 38.18
C ILE A 405 -39.82 26.81 38.80
N LEU A 406 -40.52 27.94 38.81
CA LEU A 406 -41.88 27.99 39.34
C LEU A 406 -42.84 27.42 38.33
N PRO A 407 -43.93 26.82 38.81
CA PRO A 407 -44.92 26.18 37.94
C PRO A 407 -45.49 27.14 36.89
N GLN A 408 -45.77 28.40 37.23
CA GLN A 408 -46.32 29.32 36.24
C GLN A 408 -45.25 29.65 35.20
N GLN A 409 -43.99 29.61 35.63
CA GLN A 409 -42.85 29.79 34.74
C GLN A 409 -42.68 28.61 33.77
N LEU A 410 -42.80 27.39 34.28
CA LEU A 410 -42.70 26.22 33.42
C LEU A 410 -43.83 26.22 32.39
N GLN A 411 -45.02 26.63 32.83
CA GLN A 411 -46.20 26.69 31.97
C GLN A 411 -45.98 27.63 30.80
N ARG A 412 -45.35 28.77 31.03
CA ARG A 412 -44.98 29.66 29.93
C ARG A 412 -44.09 28.97 28.88
N LEU A 413 -43.15 28.16 29.35
CA LEU A 413 -42.21 27.46 28.47
C LEU A 413 -42.93 26.46 27.62
N THR A 414 -43.67 25.58 28.27
CA THR A 414 -44.40 24.53 27.57
C THR A 414 -45.44 25.16 26.64
N ALA A 415 -46.05 26.26 27.09
CA ALA A 415 -47.01 26.96 26.26
C ALA A 415 -46.32 27.46 25.02
N ALA A 416 -45.14 28.03 25.19
CA ALA A 416 -44.41 28.58 24.05
C ALA A 416 -44.06 27.48 23.04
N VAL A 417 -43.65 26.33 23.55
CA VAL A 417 -43.29 25.21 22.68
C VAL A 417 -44.50 24.70 21.87
N ASN A 418 -45.64 24.54 22.55
CA ASN A 418 -46.89 24.08 21.93
C ASN A 418 -47.32 25.03 20.81
N ARG A 419 -47.23 26.33 21.09
CA ARG A 419 -47.57 27.34 20.11
C ARG A 419 -46.61 27.36 18.93
N ALA A 420 -45.34 27.08 19.19
CA ALA A 420 -44.34 27.13 18.14
C ALA A 420 -44.51 26.00 17.12
N VAL A 421 -44.88 24.82 17.62
CA VAL A 421 -45.01 23.64 16.76
C VAL A 421 -46.35 23.58 16.02
N GLN A 422 -47.29 24.45 16.38
CA GLN A 422 -48.56 24.52 15.68
C GLN A 422 -48.31 25.26 14.37
N ASP A 423 -47.36 26.20 14.39
CA ASP A 423 -47.07 27.06 13.25
C ASP A 423 -45.87 26.58 12.45
N GLU A 424 -46.08 26.37 11.16
CA GLU A 424 -45.03 25.83 10.31
C GLU A 424 -44.12 26.91 9.75
N THR A 425 -44.40 28.18 10.03
CA THR A 425 -43.50 29.23 9.55
C THR A 425 -42.19 29.14 10.31
N PHE A 426 -42.21 28.45 11.44
CA PHE A 426 -41.02 28.31 12.26
C PHE A 426 -40.20 27.09 11.90
N PHE A 427 -40.43 26.55 10.70
CA PHE A 427 -39.74 25.33 10.27
C PHE A 427 -39.25 25.41 8.83
N CYS A 428 -38.15 24.73 8.52
CA CYS A 428 -37.68 24.73 7.14
C CYS A 428 -37.91 23.35 6.56
N GLN A 429 -38.85 23.29 5.62
CA GLN A 429 -39.20 22.04 4.97
C GLN A 429 -38.42 21.83 3.68
N ALA B 1 -5.72 17.18 61.81
CA ALA B 1 -6.98 17.58 61.19
C ALA B 1 -6.85 17.75 59.67
N THR B 2 -5.95 18.64 59.23
CA THR B 2 -5.67 18.81 57.81
C THR B 2 -4.77 17.66 57.32
N THR B 3 -4.23 16.89 58.25
CA THR B 3 -3.44 15.72 57.91
C THR B 3 -4.36 14.58 57.45
N ASP B 4 -5.65 14.75 57.70
CA ASP B 4 -6.61 13.78 57.22
C ASP B 4 -6.98 14.17 55.81
N ASP B 5 -7.04 15.48 55.58
CA ASP B 5 -7.21 16.03 54.25
C ASP B 5 -6.08 15.60 53.35
N LEU B 6 -4.85 15.86 53.75
CA LEU B 6 -3.72 15.48 52.92
C LEU B 6 -3.75 13.99 52.64
N ALA B 7 -4.30 13.23 53.58
CA ALA B 7 -4.37 11.79 53.38
C ALA B 7 -5.42 11.47 52.36
N PHE B 8 -6.53 12.20 52.36
CA PHE B 8 -7.57 11.96 51.36
C PHE B 8 -7.06 12.35 49.99
N ASP B 9 -6.39 13.50 49.91
CA ASP B 9 -5.81 13.96 48.66
C ASP B 9 -4.82 12.92 48.11
N GLN B 10 -3.91 12.45 48.96
CA GLN B 10 -2.93 11.47 48.53
C GLN B 10 -3.59 10.21 47.99
N ARG B 11 -4.70 9.83 48.57
CA ARG B 11 -5.34 8.56 48.24
C ARG B 11 -6.36 8.64 47.08
N HIS B 12 -6.87 9.83 46.75
CA HIS B 12 -8.01 9.93 45.84
C HIS B 12 -7.89 10.95 44.72
N ILE B 13 -6.96 11.89 44.87
CA ILE B 13 -6.92 13.03 44.00
C ILE B 13 -5.68 13.06 43.14
N TRP B 14 -5.86 13.05 41.84
CA TRP B 14 -4.73 13.22 40.92
C TRP B 14 -4.29 14.64 40.97
N HIS B 15 -3.00 14.88 40.77
CA HIS B 15 -2.50 16.22 40.51
C HIS B 15 -1.86 16.14 39.13
N PRO B 16 -1.36 17.26 38.57
CA PRO B 16 -0.78 17.16 37.22
C PRO B 16 0.36 16.15 37.05
N TYR B 17 0.18 15.20 36.15
CA TYR B 17 1.19 14.16 35.86
C TYR B 17 1.70 13.47 37.10
N THR B 18 0.80 12.90 37.89
CA THR B 18 1.24 12.22 39.10
C THR B 18 0.80 10.76 39.13
N SER B 19 1.39 10.01 40.05
CA SER B 19 1.01 8.62 40.24
C SER B 19 0.00 8.45 41.39
N MET B 20 -0.98 7.58 41.19
CA MET B 20 -1.93 7.22 42.24
C MET B 20 -1.33 6.10 43.07
N THR B 21 -0.32 5.45 42.51
CA THR B 21 0.35 4.37 43.21
C THR B 21 1.30 4.92 44.26
N SER B 22 2.20 5.81 43.85
CA SER B 22 3.15 6.43 44.77
C SER B 22 3.20 7.95 44.60
N PRO B 23 2.15 8.64 45.07
CA PRO B 23 2.17 10.09 44.89
C PRO B 23 3.15 10.78 45.80
N LEU B 24 3.71 11.88 45.32
CA LEU B 24 4.60 12.68 46.12
C LEU B 24 3.84 13.69 46.98
N PRO B 25 4.49 14.21 48.03
CA PRO B 25 3.77 15.14 48.89
C PRO B 25 3.38 16.41 48.18
N VAL B 26 2.24 16.92 48.56
CA VAL B 26 1.77 18.20 48.08
C VAL B 26 1.57 19.09 49.28
N TYR B 27 1.78 20.40 49.12
CA TYR B 27 1.64 21.31 50.24
C TYR B 27 0.26 21.94 50.27
N PRO B 28 -0.37 21.92 51.45
CA PRO B 28 -1.71 22.51 51.55
C PRO B 28 -1.65 24.03 51.58
N VAL B 29 -2.30 24.68 50.62
CA VAL B 29 -2.36 26.14 50.61
C VAL B 29 -3.76 26.60 50.99
N VAL B 30 -3.86 27.56 51.92
CA VAL B 30 -5.18 27.99 52.42
C VAL B 30 -5.59 29.30 51.81
N SER B 31 -4.60 30.10 51.43
CA SER B 31 -4.87 31.36 50.80
C SER B 31 -3.61 31.91 50.17
N ALA B 32 -3.73 33.05 49.52
CA ALA B 32 -2.59 33.69 48.89
C ALA B 32 -2.89 35.17 48.70
N GLU B 33 -1.86 35.99 48.77
CA GLU B 33 -2.04 37.44 48.63
C GLU B 33 -0.74 38.11 48.18
N GLY B 34 -0.84 39.11 47.32
CA GLY B 34 0.35 39.72 46.75
C GLY B 34 1.13 38.61 46.07
N CYS B 35 2.40 38.42 46.44
CA CYS B 35 3.21 37.32 45.91
C CYS B 35 3.49 36.22 46.92
N GLU B 36 2.54 35.98 47.81
CA GLU B 36 2.73 34.96 48.83
C GLU B 36 1.65 33.89 48.80
N LEU B 37 2.07 32.64 48.92
CA LEU B 37 1.14 31.54 49.14
C LEU B 37 1.16 31.29 50.65
N ILE B 38 0.02 31.02 51.23
CA ILE B 38 -0.02 30.75 52.66
C ILE B 38 -0.40 29.30 52.93
N LEU B 39 0.48 28.56 53.58
CA LEU B 39 0.16 27.16 53.86
C LEU B 39 -0.76 27.06 55.06
N SER B 40 -1.31 25.86 55.30
CA SER B 40 -2.18 25.61 56.45
C SER B 40 -1.51 25.90 57.78
N ASP B 41 -0.21 25.64 57.87
CA ASP B 41 0.50 25.83 59.12
C ASP B 41 0.91 27.30 59.22
N GLY B 42 0.44 28.09 58.27
CA GLY B 42 0.59 29.52 58.35
C GLY B 42 1.87 30.02 57.71
N ARG B 43 2.80 29.13 57.42
CA ARG B 43 4.05 29.57 56.82
C ARG B 43 3.74 30.22 55.46
N ARG B 44 4.49 31.26 55.12
CA ARG B 44 4.27 32.04 53.89
C ARG B 44 5.35 31.77 52.85
N LEU B 45 4.94 31.50 51.62
CA LEU B 45 5.90 31.25 50.53
C LEU B 45 5.87 32.37 49.50
N VAL B 46 7.04 32.89 49.13
CA VAL B 46 7.14 33.85 48.05
C VAL B 46 6.98 33.09 46.73
N ASP B 47 6.03 33.51 45.91
CA ASP B 47 5.74 32.74 44.70
C ASP B 47 6.67 33.04 43.53
N GLY B 48 7.38 32.02 43.09
CA GLY B 48 8.27 32.18 41.95
C GLY B 48 7.63 31.67 40.68
N MET B 49 6.42 31.13 40.78
CA MET B 49 5.80 30.46 39.64
C MET B 49 4.63 31.16 38.98
N SER B 50 4.02 32.12 39.65
CA SER B 50 2.81 32.74 39.14
C SER B 50 1.75 31.68 38.84
N SER B 51 1.76 30.60 39.63
CA SER B 51 0.87 29.47 39.37
C SER B 51 0.96 29.04 37.92
N TRP B 52 2.21 28.90 37.45
CA TRP B 52 2.51 28.60 36.06
C TRP B 52 2.09 29.73 35.12
N TRP B 53 2.89 30.81 35.12
CA TRP B 53 2.78 31.92 34.18
C TRP B 53 1.63 32.86 34.44
N ALA B 54 0.49 32.28 34.76
CA ALA B 54 -0.77 32.99 34.64
C ALA B 54 -1.01 34.11 35.68
N ALA B 55 -0.55 33.94 36.92
CA ALA B 55 -0.89 34.87 37.98
C ALA B 55 0.04 36.07 37.96
N ILE B 56 0.02 36.81 36.86
CA ILE B 56 0.96 37.91 36.67
C ILE B 56 0.69 39.08 37.60
N HIS B 57 -0.49 39.15 38.19
CA HIS B 57 -0.77 40.25 39.13
C HIS B 57 -0.68 39.73 40.58
N GLY B 58 -0.17 38.53 40.72
CA GLY B 58 -0.06 37.96 42.05
C GLY B 58 -1.43 37.55 42.52
N TYR B 59 -1.63 37.49 43.83
CA TYR B 59 -2.85 36.89 44.36
C TYR B 59 -3.67 37.88 45.14
N ASN B 60 -4.96 37.59 45.22
CA ASN B 60 -5.91 38.46 45.90
C ASN B 60 -5.76 39.90 45.46
N HIS B 61 -5.69 40.10 44.15
CA HIS B 61 -5.61 41.45 43.62
C HIS B 61 -6.96 42.14 43.78
N PRO B 62 -6.97 43.32 44.43
CA PRO B 62 -8.22 44.00 44.74
C PRO B 62 -9.05 44.27 43.50
N GLN B 63 -8.39 44.63 42.40
CA GLN B 63 -9.13 44.94 41.17
C GLN B 63 -9.71 43.70 40.51
N LEU B 64 -8.93 42.63 40.44
CA LEU B 64 -9.45 41.39 39.90
C LEU B 64 -10.61 40.91 40.77
N ASN B 65 -10.39 40.95 42.08
CA ASN B 65 -11.40 40.48 43.03
C ASN B 65 -12.70 41.26 42.89
N ALA B 66 -12.59 42.57 42.78
CA ALA B 66 -13.78 43.41 42.66
C ALA B 66 -14.46 43.12 41.33
N ALA B 67 -13.67 43.01 40.27
CA ALA B 67 -14.25 42.74 38.95
C ALA B 67 -15.00 41.41 38.96
N MET B 68 -14.42 40.42 39.62
CA MET B 68 -15.06 39.11 39.70
C MET B 68 -16.34 39.16 40.53
N LYS B 69 -16.27 39.78 41.70
CA LYS B 69 -17.46 39.89 42.54
C LYS B 69 -18.56 40.68 41.84
N SER B 70 -18.21 41.74 41.11
CA SER B 70 -19.29 42.46 40.42
C SER B 70 -19.99 41.57 39.39
N GLN B 71 -19.23 40.81 38.59
CA GLN B 71 -19.85 40.01 37.55
C GLN B 71 -20.73 38.95 38.15
N ILE B 72 -20.29 38.38 39.25
CA ILE B 72 -21.09 37.41 39.98
C ILE B 72 -22.46 38.00 40.33
N ASP B 73 -22.50 39.28 40.73
CA ASP B 73 -23.77 39.94 41.03
C ASP B 73 -24.68 40.07 39.81
N ALA B 74 -24.12 40.31 38.63
CA ALA B 74 -24.93 40.33 37.41
C ALA B 74 -25.33 38.89 37.04
N MET B 75 -24.31 38.07 36.79
CA MET B 75 -24.45 36.67 36.46
C MET B 75 -23.02 36.08 36.32
N SER B 76 -22.70 35.06 37.08
CA SER B 76 -21.39 34.45 36.88
C SER B 76 -21.39 33.77 35.54
N HIS B 77 -22.53 33.24 35.12
CA HIS B 77 -22.56 32.58 33.81
C HIS B 77 -23.90 32.63 33.14
N VAL B 78 -23.85 32.73 31.82
CA VAL B 78 -25.02 32.48 30.98
C VAL B 78 -24.46 31.91 29.69
N MET B 79 -25.23 31.06 29.01
CA MET B 79 -24.83 30.40 27.78
C MET B 79 -24.55 31.38 26.66
N PHE B 80 -23.76 31.00 25.67
CA PHE B 80 -23.32 31.96 24.66
C PHE B 80 -23.97 31.72 23.34
N GLY B 81 -24.81 30.68 23.27
CA GLY B 81 -25.55 30.34 22.07
C GLY B 81 -26.76 31.24 21.93
N GLY B 82 -26.72 32.11 20.93
CA GLY B 82 -27.82 33.03 20.73
C GLY B 82 -27.85 34.13 21.78
N ILE B 83 -26.83 34.18 22.63
CA ILE B 83 -26.75 35.19 23.69
C ILE B 83 -25.39 35.83 23.70
N THR B 84 -25.34 37.14 23.86
CA THR B 84 -24.04 37.76 24.06
C THR B 84 -24.12 38.65 25.27
N HIS B 85 -22.99 39.15 25.75
CA HIS B 85 -23.01 39.94 26.96
C HIS B 85 -21.84 40.87 27.04
N ALA B 86 -21.92 41.80 27.98
CA ALA B 86 -20.93 42.85 28.05
C ALA B 86 -19.51 42.32 28.29
N PRO B 87 -19.32 41.43 29.28
CA PRO B 87 -17.94 40.96 29.49
C PRO B 87 -17.30 40.29 28.27
N ALA B 88 -18.05 39.50 27.51
CA ALA B 88 -17.44 38.89 26.32
C ALA B 88 -17.07 39.94 25.30
N ILE B 89 -17.97 40.90 25.11
CA ILE B 89 -17.75 41.93 24.10
C ILE B 89 -16.59 42.83 24.49
N GLU B 90 -16.57 43.27 25.75
CA GLU B 90 -15.49 44.10 26.25
C GLU B 90 -14.16 43.35 26.14
N LEU B 91 -14.16 42.07 26.51
CA LEU B 91 -12.92 41.28 26.42
C LEU B 91 -12.44 41.19 24.99
N CYS B 92 -13.37 40.94 24.07
CA CYS B 92 -12.97 40.82 22.67
C CYS B 92 -12.50 42.16 22.11
N ARG B 93 -13.14 43.26 22.54
CA ARG B 93 -12.71 44.59 22.16
C ARG B 93 -11.26 44.78 22.58
N LYS B 94 -10.97 44.48 23.84
CA LYS B 94 -9.61 44.59 24.34
C LYS B 94 -8.65 43.68 23.56
N LEU B 95 -9.08 42.45 23.25
CA LEU B 95 -8.20 41.50 22.59
C LEU B 95 -7.91 41.94 21.15
N VAL B 96 -8.95 42.33 20.42
CA VAL B 96 -8.75 42.81 19.06
C VAL B 96 -7.88 44.05 19.04
N ALA B 97 -8.11 44.96 19.98
CA ALA B 97 -7.38 46.21 20.08
C ALA B 97 -5.88 46.05 20.32
N MET B 98 -5.50 45.06 21.14
CA MET B 98 -4.13 44.93 21.62
C MET B 98 -3.29 43.98 20.80
N THR B 99 -3.93 43.21 19.94
CA THR B 99 -3.20 42.25 19.13
C THR B 99 -2.83 42.84 17.75
N PRO B 100 -1.81 42.25 17.08
CA PRO B 100 -1.41 42.59 15.71
C PRO B 100 -2.62 42.81 14.81
N GLN B 101 -2.59 43.83 13.96
CA GLN B 101 -3.78 44.31 13.23
C GLN B 101 -4.72 43.28 12.58
N PRO B 102 -4.16 42.30 11.83
CA PRO B 102 -5.07 41.44 11.07
C PRO B 102 -5.92 40.54 11.95
N LEU B 103 -5.52 40.37 13.22
CA LEU B 103 -6.24 39.49 14.13
C LEU B 103 -7.46 40.18 14.67
N GLU B 104 -8.64 39.81 14.18
CA GLU B 104 -9.80 40.53 14.63
C GLU B 104 -11.02 39.66 14.83
N CYS B 105 -10.85 38.35 14.73
CA CYS B 105 -11.94 37.45 15.05
C CYS B 105 -11.59 36.60 16.24
N VAL B 106 -12.45 36.62 17.24
CA VAL B 106 -12.13 35.97 18.48
C VAL B 106 -13.00 34.77 18.73
N PHE B 107 -12.34 33.64 19.00
CA PHE B 107 -13.06 32.48 19.47
C PHE B 107 -12.68 32.25 20.92
N LEU B 108 -13.60 32.50 21.83
CA LEU B 108 -13.31 32.27 23.24
C LEU B 108 -13.46 30.79 23.55
N ALA B 109 -12.58 30.25 24.36
CA ALA B 109 -12.74 28.87 24.80
C ALA B 109 -12.40 28.78 26.29
N ASP B 110 -12.29 27.57 26.83
CA ASP B 110 -12.13 27.44 28.28
C ASP B 110 -10.70 27.15 28.70
N SER B 111 -9.90 26.53 27.84
CA SER B 111 -8.54 26.22 28.25
C SER B 111 -7.55 26.34 27.11
N GLY B 112 -6.27 26.37 27.48
CA GLY B 112 -5.22 26.49 26.51
C GLY B 112 -5.30 25.43 25.44
N SER B 113 -5.41 24.17 25.87
CA SER B 113 -5.48 23.03 24.94
C SER B 113 -6.64 23.20 24.00
N VAL B 114 -7.77 23.64 24.53
CA VAL B 114 -8.94 23.79 23.70
C VAL B 114 -8.67 24.93 22.73
N ALA B 115 -7.99 25.98 23.18
CA ALA B 115 -7.66 27.07 22.26
C ALA B 115 -6.78 26.55 21.14
N VAL B 116 -5.81 25.68 21.47
CA VAL B 116 -4.91 25.12 20.47
C VAL B 116 -5.70 24.23 19.53
N GLU B 117 -6.58 23.42 20.07
CA GLU B 117 -7.37 22.55 19.20
C GLU B 117 -8.28 23.37 18.34
N VAL B 118 -8.77 24.50 18.86
CA VAL B 118 -9.60 25.42 18.09
C VAL B 118 -8.77 25.99 16.94
N ALA B 119 -7.53 26.38 17.23
CA ALA B 119 -6.62 26.90 16.21
C ALA B 119 -6.34 25.87 15.15
N MET B 120 -6.07 24.65 15.58
CA MET B 120 -5.80 23.61 14.61
C MET B 120 -7.01 23.36 13.76
N LYS B 121 -8.17 23.32 14.42
CA LYS B 121 -9.41 23.06 13.69
C LYS B 121 -9.72 24.17 12.70
N MET B 122 -9.42 25.41 13.09
CA MET B 122 -9.54 26.53 12.17
C MET B 122 -8.70 26.30 10.93
N ALA B 123 -7.44 25.91 11.11
CA ALA B 123 -6.54 25.69 9.99
C ALA B 123 -7.07 24.57 9.13
N LEU B 124 -7.60 23.54 9.76
CA LEU B 124 -8.11 22.43 8.98
C LEU B 124 -9.34 22.83 8.17
N GLN B 125 -10.29 23.54 8.79
CA GLN B 125 -11.49 23.96 8.09
C GLN B 125 -11.20 24.97 6.98
N TYR B 126 -10.17 25.78 7.19
CA TYR B 126 -9.70 26.73 6.21
C TYR B 126 -9.36 26.04 4.90
N TRP B 127 -8.55 24.99 4.97
CA TRP B 127 -8.13 24.30 3.77
C TRP B 127 -9.23 23.42 3.20
N GLN B 128 -10.15 22.91 4.04
CA GLN B 128 -11.28 22.21 3.48
C GLN B 128 -12.08 23.16 2.60
N ALA B 129 -12.24 24.40 3.07
CA ALA B 129 -13.04 25.39 2.36
C ALA B 129 -12.34 25.88 1.12
N LYS B 130 -11.01 25.76 1.09
CA LYS B 130 -10.27 26.14 -0.09
C LYS B 130 -10.02 24.96 -1.01
N GLY B 131 -10.58 23.81 -0.65
CA GLY B 131 -10.53 22.60 -1.45
C GLY B 131 -9.23 21.83 -1.46
N GLU B 132 -8.34 22.09 -0.51
CA GLU B 132 -7.09 21.34 -0.41
C GLU B 132 -7.02 20.57 0.91
N ALA B 133 -7.27 19.27 0.89
CA ALA B 133 -7.21 18.42 2.09
C ALA B 133 -5.88 18.43 2.90
N ARG B 134 -5.27 19.60 3.14
CA ARG B 134 -4.10 19.69 4.00
C ARG B 134 -4.41 19.33 5.45
N GLN B 135 -3.68 18.37 6.01
CA GLN B 135 -3.96 17.90 7.36
C GLN B 135 -2.75 17.81 8.28
N ARG B 136 -1.56 18.13 7.78
CA ARG B 136 -0.36 17.99 8.58
C ARG B 136 -0.07 19.29 9.31
N PHE B 137 0.53 19.23 10.48
CA PHE B 137 1.01 20.46 11.04
C PHE B 137 2.51 20.38 11.11
N LEU B 138 3.17 21.50 10.82
CA LEU B 138 4.60 21.59 10.95
C LEU B 138 4.92 22.37 12.19
N THR B 139 5.69 21.77 13.10
CA THR B 139 6.06 22.45 14.32
C THR B 139 7.51 22.18 14.72
N PHE B 140 7.92 22.75 15.83
CA PHE B 140 9.25 22.52 16.40
C PHE B 140 9.24 21.41 17.40
N ARG B 141 10.40 20.77 17.55
CA ARG B 141 10.65 19.91 18.69
C ARG B 141 10.72 20.78 19.94
N ASN B 142 10.54 20.18 21.12
CA ASN B 142 10.49 20.91 22.39
C ASN B 142 9.28 21.81 22.46
N GLY B 143 8.30 21.55 21.61
CA GLY B 143 7.09 22.30 21.67
C GLY B 143 6.18 21.68 22.72
N TYR B 144 5.36 22.51 23.34
CA TYR B 144 4.29 22.03 24.19
C TYR B 144 3.07 22.86 23.95
N HIS B 145 1.95 22.19 23.69
CA HIS B 145 0.73 22.92 23.37
C HIS B 145 -0.49 22.42 24.13
N GLY B 146 -0.27 21.54 25.10
CA GLY B 146 -1.37 21.04 25.91
C GLY B 146 -1.49 19.53 25.91
N ASP B 147 -2.46 18.99 26.64
CA ASP B 147 -2.51 17.55 26.85
C ASP B 147 -3.66 16.83 26.14
N THR B 148 -4.57 17.58 25.55
CA THR B 148 -5.63 16.97 24.75
C THR B 148 -5.02 16.39 23.47
N PHE B 149 -5.72 15.46 22.82
CA PHE B 149 -5.13 14.70 21.73
C PHE B 149 -4.65 15.52 20.55
N GLY B 150 -5.40 16.56 20.19
CA GLY B 150 -5.00 17.44 19.13
C GLY B 150 -3.70 18.14 19.50
N ALA B 151 -3.67 18.70 20.71
CA ALA B 151 -2.51 19.42 21.20
C ALA B 151 -1.27 18.51 21.37
N MET B 152 -1.48 17.28 21.83
CA MET B 152 -0.40 16.32 21.99
C MET B 152 0.27 16.08 20.65
N SER B 153 -0.52 16.03 19.58
CA SER B 153 -0.01 15.65 18.27
C SER B 153 0.94 16.69 17.71
N VAL B 154 1.02 17.85 18.35
CA VAL B 154 2.01 18.85 17.96
C VAL B 154 2.97 19.18 19.11
N CYS B 155 2.92 18.39 20.18
CA CYS B 155 3.91 18.50 21.24
C CYS B 155 5.13 17.69 20.85
N ASP B 156 6.26 17.99 21.46
CA ASP B 156 7.46 17.21 21.22
C ASP B 156 7.19 15.73 21.40
N PRO B 157 7.55 14.94 20.40
CA PRO B 157 7.27 13.49 20.29
C PRO B 157 8.03 12.65 21.31
N ASP B 158 9.01 13.25 21.97
CA ASP B 158 9.79 12.57 23.00
C ASP B 158 9.29 12.89 24.42
N ASN B 159 9.19 14.19 24.71
CA ASN B 159 8.76 14.68 26.01
C ASN B 159 7.36 14.20 26.42
N SER B 160 6.42 14.26 25.48
CA SER B 160 5.04 13.81 25.71
C SER B 160 4.99 12.30 25.56
N MET B 161 6.17 11.70 25.43
CA MET B 161 6.35 10.26 25.27
C MET B 161 5.31 9.72 24.31
N HIS B 162 5.18 10.42 23.18
CA HIS B 162 4.21 10.07 22.14
C HIS B 162 4.46 8.66 21.59
N SER B 163 5.60 8.06 21.92
CA SER B 163 5.89 6.67 21.61
C SER B 163 4.75 5.75 22.11
N LEU B 164 4.17 6.12 23.25
CA LEU B 164 3.06 5.39 23.83
C LEU B 164 1.75 5.78 23.15
N TRP B 165 1.77 6.88 22.41
CA TRP B 165 0.58 7.36 21.70
C TRP B 165 0.72 7.22 20.18
N LYS B 166 1.96 6.98 19.74
CA LYS B 166 2.27 6.81 18.32
C LYS B 166 1.49 5.63 17.80
N GLY B 167 0.38 5.94 17.15
CA GLY B 167 -0.58 4.94 16.73
C GLY B 167 -1.94 5.58 16.85
N TYR B 168 -2.15 6.35 17.91
CA TYR B 168 -3.40 7.08 18.07
C TYR B 168 -3.24 8.48 17.48
N LEU B 169 -2.12 9.13 17.79
CA LEU B 169 -1.80 10.47 17.28
C LEU B 169 -1.37 10.44 15.81
N PRO B 170 -2.02 11.25 14.95
CA PRO B 170 -1.54 11.39 13.56
C PRO B 170 -0.10 11.94 13.58
N GLU B 171 0.75 11.57 12.62
CA GLU B 171 2.15 12.01 12.64
C GLU B 171 2.34 13.37 12.00
N ASN B 172 2.67 14.37 12.80
CA ASN B 172 2.89 15.68 12.22
C ASN B 172 4.34 15.81 11.88
N LEU B 173 4.74 16.98 11.39
CA LEU B 173 6.10 17.21 10.95
C LEU B 173 6.83 18.00 12.01
N PHE B 174 7.98 17.53 12.45
CA PHE B 174 8.69 18.27 13.51
C PHE B 174 10.07 18.72 13.08
N ALA B 175 10.22 20.00 12.79
CA ALA B 175 11.53 20.58 12.56
C ALA B 175 12.34 20.50 13.85
N PRO B 176 13.67 20.59 13.75
CA PRO B 176 14.54 20.60 14.93
C PRO B 176 14.25 21.79 15.80
N ALA B 177 14.51 21.70 17.10
CA ALA B 177 14.35 22.83 18.00
C ALA B 177 15.24 23.98 17.56
N PRO B 178 14.70 25.21 17.59
CA PRO B 178 15.49 26.38 17.22
C PRO B 178 16.73 26.50 18.07
N GLN B 179 17.91 26.50 17.44
CA GLN B 179 19.14 26.47 18.21
C GLN B 179 19.69 27.88 18.51
N SER B 180 19.51 28.82 17.58
CA SER B 180 20.00 30.20 17.79
C SER B 180 19.29 30.82 18.99
N ARG B 181 20.06 31.29 19.96
CA ARG B 181 19.50 31.79 21.21
C ARG B 181 18.98 33.22 21.10
N MET B 182 18.29 33.67 22.14
CA MET B 182 17.62 34.96 22.07
C MET B 182 18.54 36.05 22.56
N ASP B 183 19.57 35.63 23.28
CA ASP B 183 20.69 36.53 23.53
C ASP B 183 21.82 36.14 22.57
N GLY B 184 21.60 35.05 21.87
CA GLY B 184 22.40 34.64 20.72
C GLY B 184 22.58 35.63 19.58
N GLU B 185 23.75 35.55 18.96
CA GLU B 185 23.91 35.65 17.50
C GLU B 185 23.08 34.65 16.68
N TRP B 186 22.47 35.13 15.60
CA TRP B 186 21.75 34.27 14.67
C TRP B 186 22.72 33.46 13.81
N ASP B 187 22.41 32.18 13.61
CA ASP B 187 23.17 31.30 12.74
C ASP B 187 22.25 30.75 11.64
N GLU B 188 22.60 30.98 10.39
CA GLU B 188 21.74 30.61 9.26
C GLU B 188 21.52 29.10 9.09
N ARG B 189 22.44 28.28 9.59
CA ARG B 189 22.29 26.83 9.46
C ARG B 189 21.09 26.33 10.26
N ASP B 190 20.67 27.13 11.23
CA ASP B 190 19.57 26.76 12.10
C ASP B 190 18.35 26.44 11.26
N MET B 191 18.20 27.17 10.16
CA MET B 191 17.01 27.10 9.30
C MET B 191 16.91 25.89 8.40
N VAL B 192 17.97 25.11 8.34
CA VAL B 192 18.12 24.07 7.32
C VAL B 192 17.05 22.98 7.42
N GLY B 193 16.86 22.43 8.62
CA GLY B 193 15.88 21.37 8.83
C GLY B 193 14.45 21.82 8.55
N PHE B 194 14.11 23.02 9.00
CA PHE B 194 12.77 23.54 8.85
C PHE B 194 12.46 23.71 7.37
N ALA B 195 13.39 24.35 6.67
CA ALA B 195 13.24 24.62 5.23
C ALA B 195 13.06 23.35 4.41
N ARG B 196 13.81 22.32 4.74
CA ARG B 196 13.72 21.06 4.00
C ARG B 196 12.35 20.40 4.12
N LEU B 197 11.87 20.42 5.35
CA LEU B 197 10.58 19.86 5.72
C LEU B 197 9.50 20.61 4.99
N MET B 198 9.64 21.93 4.98
CA MET B 198 8.69 22.75 4.26
C MET B 198 8.72 22.34 2.79
N ALA B 199 9.91 22.34 2.21
CA ALA B 199 10.11 22.03 0.81
C ALA B 199 9.49 20.69 0.43
N ALA B 200 9.72 19.69 1.28
CA ALA B 200 9.26 18.35 1.00
C ALA B 200 7.77 18.19 1.26
N HIS B 201 7.19 19.09 2.06
CA HIS B 201 5.81 18.89 2.50
C HIS B 201 4.90 20.11 2.39
N ARG B 202 5.37 21.18 1.77
CA ARG B 202 4.62 22.44 1.75
C ARG B 202 3.17 22.30 1.26
N HIS B 203 2.86 21.21 0.57
CA HIS B 203 1.53 21.03 -0.02
C HIS B 203 0.56 20.35 0.91
N GLU B 204 1.06 19.68 1.93
CA GLU B 204 0.15 18.98 2.83
C GLU B 204 0.10 19.62 4.21
N ILE B 205 0.82 20.72 4.37
CA ILE B 205 0.85 21.41 5.65
C ILE B 205 -0.25 22.45 5.76
N ALA B 206 -1.18 22.23 6.68
CA ALA B 206 -2.26 23.17 6.88
C ALA B 206 -1.73 24.42 7.56
N ALA B 207 -0.85 24.23 8.54
CA ALA B 207 -0.30 25.36 9.29
C ALA B 207 1.00 25.00 10.06
N VAL B 208 1.79 26.03 10.31
CA VAL B 208 2.93 25.93 11.17
C VAL B 208 2.52 26.43 12.55
N ILE B 209 2.80 25.65 13.58
CA ILE B 209 2.45 26.07 14.93
C ILE B 209 3.69 26.05 15.84
N ILE B 210 3.92 27.15 16.54
CA ILE B 210 5.09 27.33 17.39
C ILE B 210 4.76 28.23 18.56
N GLU B 211 5.46 28.03 19.67
CA GLU B 211 5.45 29.02 20.72
C GLU B 211 6.45 30.07 20.31
N PRO B 212 6.00 31.30 20.16
CA PRO B 212 6.98 32.28 19.70
C PRO B 212 8.02 32.63 20.77
N ILE B 213 9.30 32.58 20.38
CA ILE B 213 10.43 33.02 21.22
C ILE B 213 10.71 32.14 22.43
N VAL B 214 9.70 31.87 23.25
CA VAL B 214 9.91 31.02 24.40
C VAL B 214 9.16 29.72 24.24
N GLN B 215 9.88 28.62 24.08
CA GLN B 215 9.29 27.30 24.17
C GLN B 215 9.25 27.01 25.63
N GLY B 216 8.08 27.09 26.24
CA GLY B 216 7.94 27.06 27.69
C GLY B 216 8.12 25.69 28.32
N ALA B 217 6.99 25.00 28.43
CA ALA B 217 6.92 23.72 29.11
C ALA B 217 7.69 22.63 28.40
N GLY B 218 8.14 22.94 27.19
CA GLY B 218 8.93 22.01 26.41
C GLY B 218 10.41 22.15 26.69
N GLY B 219 10.77 23.04 27.60
CA GLY B 219 12.17 23.15 27.97
C GLY B 219 12.65 24.51 28.37
N MET B 220 11.74 25.46 28.47
CA MET B 220 12.06 26.84 28.75
C MET B 220 13.21 27.34 27.87
N ARG B 221 13.10 27.09 26.58
CA ARG B 221 14.13 27.48 25.61
C ARG B 221 13.77 28.84 25.09
N MET B 222 14.78 29.69 24.88
CA MET B 222 14.55 31.03 24.37
C MET B 222 15.33 31.26 23.08
N TYR B 223 14.65 31.26 21.96
CA TYR B 223 15.33 31.29 20.69
C TYR B 223 15.22 32.62 19.96
N HIS B 224 15.99 32.75 18.89
CA HIS B 224 16.18 34.01 18.16
C HIS B 224 14.94 34.44 17.40
N PRO B 225 14.56 35.72 17.51
CA PRO B 225 13.38 36.26 16.81
C PRO B 225 13.44 36.12 15.29
N GLU B 226 14.63 35.88 14.76
CA GLU B 226 14.80 35.75 13.32
C GLU B 226 13.97 34.58 12.86
N TRP B 227 13.88 33.58 13.72
CA TRP B 227 13.07 32.41 13.48
C TRP B 227 11.63 32.79 13.13
N LEU B 228 11.05 33.75 13.86
CA LEU B 228 9.67 34.12 13.58
C LEU B 228 9.55 34.85 12.25
N LYS B 229 10.51 35.74 11.98
CA LYS B 229 10.56 36.51 10.73
C LYS B 229 10.64 35.55 9.53
N ARG B 230 11.52 34.56 9.61
CA ARG B 230 11.66 33.60 8.53
C ARG B 230 10.42 32.73 8.38
N ILE B 231 9.89 32.23 9.49
CA ILE B 231 8.74 31.35 9.44
C ILE B 231 7.59 32.15 8.90
N ARG B 232 7.49 33.40 9.31
CA ARG B 232 6.41 34.26 8.81
C ARG B 232 6.54 34.43 7.31
N LYS B 233 7.76 34.71 6.85
CA LYS B 233 8.00 34.86 5.43
C LYS B 233 7.73 33.56 4.70
N ILE B 234 8.25 32.45 5.25
CA ILE B 234 8.04 31.13 4.67
C ILE B 234 6.57 30.76 4.58
N CYS B 235 5.82 31.12 5.61
CA CYS B 235 4.38 30.86 5.60
C CYS B 235 3.66 31.69 4.56
N ASP B 236 4.03 32.96 4.47
CA ASP B 236 3.43 33.83 3.47
C ASP B 236 3.64 33.30 2.05
N ARG B 237 4.87 32.87 1.75
CA ARG B 237 5.15 32.44 0.39
C ARG B 237 4.40 31.18 0.03
N GLU B 238 4.21 30.29 1.01
CA GLU B 238 3.54 29.03 0.75
C GLU B 238 2.03 29.16 0.97
N GLY B 239 1.61 30.28 1.54
CA GLY B 239 0.21 30.47 1.86
C GLY B 239 -0.23 29.62 3.03
N ILE B 240 0.75 29.14 3.78
CA ILE B 240 0.50 28.33 4.96
C ILE B 240 0.15 29.24 6.12
N LEU B 241 -0.83 28.85 6.93
CA LEU B 241 -1.22 29.61 8.10
C LEU B 241 -0.16 29.51 9.18
N LEU B 242 0.12 30.62 9.87
CA LEU B 242 1.01 30.56 11.03
C LEU B 242 0.21 30.66 12.33
N ILE B 243 0.29 29.61 13.13
CA ILE B 243 -0.34 29.61 14.43
C ILE B 243 0.68 29.95 15.49
N ALA B 244 0.50 31.09 16.14
CA ALA B 244 1.37 31.44 17.24
C ALA B 244 0.67 31.10 18.53
N ASP B 245 1.24 30.14 19.26
CA ASP B 245 0.72 29.79 20.55
C ASP B 245 1.35 30.67 21.60
N GLU B 246 0.63 31.73 21.97
CA GLU B 246 1.13 32.62 23.02
C GLU B 246 0.41 32.39 24.32
N ILE B 247 -0.06 31.18 24.55
CA ILE B 247 -0.76 30.90 25.79
C ILE B 247 0.16 31.17 26.98
N ALA B 248 1.45 30.88 26.82
CA ALA B 248 2.41 31.10 27.90
C ALA B 248 3.06 32.49 27.83
N THR B 249 3.40 32.92 26.63
CA THR B 249 4.18 34.13 26.42
C THR B 249 3.33 35.40 26.40
N GLY B 250 2.03 35.24 26.25
CA GLY B 250 1.14 36.39 26.15
C GLY B 250 1.14 37.29 27.36
N PHE B 251 0.78 38.56 27.13
CA PHE B 251 0.56 39.58 28.14
C PHE B 251 1.81 39.94 28.95
N GLY B 252 2.92 40.10 28.22
CA GLY B 252 4.04 40.82 28.77
C GLY B 252 5.17 40.01 29.36
N ARG B 253 4.97 38.71 29.56
CA ARG B 253 5.95 37.95 30.34
C ARG B 253 7.35 38.03 29.75
N THR B 254 7.47 38.14 28.43
CA THR B 254 8.79 38.17 27.81
C THR B 254 9.34 39.59 27.63
N GLY B 255 8.68 40.56 28.22
CA GLY B 255 9.14 41.94 28.12
C GLY B 255 8.36 42.68 27.05
N LYS B 256 7.73 41.92 26.18
CA LYS B 256 6.78 42.47 25.24
C LYS B 256 5.37 41.92 25.43
N LEU B 257 4.37 42.71 25.08
CA LEU B 257 2.99 42.31 25.34
C LEU B 257 2.68 40.94 24.74
N PHE B 258 3.11 40.71 23.51
CA PHE B 258 3.06 39.38 22.90
C PHE B 258 4.42 39.03 22.29
N ALA B 259 4.89 37.79 22.49
CA ALA B 259 6.25 37.45 22.11
C ALA B 259 6.52 37.67 20.63
N CYS B 260 5.45 37.63 19.86
CA CYS B 260 5.53 37.88 18.43
C CYS B 260 6.15 39.26 18.15
N GLU B 261 5.98 40.19 19.09
CA GLU B 261 6.51 41.56 18.89
C GLU B 261 8.03 41.58 18.82
N HIS B 262 8.69 40.63 19.48
CA HIS B 262 10.14 40.51 19.42
C HIS B 262 10.59 40.35 17.98
N ALA B 263 9.68 39.89 17.13
CA ALA B 263 10.01 39.70 15.73
C ALA B 263 9.15 40.60 14.88
N GLU B 264 8.31 41.39 15.54
CA GLU B 264 7.41 42.26 14.83
C GLU B 264 6.70 41.55 13.67
N ILE B 265 6.26 40.32 13.92
CA ILE B 265 5.45 39.59 12.95
C ILE B 265 4.08 39.29 13.55
N ALA B 266 3.13 38.97 12.68
CA ALA B 266 1.79 38.61 13.11
C ALA B 266 1.42 37.24 12.62
N PRO B 267 0.85 36.43 13.51
CA PRO B 267 0.39 35.10 13.12
C PRO B 267 -0.92 35.16 12.39
N ASP B 268 -1.29 34.09 11.73
CA ASP B 268 -2.61 34.03 11.17
C ASP B 268 -3.60 33.67 12.27
N ILE B 269 -3.12 32.86 13.21
CA ILE B 269 -3.93 32.44 14.34
C ILE B 269 -3.13 32.63 15.62
N LEU B 270 -3.76 33.22 16.63
CA LEU B 270 -3.07 33.50 17.86
C LEU B 270 -3.82 32.89 19.03
N CYS B 271 -3.17 32.02 19.78
CA CYS B 271 -3.77 31.39 20.95
C CYS B 271 -3.29 32.09 22.20
N LEU B 272 -4.24 32.41 23.07
CA LEU B 272 -4.00 33.12 24.31
C LEU B 272 -4.67 32.39 25.44
N GLY B 273 -4.10 32.52 26.63
CA GLY B 273 -4.69 31.91 27.81
C GLY B 273 -3.94 32.33 29.05
N LYS B 274 -3.98 31.48 30.07
CA LYS B 274 -3.19 31.70 31.29
C LYS B 274 -3.35 33.10 31.87
N ALA B 275 -2.40 34.01 31.57
CA ALA B 275 -2.43 35.36 32.15
C ALA B 275 -3.59 36.19 31.63
N LEU B 276 -4.24 35.68 30.58
CA LEU B 276 -5.45 36.30 30.01
C LEU B 276 -6.43 36.69 31.09
N THR B 277 -6.61 35.82 32.08
CA THR B 277 -7.52 36.09 33.19
C THR B 277 -6.78 36.53 34.43
N GLY B 278 -5.50 36.86 34.26
CA GLY B 278 -4.67 37.22 35.39
C GLY B 278 -4.48 36.05 36.32
N GLY B 279 -4.69 34.85 35.79
CA GLY B 279 -4.52 33.61 36.54
C GLY B 279 -5.56 33.34 37.60
N THR B 280 -6.71 33.98 37.49
CA THR B 280 -7.79 33.81 38.44
C THR B 280 -8.59 32.55 38.23
N MET B 281 -8.75 32.17 36.97
CA MET B 281 -9.53 31.01 36.62
C MET B 281 -9.25 30.72 35.16
N THR B 282 -9.75 29.60 34.66
CA THR B 282 -9.38 29.21 33.31
C THR B 282 -10.23 29.92 32.26
N LEU B 283 -9.57 30.27 31.15
CA LEU B 283 -10.20 30.89 29.99
C LEU B 283 -9.16 30.90 28.88
N SER B 284 -9.58 30.88 27.63
CA SER B 284 -8.61 31.01 26.56
C SER B 284 -9.26 31.75 25.44
N ALA B 285 -8.47 32.15 24.46
CA ALA B 285 -8.98 32.85 23.30
C ALA B 285 -8.14 32.51 22.10
N THR B 286 -8.80 32.26 20.97
CA THR B 286 -8.07 32.03 19.75
C THR B 286 -8.51 33.09 18.77
N LEU B 287 -7.59 33.95 18.39
CA LEU B 287 -7.88 35.00 17.45
C LEU B 287 -7.35 34.60 16.10
N THR B 288 -8.04 35.04 15.07
CA THR B 288 -7.60 34.82 13.70
C THR B 288 -7.94 36.01 12.82
N THR B 289 -7.51 35.93 11.58
CA THR B 289 -7.74 37.00 10.65
C THR B 289 -9.15 36.91 10.09
N ARG B 290 -9.67 38.02 9.56
CA ARG B 290 -10.95 37.98 8.86
C ARG B 290 -10.92 37.01 7.70
N GLU B 291 -9.78 36.97 7.02
CA GLU B 291 -9.62 36.08 5.89
C GLU B 291 -9.83 34.64 6.31
N VAL B 292 -9.17 34.20 7.38
CA VAL B 292 -9.37 32.83 7.84
C VAL B 292 -10.82 32.62 8.26
N ALA B 293 -11.36 33.60 8.98
CA ALA B 293 -12.71 33.54 9.52
C ALA B 293 -13.77 33.41 8.43
N GLU B 294 -13.63 34.17 7.38
CA GLU B 294 -14.61 34.13 6.31
C GLU B 294 -14.47 32.85 5.52
N THR B 295 -13.23 32.45 5.24
CA THR B 295 -12.98 31.23 4.47
C THR B 295 -13.65 30.02 5.13
N ILE B 296 -13.40 29.85 6.42
CA ILE B 296 -14.02 28.79 7.21
C ILE B 296 -15.53 28.92 7.12
N SER B 297 -16.04 30.13 7.31
CA SER B 297 -17.49 30.33 7.39
C SER B 297 -18.22 30.11 6.05
N ASN B 298 -17.52 30.36 4.94
CA ASN B 298 -18.06 30.15 3.59
C ASN B 298 -17.76 28.77 3.05
N GLY B 299 -17.29 27.87 3.93
CA GLY B 299 -17.00 26.50 3.55
C GLY B 299 -18.26 25.68 3.55
N GLU B 300 -18.13 24.36 3.35
CA GLU B 300 -19.29 23.46 3.30
C GLU B 300 -19.98 23.42 4.65
N ALA B 301 -19.21 23.62 5.71
CA ALA B 301 -19.73 23.59 7.08
C ALA B 301 -20.68 24.76 7.35
N GLY B 302 -20.35 25.91 6.77
CA GLY B 302 -21.14 27.11 6.92
C GLY B 302 -20.93 27.78 8.26
N CYS B 303 -19.94 27.29 8.99
CA CYS B 303 -19.63 27.82 10.32
C CYS B 303 -18.35 27.20 10.83
N PHE B 304 -17.81 27.78 11.91
CA PHE B 304 -16.70 27.16 12.60
C PHE B 304 -17.25 26.17 13.64
N MET B 305 -16.89 24.92 13.47
CA MET B 305 -17.53 23.84 14.21
C MET B 305 -16.89 23.57 15.57
N HIS B 306 -17.07 24.49 16.50
CA HIS B 306 -16.62 24.35 17.87
C HIS B 306 -17.51 25.17 18.78
N GLY B 307 -17.86 24.66 19.95
CA GLY B 307 -18.65 25.43 20.88
C GLY B 307 -18.68 24.83 22.27
N PRO B 308 -17.71 25.18 23.11
CA PRO B 308 -17.71 24.64 24.47
C PRO B 308 -18.93 25.11 25.24
N THR B 309 -19.42 24.28 26.15
CA THR B 309 -20.59 24.62 26.93
C THR B 309 -20.49 26.01 27.59
N PHE B 310 -19.36 26.27 28.23
CA PHE B 310 -19.21 27.47 29.03
C PHE B 310 -18.52 28.54 28.24
N MET B 311 -18.60 28.46 26.92
CA MET B 311 -18.01 29.45 26.04
C MET B 311 -18.43 30.84 26.42
N GLY B 312 -17.43 31.72 26.53
CA GLY B 312 -17.65 33.13 26.80
C GLY B 312 -18.09 33.41 28.21
N ASN B 313 -17.90 32.44 29.12
CA ASN B 313 -18.25 32.58 30.52
C ASN B 313 -18.00 34.01 31.07
N PRO B 314 -19.08 34.73 31.39
CA PRO B 314 -18.98 36.12 31.85
C PRO B 314 -18.01 36.34 33.01
N LEU B 315 -18.01 35.46 34.01
CA LEU B 315 -17.12 35.66 35.15
C LEU B 315 -15.66 35.69 34.69
N ALA B 316 -15.27 34.69 33.91
CA ALA B 316 -13.90 34.61 33.39
C ALA B 316 -13.61 35.78 32.46
N CYS B 317 -14.59 36.20 31.66
CA CYS B 317 -14.33 37.34 30.79
C CYS B 317 -14.10 38.59 31.66
N ALA B 318 -14.92 38.75 32.70
CA ALA B 318 -14.81 39.88 33.60
C ALA B 318 -13.45 39.91 34.26
N ALA B 319 -12.99 38.74 34.70
CA ALA B 319 -11.66 38.66 35.32
C ALA B 319 -10.59 39.07 34.30
N ALA B 320 -10.79 38.67 33.05
CA ALA B 320 -9.83 38.98 32.00
C ALA B 320 -9.82 40.48 31.74
N ASN B 321 -11.02 41.06 31.68
CA ASN B 321 -11.16 42.51 31.46
C ASN B 321 -10.38 43.26 32.52
N ALA B 322 -10.56 42.82 33.76
CA ALA B 322 -9.87 43.41 34.88
C ALA B 322 -8.39 43.18 34.74
N SER B 323 -7.98 41.96 34.39
CA SER B 323 -6.56 41.70 34.23
C SER B 323 -5.97 42.53 33.12
N LEU B 324 -6.68 42.61 32.01
CA LEU B 324 -6.19 43.42 30.91
C LEU B 324 -6.21 44.91 31.31
N ALA B 325 -7.20 45.33 32.11
CA ALA B 325 -7.27 46.72 32.53
C ALA B 325 -6.04 47.13 33.37
N ILE B 326 -5.54 46.20 34.18
CA ILE B 326 -4.33 46.48 34.96
C ILE B 326 -3.12 46.65 34.04
N LEU B 327 -3.06 45.88 32.97
CA LEU B 327 -1.93 45.98 32.06
C LEU B 327 -1.99 47.28 31.27
N GLU B 328 -3.16 47.89 31.24
CA GLU B 328 -3.34 49.12 30.48
C GLU B 328 -2.58 50.29 31.09
N SER B 329 -2.28 50.18 32.38
CA SER B 329 -1.45 51.19 33.03
C SER B 329 -0.07 51.23 32.41
N GLY B 330 0.37 50.09 31.88
CA GLY B 330 1.68 50.04 31.26
C GLY B 330 2.78 49.81 32.29
N ASP B 331 2.40 49.70 33.56
CA ASP B 331 3.35 49.48 34.65
C ASP B 331 4.08 48.16 34.51
N TRP B 332 3.46 47.23 33.80
CA TRP B 332 4.04 45.92 33.64
C TRP B 332 5.38 46.01 32.89
N GLN B 333 5.50 46.94 31.95
CA GLN B 333 6.73 47.06 31.14
C GLN B 333 7.94 47.24 32.03
N GLN B 334 7.89 48.23 32.92
CA GLN B 334 9.05 48.47 33.75
C GLN B 334 9.21 47.36 34.77
N GLN B 335 8.09 46.84 35.25
CA GLN B 335 8.14 45.79 36.26
C GLN B 335 8.87 44.58 35.69
N VAL B 336 8.56 44.25 34.44
CA VAL B 336 9.12 43.09 33.78
C VAL B 336 10.58 43.36 33.40
N ALA B 337 10.86 44.59 32.99
CA ALA B 337 12.23 45.01 32.70
C ALA B 337 13.07 44.91 33.96
N ASP B 338 12.53 45.42 35.06
CA ASP B 338 13.24 45.33 36.32
C ASP B 338 13.43 43.90 36.79
N ILE B 339 12.44 43.04 36.61
CA ILE B 339 12.60 41.65 37.02
C ILE B 339 13.69 40.98 36.18
N GLU B 340 13.67 41.25 34.88
CA GLU B 340 14.66 40.72 33.95
C GLU B 340 16.07 41.09 34.39
N VAL B 341 16.30 42.37 34.63
CA VAL B 341 17.61 42.85 35.07
C VAL B 341 18.04 42.12 36.34
N GLN B 342 17.14 42.06 37.32
CA GLN B 342 17.48 41.45 38.59
C GLN B 342 17.73 39.96 38.46
N LEU B 343 17.00 39.31 37.55
CA LEU B 343 17.20 37.88 37.30
C LEU B 343 18.53 37.62 36.58
N ARG B 344 18.89 38.44 35.61
CA ARG B 344 20.17 38.26 34.93
C ARG B 344 21.28 38.36 35.97
N GLU B 345 21.17 39.39 36.80
CA GLU B 345 22.19 39.69 37.78
C GLU B 345 22.31 38.61 38.81
N GLN B 346 21.19 38.18 39.35
CA GLN B 346 21.23 37.29 40.50
C GLN B 346 21.35 35.81 40.16
N LEU B 347 21.09 35.45 38.90
CA LEU B 347 21.18 34.06 38.49
C LEU B 347 22.50 33.81 37.82
N ALA B 348 23.16 34.88 37.44
CA ALA B 348 24.51 34.78 36.84
C ALA B 348 25.49 33.89 37.64
N PRO B 349 25.55 34.05 38.99
CA PRO B 349 26.51 33.22 39.73
C PRO B 349 26.30 31.73 39.49
N ALA B 350 25.06 31.35 39.21
CA ALA B 350 24.72 29.95 39.06
C ALA B 350 25.47 29.35 37.89
N ARG B 351 25.83 30.17 36.90
CA ARG B 351 26.57 29.65 35.74
C ARG B 351 27.83 28.94 36.18
N ASP B 352 28.44 29.42 37.25
CA ASP B 352 29.70 28.85 37.71
C ASP B 352 29.49 27.56 38.49
N ALA B 353 28.26 27.28 38.88
CA ALA B 353 28.00 26.08 39.66
C ALA B 353 28.15 24.84 38.77
N GLU B 354 28.65 23.76 39.36
CA GLU B 354 28.96 22.58 38.56
C GLU B 354 27.67 21.87 38.12
N MET B 355 26.61 22.04 38.90
CA MET B 355 25.34 21.41 38.55
C MET B 355 24.59 22.18 37.45
N VAL B 356 25.08 23.36 37.07
CA VAL B 356 24.34 24.17 36.11
C VAL B 356 24.85 24.04 34.69
N ALA B 357 23.95 23.80 33.75
CA ALA B 357 24.35 23.67 32.37
C ALA B 357 24.15 24.98 31.65
N ASP B 358 23.16 25.77 32.06
CA ASP B 358 22.92 27.04 31.37
C ASP B 358 22.07 27.97 32.20
N VAL B 359 22.23 29.28 31.97
CA VAL B 359 21.32 30.23 32.58
C VAL B 359 20.83 31.18 31.51
N ARG B 360 19.53 31.27 31.36
CA ARG B 360 18.99 32.20 30.40
C ARG B 360 17.83 32.93 31.03
N VAL B 361 17.70 34.20 30.69
CA VAL B 361 16.70 35.07 31.25
C VAL B 361 16.06 35.87 30.12
N LEU B 362 14.73 36.00 30.15
CA LEU B 362 14.03 36.86 29.19
C LEU B 362 12.77 37.37 29.85
N GLY B 363 12.58 38.70 29.86
CA GLY B 363 11.47 39.32 30.56
C GLY B 363 11.46 38.81 31.99
N ALA B 364 10.28 38.54 32.53
CA ALA B 364 10.20 37.98 33.88
C ALA B 364 10.24 36.46 33.85
N ILE B 365 11.13 35.91 33.03
CA ILE B 365 11.41 34.49 33.02
C ILE B 365 12.87 34.25 33.32
N GLY B 366 13.15 33.50 34.38
CA GLY B 366 14.52 33.18 34.72
C GLY B 366 14.70 31.68 34.81
N VAL B 367 15.62 31.16 33.99
CA VAL B 367 15.81 29.72 33.88
C VAL B 367 17.19 29.21 34.22
N VAL B 368 17.30 28.33 35.19
CA VAL B 368 18.59 27.70 35.42
C VAL B 368 18.52 26.24 35.01
N GLU B 369 19.04 25.92 33.84
CA GLU B 369 19.05 24.55 33.37
C GLU B 369 20.24 23.78 33.97
N THR B 370 19.94 22.64 34.59
CA THR B 370 20.96 21.84 35.27
C THR B 370 21.41 20.66 34.42
N THR B 371 22.52 20.04 34.84
CA THR B 371 23.15 18.95 34.11
C THR B 371 22.49 17.62 34.34
N HIS B 372 21.80 17.50 35.47
CA HIS B 372 21.10 16.28 35.83
C HIS B 372 19.71 16.69 36.27
N PRO B 373 18.72 15.83 36.08
CA PRO B 373 17.35 16.16 36.50
C PRO B 373 17.26 16.39 37.99
N VAL B 374 16.41 17.31 38.44
CA VAL B 374 16.26 17.54 39.87
C VAL B 374 15.53 16.40 40.59
N ASN B 375 15.90 16.23 41.85
CA ASN B 375 15.20 15.33 42.75
C ASN B 375 14.00 16.06 43.29
N MET B 376 12.89 15.91 42.62
CA MET B 376 11.70 16.73 42.86
C MET B 376 11.30 16.87 44.32
N ALA B 377 11.06 15.74 44.97
CA ALA B 377 10.50 15.76 46.31
C ALA B 377 11.44 16.49 47.26
N ALA B 378 12.72 16.15 47.17
CA ALA B 378 13.75 16.71 48.04
C ALA B 378 13.92 18.20 47.82
N LEU B 379 14.02 18.61 46.55
CA LEU B 379 14.23 20.01 46.20
C LEU B 379 13.00 20.86 46.52
N GLN B 380 11.83 20.29 46.29
CA GLN B 380 10.60 20.98 46.57
C GLN B 380 10.51 21.29 48.04
N LYS B 381 10.87 20.29 48.85
CA LYS B 381 10.85 20.40 50.30
C LYS B 381 11.81 21.47 50.76
N PHE B 382 12.98 21.49 50.15
CA PHE B 382 13.99 22.49 50.43
C PHE B 382 13.46 23.88 50.18
N PHE B 383 12.81 24.07 49.04
CA PHE B 383 12.31 25.38 48.66
C PHE B 383 11.28 25.92 49.65
N VAL B 384 10.38 25.05 50.10
CA VAL B 384 9.37 25.44 51.06
C VAL B 384 10.09 25.90 52.33
N GLU B 385 11.10 25.15 52.75
CA GLU B 385 11.88 25.53 53.93
C GLU B 385 12.57 26.87 53.77
N GLN B 386 12.95 27.20 52.54
CA GLN B 386 13.54 28.50 52.26
C GLN B 386 12.48 29.58 52.16
N GLY B 387 11.23 29.20 52.41
CA GLY B 387 10.14 30.14 52.39
C GLY B 387 9.80 30.63 51.02
N VAL B 388 10.15 29.85 49.98
CA VAL B 388 9.81 30.21 48.60
C VAL B 388 9.00 29.14 47.95
N TRP B 389 8.16 29.52 46.99
CA TRP B 389 7.51 28.50 46.18
C TRP B 389 8.13 28.49 44.79
N ILE B 390 8.96 27.48 44.57
CA ILE B 390 9.60 27.25 43.27
C ILE B 390 9.35 25.82 42.86
N ARG B 391 8.82 25.64 41.65
CA ARG B 391 8.43 24.33 41.15
C ARG B 391 9.30 23.93 39.99
N PRO B 392 10.37 23.20 40.26
CA PRO B 392 11.28 22.77 39.20
C PRO B 392 10.66 21.67 38.37
N PHE B 393 11.18 21.47 37.16
CA PHE B 393 10.71 20.44 36.25
C PHE B 393 11.89 19.88 35.51
N GLY B 394 12.13 18.59 35.67
CA GLY B 394 13.24 17.92 35.03
C GLY B 394 14.57 18.59 35.33
N LYS B 395 15.23 19.11 34.31
CA LYS B 395 16.51 19.77 34.54
C LYS B 395 16.36 21.27 34.58
N LEU B 396 15.17 21.75 34.91
CA LEU B 396 14.94 23.18 34.91
C LEU B 396 14.51 23.63 36.28
N ILE B 397 15.28 24.54 36.86
CA ILE B 397 14.87 25.27 38.04
C ILE B 397 14.63 26.68 37.54
N TYR B 398 13.36 27.04 37.41
CA TYR B 398 13.05 28.28 36.75
C TYR B 398 12.14 29.17 37.58
N LEU B 399 12.21 30.46 37.29
CA LEU B 399 11.42 31.45 37.98
C LEU B 399 10.58 32.26 37.00
N MET B 400 9.31 32.48 37.35
CA MET B 400 8.45 33.37 36.61
C MET B 400 7.48 34.01 37.59
N PRO B 401 7.99 34.96 38.37
CA PRO B 401 7.24 35.57 39.47
C PRO B 401 6.14 36.49 38.95
N PRO B 402 5.15 36.80 39.81
CA PRO B 402 4.19 37.83 39.43
C PRO B 402 4.90 39.14 39.13
N TYR B 403 4.33 39.96 38.26
CA TYR B 403 5.00 41.21 37.86
C TYR B 403 5.13 42.17 39.05
N ILE B 404 4.32 41.98 40.08
CA ILE B 404 4.31 42.91 41.20
C ILE B 404 5.25 42.47 42.31
N ILE B 405 6.09 41.47 42.04
CA ILE B 405 7.01 40.94 43.05
C ILE B 405 8.02 42.00 43.49
N LEU B 406 8.22 42.11 44.80
CA LEU B 406 9.14 43.07 45.37
C LEU B 406 10.56 42.57 45.22
N PRO B 407 11.52 43.49 45.06
CA PRO B 407 12.92 43.08 44.83
C PRO B 407 13.44 42.15 45.93
N GLN B 408 13.08 42.38 47.19
CA GLN B 408 13.56 41.51 48.27
C GLN B 408 12.92 40.13 48.16
N GLN B 409 11.71 40.09 47.63
CA GLN B 409 11.02 38.83 47.36
C GLN B 409 11.71 38.09 46.21
N LEU B 410 12.01 38.80 45.13
CA LEU B 410 12.69 38.19 43.99
C LEU B 410 14.06 37.64 44.43
N GLN B 411 14.67 38.38 45.34
CA GLN B 411 15.97 38.06 45.89
C GLN B 411 15.94 36.74 46.64
N ARG B 412 14.92 36.56 47.46
CA ARG B 412 14.75 35.31 48.18
C ARG B 412 14.69 34.12 47.23
N LEU B 413 14.08 34.34 46.07
CA LEU B 413 13.93 33.30 45.06
C LEU B 413 15.26 32.95 44.43
N THR B 414 15.95 33.98 43.92
CA THR B 414 17.22 33.78 43.25
C THR B 414 18.30 33.23 44.20
N ALA B 415 18.21 33.65 45.46
CA ALA B 415 19.11 33.12 46.49
C ALA B 415 18.84 31.65 46.68
N ALA B 416 17.55 31.27 46.73
CA ALA B 416 17.17 29.87 46.90
C ALA B 416 17.62 29.03 45.70
N VAL B 417 17.49 29.57 44.49
CA VAL B 417 17.92 28.86 43.30
C VAL B 417 19.41 28.63 43.31
N ASN B 418 20.15 29.68 43.62
CA ASN B 418 21.60 29.61 43.69
C ASN B 418 22.07 28.64 44.75
N ARG B 419 21.42 28.66 45.89
CA ARG B 419 21.82 27.78 46.96
C ARG B 419 21.52 26.33 46.59
N ALA B 420 20.40 26.09 45.90
CA ALA B 420 19.99 24.72 45.58
C ALA B 420 20.90 24.05 44.55
N VAL B 421 21.37 24.86 43.63
CA VAL B 421 22.13 24.40 42.50
C VAL B 421 23.61 24.16 42.80
N GLN B 422 24.06 24.64 43.95
CA GLN B 422 25.44 24.47 44.37
C GLN B 422 25.61 23.06 44.90
N ASP B 423 24.55 22.55 45.49
CA ASP B 423 24.47 21.29 46.22
C ASP B 423 23.97 20.15 45.33
N GLU B 424 24.72 19.04 45.25
CA GLU B 424 24.37 17.97 44.33
C GLU B 424 23.33 17.00 44.90
N THR B 425 22.99 17.16 46.18
CA THR B 425 22.03 16.25 46.81
C THR B 425 20.61 16.45 46.30
N PHE B 426 20.34 17.59 45.67
CA PHE B 426 19.00 17.86 45.13
C PHE B 426 18.87 17.44 43.66
N PHE B 427 19.74 16.55 43.23
CA PHE B 427 19.74 16.13 41.85
C PHE B 427 19.90 14.64 41.78
N CYS B 428 19.36 14.06 40.71
CA CYS B 428 19.45 12.63 40.50
C CYS B 428 20.43 12.35 39.40
N GLN B 429 21.49 11.63 39.75
CA GLN B 429 22.52 11.32 38.78
C GLN B 429 22.59 9.83 38.50
N ALA C 1 42.82 -40.95 20.11
CA ALA C 1 42.23 -39.91 20.97
C ALA C 1 41.97 -38.62 20.21
N THR C 2 42.96 -38.21 19.41
CA THR C 2 42.80 -37.00 18.62
C THR C 2 41.90 -37.28 17.41
N THR C 3 41.78 -38.53 17.01
CA THR C 3 40.90 -38.86 15.89
C THR C 3 39.42 -38.82 16.32
N ASP C 4 39.19 -38.97 17.62
CA ASP C 4 37.82 -38.92 18.10
C ASP C 4 37.51 -37.45 18.34
N ASP C 5 38.51 -36.69 18.81
CA ASP C 5 38.35 -35.26 18.98
C ASP C 5 37.90 -34.62 17.68
N LEU C 6 38.65 -34.88 16.62
CA LEU C 6 38.35 -34.32 15.32
C LEU C 6 36.96 -34.74 14.86
N ALA C 7 36.58 -35.95 15.20
CA ALA C 7 35.30 -36.49 14.80
C ALA C 7 34.18 -35.83 15.59
N PHE C 8 34.45 -35.55 16.86
CA PHE C 8 33.48 -34.85 17.67
C PHE C 8 33.32 -33.44 17.13
N ASP C 9 34.44 -32.82 16.80
CA ASP C 9 34.46 -31.45 16.27
C ASP C 9 33.62 -31.40 15.01
N GLN C 10 33.87 -32.34 14.12
CA GLN C 10 33.20 -32.41 12.85
C GLN C 10 31.69 -32.58 13.05
N ARG C 11 31.36 -33.32 14.10
CA ARG C 11 29.99 -33.72 14.38
C ARG C 11 29.20 -32.71 15.23
N HIS C 12 29.89 -31.80 15.90
CA HIS C 12 29.17 -30.95 16.85
C HIS C 12 29.53 -29.49 16.83
N ILE C 13 30.67 -29.14 16.23
CA ILE C 13 31.23 -27.82 16.39
C ILE C 13 31.23 -27.04 15.09
N TRP C 14 30.53 -25.90 15.10
CA TRP C 14 30.55 -24.98 13.98
C TRP C 14 31.89 -24.28 13.89
N HIS C 15 32.30 -23.99 12.67
CA HIS C 15 33.45 -23.12 12.46
C HIS C 15 32.98 -21.93 11.64
N PRO C 16 33.84 -20.92 11.41
CA PRO C 16 33.32 -19.79 10.65
C PRO C 16 32.71 -20.19 9.32
N TYR C 17 31.44 -19.85 9.12
CA TYR C 17 30.71 -20.14 7.90
C TYR C 17 30.82 -21.57 7.41
N THR C 18 30.48 -22.55 8.23
CA THR C 18 30.61 -23.93 7.77
C THR C 18 29.25 -24.62 7.77
N SER C 19 29.19 -25.76 7.07
CA SER C 19 27.98 -26.56 7.03
C SER C 19 28.11 -27.61 8.11
N MET C 20 27.02 -27.86 8.82
CA MET C 20 27.03 -28.87 9.86
C MET C 20 26.74 -30.26 9.27
N THR C 21 26.17 -30.30 8.07
CA THR C 21 25.88 -31.56 7.39
C THR C 21 27.15 -32.10 6.72
N SER C 22 27.83 -31.22 5.98
CA SER C 22 29.06 -31.58 5.26
C SER C 22 30.24 -30.67 5.61
N PRO C 23 30.77 -30.81 6.83
CA PRO C 23 31.91 -29.98 7.20
C PRO C 23 33.20 -30.44 6.51
N LEU C 24 34.07 -29.50 6.20
CA LEU C 24 35.36 -29.83 5.64
C LEU C 24 36.36 -30.12 6.78
N PRO C 25 37.47 -30.81 6.46
CA PRO C 25 38.42 -31.12 7.55
C PRO C 25 39.03 -29.87 8.17
N VAL C 26 39.28 -29.93 9.47
CA VAL C 26 40.00 -28.86 10.07
C VAL C 26 41.27 -29.47 10.67
N TYR C 27 42.32 -28.67 10.74
CA TYR C 27 43.60 -29.14 11.24
C TYR C 27 43.72 -28.79 12.72
N PRO C 28 44.04 -29.80 13.55
CA PRO C 28 44.16 -29.61 14.99
C PRO C 28 45.47 -28.94 15.35
N VAL C 29 45.41 -27.79 16.02
CA VAL C 29 46.60 -27.09 16.46
C VAL C 29 46.74 -27.32 17.97
N VAL C 30 47.94 -27.67 18.45
CA VAL C 30 48.13 -27.97 19.86
C VAL C 30 48.76 -26.76 20.58
N SER C 31 49.54 -25.99 19.84
CA SER C 31 50.26 -24.84 20.36
C SER C 31 50.79 -23.97 19.22
N ALA C 32 51.46 -22.87 19.53
CA ALA C 32 52.00 -22.02 18.49
C ALA C 32 53.13 -21.19 19.04
N GLU C 33 54.11 -20.85 18.20
CA GLU C 33 55.26 -20.04 18.65
C GLU C 33 55.94 -19.32 17.50
N GLY C 34 56.43 -18.12 17.75
CA GLY C 34 57.04 -17.35 16.69
C GLY C 34 56.03 -17.20 15.58
N CYS C 35 56.38 -17.66 14.38
CA CYS C 35 55.44 -17.66 13.26
C CYS C 35 55.02 -19.04 12.89
N GLU C 36 54.99 -19.93 13.87
CA GLU C 36 54.64 -21.30 13.57
C GLU C 36 53.48 -21.83 14.37
N LEU C 37 52.60 -22.52 13.65
CA LEU C 37 51.53 -23.28 14.24
C LEU C 37 52.03 -24.70 14.32
N ILE C 38 51.79 -25.37 15.45
CA ILE C 38 52.21 -26.74 15.62
C ILE C 38 50.96 -27.61 15.67
N LEU C 39 50.83 -28.50 14.68
CA LEU C 39 49.68 -29.37 14.55
C LEU C 39 49.77 -30.52 15.53
N SER C 40 48.71 -31.28 15.68
CA SER C 40 48.74 -32.41 16.57
C SER C 40 49.86 -33.41 16.22
N ASP C 41 50.15 -33.62 14.94
CA ASP C 41 51.15 -34.63 14.59
C ASP C 41 52.58 -34.11 14.67
N GLY C 42 52.77 -32.92 15.23
CA GLY C 42 54.10 -32.38 15.47
C GLY C 42 54.62 -31.49 14.35
N ARG C 43 53.95 -31.55 13.22
CA ARG C 43 54.28 -30.69 12.08
C ARG C 43 54.15 -29.20 12.43
N ARG C 44 55.05 -28.37 11.93
CA ARG C 44 55.00 -26.94 12.19
C ARG C 44 54.63 -26.21 10.92
N LEU C 45 53.66 -25.30 10.97
CA LEU C 45 53.27 -24.57 9.78
C LEU C 45 53.74 -23.14 9.91
N VAL C 46 54.33 -22.58 8.87
CA VAL C 46 54.63 -21.16 8.86
C VAL C 46 53.32 -20.36 8.69
N ASP C 47 53.08 -19.43 9.61
CA ASP C 47 51.81 -18.74 9.60
C ASP C 47 51.75 -17.60 8.60
N GLY C 48 50.85 -17.73 7.63
CA GLY C 48 50.66 -16.67 6.67
C GLY C 48 49.43 -15.80 6.91
N MET C 49 48.63 -16.12 7.92
CA MET C 49 47.34 -15.45 8.08
C MET C 49 47.32 -14.50 9.27
N SER C 50 48.27 -14.65 10.19
CA SER C 50 48.25 -13.90 11.43
C SER C 50 46.93 -14.11 12.15
N SER C 51 46.39 -15.32 12.02
CA SER C 51 45.09 -15.65 12.56
C SER C 51 44.10 -14.59 12.15
N TRP C 52 44.11 -14.28 10.84
CA TRP C 52 43.28 -13.25 10.25
C TRP C 52 43.62 -11.90 10.83
N TRP C 53 44.75 -11.37 10.38
CA TRP C 53 45.22 -10.02 10.65
C TRP C 53 45.80 -9.82 12.04
N ALA C 54 45.14 -10.39 13.04
CA ALA C 54 45.30 -9.90 14.41
C ALA C 54 46.65 -10.21 15.06
N ALA C 55 47.23 -11.36 14.75
CA ALA C 55 48.43 -11.83 15.46
C ALA C 55 49.71 -11.26 14.88
N ILE C 56 49.86 -9.94 14.94
CA ILE C 56 51.00 -9.25 14.35
C ILE C 56 52.34 -9.44 15.07
N HIS C 57 52.31 -9.86 16.34
CA HIS C 57 53.55 -10.14 17.08
C HIS C 57 53.81 -11.64 17.06
N GLY C 58 53.06 -12.36 16.22
CA GLY C 58 53.17 -13.79 16.16
C GLY C 58 52.56 -14.44 17.37
N TYR C 59 53.03 -15.63 17.70
CA TYR C 59 52.43 -16.42 18.76
C TYR C 59 53.40 -16.63 19.90
N ASN C 60 52.85 -16.85 21.08
CA ASN C 60 53.67 -17.05 22.28
C ASN C 60 54.74 -16.01 22.43
N HIS C 61 54.35 -14.77 22.24
CA HIS C 61 55.24 -13.64 22.43
C HIS C 61 55.47 -13.39 23.92
N PRO C 62 56.74 -13.37 24.34
CA PRO C 62 57.06 -13.23 25.78
C PRO C 62 56.45 -11.98 26.41
N GLN C 63 56.36 -10.88 25.67
CA GLN C 63 55.80 -9.66 26.27
C GLN C 63 54.30 -9.80 26.47
N LEU C 64 53.61 -10.32 25.46
CA LEU C 64 52.18 -10.58 25.56
C LEU C 64 51.89 -11.53 26.70
N ASN C 65 52.60 -12.66 26.70
CA ASN C 65 52.36 -13.71 27.67
C ASN C 65 52.54 -13.19 29.09
N ALA C 66 53.58 -12.40 29.29
CA ALA C 66 53.92 -11.85 30.58
C ALA C 66 52.84 -10.88 31.01
N ALA C 67 52.42 -10.02 30.10
CA ALA C 67 51.39 -9.07 30.47
C ALA C 67 50.07 -9.78 30.81
N MET C 68 49.70 -10.79 30.04
CA MET C 68 48.45 -11.50 30.30
C MET C 68 48.48 -12.22 31.63
N LYS C 69 49.56 -12.96 31.89
CA LYS C 69 49.72 -13.67 33.15
C LYS C 69 49.76 -12.71 34.33
N SER C 70 50.43 -11.58 34.14
CA SER C 70 50.51 -10.57 35.17
C SER C 70 49.12 -10.06 35.58
N GLN C 71 48.30 -9.73 34.58
CA GLN C 71 46.96 -9.21 34.84
C GLN C 71 46.10 -10.29 35.44
N ILE C 72 46.31 -11.54 35.03
CA ILE C 72 45.58 -12.65 35.64
C ILE C 72 45.75 -12.64 37.14
N ASP C 73 46.98 -12.37 37.58
CA ASP C 73 47.30 -12.35 39.01
C ASP C 73 46.54 -11.23 39.75
N ALA C 74 46.35 -10.10 39.08
CA ALA C 74 45.57 -8.99 39.64
C ALA C 74 44.08 -9.30 39.63
N MET C 75 43.57 -9.52 38.40
CA MET C 75 42.18 -9.90 38.12
C MET C 75 42.02 -10.07 36.62
N SER C 76 41.58 -11.22 36.13
CA SER C 76 41.35 -11.31 34.68
C SER C 76 40.16 -10.43 34.33
N HIS C 77 39.20 -10.30 35.22
CA HIS C 77 38.08 -9.42 34.92
C HIS C 77 37.39 -8.79 36.13
N VAL C 78 36.92 -7.56 35.95
CA VAL C 78 36.00 -6.93 36.89
C VAL C 78 35.04 -6.12 36.05
N MET C 79 33.81 -5.93 36.54
CA MET C 79 32.82 -5.19 35.76
C MET C 79 33.27 -3.77 35.57
N PHE C 80 32.69 -3.09 34.58
CA PHE C 80 33.12 -1.77 34.22
C PHE C 80 32.03 -0.79 34.58
N GLY C 81 30.95 -1.30 35.18
CA GLY C 81 29.87 -0.45 35.63
C GLY C 81 30.18 0.19 36.97
N GLY C 82 30.46 1.49 36.95
CA GLY C 82 30.79 2.18 38.18
C GLY C 82 32.18 1.83 38.67
N ILE C 83 32.92 1.09 37.85
CA ILE C 83 34.28 0.67 38.18
C ILE C 83 35.21 0.99 36.99
N THR C 84 36.40 1.50 37.26
CA THR C 84 37.40 1.62 36.22
C THR C 84 38.65 0.94 36.77
N HIS C 85 39.65 0.75 35.93
CA HIS C 85 40.87 0.07 36.36
C HIS C 85 42.04 0.51 35.49
N ALA C 86 43.26 0.17 35.92
CA ALA C 86 44.46 0.66 35.25
C ALA C 86 44.58 0.20 33.79
N PRO C 87 44.35 -1.10 33.51
CA PRO C 87 44.51 -1.54 32.12
C PRO C 87 43.62 -0.81 31.12
N ALA C 88 42.36 -0.55 31.50
CA ALA C 88 41.47 0.17 30.61
C ALA C 88 41.93 1.60 30.44
N ILE C 89 42.35 2.22 31.55
CA ILE C 89 42.75 3.60 31.45
C ILE C 89 43.96 3.68 30.56
N GLU C 90 44.93 2.82 30.85
CA GLU C 90 46.15 2.80 30.10
C GLU C 90 45.92 2.55 28.60
N LEU C 91 45.09 1.59 28.27
CA LEU C 91 44.82 1.29 26.88
C LEU C 91 44.22 2.52 26.19
N CYS C 92 43.31 3.20 26.88
CA CYS C 92 42.67 4.36 26.30
C CYS C 92 43.64 5.52 26.18
N ARG C 93 44.54 5.66 27.15
CA ARG C 93 45.61 6.64 27.04
C ARG C 93 46.38 6.40 25.76
N LYS C 94 46.79 5.16 25.54
CA LYS C 94 47.54 4.83 24.34
C LYS C 94 46.72 5.10 23.08
N LEU C 95 45.44 4.71 23.08
CA LEU C 95 44.60 4.80 21.89
C LEU C 95 44.33 6.26 21.54
N VAL C 96 44.03 7.06 22.56
CA VAL C 96 43.80 8.48 22.32
C VAL C 96 45.08 9.10 21.75
N ALA C 97 46.21 8.82 22.40
CA ALA C 97 47.50 9.42 22.03
C ALA C 97 47.93 9.09 20.59
N MET C 98 47.68 7.87 20.14
CA MET C 98 48.23 7.41 18.86
C MET C 98 47.28 7.62 17.68
N THR C 99 46.03 7.92 17.96
CA THR C 99 45.07 8.09 16.88
C THR C 99 45.02 9.57 16.52
N PRO C 100 44.52 9.88 15.32
CA PRO C 100 44.31 11.28 14.90
C PRO C 100 43.80 12.18 16.03
N GLN C 101 44.29 13.42 16.10
CA GLN C 101 44.06 14.34 17.23
C GLN C 101 42.60 14.51 17.72
N PRO C 102 41.63 14.68 16.80
CA PRO C 102 40.24 14.94 17.25
C PRO C 102 39.59 13.75 17.95
N LEU C 103 40.17 12.56 17.77
CA LEU C 103 39.68 11.32 18.38
C LEU C 103 40.19 11.17 19.82
N GLU C 104 39.30 11.36 20.79
CA GLU C 104 39.68 11.30 22.19
C GLU C 104 38.60 10.73 23.12
N CYS C 105 37.53 10.18 22.55
CA CYS C 105 36.55 9.48 23.38
C CYS C 105 36.50 8.01 23.00
N VAL C 106 36.75 7.16 23.99
CA VAL C 106 36.92 5.74 23.74
C VAL C 106 35.80 4.88 24.34
N PHE C 107 35.15 4.10 23.50
CA PHE C 107 34.20 3.09 23.93
C PHE C 107 34.78 1.69 23.67
N LEU C 108 35.16 0.98 24.73
CA LEU C 108 35.72 -0.36 24.58
C LEU C 108 34.60 -1.38 24.44
N ALA C 109 34.76 -2.32 23.52
CA ALA C 109 33.80 -3.40 23.35
C ALA C 109 34.55 -4.71 23.11
N ASP C 110 33.84 -5.78 22.76
CA ASP C 110 34.46 -7.11 22.75
C ASP C 110 34.84 -7.66 21.41
N SER C 111 34.18 -7.22 20.36
CA SER C 111 34.47 -7.77 19.06
C SER C 111 34.38 -6.73 17.98
N GLY C 112 34.92 -7.05 16.82
CA GLY C 112 34.83 -6.16 15.68
C GLY C 112 33.41 -5.77 15.30
N SER C 113 32.52 -6.77 15.12
CA SER C 113 31.13 -6.48 14.78
C SER C 113 30.49 -5.56 15.80
N VAL C 114 30.78 -5.76 17.09
CA VAL C 114 30.14 -4.93 18.12
C VAL C 114 30.70 -3.51 17.99
N ALA C 115 31.99 -3.41 17.72
CA ALA C 115 32.62 -2.10 17.58
C ALA C 115 32.01 -1.32 16.42
N VAL C 116 31.65 -2.02 15.34
CA VAL C 116 31.00 -1.38 14.21
C VAL C 116 29.62 -0.89 14.60
N GLU C 117 28.83 -1.76 15.24
CA GLU C 117 27.48 -1.41 15.64
C GLU C 117 27.49 -0.29 16.66
N VAL C 118 28.52 -0.25 17.52
CA VAL C 118 28.65 0.86 18.45
C VAL C 118 28.85 2.14 17.65
N ALA C 119 29.65 2.07 16.60
CA ALA C 119 29.86 3.23 15.75
C ALA C 119 28.54 3.69 15.12
N MET C 120 27.76 2.74 14.65
CA MET C 120 26.50 3.07 14.03
C MET C 120 25.57 3.73 15.06
N LYS C 121 25.50 3.18 16.27
CA LYS C 121 24.66 3.79 17.31
C LYS C 121 25.14 5.18 17.65
N MET C 122 26.44 5.40 17.66
CA MET C 122 26.96 6.75 17.86
C MET C 122 26.40 7.66 16.79
N ALA C 123 26.50 7.23 15.54
CA ALA C 123 26.00 8.01 14.44
C ALA C 123 24.49 8.21 14.57
N LEU C 124 23.74 7.14 14.84
CA LEU C 124 22.28 7.27 14.91
C LEU C 124 21.89 8.19 16.09
N GLN C 125 22.52 7.99 17.25
CA GLN C 125 22.25 8.80 18.43
C GLN C 125 22.71 10.24 18.22
N TYR C 126 23.75 10.41 17.41
CA TYR C 126 24.21 11.75 17.05
C TYR C 126 23.09 12.56 16.41
N TRP C 127 22.47 11.98 15.39
CA TRP C 127 21.45 12.68 14.65
C TRP C 127 20.12 12.79 15.42
N GLN C 128 19.80 11.79 16.25
CA GLN C 128 18.60 11.85 17.09
C GLN C 128 18.69 13.05 18.00
N ALA C 129 19.89 13.32 18.48
CA ALA C 129 20.09 14.42 19.41
C ALA C 129 20.00 15.75 18.69
N LYS C 130 20.19 15.70 17.37
CA LYS C 130 20.17 16.91 16.56
C LYS C 130 18.79 17.18 15.95
N GLY C 131 17.82 16.35 16.29
CA GLY C 131 16.46 16.52 15.84
C GLY C 131 16.28 16.09 14.40
N GLU C 132 17.25 15.34 13.88
CA GLU C 132 17.16 14.78 12.53
C GLU C 132 17.18 13.25 12.53
N ALA C 133 16.02 12.63 12.42
CA ALA C 133 15.93 11.17 12.33
C ALA C 133 16.72 10.51 11.18
N ARG C 134 17.99 10.89 10.97
CA ARG C 134 18.80 10.22 9.94
C ARG C 134 19.08 8.75 10.28
N GLN C 135 18.71 7.84 9.40
CA GLN C 135 18.81 6.42 9.70
C GLN C 135 19.53 5.62 8.60
N ARG C 136 19.93 6.27 7.50
CA ARG C 136 20.58 5.54 6.41
C ARG C 136 22.10 5.63 6.55
N PHE C 137 22.78 4.56 6.14
CA PHE C 137 24.24 4.56 6.06
C PHE C 137 24.70 4.42 4.62
N LEU C 138 25.73 5.18 4.28
CA LEU C 138 26.36 5.06 2.98
C LEU C 138 27.70 4.34 3.12
N THR C 139 27.82 3.23 2.40
CA THR C 139 29.03 2.42 2.43
C THR C 139 29.42 2.03 1.00
N PHE C 140 30.52 1.30 0.87
CA PHE C 140 30.95 0.76 -0.41
C PHE C 140 30.55 -0.68 -0.57
N ARG C 141 30.43 -1.12 -1.82
CA ARG C 141 30.42 -2.55 -2.07
C ARG C 141 31.82 -3.09 -1.74
N ASN C 142 31.92 -4.40 -1.59
CA ASN C 142 33.17 -5.09 -1.17
C ASN C 142 33.59 -4.71 0.25
N GLY C 143 32.65 -4.13 0.99
CA GLY C 143 32.87 -3.81 2.39
C GLY C 143 32.53 -4.99 3.29
N TYR C 144 33.24 -5.09 4.40
CA TYR C 144 32.89 -6.06 5.44
C TYR C 144 33.09 -5.41 6.79
N HIS C 145 32.10 -5.52 7.64
CA HIS C 145 32.17 -4.87 8.93
C HIS C 145 31.67 -5.77 10.02
N GLY C 146 31.45 -7.04 9.69
CA GLY C 146 31.00 -8.00 10.68
C GLY C 146 29.74 -8.75 10.32
N ASP C 147 29.33 -9.67 11.19
CA ASP C 147 28.23 -10.57 10.90
C ASP C 147 26.98 -10.31 11.71
N THR C 148 27.06 -9.46 12.72
CA THR C 148 25.87 -9.12 13.50
C THR C 148 24.99 -8.26 12.61
N PHE C 149 23.69 -8.15 12.92
CA PHE C 149 22.73 -7.59 11.96
C PHE C 149 23.02 -6.16 11.53
N GLY C 150 23.41 -5.30 12.47
CA GLY C 150 23.74 -3.95 12.09
C GLY C 150 24.87 -4.01 11.10
N ALA C 151 25.94 -4.74 11.43
CA ALA C 151 27.11 -4.80 10.56
C ALA C 151 26.82 -5.40 9.19
N MET C 152 25.97 -6.43 9.15
CA MET C 152 25.59 -7.03 7.89
C MET C 152 24.97 -5.97 6.96
N SER C 153 24.19 -5.07 7.55
CA SER C 153 23.42 -4.10 6.79
C SER C 153 24.32 -3.10 6.10
N VAL C 154 25.61 -3.10 6.45
CA VAL C 154 26.56 -2.24 5.75
C VAL C 154 27.66 -3.06 5.08
N CYS C 155 27.46 -4.39 5.03
CA CYS C 155 28.32 -5.30 4.27
C CYS C 155 27.85 -5.36 2.83
N ASP C 156 28.74 -5.77 1.93
CA ASP C 156 28.38 -5.98 0.53
C ASP C 156 27.15 -6.88 0.41
N PRO C 157 26.11 -6.43 -0.31
CA PRO C 157 24.86 -7.18 -0.36
C PRO C 157 24.94 -8.45 -1.20
N ASP C 158 26.03 -8.61 -1.95
CA ASP C 158 26.21 -9.79 -2.79
C ASP C 158 27.04 -10.85 -2.06
N ASN C 159 28.20 -10.45 -1.52
CA ASN C 159 29.04 -11.33 -0.70
C ASN C 159 28.28 -11.81 0.55
N SER C 160 27.51 -10.90 1.16
CA SER C 160 26.73 -11.20 2.37
C SER C 160 25.45 -11.98 2.07
N MET C 161 25.26 -12.37 0.80
CA MET C 161 24.06 -13.08 0.33
C MET C 161 22.81 -12.45 0.94
N HIS C 162 22.72 -11.12 0.85
CA HIS C 162 21.64 -10.34 1.46
C HIS C 162 20.21 -10.74 1.02
N SER C 163 20.10 -11.60 0.01
CA SER C 163 18.80 -12.14 -0.43
C SER C 163 17.94 -12.74 0.70
N LEU C 164 18.55 -13.43 1.65
CA LEU C 164 17.80 -13.98 2.78
C LEU C 164 17.63 -12.92 3.88
N TRP C 165 18.42 -11.83 3.81
CA TRP C 165 18.34 -10.81 4.85
C TRP C 165 17.66 -9.55 4.33
N LYS C 166 17.51 -9.46 3.01
CA LYS C 166 16.71 -8.39 2.39
C LYS C 166 15.28 -8.61 2.84
N GLY C 167 14.90 -7.90 3.89
CA GLY C 167 13.62 -8.09 4.52
C GLY C 167 13.78 -7.86 6.01
N TYR C 168 14.87 -8.37 6.59
CA TYR C 168 15.13 -8.11 7.99
C TYR C 168 16.01 -6.88 8.05
N LEU C 169 17.07 -6.87 7.23
CA LEU C 169 18.00 -5.76 7.20
C LEU C 169 17.41 -4.54 6.52
N PRO C 170 17.45 -3.37 7.20
CA PRO C 170 17.07 -2.14 6.50
C PRO C 170 18.01 -1.98 5.32
N GLU C 171 17.51 -1.45 4.20
CA GLU C 171 18.36 -1.31 3.02
C GLU C 171 19.10 0.02 3.12
N ASN C 172 20.42 -0.05 3.27
CA ASN C 172 21.26 1.14 3.31
C ASN C 172 21.76 1.45 1.92
N LEU C 173 22.65 2.44 1.82
CA LEU C 173 23.12 2.86 0.52
C LEU C 173 24.52 2.31 0.20
N PHE C 174 24.64 1.65 -0.95
CA PHE C 174 25.90 1.01 -1.34
C PHE C 174 26.46 1.60 -2.62
N ALA C 175 27.50 2.43 -2.49
CA ALA C 175 28.27 2.88 -3.64
C ALA C 175 28.99 1.69 -4.30
N PRO C 176 29.31 1.79 -5.60
CA PRO C 176 30.16 0.73 -6.18
C PRO C 176 31.55 0.75 -5.52
N ALA C 177 32.23 -0.39 -5.46
CA ALA C 177 33.57 -0.46 -4.88
C ALA C 177 34.53 0.50 -5.56
N PRO C 178 35.30 1.25 -4.78
CA PRO C 178 36.28 2.18 -5.36
C PRO C 178 37.25 1.46 -6.29
N GLN C 179 37.28 1.88 -7.56
CA GLN C 179 38.06 1.20 -8.58
C GLN C 179 39.48 1.72 -8.67
N SER C 180 39.69 3.00 -8.39
CA SER C 180 41.03 3.55 -8.48
C SER C 180 41.96 2.80 -7.56
N ARG C 181 42.97 2.14 -8.14
CA ARG C 181 43.89 1.31 -7.37
C ARG C 181 44.96 2.13 -6.66
N MET C 182 45.70 1.46 -5.80
CA MET C 182 46.77 2.10 -5.06
C MET C 182 48.02 1.28 -5.31
N ASP C 183 49.12 1.94 -5.66
CA ASP C 183 49.12 3.33 -6.10
C ASP C 183 50.03 3.42 -7.32
N GLY C 184 49.45 3.49 -8.52
CA GLY C 184 48.02 3.56 -8.73
C GLY C 184 47.54 4.93 -9.21
N GLU C 185 47.38 5.08 -10.52
CA GLU C 185 46.74 6.28 -11.09
C GLU C 185 45.31 6.54 -10.59
N TRP C 186 45.03 7.78 -10.20
CA TRP C 186 43.67 8.19 -9.80
C TRP C 186 42.75 8.39 -11.02
N ASP C 187 41.50 7.96 -10.88
CA ASP C 187 40.49 8.15 -11.92
C ASP C 187 39.31 8.98 -11.36
N GLU C 188 39.08 10.17 -11.90
CA GLU C 188 38.01 11.03 -11.39
C GLU C 188 36.62 10.46 -11.72
N ARG C 189 36.55 9.65 -12.78
CA ARG C 189 35.30 9.02 -13.21
C ARG C 189 34.77 7.98 -12.22
N ASP C 190 35.63 7.55 -11.29
CA ASP C 190 35.28 6.59 -10.25
C ASP C 190 34.13 7.02 -9.32
N MET C 191 34.07 8.31 -9.00
CA MET C 191 33.12 8.82 -8.00
C MET C 191 31.66 8.95 -8.46
N VAL C 192 31.37 8.53 -9.70
CA VAL C 192 30.04 8.68 -10.33
C VAL C 192 28.92 7.96 -9.58
N GLY C 193 29.11 6.67 -9.30
CA GLY C 193 28.13 5.87 -8.59
C GLY C 193 27.91 6.45 -7.20
N PHE C 194 29.03 6.86 -6.57
CA PHE C 194 29.02 7.45 -5.24
C PHE C 194 28.31 8.81 -5.24
N ALA C 195 28.67 9.68 -6.17
CA ALA C 195 28.04 10.99 -6.29
C ALA C 195 26.51 10.90 -6.53
N ARG C 196 26.09 9.98 -7.41
CA ARG C 196 24.68 9.83 -7.74
C ARG C 196 23.91 9.43 -6.48
N LEU C 197 24.45 8.48 -5.72
CA LEU C 197 23.87 8.08 -4.44
C LEU C 197 23.96 9.19 -3.37
N MET C 198 25.10 9.86 -3.29
CA MET C 198 25.25 10.94 -2.33
C MET C 198 24.25 12.08 -2.49
N ALA C 199 24.18 12.67 -3.68
CA ALA C 199 23.27 13.78 -3.94
C ALA C 199 21.80 13.43 -3.63
N ALA C 200 21.39 12.23 -4.03
CA ALA C 200 20.01 11.78 -3.97
C ALA C 200 19.57 11.47 -2.54
N HIS C 201 20.55 11.28 -1.64
CA HIS C 201 20.26 10.84 -0.29
C HIS C 201 21.02 11.56 0.81
N ARG C 202 21.77 12.59 0.46
CA ARG C 202 22.69 13.23 1.42
C ARG C 202 22.06 13.66 2.74
N HIS C 203 20.74 13.79 2.77
CA HIS C 203 20.03 14.29 3.94
C HIS C 203 19.55 13.21 4.91
N GLU C 204 19.49 12.00 4.38
CA GLU C 204 19.02 10.90 5.16
C GLU C 204 20.17 9.98 5.54
N ILE C 205 21.38 10.41 5.20
CA ILE C 205 22.57 9.63 5.52
C ILE C 205 23.13 10.05 6.85
N ALA C 206 23.08 9.12 7.79
CA ALA C 206 23.58 9.36 9.14
C ALA C 206 25.10 9.37 9.16
N ALA C 207 25.69 8.48 8.37
CA ALA C 207 27.14 8.36 8.30
C ALA C 207 27.59 7.61 7.07
N VAL C 208 28.82 7.91 6.65
CA VAL C 208 29.50 7.09 5.66
C VAL C 208 30.49 6.20 6.41
N ILE C 209 30.44 4.90 6.14
CA ILE C 209 31.35 3.96 6.76
C ILE C 209 32.14 3.15 5.74
N ILE C 210 33.45 3.12 5.92
CA ILE C 210 34.35 2.39 5.04
C ILE C 210 35.57 1.81 5.76
N GLU C 211 36.10 0.73 5.20
CA GLU C 211 37.43 0.25 5.55
C GLU C 211 38.41 1.07 4.75
N PRO C 212 39.26 1.86 5.42
CA PRO C 212 40.19 2.77 4.74
C PRO C 212 41.29 2.02 3.97
N ILE C 213 41.46 2.41 2.71
CA ILE C 213 42.51 1.93 1.82
C ILE C 213 42.38 0.47 1.45
N VAL C 214 42.29 -0.38 2.46
CA VAL C 214 42.19 -1.79 2.20
C VAL C 214 40.83 -2.27 2.63
N GLN C 215 40.04 -2.71 1.67
CA GLN C 215 38.82 -3.42 1.98
C GLN C 215 39.18 -4.87 2.22
N GLY C 216 39.18 -5.30 3.48
CA GLY C 216 39.76 -6.58 3.85
C GLY C 216 38.94 -7.76 3.39
N ALA C 217 38.04 -8.26 4.25
CA ALA C 217 37.31 -9.49 3.97
C ALA C 217 36.38 -9.40 2.76
N GLY C 218 36.20 -8.21 2.20
CA GLY C 218 35.31 -8.10 1.07
C GLY C 218 35.92 -8.34 -0.30
N GLY C 219 37.23 -8.60 -0.34
CA GLY C 219 37.90 -8.85 -1.60
C GLY C 219 39.35 -8.42 -1.58
N MET C 220 39.86 -8.08 -0.40
CA MET C 220 41.22 -7.59 -0.22
C MET C 220 41.60 -6.54 -1.25
N ARG C 221 40.74 -5.56 -1.43
CA ARG C 221 40.99 -4.53 -2.42
C ARG C 221 41.77 -3.39 -1.81
N MET C 222 42.66 -2.84 -2.62
CA MET C 222 43.49 -1.72 -2.21
C MET C 222 43.25 -0.58 -3.17
N TYR C 223 42.56 0.45 -2.68
CA TYR C 223 42.15 1.57 -3.51
C TYR C 223 42.95 2.84 -3.17
N HIS C 224 42.79 3.86 -4.03
CA HIS C 224 43.58 5.08 -3.99
C HIS C 224 43.22 5.95 -2.76
N PRO C 225 44.23 6.54 -2.12
CA PRO C 225 44.01 7.43 -0.96
C PRO C 225 43.11 8.63 -1.30
N GLU C 226 42.97 8.90 -2.60
CA GLU C 226 42.13 9.99 -3.07
C GLU C 226 40.69 9.77 -2.63
N TRP C 227 40.26 8.51 -2.61
CA TRP C 227 38.93 8.17 -2.13
C TRP C 227 38.66 8.66 -0.71
N LEU C 228 39.61 8.49 0.21
CA LEU C 228 39.41 8.97 1.58
C LEU C 228 39.42 10.49 1.60
N LYS C 229 40.31 11.09 0.81
CA LYS C 229 40.38 12.55 0.75
C LYS C 229 39.03 13.10 0.24
N ARG C 230 38.54 12.51 -0.84
CA ARG C 230 37.30 12.96 -1.45
C ARG C 230 36.13 12.72 -0.48
N ILE C 231 36.10 11.56 0.16
CA ILE C 231 35.04 11.23 1.11
C ILE C 231 35.07 12.09 2.39
N ARG C 232 36.25 12.40 2.89
CA ARG C 232 36.31 13.26 4.06
C ARG C 232 35.73 14.65 3.76
N LYS C 233 36.07 15.21 2.60
CA LYS C 233 35.54 16.52 2.25
C LYS C 233 34.02 16.49 2.11
N ILE C 234 33.48 15.52 1.37
CA ILE C 234 32.05 15.42 1.16
C ILE C 234 31.28 15.30 2.47
N CYS C 235 31.86 14.54 3.41
CA CYS C 235 31.27 14.36 4.72
C CYS C 235 31.28 15.67 5.52
N ASP C 236 32.37 16.41 5.40
CA ASP C 236 32.46 17.72 6.06
C ASP C 236 31.42 18.71 5.53
N ARG C 237 31.28 18.77 4.21
CA ARG C 237 30.37 19.72 3.57
C ARG C 237 28.93 19.43 3.96
N GLU C 238 28.59 18.15 4.06
CA GLU C 238 27.23 17.74 4.37
C GLU C 238 26.97 17.62 5.86
N GLY C 239 28.05 17.66 6.64
CA GLY C 239 27.97 17.44 8.08
C GLY C 239 27.73 15.98 8.44
N ILE C 240 27.93 15.09 7.47
CA ILE C 240 27.76 13.66 7.69
C ILE C 240 29.00 13.08 8.39
N LEU C 241 28.77 12.13 9.30
CA LEU C 241 29.85 11.44 10.01
C LEU C 241 30.57 10.41 9.16
N LEU C 242 31.89 10.40 9.30
CA LEU C 242 32.70 9.39 8.66
C LEU C 242 33.19 8.39 9.69
N ILE C 243 32.77 7.15 9.52
CA ILE C 243 33.23 6.03 10.32
C ILE C 243 34.31 5.26 9.59
N ALA C 244 35.53 5.27 10.12
CA ALA C 244 36.60 4.47 9.54
C ALA C 244 36.73 3.13 10.26
N ASP C 245 36.42 2.06 9.55
CA ASP C 245 36.56 0.74 10.14
C ASP C 245 38.01 0.31 9.93
N GLU C 246 38.83 0.50 10.95
CA GLU C 246 40.24 0.12 10.91
C GLU C 246 40.46 -1.17 11.70
N ILE C 247 39.44 -2.01 11.80
CA ILE C 247 39.58 -3.24 12.57
C ILE C 247 40.62 -4.19 11.97
N ALA C 248 40.70 -4.21 10.64
CA ALA C 248 41.69 -5.04 9.96
C ALA C 248 42.97 -4.25 9.71
N THR C 249 42.83 -2.99 9.30
CA THR C 249 43.98 -2.22 8.81
C THR C 249 44.80 -1.53 9.91
N GLY C 250 44.23 -1.37 11.09
CA GLY C 250 44.89 -0.69 12.18
C GLY C 250 46.16 -1.35 12.69
N PHE C 251 47.04 -0.54 13.25
CA PHE C 251 48.26 -1.00 13.92
C PHE C 251 49.24 -1.61 12.95
N GLY C 252 49.44 -0.91 11.83
CA GLY C 252 50.63 -1.05 10.99
C GLY C 252 50.56 -1.90 9.74
N ARG C 253 49.50 -2.69 9.61
CA ARG C 253 49.45 -3.70 8.56
C ARG C 253 49.58 -3.12 7.15
N THR C 254 49.11 -1.89 6.93
CA THR C 254 49.18 -1.30 5.58
C THR C 254 50.43 -0.44 5.41
N GLY C 255 51.30 -0.48 6.40
CA GLY C 255 52.54 0.25 6.36
C GLY C 255 52.44 1.51 7.17
N LYS C 256 51.22 1.98 7.39
CA LYS C 256 51.06 3.11 8.31
C LYS C 256 50.32 2.63 9.54
N LEU C 257 50.55 3.31 10.65
CA LEU C 257 49.99 2.90 11.93
C LEU C 257 48.50 2.72 11.84
N PHE C 258 47.82 3.66 11.19
CA PHE C 258 46.41 3.48 10.84
C PHE C 258 46.25 3.80 9.36
N ALA C 259 45.42 3.04 8.67
CA ALA C 259 45.29 3.18 7.22
C ALA C 259 44.84 4.57 6.79
N CYS C 260 44.22 5.31 7.71
CA CYS C 260 43.81 6.68 7.48
C CYS C 260 44.99 7.61 7.18
N GLU C 261 46.16 7.29 7.69
CA GLU C 261 47.32 8.15 7.49
C GLU C 261 47.77 8.22 6.04
N HIS C 262 47.45 7.18 5.26
CA HIS C 262 47.71 7.18 3.83
C HIS C 262 47.03 8.35 3.10
N ALA C 263 46.07 8.98 3.75
CA ALA C 263 45.41 10.16 3.18
C ALA C 263 45.54 11.38 4.10
N GLU C 264 46.28 11.24 5.21
CA GLU C 264 46.40 12.32 6.21
C GLU C 264 45.04 12.87 6.61
N ILE C 265 44.11 11.94 6.86
CA ILE C 265 42.74 12.22 7.25
C ILE C 265 42.42 11.75 8.67
N ALA C 266 41.38 12.33 9.29
CA ALA C 266 40.86 11.81 10.56
C ALA C 266 39.35 11.55 10.40
N PRO C 267 38.89 10.35 10.78
CA PRO C 267 37.47 10.04 10.73
C PRO C 267 36.80 10.60 11.96
N ASP C 268 35.48 10.70 12.00
CA ASP C 268 34.82 11.16 13.22
C ASP C 268 34.73 10.04 14.21
N ILE C 269 34.56 8.84 13.66
CA ILE C 269 34.43 7.64 14.43
C ILE C 269 35.40 6.62 13.88
N LEU C 270 36.16 6.02 14.79
CA LEU C 270 37.24 5.11 14.43
C LEU C 270 37.04 3.73 15.07
N CYS C 271 36.99 2.69 14.25
CA CYS C 271 36.85 1.34 14.78
C CYS C 271 38.17 0.57 14.79
N LEU C 272 38.49 -0.04 15.93
CA LEU C 272 39.73 -0.77 16.09
C LEU C 272 39.38 -2.13 16.67
N GLY C 273 40.20 -3.14 16.38
CA GLY C 273 40.04 -4.45 16.97
C GLY C 273 41.23 -5.31 16.57
N LYS C 274 41.02 -6.62 16.51
CA LYS C 274 42.00 -7.57 15.99
C LYS C 274 43.38 -7.38 16.55
N ALA C 275 44.24 -6.71 15.80
CA ALA C 275 45.65 -6.55 16.17
C ALA C 275 45.81 -5.71 17.42
N LEU C 276 44.72 -5.07 17.81
CA LEU C 276 44.66 -4.30 19.05
C LEU C 276 45.19 -5.09 20.25
N THR C 277 44.89 -6.38 20.28
CA THR C 277 45.32 -7.26 21.36
C THR C 277 46.45 -8.16 20.91
N GLY C 278 47.02 -7.83 19.76
CA GLY C 278 48.03 -8.68 19.18
C GLY C 278 47.44 -10.02 18.84
N GLY C 279 46.12 -10.08 18.68
CA GLY C 279 45.50 -11.35 18.32
C GLY C 279 45.54 -12.38 19.44
N THR C 280 45.69 -11.93 20.68
CA THR C 280 45.71 -12.84 21.81
C THR C 280 44.32 -13.24 22.21
N MET C 281 43.38 -12.30 22.07
CA MET C 281 42.00 -12.52 22.51
C MET C 281 41.15 -11.41 21.98
N THR C 282 39.84 -11.56 22.08
CA THR C 282 38.99 -10.57 21.43
C THR C 282 38.85 -9.33 22.28
N LEU C 283 38.87 -8.20 21.59
CA LEU C 283 38.68 -6.90 22.20
C LEU C 283 38.50 -5.91 21.07
N SER C 284 37.78 -4.84 21.32
CA SER C 284 37.64 -3.82 20.31
C SER C 284 37.55 -2.45 20.94
N ALA C 285 37.66 -1.43 20.12
CA ALA C 285 37.54 -0.07 20.59
C ALA C 285 36.94 0.73 19.46
N THR C 286 35.98 1.59 19.80
CA THR C 286 35.41 2.53 18.86
C THR C 286 35.70 3.92 19.38
N LEU C 287 36.50 4.70 18.66
CA LEU C 287 36.84 6.05 19.14
C LEU C 287 36.07 7.13 18.39
N THR C 288 35.75 8.22 19.09
CA THR C 288 35.07 9.31 18.40
C THR C 288 35.51 10.68 18.93
N THR C 289 35.02 11.74 18.28
CA THR C 289 35.43 13.11 18.61
C THR C 289 34.64 13.62 19.80
N ARG C 290 35.17 14.65 20.45
CA ARG C 290 34.51 15.27 21.59
C ARG C 290 33.13 15.75 21.19
N GLU C 291 33.05 16.31 19.99
CA GLU C 291 31.80 16.83 19.49
C GLU C 291 30.72 15.76 19.43
N VAL C 292 31.04 14.63 18.80
CA VAL C 292 30.09 13.54 18.66
C VAL C 292 29.73 12.97 20.02
N ALA C 293 30.72 12.80 20.89
CA ALA C 293 30.48 12.23 22.21
C ALA C 293 29.49 13.07 23.02
N GLU C 294 29.69 14.40 23.00
CA GLU C 294 28.83 15.33 23.74
C GLU C 294 27.45 15.48 23.09
N THR C 295 27.39 15.54 21.77
CA THR C 295 26.12 15.64 21.06
C THR C 295 25.24 14.48 21.50
N ILE C 296 25.83 13.28 21.46
CA ILE C 296 25.15 12.08 21.92
C ILE C 296 24.67 12.19 23.37
N SER C 297 25.56 12.64 24.24
CA SER C 297 25.29 12.65 25.67
C SER C 297 24.18 13.64 26.03
N ASN C 298 24.05 14.68 25.21
CA ASN C 298 23.03 15.71 25.40
C ASN C 298 21.72 15.46 24.65
N GLY C 299 21.53 14.24 24.16
CA GLY C 299 20.28 13.85 23.53
C GLY C 299 19.28 13.42 24.58
N GLU C 300 18.15 12.87 24.16
CA GLU C 300 17.13 12.46 25.14
C GLU C 300 17.60 11.33 26.06
N ALA C 301 18.41 10.41 25.53
CA ALA C 301 18.86 9.26 26.30
C ALA C 301 19.75 9.69 27.46
N GLY C 302 20.53 10.75 27.24
CA GLY C 302 21.41 11.26 28.28
C GLY C 302 22.68 10.44 28.46
N CYS C 303 22.92 9.52 27.52
CA CYS C 303 24.08 8.65 27.61
C CYS C 303 24.22 7.92 26.29
N PHE C 304 25.37 7.27 26.10
CA PHE C 304 25.52 6.40 24.94
C PHE C 304 24.98 5.04 25.33
N MET C 305 23.96 4.61 24.60
CA MET C 305 23.19 3.46 25.02
C MET C 305 23.82 2.13 24.58
N HIS C 306 24.97 1.82 25.15
CA HIS C 306 25.62 0.55 24.91
C HIS C 306 26.48 0.18 26.09
N GLY C 307 26.51 -1.10 26.45
CA GLY C 307 27.41 -1.55 27.50
C GLY C 307 27.57 -3.07 27.59
N PRO C 308 28.49 -3.65 26.81
CA PRO C 308 28.60 -5.11 26.88
C PRO C 308 29.01 -5.55 28.29
N THR C 309 28.57 -6.73 28.71
CA THR C 309 28.87 -7.24 30.04
C THR C 309 30.36 -7.16 30.36
N PHE C 310 31.20 -7.57 29.41
CA PHE C 310 32.63 -7.65 29.65
C PHE C 310 33.40 -6.43 29.15
N MET C 311 32.69 -5.32 28.99
CA MET C 311 33.28 -4.07 28.54
C MET C 311 34.52 -3.73 29.35
N GLY C 312 35.61 -3.44 28.65
CA GLY C 312 36.82 -3.00 29.31
C GLY C 312 37.54 -4.11 30.06
N ASN C 313 37.21 -5.35 29.73
CA ASN C 313 37.85 -6.52 30.33
C ASN C 313 39.33 -6.33 30.53
N PRO C 314 39.75 -6.24 31.79
CA PRO C 314 41.15 -6.01 32.13
C PRO C 314 42.16 -6.94 31.42
N LEU C 315 41.89 -8.23 31.36
CA LEU C 315 42.83 -9.12 30.73
C LEU C 315 43.04 -8.73 29.28
N ALA C 316 41.96 -8.51 28.54
CA ALA C 316 42.10 -8.09 27.15
C ALA C 316 42.80 -6.74 27.05
N CYS C 317 42.51 -5.84 27.98
CA CYS C 317 43.12 -4.52 27.93
C CYS C 317 44.63 -4.65 28.16
N ALA C 318 45.01 -5.49 29.12
CA ALA C 318 46.40 -5.76 29.40
C ALA C 318 47.10 -6.32 28.17
N ALA C 319 46.45 -7.23 27.45
CA ALA C 319 47.04 -7.78 26.24
C ALA C 319 47.22 -6.68 25.22
N ALA C 320 46.22 -5.82 25.13
CA ALA C 320 46.25 -4.70 24.19
C ALA C 320 47.39 -3.74 24.54
N ASN C 321 47.53 -3.42 25.82
CA ASN C 321 48.60 -2.54 26.27
C ASN C 321 49.95 -3.11 25.87
N ALA C 322 50.14 -4.40 26.15
CA ALA C 322 51.40 -5.06 25.83
C ALA C 322 51.66 -5.04 24.34
N SER C 323 50.62 -5.32 23.55
CA SER C 323 50.76 -5.28 22.09
C SER C 323 51.16 -3.89 21.62
N LEU C 324 50.51 -2.87 22.20
CA LEU C 324 50.81 -1.49 21.83
C LEU C 324 52.22 -1.10 22.26
N ALA C 325 52.65 -1.60 23.41
CA ALA C 325 53.98 -1.32 23.89
C ALA C 325 55.04 -1.88 22.93
N ILE C 326 54.75 -3.04 22.33
CA ILE C 326 55.67 -3.60 21.35
C ILE C 326 55.80 -2.68 20.15
N LEU C 327 54.69 -2.09 19.72
CA LEU C 327 54.72 -1.21 18.55
C LEU C 327 55.39 0.12 18.86
N GLU C 328 55.54 0.43 20.15
CA GLU C 328 56.12 1.71 20.55
C GLU C 328 57.60 1.81 20.21
N SER C 329 58.27 0.67 20.12
CA SER C 329 59.67 0.60 19.71
C SER C 329 59.81 1.12 18.29
N GLY C 330 58.74 1.01 17.52
CA GLY C 330 58.68 1.49 16.16
C GLY C 330 59.23 0.49 15.16
N ASP C 331 59.70 -0.66 15.67
CA ASP C 331 60.34 -1.70 14.84
C ASP C 331 59.41 -2.24 13.77
N TRP C 332 58.10 -2.13 14.00
CA TRP C 332 57.12 -2.63 13.06
C TRP C 332 57.25 -1.96 11.68
N GLN C 333 57.65 -0.68 11.69
CA GLN C 333 57.76 0.10 10.45
C GLN C 333 58.68 -0.54 9.44
N GLN C 334 59.89 -0.82 9.88
CA GLN C 334 60.84 -1.42 8.96
C GLN C 334 60.38 -2.83 8.64
N GLN C 335 59.86 -3.54 9.65
CA GLN C 335 59.44 -4.92 9.48
C GLN C 335 58.37 -5.01 8.41
N VAL C 336 57.44 -4.07 8.44
CA VAL C 336 56.33 -4.10 7.49
C VAL C 336 56.82 -3.67 6.12
N ALA C 337 57.75 -2.71 6.10
CA ALA C 337 58.34 -2.28 4.84
C ALA C 337 59.06 -3.44 4.14
N ASP C 338 59.87 -4.19 4.90
CA ASP C 338 60.66 -5.28 4.33
C ASP C 338 59.74 -6.35 3.78
N ILE C 339 58.69 -6.66 4.54
CA ILE C 339 57.72 -7.67 4.14
C ILE C 339 57.08 -7.24 2.84
N GLU C 340 56.76 -5.96 2.74
CA GLU C 340 56.16 -5.39 1.53
C GLU C 340 57.04 -5.61 0.31
N VAL C 341 58.30 -5.23 0.46
CA VAL C 341 59.29 -5.39 -0.58
C VAL C 341 59.33 -6.85 -1.00
N GLN C 342 59.48 -7.71 0.01
CA GLN C 342 59.62 -9.13 -0.25
C GLN C 342 58.33 -9.70 -0.83
N LEU C 343 57.18 -9.17 -0.41
CA LEU C 343 55.91 -9.66 -0.94
C LEU C 343 55.74 -9.32 -2.41
N ARG C 344 56.11 -8.09 -2.79
CA ARG C 344 56.03 -7.74 -4.21
C ARG C 344 56.94 -8.60 -5.07
N GLU C 345 58.21 -8.74 -4.66
CA GLU C 345 59.18 -9.43 -5.49
C GLU C 345 58.82 -10.90 -5.64
N GLN C 346 58.50 -11.55 -4.53
CA GLN C 346 58.32 -12.99 -4.54
C GLN C 346 56.93 -13.42 -5.04
N LEU C 347 55.98 -12.48 -5.07
CA LEU C 347 54.64 -12.73 -5.63
C LEU C 347 54.46 -12.22 -7.06
N ALA C 348 55.32 -11.31 -7.48
CA ALA C 348 55.28 -10.77 -8.84
C ALA C 348 55.17 -11.85 -9.93
N PRO C 349 55.97 -12.93 -9.85
CA PRO C 349 55.84 -13.95 -10.88
C PRO C 349 54.44 -14.51 -11.03
N ALA C 350 53.63 -14.41 -9.98
CA ALA C 350 52.29 -14.98 -10.04
C ALA C 350 51.42 -14.31 -11.09
N ARG C 351 51.74 -13.05 -11.43
CA ARG C 351 50.94 -12.31 -12.41
C ARG C 351 50.81 -13.03 -13.75
N ASP C 352 51.88 -13.70 -14.15
CA ASP C 352 51.96 -14.38 -15.44
C ASP C 352 51.22 -15.70 -15.44
N ALA C 353 50.82 -16.17 -14.26
CA ALA C 353 50.15 -17.45 -14.11
C ALA C 353 48.73 -17.43 -14.71
N GLU C 354 48.33 -18.58 -15.25
CA GLU C 354 47.08 -18.69 -16.01
C GLU C 354 45.83 -18.55 -15.14
N MET C 355 45.93 -18.98 -13.88
CA MET C 355 44.79 -18.91 -12.98
C MET C 355 44.69 -17.53 -12.31
N VAL C 356 45.70 -16.70 -12.48
CA VAL C 356 45.77 -15.44 -11.74
C VAL C 356 45.24 -14.21 -12.49
N ALA C 357 44.38 -13.45 -11.83
CA ALA C 357 43.74 -12.27 -12.39
C ALA C 357 44.41 -10.97 -11.95
N ASP C 358 44.97 -10.95 -10.75
CA ASP C 358 45.68 -9.78 -10.27
C ASP C 358 46.56 -10.11 -9.08
N VAL C 359 47.60 -9.30 -8.91
CA VAL C 359 48.41 -9.40 -7.72
C VAL C 359 48.60 -8.00 -7.16
N ARG C 360 48.20 -7.82 -5.91
CA ARG C 360 48.37 -6.54 -5.25
C ARG C 360 48.95 -6.75 -3.87
N VAL C 361 49.81 -5.81 -3.46
CA VAL C 361 50.52 -5.87 -2.20
C VAL C 361 50.55 -4.49 -1.56
N LEU C 362 50.32 -4.44 -0.26
CA LEU C 362 50.46 -3.22 0.53
C LEU C 362 50.86 -3.53 1.98
N GLY C 363 51.90 -2.90 2.47
CA GLY C 363 52.39 -3.20 3.81
C GLY C 363 52.63 -4.70 3.95
N ALA C 364 52.24 -5.27 5.08
CA ALA C 364 52.37 -6.70 5.23
C ALA C 364 51.13 -7.40 4.71
N ILE C 365 50.61 -6.92 3.57
CA ILE C 365 49.51 -7.62 2.89
C ILE C 365 49.90 -7.98 1.46
N GLY C 366 49.83 -9.27 1.12
CA GLY C 366 50.15 -9.71 -0.22
C GLY C 366 48.96 -10.49 -0.72
N VAL C 367 48.38 -10.04 -1.82
CA VAL C 367 47.16 -10.66 -2.35
C VAL C 367 47.34 -11.15 -3.79
N VAL C 368 47.04 -12.42 -4.02
CA VAL C 368 46.98 -12.98 -5.35
C VAL C 368 45.54 -13.32 -5.69
N GLU C 369 44.89 -12.50 -6.50
CA GLU C 369 43.50 -12.74 -6.90
C GLU C 369 43.40 -13.69 -8.09
N THR C 370 42.58 -14.71 -7.98
CA THR C 370 42.48 -15.69 -9.05
C THR C 370 41.22 -15.49 -9.91
N THR C 371 41.18 -16.17 -11.06
CA THR C 371 40.07 -16.04 -12.00
C THR C 371 38.93 -16.96 -11.61
N HIS C 372 39.25 -17.95 -10.80
CA HIS C 372 38.27 -18.93 -10.35
C HIS C 372 38.32 -19.13 -8.85
N PRO C 373 37.20 -19.53 -8.24
CA PRO C 373 37.23 -19.80 -6.81
C PRO C 373 38.21 -20.93 -6.53
N VAL C 374 38.94 -20.86 -5.42
CA VAL C 374 39.88 -21.92 -5.07
C VAL C 374 39.13 -23.20 -4.65
N ASN C 375 39.76 -24.34 -4.86
CA ASN C 375 39.21 -25.56 -4.32
C ASN C 375 39.66 -25.65 -2.86
N MET C 376 38.85 -25.08 -1.98
CA MET C 376 39.21 -24.85 -0.59
C MET C 376 39.84 -26.06 0.09
N ALA C 377 39.14 -27.19 0.06
CA ALA C 377 39.58 -28.36 0.81
C ALA C 377 40.94 -28.83 0.30
N ALA C 378 41.02 -28.97 -1.02
CA ALA C 378 42.22 -29.48 -1.70
C ALA C 378 43.39 -28.52 -1.55
N LEU C 379 43.14 -27.23 -1.74
CA LEU C 379 44.22 -26.24 -1.63
C LEU C 379 44.69 -26.09 -0.18
N GLN C 380 43.77 -26.17 0.77
CA GLN C 380 44.17 -26.09 2.17
C GLN C 380 45.10 -27.25 2.51
N LYS C 381 44.71 -28.43 2.07
CA LYS C 381 45.50 -29.64 2.26
C LYS C 381 46.88 -29.47 1.58
N PHE C 382 46.90 -28.85 0.41
CA PHE C 382 48.15 -28.61 -0.26
C PHE C 382 49.08 -27.78 0.62
N PHE C 383 48.55 -26.66 1.09
CA PHE C 383 49.31 -25.70 1.88
C PHE C 383 49.84 -26.30 3.18
N VAL C 384 49.02 -27.12 3.83
CA VAL C 384 49.44 -27.75 5.07
C VAL C 384 50.61 -28.71 4.81
N GLU C 385 50.50 -29.52 3.77
CA GLU C 385 51.56 -30.45 3.42
C GLU C 385 52.86 -29.75 3.03
N GLN C 386 52.74 -28.54 2.47
CA GLN C 386 53.91 -27.74 2.19
C GLN C 386 54.41 -27.08 3.47
N GLY C 387 53.78 -27.39 4.59
CA GLY C 387 54.17 -26.81 5.87
C GLY C 387 53.87 -25.32 6.03
N VAL C 388 52.91 -24.80 5.28
CA VAL C 388 52.55 -23.40 5.50
C VAL C 388 51.08 -23.25 5.86
N TRP C 389 50.77 -22.23 6.64
CA TRP C 389 49.37 -21.96 6.90
C TRP C 389 48.92 -20.72 6.16
N ILE C 390 48.22 -21.00 5.06
CA ILE C 390 47.62 -19.99 4.21
C ILE C 390 46.18 -20.43 4.02
N ARG C 391 45.25 -19.52 4.31
CA ARG C 391 43.82 -19.79 4.25
C ARG C 391 43.22 -18.96 3.14
N PRO C 392 43.05 -19.56 1.97
CA PRO C 392 42.47 -18.81 0.85
C PRO C 392 40.99 -18.56 1.05
N PHE C 393 40.43 -17.61 0.31
CA PHE C 393 39.01 -17.31 0.36
C PHE C 393 38.46 -16.99 -1.02
N GLY C 394 37.51 -17.80 -1.48
CA GLY C 394 36.91 -17.56 -2.78
C GLY C 394 37.94 -17.51 -3.88
N LYS C 395 38.13 -16.33 -4.46
CA LYS C 395 39.10 -16.12 -5.51
C LYS C 395 40.34 -15.38 -5.00
N LEU C 396 40.61 -15.51 -3.70
CA LEU C 396 41.76 -14.82 -3.10
C LEU C 396 42.74 -15.76 -2.37
N ILE C 397 43.99 -15.76 -2.79
CA ILE C 397 45.05 -16.41 -2.02
C ILE C 397 45.92 -15.30 -1.51
N TYR C 398 45.81 -14.97 -0.24
CA TYR C 398 46.48 -13.79 0.27
C TYR C 398 47.35 -14.13 1.48
N LEU C 399 48.34 -13.27 1.71
CA LEU C 399 49.26 -13.44 2.81
C LEU C 399 49.29 -12.18 3.66
N MET C 400 49.23 -12.38 4.97
CA MET C 400 49.37 -11.30 5.92
C MET C 400 50.07 -11.86 7.13
N PRO C 401 51.39 -12.09 7.00
CA PRO C 401 52.19 -12.75 8.03
C PRO C 401 52.39 -11.83 9.21
N PRO C 402 52.72 -12.38 10.38
CA PRO C 402 53.15 -11.56 11.52
C PRO C 402 54.35 -10.71 11.16
N TYR C 403 54.51 -9.57 11.82
CA TYR C 403 55.56 -8.62 11.49
C TYR C 403 56.97 -9.20 11.73
N ILE C 404 57.04 -10.23 12.58
CA ILE C 404 58.31 -10.82 12.99
C ILE C 404 58.71 -12.00 12.10
N ILE C 405 58.00 -12.17 10.99
CA ILE C 405 58.28 -13.31 10.15
C ILE C 405 59.68 -13.16 9.56
N LEU C 406 60.41 -14.27 9.57
CA LEU C 406 61.77 -14.34 9.04
C LEU C 406 61.69 -14.43 7.53
N PRO C 407 62.71 -13.90 6.84
CA PRO C 407 62.69 -13.88 5.36
C PRO C 407 62.50 -15.28 4.77
N GLN C 408 63.15 -16.28 5.36
CA GLN C 408 63.05 -17.64 4.84
C GLN C 408 61.67 -18.22 5.08
N GLN C 409 61.02 -17.74 6.15
CA GLN C 409 59.65 -18.11 6.41
C GLN C 409 58.73 -17.47 5.38
N LEU C 410 58.94 -16.17 5.14
CA LEU C 410 58.13 -15.44 4.16
C LEU C 410 58.30 -16.03 2.78
N GLN C 411 59.54 -16.43 2.47
CA GLN C 411 59.82 -17.00 1.18
C GLN C 411 59.07 -18.32 1.02
N ARG C 412 59.05 -19.14 2.06
CA ARG C 412 58.25 -20.38 2.03
C ARG C 412 56.76 -20.11 1.73
N LEU C 413 56.22 -19.01 2.26
CA LEU C 413 54.82 -18.62 2.00
C LEU C 413 54.61 -18.21 0.54
N THR C 414 55.43 -17.27 0.08
CA THR C 414 55.31 -16.76 -1.27
C THR C 414 55.56 -17.87 -2.28
N ALA C 415 56.49 -18.75 -1.94
CA ALA C 415 56.81 -19.89 -2.78
C ALA C 415 55.60 -20.81 -2.90
N ALA C 416 54.93 -21.04 -1.77
CA ALA C 416 53.74 -21.90 -1.76
C ALA C 416 52.62 -21.27 -2.57
N VAL C 417 52.47 -19.94 -2.46
CA VAL C 417 51.43 -19.25 -3.21
C VAL C 417 51.66 -19.41 -4.71
N ASN C 418 52.90 -19.18 -5.15
CA ASN C 418 53.27 -19.33 -6.54
C ASN C 418 53.03 -20.73 -7.07
N ARG C 419 53.34 -21.75 -6.28
CA ARG C 419 53.10 -23.12 -6.75
C ARG C 419 51.62 -23.47 -6.88
N ALA C 420 50.80 -22.94 -5.98
CA ALA C 420 49.39 -23.30 -5.96
C ALA C 420 48.66 -22.81 -7.21
N VAL C 421 49.04 -21.63 -7.69
CA VAL C 421 48.38 -21.02 -8.84
C VAL C 421 48.86 -21.60 -10.18
N GLN C 422 49.89 -22.45 -10.15
CA GLN C 422 50.35 -23.13 -11.37
C GLN C 422 49.39 -24.26 -11.72
N ASP C 423 48.83 -24.85 -10.66
CA ASP C 423 47.96 -26.02 -10.78
C ASP C 423 46.50 -25.59 -10.71
N GLU C 424 45.74 -26.04 -11.69
CA GLU C 424 44.33 -25.69 -11.75
C GLU C 424 43.51 -26.68 -10.95
N THR C 425 44.16 -27.69 -10.38
CA THR C 425 43.45 -28.69 -9.59
C THR C 425 42.90 -28.05 -8.31
N PHE C 426 43.47 -26.91 -7.96
CA PHE C 426 43.08 -26.19 -6.75
C PHE C 426 42.02 -25.15 -7.09
N PHE C 427 41.33 -25.38 -8.20
CA PHE C 427 40.34 -24.43 -8.67
C PHE C 427 39.10 -25.12 -9.24
N CYS C 428 37.96 -24.42 -9.12
CA CYS C 428 36.67 -24.91 -9.60
C CYS C 428 36.23 -24.14 -10.85
N GLN C 429 36.04 -24.88 -11.93
CA GLN C 429 35.63 -24.31 -13.20
C GLN C 429 34.34 -24.98 -13.70
N ALA D 1 44.68 3.22 40.88
CA ALA D 1 45.22 4.26 40.03
C ALA D 1 45.31 5.64 40.73
N THR D 2 45.95 6.62 40.09
CA THR D 2 46.04 7.97 40.64
C THR D 2 44.75 8.74 40.44
N THR D 3 44.72 9.98 40.92
CA THR D 3 43.56 10.84 40.65
C THR D 3 43.66 11.40 39.22
N ASP D 4 44.81 11.29 38.59
CA ASP D 4 44.94 11.81 37.23
C ASP D 4 44.42 10.77 36.26
N ASP D 5 44.63 9.51 36.61
CA ASP D 5 44.02 8.42 35.89
C ASP D 5 42.51 8.61 35.89
N LEU D 6 41.94 8.81 37.07
CA LEU D 6 40.51 9.01 37.21
C LEU D 6 40.01 10.21 36.40
N ALA D 7 40.85 11.23 36.25
CA ALA D 7 40.45 12.40 35.48
C ALA D 7 40.45 12.06 34.00
N PHE D 8 41.41 11.22 33.56
CA PHE D 8 41.44 10.77 32.17
C PHE D 8 40.26 9.83 31.89
N ASP D 9 39.98 8.94 32.85
CA ASP D 9 38.86 8.02 32.70
C ASP D 9 37.58 8.80 32.50
N GLN D 10 37.38 9.77 33.40
CA GLN D 10 36.22 10.60 33.35
C GLN D 10 36.17 11.38 32.03
N ARG D 11 37.33 11.79 31.56
CA ARG D 11 37.34 12.71 30.43
C ARG D 11 37.31 11.99 29.08
N HIS D 12 37.70 10.72 29.04
CA HIS D 12 37.90 10.06 27.73
C HIS D 12 37.24 8.72 27.58
N ILE D 13 36.83 8.10 28.69
CA ILE D 13 36.44 6.68 28.69
C ILE D 13 34.97 6.41 28.96
N TRP D 14 34.28 5.83 27.99
CA TRP D 14 32.89 5.45 28.24
C TRP D 14 32.83 4.26 29.16
N HIS D 15 31.82 4.21 29.99
CA HIS D 15 31.55 3.01 30.74
C HIS D 15 30.16 2.61 30.27
N PRO D 16 29.64 1.45 30.70
CA PRO D 16 28.33 1.06 30.17
C PRO D 16 27.19 2.10 30.37
N TYR D 17 26.52 2.49 29.28
CA TYR D 17 25.39 3.42 29.35
C TYR D 17 25.78 4.64 30.14
N THR D 18 26.81 5.33 29.68
CA THR D 18 27.31 6.46 30.41
C THR D 18 27.27 7.76 29.58
N SER D 19 27.30 8.90 30.26
CA SER D 19 27.38 10.18 29.57
C SER D 19 28.80 10.65 29.52
N MET D 20 29.20 11.19 28.37
CA MET D 20 30.54 11.75 28.23
C MET D 20 30.54 13.21 28.64
N THR D 21 29.34 13.80 28.67
CA THR D 21 29.15 15.19 29.07
C THR D 21 29.18 15.33 30.57
N SER D 22 28.39 14.52 31.25
CA SER D 22 28.31 14.55 32.71
C SER D 22 28.52 13.17 33.30
N PRO D 23 29.77 12.67 33.25
CA PRO D 23 29.98 11.30 33.74
C PRO D 23 29.93 11.21 35.26
N LEU D 24 29.43 10.07 35.73
CA LEU D 24 29.37 9.80 37.15
C LEU D 24 30.71 9.24 37.63
N PRO D 25 30.96 9.29 38.94
CA PRO D 25 32.22 8.75 39.43
C PRO D 25 32.27 7.24 39.28
N VAL D 26 33.45 6.72 38.98
CA VAL D 26 33.69 5.29 38.99
C VAL D 26 34.80 4.99 39.98
N TYR D 27 34.75 3.82 40.59
CA TYR D 27 35.74 3.46 41.59
C TYR D 27 36.89 2.68 40.99
N PRO D 28 38.12 3.11 41.27
CA PRO D 28 39.26 2.38 40.72
C PRO D 28 39.52 1.09 41.48
N VAL D 29 39.45 -0.04 40.79
CA VAL D 29 39.75 -1.36 41.38
C VAL D 29 41.10 -1.86 40.89
N VAL D 30 41.95 -2.32 41.79
CA VAL D 30 43.28 -2.73 41.36
C VAL D 30 43.41 -4.23 41.29
N SER D 31 42.63 -4.93 42.11
CA SER D 31 42.65 -6.39 42.08
C SER D 31 41.42 -6.94 42.76
N ALA D 32 41.32 -8.26 42.77
CA ALA D 32 40.19 -8.90 43.39
C ALA D 32 40.57 -10.32 43.74
N GLU D 33 39.95 -10.84 44.78
CA GLU D 33 40.22 -12.18 45.23
C GLU D 33 39.03 -12.62 46.06
N GLY D 34 38.67 -13.88 45.93
CA GLY D 34 37.50 -14.42 46.59
C GLY D 34 36.28 -13.65 46.16
N CYS D 35 35.56 -13.10 47.13
CA CYS D 35 34.42 -12.27 46.81
C CYS D 35 34.73 -10.82 47.14
N GLU D 36 36.00 -10.46 47.01
CA GLU D 36 36.38 -9.10 47.32
C GLU D 36 37.03 -8.37 46.17
N LEU D 37 36.57 -7.14 45.99
CA LEU D 37 37.21 -6.20 45.09
C LEU D 37 38.13 -5.31 45.92
N ILE D 38 39.32 -5.09 45.41
CA ILE D 38 40.29 -4.25 46.09
C ILE D 38 40.47 -2.95 45.36
N LEU D 39 40.08 -1.87 46.02
CA LEU D 39 40.16 -0.55 45.41
C LEU D 39 41.60 -0.09 45.42
N SER D 40 41.86 1.01 44.73
CA SER D 40 43.19 1.59 44.65
C SER D 40 43.75 1.91 46.04
N ASP D 41 42.89 2.41 46.92
CA ASP D 41 43.30 2.83 48.24
C ASP D 41 43.36 1.66 49.21
N GLY D 42 43.19 0.45 48.68
CA GLY D 42 43.36 -0.75 49.50
C GLY D 42 42.08 -1.23 50.15
N ARG D 43 41.05 -0.37 50.17
CA ARG D 43 39.76 -0.74 50.76
C ARG D 43 39.16 -1.94 50.07
N ARG D 44 38.57 -2.85 50.85
CA ARG D 44 37.99 -4.06 50.29
C ARG D 44 36.47 -4.07 50.27
N LEU D 45 35.92 -4.41 49.11
CA LEU D 45 34.47 -4.47 48.95
C LEU D 45 34.04 -5.92 48.76
N VAL D 46 33.03 -6.36 49.50
CA VAL D 46 32.47 -7.67 49.23
C VAL D 46 31.63 -7.55 47.96
N ASP D 47 31.92 -8.39 46.98
CA ASP D 47 31.24 -8.28 45.70
C ASP D 47 29.87 -8.92 45.72
N GLY D 48 28.85 -8.11 45.50
CA GLY D 48 27.49 -8.63 45.45
C GLY D 48 26.95 -8.83 44.04
N MET D 49 27.75 -8.49 43.04
CA MET D 49 27.28 -8.45 41.66
C MET D 49 27.85 -9.57 40.77
N SER D 50 28.92 -10.22 41.20
CA SER D 50 29.61 -11.22 40.38
C SER D 50 30.02 -10.62 39.03
N SER D 51 30.32 -9.32 39.05
CA SER D 51 30.60 -8.59 37.82
C SER D 51 29.51 -8.81 36.79
N TRP D 52 28.26 -8.62 37.23
CA TRP D 52 27.09 -8.87 36.41
C TRP D 52 27.01 -10.35 36.03
N TRP D 53 26.57 -11.17 37.00
CA TRP D 53 26.25 -12.59 36.84
C TRP D 53 27.43 -13.53 36.70
N ALA D 54 28.43 -13.09 35.95
CA ALA D 54 29.43 -13.97 35.36
C ALA D 54 30.44 -14.59 36.30
N ALA D 55 30.89 -13.87 37.32
CA ALA D 55 32.01 -14.35 38.14
C ALA D 55 31.51 -15.24 39.26
N ILE D 56 30.87 -16.35 38.91
CA ILE D 56 30.25 -17.23 39.88
C ILE D 56 31.28 -17.93 40.76
N HIS D 57 32.52 -17.97 40.32
CA HIS D 57 33.57 -18.59 41.11
C HIS D 57 34.37 -17.55 41.88
N GLY D 58 33.86 -16.32 41.90
CA GLY D 58 34.55 -15.26 42.58
C GLY D 58 35.75 -14.89 41.78
N TYR D 59 36.76 -14.32 42.43
CA TYR D 59 37.91 -13.76 41.75
C TYR D 59 39.20 -14.45 42.15
N ASN D 60 40.19 -14.36 41.26
CA ASN D 60 41.48 -14.98 41.45
C ASN D 60 41.34 -16.41 41.89
N HIS D 61 40.44 -17.13 41.24
CA HIS D 61 40.26 -18.53 41.52
C HIS D 61 41.45 -19.27 40.96
N PRO D 62 42.14 -20.07 41.81
CA PRO D 62 43.38 -20.74 41.42
C PRO D 62 43.26 -21.65 40.20
N GLN D 63 42.15 -22.38 40.08
CA GLN D 63 41.92 -23.30 38.95
C GLN D 63 41.64 -22.60 37.64
N LEU D 64 40.84 -21.54 37.71
CA LEU D 64 40.61 -20.67 36.57
C LEU D 64 41.95 -20.07 36.17
N ASN D 65 42.67 -19.54 37.15
CA ASN D 65 43.94 -18.91 36.89
C ASN D 65 44.95 -19.86 36.26
N ALA D 66 45.02 -21.09 36.79
CA ALA D 66 45.98 -22.05 36.28
C ALA D 66 45.64 -22.44 34.85
N ALA D 67 44.35 -22.66 34.57
CA ALA D 67 43.91 -23.08 33.25
C ALA D 67 44.28 -22.02 32.21
N MET D 68 44.07 -20.77 32.58
CA MET D 68 44.36 -19.64 31.71
C MET D 68 45.85 -19.50 31.47
N LYS D 69 46.65 -19.60 32.52
CA LYS D 69 48.10 -19.47 32.35
C LYS D 69 48.61 -20.60 31.49
N SER D 70 48.07 -21.79 31.73
CA SER D 70 48.48 -22.95 30.97
C SER D 70 48.20 -22.78 29.47
N GLN D 71 47.00 -22.29 29.12
CA GLN D 71 46.65 -22.15 27.70
C GLN D 71 47.49 -21.09 27.03
N ILE D 72 47.81 -20.04 27.76
CA ILE D 72 48.74 -19.04 27.26
C ILE D 72 50.05 -19.69 26.82
N ASP D 73 50.51 -20.68 27.59
CA ASP D 73 51.76 -21.36 27.24
C ASP D 73 51.62 -22.09 25.90
N ALA D 74 50.45 -22.70 25.67
CA ALA D 74 50.21 -23.38 24.40
C ALA D 74 50.00 -22.36 23.32
N MET D 75 48.93 -21.57 23.48
CA MET D 75 48.54 -20.46 22.60
C MET D 75 47.30 -19.73 23.10
N SER D 76 47.38 -18.41 23.26
CA SER D 76 46.21 -17.67 23.71
C SER D 76 45.15 -17.80 22.68
N HIS D 77 45.61 -17.72 21.45
CA HIS D 77 44.70 -17.72 20.33
C HIS D 77 45.28 -18.19 19.03
N VAL D 78 44.43 -18.85 18.26
CA VAL D 78 44.66 -19.18 16.88
C VAL D 78 43.28 -19.13 16.24
N MET D 79 43.23 -18.79 14.96
CA MET D 79 41.96 -18.70 14.24
C MET D 79 41.25 -20.02 14.21
N PHE D 80 39.94 -19.98 13.95
CA PHE D 80 39.12 -21.18 14.02
C PHE D 80 38.71 -21.63 12.62
N GLY D 81 39.13 -20.88 11.61
CA GLY D 81 38.85 -21.22 10.24
C GLY D 81 39.79 -22.28 9.68
N GLY D 82 39.27 -23.47 9.49
CA GLY D 82 40.06 -24.59 9.00
C GLY D 82 40.96 -25.16 10.07
N ILE D 83 40.77 -24.67 11.29
CA ILE D 83 41.57 -25.10 12.43
C ILE D 83 40.68 -25.41 13.63
N THR D 84 40.98 -26.48 14.32
CA THR D 84 40.34 -26.72 15.60
C THR D 84 41.45 -26.93 16.60
N HIS D 85 41.09 -26.96 17.86
CA HIS D 85 42.09 -27.12 18.88
C HIS D 85 41.43 -27.75 20.09
N ALA D 86 42.24 -28.25 21.01
CA ALA D 86 41.72 -29.00 22.13
C ALA D 86 40.78 -28.15 23.01
N PRO D 87 41.16 -26.90 23.34
CA PRO D 87 40.25 -26.16 24.22
C PRO D 87 38.83 -25.99 23.67
N ALA D 88 38.66 -25.69 22.38
CA ALA D 88 37.32 -25.57 21.81
C ALA D 88 36.60 -26.91 21.80
N ILE D 89 37.32 -27.99 21.47
CA ILE D 89 36.69 -29.31 21.41
C ILE D 89 36.23 -29.74 22.81
N GLU D 90 37.11 -29.63 23.79
CA GLU D 90 36.72 -29.96 25.15
C GLU D 90 35.52 -29.11 25.61
N LEU D 91 35.51 -27.80 25.34
CA LEU D 91 34.41 -26.94 25.78
C LEU D 91 33.11 -27.39 25.14
N CYS D 92 33.15 -27.70 23.86
CA CYS D 92 31.95 -28.12 23.17
C CYS D 92 31.49 -29.51 23.63
N ARG D 93 32.43 -30.40 23.95
CA ARG D 93 32.05 -31.69 24.56
C ARG D 93 31.30 -31.47 25.86
N LYS D 94 31.85 -30.63 26.73
CA LYS D 94 31.19 -30.33 28.00
C LYS D 94 29.81 -29.73 27.79
N LEU D 95 29.70 -28.79 26.85
CA LEU D 95 28.46 -28.06 26.66
C LEU D 95 27.40 -29.01 26.15
N VAL D 96 27.76 -29.82 25.16
CA VAL D 96 26.83 -30.79 24.62
C VAL D 96 26.41 -31.77 25.71
N ALA D 97 27.36 -32.17 26.54
CA ALA D 97 27.08 -33.14 27.59
C ALA D 97 26.08 -32.61 28.61
N MET D 98 26.17 -31.33 28.99
CA MET D 98 25.38 -30.80 30.12
C MET D 98 24.07 -30.14 29.71
N THR D 99 23.88 -29.88 28.42
CA THR D 99 22.64 -29.25 27.99
C THR D 99 21.63 -30.33 27.58
N PRO D 100 20.33 -29.99 27.56
CA PRO D 100 19.28 -30.90 27.12
C PRO D 100 19.66 -31.71 25.88
N GLN D 101 19.29 -32.99 25.82
CA GLN D 101 19.77 -33.92 24.78
C GLN D 101 19.71 -33.42 23.33
N PRO D 102 18.59 -32.79 22.93
CA PRO D 102 18.50 -32.43 21.50
C PRO D 102 19.54 -31.38 21.09
N LEU D 103 20.10 -30.67 22.06
CA LEU D 103 21.10 -29.66 21.75
C LEU D 103 22.47 -30.30 21.56
N GLU D 104 22.93 -30.34 20.32
CA GLU D 104 24.19 -30.98 20.07
C GLU D 104 25.06 -30.29 19.02
N CYS D 105 24.65 -29.11 18.57
CA CYS D 105 25.51 -28.35 17.67
C CYS D 105 25.91 -27.01 18.26
N VAL D 106 27.22 -26.77 18.35
CA VAL D 106 27.69 -25.62 19.09
C VAL D 106 28.36 -24.61 18.21
N PHE D 107 27.90 -23.37 18.33
CA PHE D 107 28.53 -22.22 17.70
C PHE D 107 29.13 -21.37 18.77
N LEU D 108 30.45 -21.32 18.82
CA LEU D 108 31.11 -20.43 19.77
C LEU D 108 31.21 -19.00 19.24
N ALA D 109 30.95 -18.02 20.11
CA ALA D 109 31.13 -16.63 19.72
C ALA D 109 31.76 -15.85 20.87
N ASP D 110 31.84 -14.54 20.74
CA ASP D 110 32.65 -13.76 21.65
C ASP D 110 31.87 -13.00 22.70
N SER D 111 30.60 -12.70 22.43
CA SER D 111 29.83 -11.98 23.42
C SER D 111 28.36 -12.45 23.44
N GLY D 112 27.66 -12.11 24.50
CA GLY D 112 26.25 -12.46 24.62
C GLY D 112 25.42 -11.98 23.45
N SER D 113 25.58 -10.71 23.10
CA SER D 113 24.81 -10.11 22.03
C SER D 113 25.00 -10.87 20.76
N VAL D 114 26.25 -11.23 20.49
CA VAL D 114 26.57 -11.94 19.26
C VAL D 114 25.93 -13.33 19.32
N ALA D 115 25.96 -13.98 20.48
CA ALA D 115 25.35 -15.31 20.59
C ALA D 115 23.86 -15.23 20.31
N VAL D 116 23.23 -14.15 20.79
CA VAL D 116 21.80 -13.93 20.57
C VAL D 116 21.57 -13.65 19.08
N GLU D 117 22.40 -12.82 18.47
CA GLU D 117 22.21 -12.55 17.04
C GLU D 117 22.44 -13.80 16.24
N VAL D 118 23.35 -14.65 16.71
CA VAL D 118 23.59 -15.91 16.10
C VAL D 118 22.33 -16.77 16.22
N ALA D 119 21.72 -16.75 17.39
CA ALA D 119 20.49 -17.52 17.59
C ALA D 119 19.42 -16.99 16.67
N MET D 120 19.30 -15.67 16.57
CA MET D 120 18.31 -15.11 15.68
C MET D 120 18.60 -15.47 14.23
N LYS D 121 19.86 -15.39 13.80
CA LYS D 121 20.20 -15.79 12.42
C LYS D 121 19.93 -17.26 12.15
N MET D 122 20.18 -18.11 13.14
CA MET D 122 19.84 -19.51 13.01
C MET D 122 18.36 -19.69 12.73
N ALA D 123 17.53 -18.97 13.49
CA ALA D 123 16.08 -19.08 13.29
C ALA D 123 15.70 -18.60 11.90
N LEU D 124 16.30 -17.48 11.48
CA LEU D 124 15.98 -16.91 10.17
C LEU D 124 16.44 -17.83 9.03
N GLN D 125 17.67 -18.30 9.07
CA GLN D 125 18.16 -19.20 8.03
C GLN D 125 17.39 -20.54 8.02
N TYR D 126 16.95 -20.98 9.20
CA TYR D 126 16.16 -22.20 9.34
C TYR D 126 14.92 -22.15 8.48
N TRP D 127 14.17 -21.07 8.60
CA TRP D 127 12.92 -20.92 7.85
C TRP D 127 13.16 -20.62 6.39
N GLN D 128 14.24 -19.90 6.10
CA GLN D 128 14.64 -19.63 4.73
C GLN D 128 14.86 -20.95 3.99
N ALA D 129 15.45 -21.92 4.69
CA ALA D 129 15.75 -23.22 4.11
C ALA D 129 14.48 -24.08 3.92
N LYS D 130 13.45 -23.79 4.70
CA LYS D 130 12.20 -24.54 4.59
C LYS D 130 11.27 -23.79 3.65
N GLY D 131 11.77 -22.66 3.11
CA GLY D 131 11.02 -21.90 2.14
C GLY D 131 9.89 -21.01 2.65
N GLU D 132 9.90 -20.68 3.93
CA GLU D 132 8.94 -19.74 4.50
C GLU D 132 9.65 -18.49 5.01
N ALA D 133 9.64 -17.40 4.25
CA ALA D 133 10.30 -16.15 4.67
C ALA D 133 9.89 -15.53 6.03
N ARG D 134 9.75 -16.33 7.09
CA ARG D 134 9.46 -15.84 8.46
C ARG D 134 10.59 -14.98 9.03
N GLN D 135 10.25 -13.77 9.48
CA GLN D 135 11.26 -12.83 9.94
C GLN D 135 11.01 -12.19 11.30
N ARG D 136 9.85 -12.44 11.88
CA ARG D 136 9.51 -11.80 13.14
C ARG D 136 9.82 -12.70 14.32
N PHE D 137 10.19 -12.08 15.44
CA PHE D 137 10.39 -12.83 16.66
C PHE D 137 9.32 -12.45 17.68
N LEU D 138 8.83 -13.43 18.40
CA LEU D 138 7.87 -13.21 19.45
C LEU D 138 8.59 -13.32 20.78
N THR D 139 8.51 -12.29 21.58
CA THR D 139 9.13 -12.35 22.88
C THR D 139 8.23 -11.73 23.92
N PHE D 140 8.76 -11.67 25.14
CA PHE D 140 8.12 -11.03 26.27
C PHE D 140 8.54 -9.58 26.37
N ARG D 141 7.69 -8.77 27.01
CA ARG D 141 8.12 -7.48 27.47
C ARG D 141 9.09 -7.71 28.62
N ASN D 142 9.89 -6.69 28.92
CA ASN D 142 10.94 -6.77 29.93
C ASN D 142 12.06 -7.76 29.60
N GLY D 143 12.20 -8.12 28.33
CA GLY D 143 13.32 -8.95 27.94
C GLY D 143 14.55 -8.10 27.69
N TYR D 144 15.72 -8.67 27.96
CA TYR D 144 16.98 -8.03 27.57
C TYR D 144 17.91 -9.06 26.99
N HIS D 145 18.43 -8.76 25.80
CA HIS D 145 19.27 -9.69 25.10
C HIS D 145 20.52 -9.03 24.56
N GLY D 146 20.75 -7.78 24.90
CA GLY D 146 21.97 -7.13 24.46
C GLY D 146 21.76 -5.85 23.68
N ASP D 147 22.86 -5.22 23.31
CA ASP D 147 22.85 -3.87 22.80
C ASP D 147 23.14 -3.78 21.30
N THR D 148 23.51 -4.88 20.68
CA THR D 148 23.65 -4.86 19.23
C THR D 148 22.25 -4.80 18.66
N PHE D 149 22.13 -4.34 17.42
CA PHE D 149 20.82 -4.01 16.84
C PHE D 149 19.88 -5.18 16.76
N GLY D 150 20.40 -6.34 16.42
CA GLY D 150 19.56 -7.53 16.36
C GLY D 150 19.00 -7.81 17.74
N ALA D 151 19.87 -7.79 18.74
CA ALA D 151 19.48 -8.03 20.10
C ALA D 151 18.52 -6.95 20.61
N MET D 152 18.76 -5.69 20.25
CA MET D 152 17.89 -4.59 20.66
C MET D 152 16.46 -4.81 20.21
N SER D 153 16.31 -5.35 19.02
CA SER D 153 15.01 -5.49 18.38
C SER D 153 14.07 -6.50 19.06
N VAL D 154 14.61 -7.28 20.00
CA VAL D 154 13.84 -8.20 20.83
C VAL D 154 13.99 -7.87 22.30
N CYS D 155 14.57 -6.70 22.58
CA CYS D 155 14.58 -6.16 23.94
C CYS D 155 13.28 -5.41 24.17
N ASP D 156 12.92 -5.22 25.43
CA ASP D 156 11.74 -4.43 25.75
C ASP D 156 11.78 -3.10 25.04
N PRO D 157 10.72 -2.79 24.30
CA PRO D 157 10.69 -1.61 23.42
C PRO D 157 10.62 -0.29 24.18
N ASP D 158 10.33 -0.33 25.47
CA ASP D 158 10.25 0.89 26.26
C ASP D 158 11.53 1.14 27.03
N ASN D 159 11.99 0.12 27.75
CA ASN D 159 13.23 0.21 28.52
C ASN D 159 14.43 0.55 27.62
N SER D 160 14.46 -0.13 26.46
CA SER D 160 15.50 -0.01 25.45
C SER D 160 15.32 1.23 24.61
N MET D 161 14.37 2.07 25.03
CA MET D 161 14.02 3.30 24.35
C MET D 161 14.00 3.14 22.84
N HIS D 162 13.35 2.06 22.41
CA HIS D 162 13.18 1.75 21.00
C HIS D 162 12.38 2.89 20.35
N SER D 163 11.81 3.77 21.18
CA SER D 163 11.21 5.01 20.68
C SER D 163 12.25 5.79 19.86
N LEU D 164 13.51 5.71 20.27
CA LEU D 164 14.59 6.35 19.54
C LEU D 164 15.08 5.45 18.40
N TRP D 165 14.73 4.17 18.44
CA TRP D 165 15.17 3.21 17.42
C TRP D 165 14.02 2.71 16.53
N LYS D 166 12.78 3.00 16.94
CA LYS D 166 11.59 2.65 16.15
C LYS D 166 11.66 3.30 14.79
N GLY D 167 12.12 2.51 13.82
CA GLY D 167 12.40 3.00 12.49
C GLY D 167 13.59 2.23 11.97
N TYR D 168 14.57 2.00 12.84
CA TYR D 168 15.71 1.20 12.43
C TYR D 168 15.44 -0.25 12.78
N LEU D 169 14.99 -0.47 14.01
CA LEU D 169 14.71 -1.81 14.48
C LEU D 169 13.43 -2.34 13.86
N PRO D 170 13.52 -3.52 13.24
CA PRO D 170 12.29 -4.18 12.75
C PRO D 170 11.37 -4.42 13.92
N GLU D 171 10.06 -4.33 13.70
CA GLU D 171 9.13 -4.46 14.80
C GLU D 171 8.86 -5.92 15.03
N ASN D 172 9.28 -6.42 16.18
CA ASN D 172 8.98 -7.78 16.53
C ASN D 172 7.73 -7.75 17.40
N LEU D 173 7.32 -8.92 17.87
CA LEU D 173 6.08 -9.03 18.64
C LEU D 173 6.36 -9.16 20.13
N PHE D 174 5.68 -8.35 20.95
CA PHE D 174 5.91 -8.40 22.38
C PHE D 174 4.68 -8.75 23.22
N ALA D 175 4.61 -9.98 23.68
CA ALA D 175 3.59 -10.40 24.63
C ALA D 175 3.77 -9.65 25.92
N PRO D 176 2.72 -9.57 26.73
CA PRO D 176 2.89 -8.92 28.03
C PRO D 176 3.96 -9.61 28.88
N ALA D 177 4.59 -8.87 29.77
CA ALA D 177 5.56 -9.46 30.67
C ALA D 177 4.82 -10.53 31.45
N PRO D 178 5.44 -11.71 31.58
CA PRO D 178 4.86 -12.84 32.31
C PRO D 178 4.55 -12.43 33.74
N GLN D 179 3.30 -12.55 34.17
CA GLN D 179 2.92 -12.00 35.47
C GLN D 179 3.02 -13.03 36.60
N SER D 180 2.74 -14.30 36.30
CA SER D 180 2.79 -15.34 37.33
C SER D 180 4.16 -15.45 37.93
N ARG D 181 4.26 -15.33 39.25
CA ARG D 181 5.56 -15.31 39.89
C ARG D 181 6.12 -16.71 40.03
N MET D 182 7.37 -16.82 40.46
CA MET D 182 8.00 -18.12 40.48
C MET D 182 7.78 -18.72 41.87
N ASP D 183 7.34 -17.88 42.79
CA ASP D 183 7.13 -18.29 44.18
C ASP D 183 5.63 -18.47 44.31
N GLY D 184 4.97 -18.16 43.20
CA GLY D 184 3.55 -17.91 43.12
C GLY D 184 2.82 -18.90 42.27
N GLU D 185 1.56 -19.11 42.60
CA GLU D 185 0.65 -19.85 41.72
C GLU D 185 0.52 -19.34 40.28
N TRP D 186 0.47 -20.31 39.37
CA TRP D 186 0.24 -20.00 37.97
C TRP D 186 -1.19 -19.50 37.80
N ASP D 187 -1.34 -18.47 36.99
CA ASP D 187 -2.64 -17.91 36.66
C ASP D 187 -2.86 -18.05 35.18
N GLU D 188 -3.93 -18.73 34.80
CA GLU D 188 -4.18 -19.05 33.41
C GLU D 188 -4.37 -17.81 32.52
N ARG D 189 -4.86 -16.72 33.09
CA ARG D 189 -5.10 -15.50 32.32
C ARG D 189 -3.81 -14.85 31.78
N ASP D 190 -2.67 -15.25 32.36
CA ASP D 190 -1.33 -14.79 32.00
C ASP D 190 -1.06 -14.99 30.52
N MET D 191 -1.59 -16.10 30.01
CA MET D 191 -1.31 -16.58 28.68
C MET D 191 -2.12 -15.90 27.56
N VAL D 192 -3.16 -15.15 27.90
CA VAL D 192 -4.11 -14.71 26.85
C VAL D 192 -3.41 -13.83 25.79
N GLY D 193 -2.64 -12.83 26.22
CA GLY D 193 -1.95 -11.96 25.29
C GLY D 193 -0.95 -12.72 24.43
N PHE D 194 -0.20 -13.63 25.05
CA PHE D 194 0.79 -14.39 24.32
C PHE D 194 0.11 -15.24 23.28
N ALA D 195 -0.90 -15.99 23.70
CA ALA D 195 -1.62 -16.85 22.78
C ALA D 195 -2.21 -16.02 21.64
N ARG D 196 -2.79 -14.87 22.00
CA ARG D 196 -3.47 -14.02 21.03
C ARG D 196 -2.50 -13.52 19.98
N LEU D 197 -1.32 -13.09 20.42
CA LEU D 197 -0.29 -12.61 19.50
C LEU D 197 0.14 -13.75 18.60
N MET D 198 0.31 -14.91 19.23
CA MET D 198 0.67 -16.11 18.51
C MET D 198 -0.36 -16.40 17.43
N ALA D 199 -1.63 -16.48 17.81
CA ALA D 199 -2.72 -16.79 16.86
C ALA D 199 -2.69 -15.84 15.67
N ALA D 200 -2.46 -14.55 15.96
CA ALA D 200 -2.53 -13.52 14.95
C ALA D 200 -1.34 -13.46 13.98
N HIS D 201 -0.19 -13.99 14.36
CA HIS D 201 1.01 -13.81 13.55
C HIS D 201 1.79 -15.10 13.37
N ARG D 202 1.19 -16.22 13.77
CA ARG D 202 1.91 -17.49 13.83
C ARG D 202 2.65 -17.85 12.57
N HIS D 203 2.26 -17.26 11.45
CA HIS D 203 2.89 -17.62 10.18
C HIS D 203 4.09 -16.77 9.87
N GLU D 204 4.25 -15.66 10.58
CA GLU D 204 5.42 -14.82 10.31
C GLU D 204 6.45 -14.90 11.44
N ILE D 205 6.20 -15.76 12.43
CA ILE D 205 7.09 -15.91 13.58
C ILE D 205 8.18 -16.98 13.38
N ALA D 206 9.43 -16.53 13.28
CA ALA D 206 10.56 -17.43 13.12
C ALA D 206 10.87 -18.14 14.42
N ALA D 207 10.80 -17.41 15.53
CA ALA D 207 11.12 -18.01 16.82
C ALA D 207 10.54 -17.22 17.96
N VAL D 208 10.39 -17.89 19.10
CA VAL D 208 10.08 -17.25 20.36
C VAL D 208 11.42 -17.17 21.05
N ILE D 209 11.79 -15.99 21.55
CA ILE D 209 13.05 -15.85 22.28
C ILE D 209 12.71 -15.29 23.66
N ILE D 210 13.21 -15.95 24.71
CA ILE D 210 12.94 -15.52 26.08
C ILE D 210 14.11 -15.81 27.01
N GLU D 211 14.25 -15.01 28.06
CA GLU D 211 15.10 -15.46 29.15
C GLU D 211 14.24 -16.39 30.03
N PRO D 212 14.68 -17.65 30.20
CA PRO D 212 13.86 -18.58 30.99
C PRO D 212 13.83 -18.24 32.46
N ILE D 213 12.62 -18.23 33.02
CA ILE D 213 12.37 -18.06 34.45
C ILE D 213 12.75 -16.68 34.99
N VAL D 214 13.97 -16.24 34.71
CA VAL D 214 14.44 -14.92 35.15
C VAL D 214 14.68 -13.96 34.00
N GLN D 215 13.88 -12.92 33.93
CA GLN D 215 14.15 -11.82 33.02
C GLN D 215 15.11 -10.91 33.73
N GLY D 216 16.38 -10.95 33.34
CA GLY D 216 17.42 -10.34 34.14
C GLY D 216 17.51 -8.84 34.11
N ALA D 217 18.32 -8.33 33.19
CA ALA D 217 18.61 -6.92 33.17
C ALA D 217 17.39 -6.10 32.81
N GLY D 218 16.32 -6.77 32.40
CA GLY D 218 15.10 -6.09 32.00
C GLY D 218 14.14 -5.82 33.15
N GLY D 219 14.53 -6.24 34.34
CA GLY D 219 13.67 -6.02 35.51
C GLY D 219 13.82 -7.04 36.61
N MET D 220 14.78 -7.96 36.45
CA MET D 220 15.03 -9.03 37.41
C MET D 220 13.72 -9.68 37.84
N ARG D 221 12.89 -10.04 36.86
CA ARG D 221 11.59 -10.64 37.14
C ARG D 221 11.75 -12.15 37.21
N MET D 222 11.02 -12.77 38.12
CA MET D 222 11.09 -14.20 38.28
C MET D 222 9.69 -14.76 38.12
N TYR D 223 9.44 -15.38 36.97
CA TYR D 223 8.10 -15.78 36.62
C TYR D 223 7.96 -17.30 36.68
N HIS D 224 6.72 -17.78 36.61
CA HIS D 224 6.40 -19.19 36.81
C HIS D 224 6.87 -20.11 35.68
N PRO D 225 7.47 -21.25 36.04
CA PRO D 225 7.97 -22.24 35.06
C PRO D 225 6.88 -22.77 34.13
N GLU D 226 5.62 -22.59 34.51
CA GLU D 226 4.52 -23.05 33.68
C GLU D 226 4.58 -22.35 32.31
N TRP D 227 5.07 -21.10 32.31
CA TRP D 227 5.29 -20.33 31.08
C TRP D 227 6.14 -21.09 30.06
N LEU D 228 7.22 -21.72 30.54
CA LEU D 228 8.10 -22.45 29.64
C LEU D 228 7.45 -23.71 29.09
N LYS D 229 6.71 -24.43 29.93
CA LYS D 229 6.01 -25.62 29.48
C LYS D 229 5.02 -25.24 28.39
N ARG D 230 4.24 -24.20 28.65
CA ARG D 230 3.22 -23.76 27.70
C ARG D 230 3.86 -23.24 26.41
N ILE D 231 4.91 -22.46 26.52
CA ILE D 231 5.58 -21.91 25.34
C ILE D 231 6.22 -23.03 24.52
N ARG D 232 6.77 -24.03 25.19
CA ARG D 232 7.34 -25.18 24.49
C ARG D 232 6.25 -25.91 23.69
N LYS D 233 5.12 -26.17 24.32
CA LYS D 233 4.03 -26.84 23.66
C LYS D 233 3.53 -25.99 22.49
N ILE D 234 3.39 -24.70 22.72
CA ILE D 234 2.93 -23.82 21.66
C ILE D 234 3.92 -23.82 20.53
N CYS D 235 5.20 -23.80 20.87
CA CYS D 235 6.19 -23.77 19.83
C CYS D 235 6.17 -25.07 19.05
N ASP D 236 6.06 -26.18 19.77
CA ASP D 236 5.99 -27.48 19.11
C ASP D 236 4.76 -27.56 18.19
N ARG D 237 3.62 -27.08 18.66
CA ARG D 237 2.39 -27.15 17.88
C ARG D 237 2.53 -26.33 16.61
N GLU D 238 3.23 -25.21 16.70
CA GLU D 238 3.34 -24.30 15.58
C GLU D 238 4.54 -24.59 14.71
N GLY D 239 5.44 -25.45 15.20
CA GLY D 239 6.68 -25.74 14.49
C GLY D 239 7.63 -24.56 14.55
N ILE D 240 7.34 -23.62 15.46
CA ILE D 240 8.14 -22.42 15.69
C ILE D 240 9.35 -22.74 16.59
N LEU D 241 10.52 -22.18 16.27
CA LEU D 241 11.71 -22.41 17.10
C LEU D 241 11.62 -21.69 18.43
N LEU D 242 12.04 -22.35 19.50
CA LEU D 242 12.14 -21.68 20.79
C LEU D 242 13.60 -21.43 21.12
N ILE D 243 13.96 -20.15 21.24
CA ILE D 243 15.27 -19.73 21.69
C ILE D 243 15.25 -19.37 23.17
N ALA D 244 15.97 -20.11 23.97
CA ALA D 244 16.08 -19.78 25.38
C ALA D 244 17.36 -19.01 25.54
N ASP D 245 17.24 -17.74 25.91
CA ASP D 245 18.44 -16.96 26.16
C ASP D 245 18.87 -17.16 27.60
N GLU D 246 19.81 -18.08 27.80
CA GLU D 246 20.31 -18.35 29.14
C GLU D 246 21.67 -17.74 29.39
N ILE D 247 21.95 -16.62 28.73
CA ILE D 247 23.24 -15.96 28.89
C ILE D 247 23.37 -15.50 30.36
N ALA D 248 22.26 -15.11 30.98
CA ALA D 248 22.30 -14.69 32.37
C ALA D 248 22.06 -15.85 33.31
N THR D 249 21.12 -16.71 32.96
CA THR D 249 20.67 -17.76 33.86
C THR D 249 21.52 -19.02 33.86
N GLY D 250 22.37 -19.19 32.85
CA GLY D 250 23.15 -20.40 32.75
C GLY D 250 24.09 -20.64 33.91
N PHE D 251 24.39 -21.92 34.12
CA PHE D 251 25.41 -22.42 35.04
C PHE D 251 25.10 -22.16 36.53
N GLY D 252 23.87 -22.44 36.90
CA GLY D 252 23.47 -22.64 38.28
C GLY D 252 22.81 -21.50 39.00
N ARG D 253 22.86 -20.32 38.42
CA ARG D 253 22.46 -19.15 39.19
C ARG D 253 21.03 -19.25 39.72
N THR D 254 20.14 -19.89 38.97
CA THR D 254 18.75 -19.94 39.43
C THR D 254 18.44 -21.17 40.28
N GLY D 255 19.48 -21.91 40.66
CA GLY D 255 19.32 -23.08 41.47
C GLY D 255 19.38 -24.36 40.67
N LYS D 256 19.05 -24.30 39.39
CA LYS D 256 19.26 -25.43 38.50
C LYS D 256 20.34 -25.06 37.48
N LEU D 257 21.00 -26.07 36.94
CA LEU D 257 22.14 -25.85 36.06
C LEU D 257 21.77 -24.93 34.91
N PHE D 258 20.61 -25.15 34.32
CA PHE D 258 20.06 -24.19 33.39
C PHE D 258 18.63 -23.92 33.79
N ALA D 259 18.21 -22.66 33.67
CA ALA D 259 16.89 -22.26 34.16
C ALA D 259 15.77 -23.02 33.43
N CYS D 260 16.04 -23.55 32.24
CA CYS D 260 15.08 -24.36 31.51
C CYS D 260 14.68 -25.59 32.30
N GLU D 261 15.57 -26.02 33.18
CA GLU D 261 15.31 -27.20 33.97
C GLU D 261 14.15 -27.01 34.94
N HIS D 262 13.88 -25.76 35.31
CA HIS D 262 12.72 -25.40 36.13
C HIS D 262 11.41 -25.81 35.51
N ALA D 263 11.40 -26.02 34.21
CA ALA D 263 10.19 -26.48 33.52
C ALA D 263 10.42 -27.81 32.81
N GLU D 264 11.60 -28.38 32.98
CA GLU D 264 12.01 -29.61 32.30
C GLU D 264 11.72 -29.56 30.80
N ILE D 265 12.02 -28.43 30.17
CA ILE D 265 11.91 -28.30 28.72
C ILE D 265 13.27 -28.02 28.11
N ALA D 266 13.33 -28.24 26.80
CA ALA D 266 14.52 -27.96 26.00
C ALA D 266 14.17 -26.97 24.88
N PRO D 267 15.01 -25.94 24.70
CA PRO D 267 14.78 -25.02 23.61
C PRO D 267 15.33 -25.61 22.33
N ASP D 268 14.97 -25.10 21.17
CA ASP D 268 15.59 -25.55 19.94
C ASP D 268 16.97 -24.87 19.86
N ILE D 269 17.05 -23.66 20.41
CA ILE D 269 18.28 -22.91 20.43
C ILE D 269 18.56 -22.38 21.85
N LEU D 270 19.80 -22.53 22.31
CA LEU D 270 20.19 -22.11 23.66
C LEU D 270 21.36 -21.17 23.58
N CYS D 271 21.23 -19.98 24.15
CA CYS D 271 22.35 -19.05 24.18
C CYS D 271 23.01 -19.11 25.54
N LEU D 272 24.34 -19.18 25.55
CA LEU D 272 25.11 -19.26 26.78
C LEU D 272 26.18 -18.18 26.79
N GLY D 273 26.56 -17.70 27.96
CA GLY D 273 27.62 -16.71 28.07
C GLY D 273 27.97 -16.39 29.50
N LYS D 274 28.49 -15.20 29.75
CA LYS D 274 28.75 -14.74 31.11
C LYS D 274 29.49 -15.76 31.99
N ALA D 275 28.75 -16.49 32.82
CA ALA D 275 29.36 -17.44 33.75
C ALA D 275 30.01 -18.60 33.00
N LEU D 276 29.79 -18.68 31.70
CA LEU D 276 30.43 -19.66 30.84
C LEU D 276 31.95 -19.70 31.06
N THR D 277 32.56 -18.53 31.19
CA THR D 277 34.01 -18.42 31.38
C THR D 277 34.37 -18.13 32.84
N GLY D 278 33.42 -18.31 33.75
CA GLY D 278 33.67 -17.97 35.14
C GLY D 278 33.88 -16.50 35.34
N GLY D 279 33.42 -15.71 34.37
CA GLY D 279 33.55 -14.26 34.42
C GLY D 279 34.98 -13.80 34.24
N THR D 280 35.79 -14.64 33.63
CA THR D 280 37.18 -14.29 33.46
C THR D 280 37.38 -13.43 32.23
N MET D 281 36.57 -13.67 31.21
CA MET D 281 36.72 -12.95 29.95
C MET D 281 35.49 -13.25 29.10
N THR D 282 35.38 -12.57 27.97
CA THR D 282 34.15 -12.72 27.21
C THR D 282 34.18 -13.94 26.30
N LEU D 283 33.05 -14.64 26.26
CA LEU D 283 32.83 -15.78 25.38
C LEU D 283 31.37 -16.10 25.49
N SER D 284 30.82 -16.62 24.41
CA SER D 284 29.44 -17.02 24.39
C SER D 284 29.33 -18.26 23.51
N ALA D 285 28.20 -18.94 23.60
CA ALA D 285 27.97 -20.13 22.81
C ALA D 285 26.49 -20.22 22.50
N THR D 286 26.18 -20.57 21.26
CA THR D 286 24.80 -20.79 20.91
C THR D 286 24.67 -22.24 20.45
N LEU D 287 23.87 -23.00 21.18
CA LEU D 287 23.66 -24.40 20.86
C LEU D 287 22.30 -24.57 20.18
N THR D 288 22.25 -25.53 19.28
CA THR D 288 20.99 -25.86 18.64
C THR D 288 20.91 -27.35 18.37
N THR D 289 19.75 -27.78 17.88
CA THR D 289 19.51 -29.19 17.60
C THR D 289 20.11 -29.57 16.26
N ARG D 290 20.27 -30.87 16.08
CA ARG D 290 20.74 -31.40 14.81
C ARG D 290 19.83 -30.96 13.67
N GLU D 291 18.52 -31.01 13.94
CA GLU D 291 17.53 -30.69 12.92
C GLU D 291 17.69 -29.26 12.42
N VAL D 292 17.83 -28.32 13.33
CA VAL D 292 18.06 -26.94 12.92
C VAL D 292 19.40 -26.79 12.20
N ALA D 293 20.43 -27.43 12.74
CA ALA D 293 21.77 -27.34 12.17
C ALA D 293 21.78 -27.84 10.74
N GLU D 294 21.12 -28.97 10.50
CA GLU D 294 21.10 -29.56 9.18
C GLU D 294 20.23 -28.77 8.20
N THR D 295 19.06 -28.32 8.65
CA THR D 295 18.16 -27.52 7.83
C THR D 295 18.84 -26.27 7.31
N ILE D 296 19.47 -25.54 8.23
CA ILE D 296 20.24 -24.35 7.90
C ILE D 296 21.32 -24.63 6.86
N SER D 297 22.07 -25.71 7.09
CA SER D 297 23.19 -26.08 6.26
C SER D 297 22.77 -26.56 4.86
N ASN D 298 21.55 -27.07 4.75
CA ASN D 298 21.05 -27.52 3.46
C ASN D 298 20.33 -26.43 2.69
N GLY D 299 20.37 -25.21 3.20
CA GLY D 299 19.71 -24.08 2.55
C GLY D 299 20.56 -23.53 1.43
N GLU D 300 20.13 -22.41 0.85
CA GLU D 300 20.81 -21.82 -0.30
C GLU D 300 22.23 -21.38 0.04
N ALA D 301 22.45 -20.97 1.29
CA ALA D 301 23.77 -20.55 1.73
C ALA D 301 24.70 -21.77 1.82
N GLY D 302 24.14 -22.92 2.18
CA GLY D 302 24.93 -24.13 2.27
C GLY D 302 25.79 -24.17 3.51
N CYS D 303 25.53 -23.24 4.43
CA CYS D 303 26.29 -23.11 5.66
C CYS D 303 25.62 -22.14 6.63
N PHE D 304 26.06 -22.13 7.89
CA PHE D 304 25.61 -21.08 8.78
C PHE D 304 26.49 -19.85 8.66
N MET D 305 25.90 -18.74 8.21
CA MET D 305 26.66 -17.57 7.81
C MET D 305 27.05 -16.63 8.95
N HIS D 306 27.94 -17.10 9.82
CA HIS D 306 28.49 -16.27 10.90
C HIS D 306 29.89 -16.75 11.21
N GLY D 307 30.82 -15.82 11.41
CA GLY D 307 32.18 -16.18 11.76
C GLY D 307 33.02 -15.07 12.38
N PRO D 308 32.93 -14.92 13.71
CA PRO D 308 33.72 -13.87 14.35
C PRO D 308 35.21 -14.16 14.23
N THR D 309 36.01 -13.12 14.14
CA THR D 309 37.46 -13.27 14.02
C THR D 309 38.05 -14.20 15.08
N PHE D 310 37.65 -13.99 16.34
CA PHE D 310 38.22 -14.70 17.49
C PHE D 310 37.35 -15.88 17.93
N MET D 311 36.54 -16.35 16.99
CA MET D 311 35.71 -17.51 17.24
C MET D 311 36.52 -18.65 17.80
N GLY D 312 36.05 -19.22 18.90
CA GLY D 312 36.69 -20.38 19.47
C GLY D 312 38.02 -20.08 20.14
N ASN D 313 38.27 -18.80 20.40
CA ASN D 313 39.47 -18.37 21.12
C ASN D 313 39.89 -19.36 22.21
N PRO D 314 41.03 -20.02 22.04
CA PRO D 314 41.53 -21.04 22.97
C PRO D 314 41.57 -20.56 24.40
N LEU D 315 42.03 -19.34 24.59
CA LEU D 315 42.16 -18.82 25.94
C LEU D 315 40.82 -18.79 26.62
N ALA D 316 39.82 -18.19 26.00
CA ALA D 316 38.49 -18.15 26.60
C ALA D 316 37.93 -19.56 26.81
N CYS D 317 38.18 -20.44 25.85
CA CYS D 317 37.73 -21.83 25.97
C CYS D 317 38.42 -22.53 27.11
N ALA D 318 39.70 -22.30 27.27
CA ALA D 318 40.41 -22.88 28.39
C ALA D 318 39.77 -22.41 29.68
N ALA D 319 39.44 -21.12 29.78
CA ALA D 319 38.79 -20.59 30.97
C ALA D 319 37.39 -21.18 31.19
N ALA D 320 36.64 -21.31 30.12
CA ALA D 320 35.30 -21.89 30.21
C ALA D 320 35.43 -23.36 30.65
N ASN D 321 36.38 -24.07 30.10
CA ASN D 321 36.66 -25.44 30.52
C ASN D 321 36.96 -25.52 32.02
N ALA D 322 37.83 -24.68 32.54
CA ALA D 322 38.12 -24.69 33.97
C ALA D 322 36.87 -24.39 34.76
N SER D 323 36.10 -23.42 34.30
CA SER D 323 34.90 -23.02 35.00
C SER D 323 33.86 -24.12 35.07
N LEU D 324 33.65 -24.80 33.95
CA LEU D 324 32.65 -25.86 33.91
C LEU D 324 33.14 -27.02 34.79
N ALA D 325 34.45 -27.25 34.80
CA ALA D 325 35.03 -28.31 35.60
C ALA D 325 34.79 -28.05 37.09
N ILE D 326 34.84 -26.79 37.51
CA ILE D 326 34.55 -26.47 38.91
C ILE D 326 33.10 -26.81 39.25
N LEU D 327 32.20 -26.59 38.31
CA LEU D 327 30.80 -26.85 38.54
C LEU D 327 30.51 -28.35 38.60
N GLU D 328 31.42 -29.14 38.07
CA GLU D 328 31.22 -30.58 37.98
C GLU D 328 31.28 -31.24 39.37
N SER D 329 31.91 -30.56 40.33
CA SER D 329 31.96 -31.06 41.71
C SER D 329 30.56 -31.11 42.32
N GLY D 330 29.63 -30.30 41.81
CA GLY D 330 28.27 -30.31 42.29
C GLY D 330 28.09 -29.45 43.51
N ASP D 331 29.19 -28.82 43.95
CA ASP D 331 29.20 -27.95 45.12
C ASP D 331 28.34 -26.71 44.94
N TRP D 332 28.15 -26.29 43.69
CA TRP D 332 27.37 -25.09 43.44
C TRP D 332 25.95 -25.32 43.91
N GLN D 333 25.48 -26.57 43.79
CA GLN D 333 24.09 -26.90 44.12
C GLN D 333 23.72 -26.53 45.55
N GLN D 334 24.51 -26.99 46.52
CA GLN D 334 24.19 -26.64 47.89
C GLN D 334 24.52 -25.18 48.15
N GLN D 335 25.59 -24.68 47.52
CA GLN D 335 26.01 -23.29 47.71
C GLN D 335 24.94 -22.29 47.31
N VAL D 336 24.32 -22.57 46.18
CA VAL D 336 23.29 -21.71 45.65
C VAL D 336 22.03 -21.84 46.49
N ALA D 337 21.77 -23.05 46.98
CA ALA D 337 20.63 -23.28 47.86
C ALA D 337 20.76 -22.48 49.14
N ASP D 338 21.96 -22.49 49.73
CA ASP D 338 22.19 -21.77 50.98
C ASP D 338 22.05 -20.28 50.78
N ILE D 339 22.58 -19.78 49.68
CA ILE D 339 22.44 -18.36 49.36
C ILE D 339 20.96 -17.99 49.15
N GLU D 340 20.22 -18.84 48.46
CA GLU D 340 18.79 -18.61 48.24
C GLU D 340 18.11 -18.44 49.58
N VAL D 341 18.40 -19.38 50.49
CA VAL D 341 17.87 -19.35 51.85
C VAL D 341 18.23 -18.06 52.60
N GLN D 342 19.51 -17.72 52.62
CA GLN D 342 19.97 -16.55 53.36
C GLN D 342 19.43 -15.25 52.76
N LEU D 343 19.28 -15.22 51.45
CA LEU D 343 18.73 -14.05 50.77
C LEU D 343 17.26 -13.85 51.13
N ARG D 344 16.49 -14.94 51.19
CA ARG D 344 15.08 -14.85 51.57
C ARG D 344 14.91 -14.31 52.99
N GLU D 345 15.69 -14.84 53.92
CA GLU D 345 15.58 -14.46 55.32
C GLU D 345 16.03 -13.03 55.57
N GLN D 346 17.19 -12.67 55.02
CA GLN D 346 17.79 -11.40 55.35
C GLN D 346 17.26 -10.21 54.52
N LEU D 347 16.59 -10.51 53.41
CA LEU D 347 16.00 -9.46 52.58
C LEU D 347 14.52 -9.29 52.89
N ALA D 348 13.92 -10.30 53.50
CA ALA D 348 12.52 -10.26 53.91
C ALA D 348 12.17 -9.00 54.71
N PRO D 349 13.01 -8.60 55.67
CA PRO D 349 12.67 -7.38 56.41
C PRO D 349 12.43 -6.15 55.52
N ALA D 350 13.05 -6.14 54.33
CA ALA D 350 12.94 -5.00 53.44
C ALA D 350 11.52 -4.80 52.92
N ARG D 351 10.71 -5.84 52.90
CA ARG D 351 9.32 -5.68 52.44
C ARG D 351 8.60 -4.61 53.23
N ASP D 352 8.97 -4.43 54.50
CA ASP D 352 8.30 -3.47 55.38
C ASP D 352 8.72 -2.02 55.13
N ALA D 353 9.81 -1.82 54.40
CA ALA D 353 10.28 -0.46 54.12
C ALA D 353 9.31 0.19 53.19
N GLU D 354 9.08 1.48 53.37
CA GLU D 354 8.08 2.13 52.55
C GLU D 354 8.61 2.32 51.11
N MET D 355 9.92 2.38 50.95
CA MET D 355 10.52 2.57 49.64
C MET D 355 10.55 1.24 48.88
N VAL D 356 10.20 0.15 49.54
CA VAL D 356 10.27 -1.18 48.90
C VAL D 356 8.92 -1.62 48.36
N ALA D 357 8.94 -2.05 47.09
CA ALA D 357 7.74 -2.46 46.37
C ALA D 357 7.55 -3.97 46.25
N ASP D 358 8.65 -4.70 46.22
CA ASP D 358 8.59 -6.16 46.13
C ASP D 358 9.95 -6.68 46.53
N VAL D 359 9.98 -7.89 47.06
CA VAL D 359 11.24 -8.58 47.30
C VAL D 359 11.07 -9.98 46.74
N ARG D 360 11.98 -10.39 45.87
CA ARG D 360 11.96 -11.73 45.31
C ARG D 360 13.34 -12.33 45.28
N VAL D 361 13.40 -13.63 45.51
CA VAL D 361 14.66 -14.34 45.56
C VAL D 361 14.52 -15.64 44.79
N LEU D 362 15.54 -15.99 44.01
CA LEU D 362 15.58 -17.27 43.35
C LEU D 362 17.03 -17.65 43.21
N GLY D 363 17.41 -18.84 43.63
CA GLY D 363 18.79 -19.24 43.57
C GLY D 363 19.65 -18.19 44.24
N ALA D 364 20.82 -17.91 43.66
CA ALA D 364 21.67 -16.87 44.21
C ALA D 364 21.34 -15.51 43.61
N ILE D 365 20.05 -15.26 43.44
CA ILE D 365 19.57 -13.95 43.02
C ILE D 365 18.66 -13.37 44.08
N GLY D 366 18.99 -12.16 44.54
CA GLY D 366 18.19 -11.48 45.52
C GLY D 366 17.82 -10.11 44.98
N VAL D 367 16.52 -9.85 44.89
CA VAL D 367 16.05 -8.61 44.30
C VAL D 367 15.17 -7.82 45.27
N VAL D 368 15.53 -6.58 45.51
CA VAL D 368 14.63 -5.69 46.24
C VAL D 368 14.13 -4.60 45.27
N GLU D 369 12.89 -4.73 44.80
CA GLU D 369 12.36 -3.70 43.91
C GLU D 369 11.81 -2.53 44.71
N THR D 370 12.26 -1.34 44.39
CA THR D 370 11.87 -0.15 45.12
C THR D 370 10.75 0.58 44.37
N THR D 371 10.06 1.49 45.04
CA THR D 371 8.94 2.18 44.44
C THR D 371 9.39 3.34 43.56
N HIS D 372 10.61 3.81 43.80
CA HIS D 372 11.19 4.93 43.07
C HIS D 372 12.59 4.56 42.62
N PRO D 373 13.06 5.18 41.52
CA PRO D 373 14.41 4.91 41.01
C PRO D 373 15.49 5.27 42.01
N VAL D 374 16.55 4.46 42.10
CA VAL D 374 17.61 4.77 43.05
C VAL D 374 18.32 5.99 42.53
N ASN D 375 18.85 6.77 43.46
CA ASN D 375 19.73 7.88 43.16
C ASN D 375 21.13 7.31 42.98
N MET D 376 21.45 6.91 41.75
CA MET D 376 22.63 6.11 41.46
C MET D 376 23.90 6.63 42.11
N ALA D 377 24.21 7.91 41.89
CA ALA D 377 25.49 8.44 42.36
C ALA D 377 25.60 8.34 43.88
N ALA D 378 24.57 8.80 44.60
CA ALA D 378 24.58 8.79 46.06
C ALA D 378 24.54 7.37 46.66
N LEU D 379 23.65 6.52 46.16
CA LEU D 379 23.50 5.17 46.70
C LEU D 379 24.73 4.32 46.47
N GLN D 380 25.37 4.53 45.32
CA GLN D 380 26.61 3.83 45.02
C GLN D 380 27.70 4.21 46.02
N LYS D 381 27.78 5.50 46.36
CA LYS D 381 28.74 5.98 47.34
C LYS D 381 28.50 5.32 48.68
N PHE D 382 27.24 5.22 49.05
CA PHE D 382 26.85 4.60 50.31
C PHE D 382 27.34 3.19 50.40
N PHE D 383 27.09 2.41 49.36
CA PHE D 383 27.42 1.01 49.37
C PHE D 383 28.91 0.78 49.58
N VAL D 384 29.73 1.57 48.92
CA VAL D 384 31.18 1.43 49.06
C VAL D 384 31.60 1.70 50.49
N GLU D 385 31.05 2.76 51.06
CA GLU D 385 31.37 3.12 52.42
C GLU D 385 30.95 2.03 53.39
N GLN D 386 29.94 1.26 53.02
CA GLN D 386 29.56 0.10 53.81
C GLN D 386 30.49 -1.09 53.55
N GLY D 387 31.49 -0.88 52.70
CA GLY D 387 32.41 -1.94 52.36
C GLY D 387 31.84 -3.04 51.47
N VAL D 388 30.78 -2.73 50.73
CA VAL D 388 30.24 -3.69 49.76
C VAL D 388 30.16 -3.12 48.34
N TRP D 389 30.26 -3.99 47.35
CA TRP D 389 29.99 -3.58 45.98
C TRP D 389 28.63 -4.12 45.52
N ILE D 390 27.67 -3.21 45.46
CA ILE D 390 26.34 -3.49 44.96
C ILE D 390 26.08 -2.41 43.92
N ARG D 391 25.71 -2.80 42.69
CA ARG D 391 25.46 -1.83 41.62
C ARG D 391 23.97 -1.86 41.31
N PRO D 392 23.22 -0.94 41.93
CA PRO D 392 21.77 -0.95 41.69
C PRO D 392 21.47 -0.47 40.28
N PHE D 393 20.28 -0.72 39.81
CA PHE D 393 19.89 -0.27 38.48
C PHE D 393 18.42 0.17 38.51
N GLY D 394 18.16 1.43 38.21
CA GLY D 394 16.80 1.95 38.22
C GLY D 394 16.04 1.73 39.54
N LYS D 395 14.98 0.93 39.51
CA LYS D 395 14.21 0.64 40.72
C LYS D 395 14.61 -0.72 41.29
N LEU D 396 15.81 -1.19 40.96
CA LEU D 396 16.24 -2.50 41.41
C LEU D 396 17.53 -2.43 42.19
N ILE D 397 17.48 -2.89 43.45
CA ILE D 397 18.67 -3.11 44.27
C ILE D 397 18.74 -4.61 44.37
N TYR D 398 19.67 -5.22 43.66
CA TYR D 398 19.70 -6.67 43.60
C TYR D 398 21.08 -7.20 43.94
N LEU D 399 21.11 -8.46 44.38
CA LEU D 399 22.34 -9.14 44.72
C LEU D 399 22.45 -10.42 43.93
N MET D 400 23.63 -10.70 43.40
CA MET D 400 23.94 -11.96 42.74
C MET D 400 25.40 -12.28 43.04
N PRO D 401 25.66 -12.73 44.27
CA PRO D 401 27.02 -12.92 44.76
C PRO D 401 27.68 -14.14 44.11
N PRO D 402 29.01 -14.22 44.11
CA PRO D 402 29.65 -15.46 43.68
C PRO D 402 29.20 -16.66 44.51
N TYR D 403 29.24 -17.86 43.94
CA TYR D 403 28.74 -19.04 44.65
C TYR D 403 29.53 -19.35 45.91
N ILE D 404 30.76 -18.83 45.98
CA ILE D 404 31.65 -19.14 47.09
C ILE D 404 31.53 -18.11 48.21
N ILE D 405 30.54 -17.25 48.15
CA ILE D 405 30.46 -16.16 49.13
C ILE D 405 30.28 -16.71 50.54
N LEU D 406 31.01 -16.13 51.51
CA LEU D 406 30.87 -16.54 52.90
C LEU D 406 29.63 -15.96 53.54
N PRO D 407 29.01 -16.71 54.46
CA PRO D 407 27.77 -16.22 55.07
C PRO D 407 27.91 -14.84 55.72
N GLN D 408 29.04 -14.54 56.36
CA GLN D 408 29.20 -13.23 56.98
C GLN D 408 29.32 -12.15 55.92
N GLN D 409 29.90 -12.52 54.77
CA GLN D 409 30.03 -11.62 53.62
C GLN D 409 28.64 -11.35 53.00
N LEU D 410 27.86 -12.41 52.84
CA LEU D 410 26.51 -12.26 52.31
C LEU D 410 25.69 -11.37 53.23
N GLN D 411 25.91 -11.50 54.54
CA GLN D 411 25.19 -10.73 55.54
C GLN D 411 25.52 -9.25 55.37
N ARG D 412 26.79 -8.93 55.10
CA ARG D 412 27.20 -7.55 54.84
C ARG D 412 26.37 -6.97 53.71
N LEU D 413 26.10 -7.82 52.73
CA LEU D 413 25.32 -7.43 51.57
C LEU D 413 23.86 -7.19 51.94
N THR D 414 23.22 -8.19 52.54
CA THR D 414 21.80 -8.05 52.88
C THR D 414 21.61 -6.91 53.88
N ALA D 415 22.60 -6.72 54.74
CA ALA D 415 22.54 -5.63 55.70
C ALA D 415 22.52 -4.30 54.95
N ALA D 416 23.41 -4.15 53.98
CA ALA D 416 23.50 -2.92 53.22
C ALA D 416 22.23 -2.64 52.41
N VAL D 417 21.68 -3.67 51.78
CA VAL D 417 20.47 -3.45 51.00
C VAL D 417 19.36 -2.97 51.93
N ASN D 418 19.20 -3.65 53.06
CA ASN D 418 18.17 -3.28 54.03
C ASN D 418 18.33 -1.87 54.61
N ARG D 419 19.56 -1.54 54.94
CA ARG D 419 19.88 -0.24 55.51
C ARG D 419 19.59 0.84 54.47
N ALA D 420 19.84 0.53 53.20
CA ALA D 420 19.66 1.51 52.12
C ALA D 420 18.19 1.86 51.84
N VAL D 421 17.29 0.87 51.92
CA VAL D 421 15.89 1.08 51.60
C VAL D 421 15.11 1.76 52.74
N GLN D 422 15.73 1.93 53.89
CA GLN D 422 15.10 2.60 55.02
C GLN D 422 15.12 4.11 54.73
N ASP D 423 16.17 4.53 54.06
CA ASP D 423 16.45 5.92 53.83
C ASP D 423 15.98 6.35 52.45
N GLU D 424 15.14 7.37 52.40
CA GLU D 424 14.56 7.81 51.13
C GLU D 424 15.46 8.80 50.38
N THR D 425 16.60 9.15 50.98
CA THR D 425 17.56 10.04 50.33
C THR D 425 18.29 9.31 49.18
N PHE D 426 18.22 7.99 49.17
CA PHE D 426 18.87 7.24 48.12
C PHE D 426 17.94 7.01 46.95
N PHE D 427 16.91 7.84 46.84
CA PHE D 427 15.91 7.65 45.80
C PHE D 427 15.49 8.97 45.16
N CYS D 428 15.09 8.91 43.90
CA CYS D 428 14.67 10.09 43.16
C CYS D 428 13.17 10.04 43.03
N GLN D 429 12.48 11.03 43.56
CA GLN D 429 11.03 11.03 43.51
C GLN D 429 10.50 12.27 42.76
N ALA E 1 -32.25 12.69 -53.39
CA ALA E 1 -33.07 13.17 -52.28
C ALA E 1 -32.94 12.25 -51.07
N THR E 2 -33.47 11.04 -51.19
CA THR E 2 -33.39 10.08 -50.09
C THR E 2 -31.96 9.59 -50.00
N THR E 3 -31.31 9.46 -51.15
CA THR E 3 -29.92 9.03 -51.14
C THR E 3 -29.03 10.16 -50.63
N ASP E 4 -29.54 11.38 -50.63
CA ASP E 4 -28.74 12.50 -50.14
C ASP E 4 -28.89 12.55 -48.63
N ASP E 5 -30.10 12.21 -48.17
CA ASP E 5 -30.36 12.03 -46.75
C ASP E 5 -29.49 10.91 -46.19
N LEU E 6 -29.52 9.75 -46.83
CA LEU E 6 -28.70 8.62 -46.39
C LEU E 6 -27.22 9.00 -46.39
N ALA E 7 -26.84 9.87 -47.32
CA ALA E 7 -25.46 10.29 -47.46
C ALA E 7 -25.07 11.24 -46.34
N PHE E 8 -26.01 12.12 -45.96
CA PHE E 8 -25.79 13.00 -44.84
C PHE E 8 -25.74 12.15 -43.58
N ASP E 9 -26.65 11.18 -43.52
CA ASP E 9 -26.73 10.28 -42.38
C ASP E 9 -25.43 9.55 -42.19
N GLN E 10 -24.90 9.01 -43.29
CA GLN E 10 -23.66 8.27 -43.27
C GLN E 10 -22.49 9.13 -42.81
N ARG E 11 -22.52 10.39 -43.23
CA ARG E 11 -21.42 11.33 -43.08
C ARG E 11 -21.44 12.08 -41.74
N HIS E 12 -22.60 12.16 -41.10
CA HIS E 12 -22.75 13.05 -39.96
C HIS E 12 -23.38 12.45 -38.71
N ILE E 13 -24.09 11.35 -38.86
CA ILE E 13 -24.94 10.87 -37.79
C ILE E 13 -24.48 9.55 -37.19
N TRP E 14 -24.20 9.52 -35.89
CA TRP E 14 -23.88 8.26 -35.22
C TRP E 14 -25.16 7.44 -35.14
N HIS E 15 -25.01 6.13 -35.17
CA HIS E 15 -26.08 5.20 -34.80
C HIS E 15 -25.53 4.40 -33.62
N PRO E 16 -26.33 3.50 -33.02
CA PRO E 16 -25.77 2.74 -31.89
C PRO E 16 -24.49 1.98 -32.22
N TYR E 17 -23.42 2.23 -31.46
CA TYR E 17 -22.14 1.55 -31.61
C TYR E 17 -21.57 1.50 -33.03
N THR E 18 -21.43 2.65 -33.67
CA THR E 18 -20.93 2.67 -35.03
C THR E 18 -19.64 3.50 -35.18
N SER E 19 -19.00 3.32 -36.32
CA SER E 19 -17.81 4.05 -36.72
C SER E 19 -18.20 5.23 -37.60
N MET E 20 -17.54 6.37 -37.44
CA MET E 20 -17.82 7.50 -38.31
C MET E 20 -16.98 7.47 -39.58
N THR E 21 -15.89 6.70 -39.54
CA THR E 21 -15.00 6.51 -40.69
C THR E 21 -15.56 5.49 -41.65
N SER E 22 -15.94 4.33 -41.13
CA SER E 22 -16.49 3.29 -42.00
C SER E 22 -17.85 2.82 -41.55
N PRO E 23 -18.86 3.67 -41.68
CA PRO E 23 -20.20 3.29 -41.25
C PRO E 23 -20.86 2.33 -42.21
N LEU E 24 -21.65 1.41 -41.68
CA LEU E 24 -22.38 0.46 -42.51
C LEU E 24 -23.71 1.06 -42.95
N PRO E 25 -24.29 0.52 -44.05
CA PRO E 25 -25.53 1.09 -44.59
C PRO E 25 -26.67 0.97 -43.60
N VAL E 26 -27.53 1.99 -43.57
CA VAL E 26 -28.73 1.93 -42.75
C VAL E 26 -29.95 2.10 -43.63
N TYR E 27 -31.05 1.43 -43.29
CA TYR E 27 -32.23 1.45 -44.14
C TYR E 27 -33.19 2.52 -43.66
N PRO E 28 -33.59 3.41 -44.57
CA PRO E 28 -34.51 4.51 -44.23
C PRO E 28 -35.97 4.07 -44.07
N VAL E 29 -36.51 4.25 -42.87
CA VAL E 29 -37.89 3.89 -42.56
C VAL E 29 -38.75 5.16 -42.48
N VAL E 30 -39.92 5.16 -43.12
CA VAL E 30 -40.74 6.37 -43.15
C VAL E 30 -41.97 6.29 -42.22
N SER E 31 -42.43 5.07 -41.97
CA SER E 31 -43.56 4.86 -41.06
C SER E 31 -43.60 3.40 -40.67
N ALA E 32 -44.55 3.05 -39.81
CA ALA E 32 -44.68 1.67 -39.37
C ALA E 32 -46.09 1.43 -38.88
N GLU E 33 -46.56 0.21 -39.05
CA GLU E 33 -47.92 -0.15 -38.67
C GLU E 33 -48.05 -1.65 -38.43
N GLY E 34 -48.83 -2.03 -37.42
CA GLY E 34 -48.92 -3.44 -37.02
C GLY E 34 -47.53 -3.93 -36.70
N CYS E 35 -47.07 -4.99 -37.38
CA CYS E 35 -45.70 -5.49 -37.24
C CYS E 35 -44.90 -5.23 -38.48
N GLU E 36 -45.17 -4.11 -39.13
CA GLU E 36 -44.42 -3.81 -40.34
C GLU E 36 -43.71 -2.46 -40.29
N LEU E 37 -42.45 -2.48 -40.72
CA LEU E 37 -41.74 -1.24 -40.93
C LEU E 37 -41.88 -0.94 -42.41
N ILE E 38 -42.13 0.31 -42.73
CA ILE E 38 -42.28 0.68 -44.10
C ILE E 38 -41.07 1.51 -44.51
N LEU E 39 -40.30 0.98 -45.46
CA LEU E 39 -39.11 1.67 -45.94
C LEU E 39 -39.47 2.81 -46.88
N SER E 40 -38.47 3.64 -47.18
CA SER E 40 -38.63 4.75 -48.10
C SER E 40 -39.11 4.31 -49.46
N ASP E 41 -38.61 3.17 -49.93
CA ASP E 41 -38.90 2.69 -51.27
C ASP E 41 -40.20 1.87 -51.33
N GLY E 42 -40.93 1.88 -50.23
CA GLY E 42 -42.24 1.22 -50.18
C GLY E 42 -42.16 -0.19 -49.67
N ARG E 43 -40.94 -0.73 -49.58
CA ARG E 43 -40.78 -2.08 -49.11
C ARG E 43 -41.35 -2.20 -47.69
N ARG E 44 -42.07 -3.30 -47.42
CA ARG E 44 -42.60 -3.53 -46.10
C ARG E 44 -41.85 -4.67 -45.42
N LEU E 45 -41.39 -4.42 -44.21
CA LEU E 45 -40.63 -5.41 -43.42
C LEU E 45 -41.40 -5.89 -42.21
N VAL E 46 -41.45 -7.20 -42.03
CA VAL E 46 -42.01 -7.74 -40.81
C VAL E 46 -40.99 -7.56 -39.71
N ASP E 47 -41.42 -6.93 -38.63
CA ASP E 47 -40.49 -6.61 -37.55
C ASP E 47 -40.33 -7.81 -36.62
N GLY E 48 -39.10 -8.33 -36.52
CA GLY E 48 -38.84 -9.42 -35.61
C GLY E 48 -38.21 -8.90 -34.34
N MET E 49 -37.98 -7.59 -34.29
CA MET E 49 -37.18 -7.01 -33.20
C MET E 49 -37.96 -6.21 -32.15
N SER E 50 -39.17 -5.76 -32.49
CA SER E 50 -39.93 -4.88 -31.60
C SER E 50 -39.12 -3.62 -31.26
N SER E 51 -38.31 -3.17 -32.21
CA SER E 51 -37.39 -2.05 -31.98
C SER E 51 -36.58 -2.24 -30.70
N TRP E 52 -36.00 -3.43 -30.58
CA TRP E 52 -35.27 -3.88 -29.41
C TRP E 52 -36.18 -3.92 -28.19
N TRP E 53 -36.98 -4.99 -28.13
CA TRP E 53 -37.80 -5.32 -26.94
C TRP E 53 -39.05 -4.48 -26.75
N ALA E 54 -38.93 -3.18 -26.98
CA ALA E 54 -39.93 -2.24 -26.49
C ALA E 54 -41.29 -2.21 -27.23
N ALA E 55 -41.30 -2.42 -28.54
CA ALA E 55 -42.55 -2.20 -29.27
C ALA E 55 -43.45 -3.43 -29.20
N ILE E 56 -43.84 -3.83 -27.98
CA ILE E 56 -44.55 -5.08 -27.78
C ILE E 56 -45.96 -5.09 -28.36
N HIS E 57 -46.52 -3.92 -28.63
CA HIS E 57 -47.85 -3.79 -29.23
C HIS E 57 -47.75 -3.46 -30.70
N GLY E 58 -46.56 -3.62 -31.26
CA GLY E 58 -46.37 -3.24 -32.64
C GLY E 58 -46.33 -1.73 -32.82
N TYR E 59 -46.66 -1.27 -34.01
CA TYR E 59 -46.48 0.13 -34.37
C TYR E 59 -47.78 0.80 -34.71
N ASN E 60 -47.82 2.12 -34.57
CA ASN E 60 -49.04 2.87 -34.83
C ASN E 60 -50.22 2.22 -34.17
N HIS E 61 -50.07 1.87 -32.90
CA HIS E 61 -51.16 1.30 -32.15
C HIS E 61 -52.20 2.38 -31.84
N PRO E 62 -53.46 2.13 -32.21
CA PRO E 62 -54.49 3.16 -32.09
C PRO E 62 -54.63 3.70 -30.68
N GLN E 63 -54.54 2.82 -29.68
CA GLN E 63 -54.72 3.22 -28.29
C GLN E 63 -53.52 3.99 -27.74
N LEU E 64 -52.34 3.52 -28.06
CA LEU E 64 -51.13 4.23 -27.67
C LEU E 64 -51.18 5.60 -28.31
N ASN E 65 -51.52 5.64 -29.60
CA ASN E 65 -51.57 6.90 -30.36
C ASN E 65 -52.58 7.87 -29.77
N ALA E 66 -53.74 7.35 -29.41
CA ALA E 66 -54.78 8.18 -28.90
C ALA E 66 -54.36 8.78 -27.58
N ALA E 67 -53.81 7.94 -26.70
CA ALA E 67 -53.40 8.41 -25.37
C ALA E 67 -52.35 9.50 -25.50
N MET E 68 -51.43 9.29 -26.44
CA MET E 68 -50.37 10.24 -26.67
C MET E 68 -50.97 11.56 -27.16
N LYS E 69 -51.88 11.51 -28.13
CA LYS E 69 -52.47 12.72 -28.64
C LYS E 69 -53.32 13.45 -27.60
N SER E 70 -54.05 12.70 -26.78
CA SER E 70 -54.83 13.34 -25.74
C SER E 70 -53.91 14.09 -24.82
N GLN E 71 -52.81 13.44 -24.43
CA GLN E 71 -51.90 14.05 -23.48
C GLN E 71 -51.23 15.29 -24.05
N ILE E 72 -50.88 15.23 -25.34
CA ILE E 72 -50.31 16.37 -26.04
C ILE E 72 -51.23 17.57 -25.91
N ASP E 73 -52.53 17.34 -26.03
CA ASP E 73 -53.55 18.39 -25.88
C ASP E 73 -53.63 18.97 -24.47
N ALA E 74 -53.44 18.15 -23.45
CA ALA E 74 -53.43 18.68 -22.08
C ALA E 74 -52.13 19.42 -21.88
N MET E 75 -51.04 18.66 -22.01
CA MET E 75 -49.69 19.15 -21.86
C MET E 75 -48.71 18.06 -22.22
N SER E 76 -47.81 18.37 -23.14
CA SER E 76 -46.79 17.43 -23.56
C SER E 76 -45.81 17.19 -22.41
N HIS E 77 -45.52 18.25 -21.67
CA HIS E 77 -44.62 18.18 -20.54
C HIS E 77 -44.80 19.32 -19.54
N VAL E 78 -44.52 19.01 -18.28
CA VAL E 78 -44.34 20.04 -17.27
C VAL E 78 -43.33 19.46 -16.29
N MET E 79 -42.57 20.32 -15.63
CA MET E 79 -41.56 19.86 -14.69
C MET E 79 -42.19 19.08 -13.56
N PHE E 80 -41.38 18.29 -12.85
CA PHE E 80 -41.92 17.41 -11.82
C PHE E 80 -41.52 17.93 -10.45
N GLY E 81 -40.80 19.04 -10.39
CA GLY E 81 -40.42 19.63 -9.11
C GLY E 81 -41.54 20.44 -8.48
N GLY E 82 -42.12 19.93 -7.41
CA GLY E 82 -43.21 20.63 -6.74
C GLY E 82 -44.50 20.54 -7.52
N ILE E 83 -44.49 19.76 -8.60
CA ILE E 83 -45.65 19.57 -9.44
C ILE E 83 -45.89 18.09 -9.64
N THR E 84 -47.14 17.66 -9.56
CA THR E 84 -47.44 16.28 -9.91
C THR E 84 -48.58 16.30 -10.89
N HIS E 85 -48.88 15.17 -11.52
CA HIS E 85 -49.95 15.20 -12.49
C HIS E 85 -50.56 13.86 -12.64
N ALA E 86 -51.72 13.83 -13.27
CA ALA E 86 -52.49 12.63 -13.38
C ALA E 86 -51.74 11.52 -14.16
N PRO E 87 -51.15 11.86 -15.32
CA PRO E 87 -50.46 10.76 -16.02
C PRO E 87 -49.38 10.12 -15.17
N ALA E 88 -48.60 10.88 -14.43
CA ALA E 88 -47.59 10.26 -13.58
C ALA E 88 -48.22 9.43 -12.46
N ILE E 89 -49.24 9.98 -11.81
CA ILE E 89 -49.88 9.29 -10.71
C ILE E 89 -50.54 8.01 -11.17
N GLU E 90 -51.25 8.08 -12.30
CA GLU E 90 -51.87 6.89 -12.85
C GLU E 90 -50.83 5.81 -13.19
N LEU E 91 -49.71 6.21 -13.81
CA LEU E 91 -48.64 5.26 -14.15
C LEU E 91 -48.04 4.59 -12.94
N CYS E 92 -47.80 5.36 -11.89
CA CYS E 92 -47.19 4.81 -10.68
C CYS E 92 -48.18 3.90 -9.95
N ARG E 93 -49.47 4.25 -10.01
CA ARG E 93 -50.52 3.36 -9.48
C ARG E 93 -50.46 2.01 -10.17
N LYS E 94 -50.44 2.02 -11.50
CA LYS E 94 -50.37 0.79 -12.27
C LYS E 94 -49.12 0.00 -11.90
N LEU E 95 -48.01 0.69 -11.75
CA LEU E 95 -46.74 0.03 -11.50
C LEU E 95 -46.71 -0.58 -10.12
N VAL E 96 -47.20 0.15 -9.12
CA VAL E 96 -47.22 -0.40 -7.76
C VAL E 96 -48.13 -1.63 -7.72
N ALA E 97 -49.24 -1.55 -8.44
CA ALA E 97 -50.23 -2.61 -8.50
C ALA E 97 -49.70 -3.90 -9.11
N MET E 98 -48.89 -3.77 -10.16
CA MET E 98 -48.54 -4.93 -10.97
C MET E 98 -47.22 -5.57 -10.58
N THR E 99 -46.41 -4.89 -9.77
CA THR E 99 -45.12 -5.45 -9.40
C THR E 99 -45.25 -6.14 -8.04
N PRO E 100 -44.31 -7.05 -7.71
CA PRO E 100 -44.27 -7.71 -6.39
C PRO E 100 -44.61 -6.77 -5.19
N GLN E 101 -45.36 -7.29 -4.23
CA GLN E 101 -45.93 -6.47 -3.15
C GLN E 101 -44.99 -5.48 -2.43
N PRO E 102 -43.76 -5.90 -2.08
CA PRO E 102 -43.00 -4.92 -1.30
C PRO E 102 -42.62 -3.70 -2.12
N LEU E 103 -42.64 -3.82 -3.44
CA LEU E 103 -42.25 -2.70 -4.29
C LEU E 103 -43.39 -1.69 -4.36
N GLU E 104 -43.20 -0.57 -3.64
CA GLU E 104 -44.26 0.43 -3.53
C GLU E 104 -43.77 1.88 -3.59
N CYS E 105 -42.49 2.09 -3.90
CA CYS E 105 -41.93 3.43 -4.14
C CYS E 105 -41.34 3.59 -5.54
N VAL E 106 -41.78 4.60 -6.28
CA VAL E 106 -41.41 4.70 -7.68
C VAL E 106 -40.57 5.90 -8.01
N PHE E 107 -39.45 5.69 -8.68
CA PHE E 107 -38.66 6.80 -9.21
C PHE E 107 -38.72 6.81 -10.74
N LEU E 108 -39.44 7.73 -11.33
CA LEU E 108 -39.50 7.75 -12.77
C LEU E 108 -38.27 8.43 -13.33
N ALA E 109 -37.68 7.87 -14.39
CA ALA E 109 -36.56 8.52 -15.07
C ALA E 109 -36.75 8.39 -16.57
N ASP E 110 -35.72 8.71 -17.35
CA ASP E 110 -35.89 8.79 -18.80
C ASP E 110 -35.36 7.62 -19.65
N SER E 111 -34.40 6.86 -19.16
CA SER E 111 -33.87 5.78 -19.97
C SER E 111 -33.48 4.59 -19.14
N GLY E 112 -33.24 3.46 -19.78
CA GLY E 112 -32.79 2.29 -19.06
C GLY E 112 -31.55 2.51 -18.21
N SER E 113 -30.52 3.07 -18.83
CA SER E 113 -29.26 3.29 -18.13
C SER E 113 -29.42 4.16 -16.88
N VAL E 114 -30.22 5.22 -16.96
CA VAL E 114 -30.42 6.11 -15.84
C VAL E 114 -31.17 5.37 -14.71
N ALA E 115 -32.10 4.50 -15.09
CA ALA E 115 -32.85 3.71 -14.11
C ALA E 115 -31.92 2.79 -13.35
N VAL E 116 -30.99 2.20 -14.07
CA VAL E 116 -30.04 1.32 -13.43
C VAL E 116 -29.16 2.16 -12.50
N GLU E 117 -28.73 3.33 -12.99
CA GLU E 117 -27.88 4.19 -12.19
C GLU E 117 -28.65 4.71 -11.02
N VAL E 118 -29.95 4.91 -11.22
CA VAL E 118 -30.80 5.29 -10.11
C VAL E 118 -30.83 4.13 -9.11
N ALA E 119 -30.96 2.91 -9.63
CA ALA E 119 -30.99 1.74 -8.78
C ALA E 119 -29.69 1.60 -8.01
N MET E 120 -28.58 1.78 -8.69
CA MET E 120 -27.29 1.72 -8.04
C MET E 120 -27.16 2.81 -6.98
N LYS E 121 -27.60 4.02 -7.29
CA LYS E 121 -27.54 5.10 -6.32
C LYS E 121 -28.36 4.81 -5.07
N MET E 122 -29.53 4.21 -5.26
CA MET E 122 -30.37 3.80 -4.15
C MET E 122 -29.62 2.88 -3.21
N ALA E 123 -28.98 1.86 -3.77
CA ALA E 123 -28.23 0.92 -2.94
C ALA E 123 -27.10 1.66 -2.21
N LEU E 124 -26.39 2.53 -2.92
CA LEU E 124 -25.31 3.26 -2.31
C LEU E 124 -25.83 4.19 -1.20
N GLN E 125 -26.92 4.92 -1.46
CA GLN E 125 -27.47 5.80 -0.42
C GLN E 125 -28.08 5.02 0.75
N TYR E 126 -28.62 3.85 0.46
CA TYR E 126 -29.15 2.97 1.48
C TYR E 126 -28.06 2.63 2.50
N TRP E 127 -26.93 2.17 2.02
CA TRP E 127 -25.88 1.74 2.92
C TRP E 127 -25.19 2.90 3.59
N GLN E 128 -25.09 4.04 2.91
CA GLN E 128 -24.56 5.25 3.54
C GLN E 128 -25.40 5.67 4.74
N ALA E 129 -26.72 5.54 4.61
CA ALA E 129 -27.65 5.94 5.65
C ALA E 129 -27.59 4.99 6.82
N LYS E 130 -27.15 3.76 6.56
CA LYS E 130 -27.03 2.74 7.59
C LYS E 130 -25.63 2.69 8.19
N GLY E 131 -24.77 3.60 7.76
CA GLY E 131 -23.43 3.70 8.29
C GLY E 131 -22.40 2.70 7.78
N GLU E 132 -22.67 2.06 6.64
CA GLU E 132 -21.68 1.18 6.03
C GLU E 132 -21.26 1.73 4.65
N ALA E 133 -19.97 1.68 4.38
CA ALA E 133 -19.42 2.19 3.13
C ALA E 133 -19.41 1.15 2.02
N ARG E 134 -20.48 0.37 1.92
CA ARG E 134 -20.63 -0.60 0.84
C ARG E 134 -20.76 0.12 -0.51
N GLN E 135 -19.84 -0.19 -1.42
CA GLN E 135 -19.78 0.47 -2.71
C GLN E 135 -19.61 -0.50 -3.87
N ARG E 136 -19.46 -1.78 -3.56
CA ARG E 136 -19.26 -2.75 -4.62
C ARG E 136 -20.58 -3.39 -4.98
N PHE E 137 -20.74 -3.71 -6.26
CA PHE E 137 -21.90 -4.46 -6.70
C PHE E 137 -21.42 -5.81 -7.17
N LEU E 138 -22.21 -6.84 -6.87
CA LEU E 138 -21.97 -8.19 -7.32
C LEU E 138 -22.94 -8.50 -8.44
N THR E 139 -22.40 -8.85 -9.61
CA THR E 139 -23.26 -9.18 -10.74
C THR E 139 -22.71 -10.40 -11.50
N PHE E 140 -23.38 -10.75 -12.59
CA PHE E 140 -22.96 -11.85 -13.46
C PHE E 140 -22.18 -11.35 -14.66
N ARG E 141 -21.31 -12.21 -15.19
CA ARG E 141 -20.77 -11.98 -16.50
C ARG E 141 -21.89 -12.14 -17.51
N ASN E 142 -21.71 -11.60 -18.71
CA ASN E 142 -22.76 -11.53 -19.75
C ASN E 142 -23.94 -10.67 -19.34
N GLY E 143 -23.75 -9.82 -18.34
CA GLY E 143 -24.80 -8.90 -17.96
C GLY E 143 -24.69 -7.70 -18.86
N TYR E 144 -25.81 -7.05 -19.11
CA TYR E 144 -25.80 -5.75 -19.76
C TYR E 144 -26.82 -4.86 -19.05
N HIS E 145 -26.42 -3.64 -18.72
CA HIS E 145 -27.32 -2.71 -18.00
C HIS E 145 -27.31 -1.29 -18.56
N GLY E 146 -26.64 -1.11 -19.69
CA GLY E 146 -26.58 0.19 -20.34
C GLY E 146 -25.16 0.71 -20.57
N ASP E 147 -25.07 1.90 -21.19
CA ASP E 147 -23.80 2.48 -21.66
C ASP E 147 -23.30 3.64 -20.83
N THR E 148 -24.10 4.16 -19.91
CA THR E 148 -23.60 5.19 -19.02
C THR E 148 -22.61 4.49 -18.08
N PHE E 149 -21.71 5.27 -17.45
CA PHE E 149 -20.58 4.72 -16.70
C PHE E 149 -20.98 3.85 -15.54
N GLY E 150 -22.01 4.27 -14.81
CA GLY E 150 -22.46 3.47 -13.69
C GLY E 150 -22.91 2.13 -14.22
N ALA E 151 -23.76 2.16 -15.24
CA ALA E 151 -24.27 0.95 -15.83
C ALA E 151 -23.12 0.12 -16.44
N MET E 152 -22.15 0.79 -17.06
CA MET E 152 -21.00 0.10 -17.62
C MET E 152 -20.25 -0.71 -16.56
N SER E 153 -20.17 -0.19 -15.33
CA SER E 153 -19.36 -0.84 -14.29
C SER E 153 -19.95 -2.15 -13.79
N VAL E 154 -21.17 -2.45 -14.20
CA VAL E 154 -21.79 -3.73 -13.89
C VAL E 154 -22.16 -4.48 -15.16
N CYS E 155 -21.65 -4.00 -16.30
CA CYS E 155 -21.77 -4.76 -17.54
C CYS E 155 -20.66 -5.76 -17.58
N ASP E 156 -20.83 -6.79 -18.40
CA ASP E 156 -19.77 -7.76 -18.64
C ASP E 156 -18.52 -7.05 -19.09
N PRO E 157 -17.42 -7.29 -18.39
CA PRO E 157 -16.17 -6.56 -18.64
C PRO E 157 -15.47 -6.92 -19.97
N ASP E 158 -15.89 -7.99 -20.65
CA ASP E 158 -15.28 -8.37 -21.91
C ASP E 158 -16.07 -7.89 -23.16
N ASN E 159 -17.36 -8.23 -23.21
CA ASN E 159 -18.27 -7.78 -24.28
C ASN E 159 -18.35 -6.25 -24.35
N SER E 160 -18.32 -5.62 -23.17
CA SER E 160 -18.33 -4.15 -23.04
C SER E 160 -16.93 -3.57 -23.29
N MET E 161 -16.00 -4.44 -23.69
CA MET E 161 -14.60 -4.07 -23.95
C MET E 161 -14.06 -3.13 -22.87
N HIS E 162 -14.31 -3.49 -21.62
CA HIS E 162 -13.90 -2.71 -20.45
C HIS E 162 -12.39 -2.51 -20.38
N SER E 163 -11.66 -3.23 -21.24
CA SER E 163 -10.22 -3.03 -21.39
C SER E 163 -9.90 -1.54 -21.60
N LEU E 164 -10.81 -0.86 -22.29
CA LEU E 164 -10.69 0.57 -22.53
C LEU E 164 -11.19 1.39 -21.34
N TRP E 165 -11.96 0.75 -20.47
CA TRP E 165 -12.56 1.42 -19.31
C TRP E 165 -11.96 0.94 -17.99
N LYS E 166 -11.23 -0.18 -18.06
CA LYS E 166 -10.52 -0.67 -16.89
C LYS E 166 -9.54 0.42 -16.50
N GLY E 167 -9.95 1.22 -15.53
CA GLY E 167 -9.20 2.38 -15.13
C GLY E 167 -10.14 3.48 -14.72
N TYR E 168 -11.23 3.66 -15.48
CA TYR E 168 -12.19 4.68 -15.10
C TYR E 168 -13.27 4.05 -14.23
N LEU E 169 -13.77 2.91 -14.68
CA LEU E 169 -14.81 2.18 -13.97
C LEU E 169 -14.26 1.49 -12.72
N PRO E 170 -14.89 1.74 -11.55
CA PRO E 170 -14.52 0.96 -10.36
C PRO E 170 -14.75 -0.54 -10.62
N GLU E 171 -13.94 -1.40 -10.01
CA GLU E 171 -14.06 -2.81 -10.24
C GLU E 171 -15.13 -3.41 -9.33
N ASN E 172 -16.20 -3.89 -9.95
CA ASN E 172 -17.28 -4.57 -9.24
C ASN E 172 -16.96 -6.07 -9.27
N LEU E 173 -17.81 -6.89 -8.67
CA LEU E 173 -17.53 -8.31 -8.60
C LEU E 173 -18.36 -9.09 -9.61
N PHE E 174 -17.71 -9.92 -10.42
CA PHE E 174 -18.48 -10.63 -11.43
C PHE E 174 -18.41 -12.14 -11.22
N ALA E 175 -19.49 -12.70 -10.70
CA ALA E 175 -19.61 -14.15 -10.69
C ALA E 175 -19.68 -14.62 -12.12
N PRO E 176 -19.28 -15.87 -12.37
CA PRO E 176 -19.38 -16.39 -13.73
C PRO E 176 -20.83 -16.40 -14.23
N ALA E 177 -21.00 -16.37 -15.55
CA ALA E 177 -22.33 -16.43 -16.13
C ALA E 177 -23.06 -17.67 -15.65
N PRO E 178 -24.32 -17.50 -15.24
CA PRO E 178 -25.18 -18.61 -14.79
C PRO E 178 -25.27 -19.68 -15.88
N GLN E 179 -24.91 -20.92 -15.57
CA GLN E 179 -24.82 -21.97 -16.58
C GLN E 179 -26.09 -22.80 -16.73
N SER E 180 -26.78 -23.06 -15.63
CA SER E 180 -28.01 -23.85 -15.67
C SER E 180 -29.05 -23.18 -16.54
N ARG E 181 -29.56 -23.90 -17.55
CA ARG E 181 -30.51 -23.34 -18.49
C ARG E 181 -31.96 -23.31 -17.97
N MET E 182 -32.84 -22.71 -18.74
CA MET E 182 -34.25 -22.56 -18.37
C MET E 182 -34.97 -23.74 -19.05
N ASP E 183 -34.15 -24.60 -19.65
CA ASP E 183 -34.55 -25.95 -20.06
C ASP E 183 -34.11 -26.93 -18.99
N GLY E 184 -32.82 -26.85 -18.64
CA GLY E 184 -32.30 -27.27 -17.34
C GLY E 184 -33.31 -27.57 -16.25
N GLU E 185 -33.09 -28.58 -15.39
CA GLU E 185 -31.83 -29.24 -15.02
C GLU E 185 -30.90 -28.26 -14.33
N TRP E 186 -31.14 -28.10 -13.03
CA TRP E 186 -30.31 -27.29 -12.13
C TRP E 186 -29.08 -28.07 -11.71
N ASP E 187 -27.92 -27.41 -11.73
CA ASP E 187 -26.66 -28.00 -11.31
C ASP E 187 -26.12 -27.23 -10.11
N GLU E 188 -25.99 -27.90 -8.97
CA GLU E 188 -25.61 -27.20 -7.75
C GLU E 188 -24.22 -26.56 -7.83
N ARG E 189 -23.36 -27.12 -8.67
CA ARG E 189 -21.99 -26.62 -8.85
C ARG E 189 -22.01 -25.24 -9.52
N ASP E 190 -23.14 -24.88 -10.13
CA ASP E 190 -23.32 -23.56 -10.74
C ASP E 190 -23.09 -22.43 -9.72
N MET E 191 -23.55 -22.65 -8.48
CA MET E 191 -23.58 -21.63 -7.43
C MET E 191 -22.19 -21.35 -6.77
N VAL E 192 -21.21 -22.19 -7.11
CA VAL E 192 -19.92 -22.21 -6.43
C VAL E 192 -19.20 -20.88 -6.55
N GLY E 193 -19.11 -20.38 -7.78
CA GLY E 193 -18.43 -19.14 -8.00
C GLY E 193 -19.11 -18.01 -7.27
N PHE E 194 -20.44 -17.99 -7.32
CA PHE E 194 -21.21 -16.90 -6.72
C PHE E 194 -21.08 -16.86 -5.21
N ALA E 195 -21.29 -18.02 -4.58
CA ALA E 195 -21.19 -18.13 -3.13
C ALA E 195 -19.78 -17.75 -2.68
N ARG E 196 -18.78 -18.18 -3.44
CA ARG E 196 -17.40 -17.91 -3.09
C ARG E 196 -17.13 -16.40 -3.10
N LEU E 197 -17.60 -15.72 -4.15
CA LEU E 197 -17.44 -14.26 -4.23
C LEU E 197 -18.19 -13.55 -3.12
N MET E 198 -19.42 -14.00 -2.91
CA MET E 198 -20.27 -13.47 -1.86
C MET E 198 -19.60 -13.66 -0.50
N ALA E 199 -19.20 -14.89 -0.22
CA ALA E 199 -18.55 -15.22 1.04
C ALA E 199 -17.35 -14.31 1.28
N ALA E 200 -16.59 -14.08 0.22
CA ALA E 200 -15.32 -13.34 0.31
C ALA E 200 -15.48 -11.83 0.46
N HIS E 201 -16.64 -11.29 0.06
CA HIS E 201 -16.85 -9.84 -0.03
C HIS E 201 -18.20 -9.40 0.54
N ARG E 202 -18.91 -10.30 1.22
CA ARG E 202 -20.28 -10.03 1.67
C ARG E 202 -20.43 -8.73 2.46
N HIS E 203 -19.33 -8.22 2.98
CA HIS E 203 -19.39 -7.00 3.80
C HIS E 203 -19.22 -5.73 2.96
N GLU E 204 -18.71 -5.85 1.74
CA GLU E 204 -18.51 -4.65 0.91
C GLU E 204 -19.47 -4.56 -0.27
N ILE E 205 -20.43 -5.49 -0.34
CA ILE E 205 -21.38 -5.52 -1.44
C ILE E 205 -22.63 -4.73 -1.14
N ALA E 206 -22.84 -3.65 -1.87
CA ALA E 206 -24.01 -2.83 -1.63
C ALA E 206 -25.27 -3.53 -2.12
N ALA E 207 -25.17 -4.18 -3.27
CA ALA E 207 -26.29 -4.84 -3.90
C ALA E 207 -25.85 -5.91 -4.89
N VAL E 208 -26.73 -6.87 -5.12
CA VAL E 208 -26.57 -7.82 -6.19
C VAL E 208 -27.47 -7.33 -7.32
N ILE E 209 -26.96 -7.24 -8.54
CA ILE E 209 -27.77 -6.81 -9.68
C ILE E 209 -27.74 -7.81 -10.83
N ILE E 210 -28.91 -8.20 -11.32
CA ILE E 210 -29.00 -9.17 -12.42
C ILE E 210 -30.18 -8.89 -13.34
N GLU E 211 -30.07 -9.26 -14.61
CA GLU E 211 -31.25 -9.35 -15.46
C GLU E 211 -31.85 -10.70 -15.15
N PRO E 212 -33.06 -10.74 -14.59
CA PRO E 212 -33.60 -12.04 -14.20
C PRO E 212 -33.94 -12.93 -15.39
N ILE E 213 -33.46 -14.18 -15.31
CA ILE E 213 -33.74 -15.24 -16.27
C ILE E 213 -33.15 -14.99 -17.64
N VAL E 214 -33.42 -13.83 -18.23
CA VAL E 214 -32.87 -13.60 -19.55
C VAL E 214 -31.79 -12.54 -19.52
N GLN E 215 -30.56 -12.95 -19.79
CA GLN E 215 -29.50 -12.00 -20.00
C GLN E 215 -29.60 -11.61 -21.44
N GLY E 216 -30.16 -10.44 -21.67
CA GLY E 216 -30.55 -10.06 -22.99
C GLY E 216 -29.36 -9.69 -23.81
N ALA E 217 -29.03 -8.41 -23.77
CA ALA E 217 -28.04 -7.87 -24.68
C ALA E 217 -26.67 -8.45 -24.41
N GLY E 218 -26.52 -9.15 -23.30
CA GLY E 218 -25.25 -9.73 -22.93
C GLY E 218 -25.01 -11.12 -23.52
N GLY E 219 -25.97 -11.59 -24.30
CA GLY E 219 -25.79 -12.88 -24.96
C GLY E 219 -27.08 -13.65 -25.17
N MET E 220 -28.22 -13.03 -24.90
CA MET E 220 -29.53 -13.68 -24.99
C MET E 220 -29.52 -15.04 -24.30
N ARG E 221 -29.03 -15.05 -23.07
CA ARG E 221 -28.94 -16.28 -22.29
C ARG E 221 -30.18 -16.42 -21.47
N MET E 222 -30.64 -17.65 -21.31
CA MET E 222 -31.84 -17.96 -20.52
C MET E 222 -31.46 -18.95 -19.44
N TYR E 223 -31.35 -18.46 -18.22
CA TYR E 223 -30.79 -19.28 -17.19
C TYR E 223 -31.87 -19.70 -16.23
N HIS E 224 -31.55 -20.64 -15.35
CA HIS E 224 -32.52 -21.34 -14.51
C HIS E 224 -33.10 -20.48 -13.39
N PRO E 225 -34.42 -20.54 -13.20
CA PRO E 225 -35.08 -19.74 -12.16
C PRO E 225 -34.59 -20.06 -10.75
N GLU E 226 -33.95 -21.21 -10.58
CA GLU E 226 -33.45 -21.57 -9.26
C GLU E 226 -32.42 -20.53 -8.81
N TRP E 227 -31.70 -19.93 -9.77
CA TRP E 227 -30.76 -18.85 -9.47
C TRP E 227 -31.38 -17.69 -8.67
N LEU E 228 -32.56 -17.24 -9.10
CA LEU E 228 -33.18 -16.11 -8.46
C LEU E 228 -33.57 -16.46 -7.04
N LYS E 229 -34.07 -17.68 -6.85
CA LYS E 229 -34.44 -18.15 -5.52
C LYS E 229 -33.23 -18.15 -4.59
N ARG E 230 -32.12 -18.72 -5.07
CA ARG E 230 -30.91 -18.86 -4.28
C ARG E 230 -30.30 -17.49 -3.99
N ILE E 231 -30.26 -16.62 -5.00
CA ILE E 231 -29.73 -15.27 -4.85
C ILE E 231 -30.62 -14.41 -3.93
N ARG E 232 -31.93 -14.57 -4.08
CA ARG E 232 -32.88 -13.88 -3.21
C ARG E 232 -32.64 -14.37 -1.78
N LYS E 233 -32.46 -15.68 -1.62
CA LYS E 233 -32.19 -16.24 -0.31
C LYS E 233 -30.84 -15.73 0.22
N ILE E 234 -29.81 -15.75 -0.62
CA ILE E 234 -28.50 -15.26 -0.19
C ILE E 234 -28.51 -13.80 0.22
N CYS E 235 -29.22 -12.99 -0.55
CA CYS E 235 -29.29 -11.57 -0.29
C CYS E 235 -29.99 -11.30 1.03
N ASP E 236 -31.03 -12.08 1.29
CA ASP E 236 -31.73 -11.97 2.55
C ASP E 236 -30.82 -12.26 3.73
N ARG E 237 -30.06 -13.34 3.65
CA ARG E 237 -29.22 -13.77 4.77
C ARG E 237 -28.15 -12.74 5.07
N GLU E 238 -27.60 -12.13 4.03
CA GLU E 238 -26.53 -11.17 4.20
C GLU E 238 -27.07 -9.79 4.36
N GLY E 239 -28.37 -9.63 4.12
CA GLY E 239 -29.01 -8.31 4.16
C GLY E 239 -28.67 -7.38 3.00
N ILE E 240 -28.12 -7.99 1.95
CA ILE E 240 -27.72 -7.29 0.73
C ILE E 240 -28.92 -7.02 -0.18
N LEU E 241 -28.98 -5.84 -0.78
CA LEU E 241 -30.08 -5.47 -1.68
C LEU E 241 -30.04 -6.21 -3.01
N LEU E 242 -31.20 -6.61 -3.48
CA LEU E 242 -31.26 -7.20 -4.81
C LEU E 242 -31.89 -6.23 -5.80
N ILE E 243 -31.10 -5.85 -6.78
CA ILE E 243 -31.57 -5.05 -7.89
C ILE E 243 -31.89 -5.98 -9.07
N ALA E 244 -33.16 -6.04 -9.45
CA ALA E 244 -33.55 -6.78 -10.64
C ALA E 244 -33.76 -5.81 -11.77
N ASP E 245 -32.92 -5.91 -12.79
CA ASP E 245 -33.05 -5.08 -13.98
C ASP E 245 -34.00 -5.72 -14.97
N GLU E 246 -35.26 -5.32 -14.95
CA GLU E 246 -36.20 -5.91 -15.89
C GLU E 246 -36.46 -4.96 -17.04
N ILE E 247 -35.47 -4.17 -17.40
CA ILE E 247 -35.69 -3.22 -18.48
C ILE E 247 -36.06 -3.93 -19.78
N ALA E 248 -35.48 -5.11 -19.98
CA ALA E 248 -35.78 -5.91 -21.15
C ALA E 248 -36.89 -6.94 -20.87
N THR E 249 -36.84 -7.57 -19.72
CA THR E 249 -37.73 -8.70 -19.45
C THR E 249 -39.11 -8.28 -18.97
N GLY E 250 -39.25 -7.04 -18.57
CA GLY E 250 -40.51 -6.58 -18.03
C GLY E 250 -41.62 -6.64 -19.04
N PHE E 251 -42.84 -6.78 -18.52
CA PHE E 251 -44.10 -6.67 -19.30
C PHE E 251 -44.29 -7.80 -20.30
N GLY E 252 -44.01 -9.01 -19.84
CA GLY E 252 -44.55 -10.19 -20.47
C GLY E 252 -43.64 -10.91 -21.44
N ARG E 253 -42.53 -10.30 -21.84
CA ARG E 253 -41.72 -10.87 -22.92
C ARG E 253 -41.28 -12.29 -22.61
N THR E 254 -41.08 -12.63 -21.34
CA THR E 254 -40.67 -13.99 -21.05
C THR E 254 -41.84 -14.93 -20.71
N GLY E 255 -43.07 -14.48 -20.89
CA GLY E 255 -44.21 -15.32 -20.59
C GLY E 255 -44.85 -15.06 -19.24
N LYS E 256 -44.11 -14.43 -18.34
CA LYS E 256 -44.69 -13.91 -17.11
C LYS E 256 -44.58 -12.39 -17.15
N LEU E 257 -45.45 -11.69 -16.42
CA LEU E 257 -45.51 -10.23 -16.51
C LEU E 257 -44.14 -9.62 -16.27
N PHE E 258 -43.49 -10.10 -15.23
CA PHE E 258 -42.11 -9.78 -14.96
C PHE E 258 -41.33 -11.07 -14.77
N ALA E 259 -40.14 -11.17 -15.34
CA ALA E 259 -39.40 -12.43 -15.33
C ALA E 259 -39.11 -12.92 -13.93
N CYS E 260 -39.16 -12.02 -12.95
CA CYS E 260 -38.96 -12.39 -11.55
C CYS E 260 -40.00 -13.43 -11.12
N GLU E 261 -41.17 -13.40 -11.75
CA GLU E 261 -42.29 -14.26 -11.37
C GLU E 261 -41.95 -15.73 -11.63
N HIS E 262 -41.08 -15.97 -12.60
CA HIS E 262 -40.56 -17.31 -12.88
C HIS E 262 -39.92 -17.96 -11.66
N ALA E 263 -39.55 -17.17 -10.65
CA ALA E 263 -38.95 -17.74 -9.44
C ALA E 263 -39.74 -17.38 -8.18
N GLU E 264 -40.87 -16.70 -8.38
CA GLU E 264 -41.69 -16.21 -7.27
C GLU E 264 -40.87 -15.47 -6.23
N ILE E 265 -39.97 -14.61 -6.68
CA ILE E 265 -39.22 -13.76 -5.77
C ILE E 265 -39.50 -12.30 -6.04
N ALA E 266 -39.19 -11.46 -5.07
CA ALA E 266 -39.32 -10.02 -5.23
C ALA E 266 -37.97 -9.35 -5.02
N PRO E 267 -37.58 -8.47 -5.96
CA PRO E 267 -36.32 -7.76 -5.72
C PRO E 267 -36.57 -6.60 -4.78
N ASP E 268 -35.49 -6.06 -4.21
CA ASP E 268 -35.56 -4.89 -3.36
C ASP E 268 -35.67 -3.65 -4.22
N ILE E 269 -35.04 -3.70 -5.38
CA ILE E 269 -35.08 -2.60 -6.34
C ILE E 269 -35.37 -3.18 -7.72
N LEU E 270 -36.29 -2.56 -8.44
CA LEU E 270 -36.72 -3.07 -9.75
C LEU E 270 -36.55 -2.02 -10.84
N CYS E 271 -35.83 -2.37 -11.88
CA CYS E 271 -35.65 -1.43 -12.97
C CYS E 271 -36.54 -1.78 -14.12
N LEU E 272 -37.25 -0.79 -14.63
CA LEU E 272 -38.15 -1.02 -15.72
C LEU E 272 -37.89 -0.01 -16.82
N GLY E 273 -38.20 -0.37 -18.05
CA GLY E 273 -38.09 0.55 -19.18
C GLY E 273 -38.64 -0.09 -20.44
N LYS E 274 -38.16 0.37 -21.59
CA LYS E 274 -38.47 -0.23 -22.88
C LYS E 274 -39.97 -0.46 -23.11
N ALA E 275 -40.48 -1.68 -22.85
CA ALA E 275 -41.88 -1.99 -23.13
C ALA E 275 -42.82 -1.17 -22.26
N LEU E 276 -42.26 -0.56 -21.22
CA LEU E 276 -43.00 0.35 -20.34
C LEU E 276 -43.82 1.39 -21.13
N THR E 277 -43.27 1.96 -22.19
CA THR E 277 -44.02 2.93 -22.97
C THR E 277 -44.57 2.32 -24.26
N GLY E 278 -44.51 0.99 -24.35
CA GLY E 278 -44.84 0.29 -25.57
C GLY E 278 -43.86 0.61 -26.68
N GLY E 279 -42.68 1.11 -26.31
CA GLY E 279 -41.67 1.41 -27.31
C GLY E 279 -42.03 2.60 -28.16
N THR E 280 -42.88 3.47 -27.61
CA THR E 280 -43.30 4.65 -28.34
C THR E 280 -42.29 5.76 -28.18
N MET E 281 -41.65 5.80 -27.02
CA MET E 281 -40.70 6.83 -26.66
C MET E 281 -40.00 6.41 -25.38
N THR E 282 -38.94 7.11 -25.00
CA THR E 282 -38.15 6.64 -23.86
C THR E 282 -38.72 7.05 -22.50
N LEU E 283 -38.66 6.12 -21.56
CA LEU E 283 -39.06 6.31 -20.18
C LEU E 283 -38.61 5.09 -19.40
N SER E 284 -38.33 5.29 -18.12
CA SER E 284 -37.93 4.21 -17.26
C SER E 284 -38.52 4.48 -15.92
N ALA E 285 -38.45 3.48 -15.06
CA ALA E 285 -38.96 3.60 -13.71
C ALA E 285 -38.13 2.70 -12.85
N THR E 286 -37.75 3.14 -11.67
CA THR E 286 -37.09 2.26 -10.73
C THR E 286 -37.89 2.16 -9.45
N LEU E 287 -38.40 0.98 -9.17
CA LEU E 287 -39.23 0.79 -7.99
C LEU E 287 -38.41 0.19 -6.87
N THR E 288 -38.75 0.57 -5.65
CA THR E 288 -38.08 0.03 -4.48
C THR E 288 -39.06 -0.09 -3.33
N THR E 289 -38.58 -0.67 -2.24
CA THR E 289 -39.42 -0.94 -1.08
C THR E 289 -39.53 0.27 -0.16
N ARG E 290 -40.54 0.25 0.71
CA ARG E 290 -40.61 1.30 1.72
C ARG E 290 -39.35 1.28 2.57
N GLU E 291 -38.83 0.08 2.83
CA GLU E 291 -37.62 -0.05 3.64
C GLU E 291 -36.47 0.75 3.04
N VAL E 292 -36.17 0.48 1.78
CA VAL E 292 -35.11 1.19 1.06
C VAL E 292 -35.43 2.68 0.91
N ALA E 293 -36.68 2.99 0.59
CA ALA E 293 -37.10 4.38 0.42
C ALA E 293 -36.93 5.22 1.69
N GLU E 294 -37.34 4.68 2.83
CA GLU E 294 -37.24 5.43 4.08
C GLU E 294 -35.80 5.52 4.55
N THR E 295 -35.05 4.44 4.40
CA THR E 295 -33.65 4.43 4.80
C THR E 295 -32.86 5.54 4.10
N ILE E 296 -33.00 5.61 2.78
CA ILE E 296 -32.37 6.64 1.96
C ILE E 296 -32.75 8.05 2.41
N SER E 297 -34.04 8.24 2.64
CA SER E 297 -34.58 9.55 2.95
C SER E 297 -34.12 10.04 4.31
N ASN E 298 -33.79 9.11 5.19
CA ASN E 298 -33.35 9.45 6.53
C ASN E 298 -31.84 9.58 6.69
N GLY E 299 -31.12 9.62 5.57
CA GLY E 299 -29.67 9.80 5.59
C GLY E 299 -29.24 11.25 5.71
N GLU E 300 -27.94 11.49 5.60
CA GLU E 300 -27.40 12.83 5.74
C GLU E 300 -27.92 13.74 4.64
N ALA E 301 -28.21 13.15 3.49
CA ALA E 301 -28.72 13.91 2.36
C ALA E 301 -30.14 14.40 2.62
N GLY E 302 -30.91 13.61 3.35
CA GLY E 302 -32.29 13.96 3.66
C GLY E 302 -33.22 13.69 2.48
N CYS E 303 -32.69 13.02 1.46
CA CYS E 303 -33.47 12.72 0.26
C CYS E 303 -32.72 11.74 -0.66
N PHE E 304 -33.43 11.27 -1.69
CA PHE E 304 -32.81 10.53 -2.76
C PHE E 304 -32.29 11.52 -3.81
N MET E 305 -30.98 11.48 -4.02
CA MET E 305 -30.34 12.51 -4.82
C MET E 305 -30.33 12.23 -6.32
N HIS E 306 -31.49 12.33 -6.96
CA HIS E 306 -31.56 12.21 -8.41
C HIS E 306 -32.74 13.01 -8.94
N GLY E 307 -32.60 13.64 -10.10
CA GLY E 307 -33.74 14.33 -10.72
C GLY E 307 -33.58 14.76 -12.16
N PRO E 308 -33.88 13.88 -13.13
CA PRO E 308 -33.70 14.33 -14.51
C PRO E 308 -34.63 15.51 -14.82
N THR E 309 -34.22 16.37 -15.74
CA THR E 309 -35.03 17.52 -16.15
C THR E 309 -36.44 17.10 -16.47
N PHE E 310 -36.57 16.02 -17.24
CA PHE E 310 -37.88 15.60 -17.74
C PHE E 310 -38.52 14.48 -16.92
N MET E 311 -38.08 14.35 -15.67
CA MET E 311 -38.64 13.34 -14.78
C MET E 311 -40.15 13.37 -14.82
N GLY E 312 -40.75 12.21 -15.00
CA GLY E 312 -42.19 12.05 -14.98
C GLY E 312 -42.90 12.61 -16.19
N ASN E 313 -42.15 12.88 -17.25
CA ASN E 313 -42.71 13.44 -18.48
C ASN E 313 -44.07 12.86 -18.79
N PRO E 314 -45.11 13.70 -18.66
CA PRO E 314 -46.52 13.31 -18.84
C PRO E 314 -46.81 12.59 -20.16
N LEU E 315 -46.25 13.07 -21.27
CA LEU E 315 -46.50 12.40 -22.54
C LEU E 315 -46.09 10.93 -22.48
N ALA E 316 -44.86 10.69 -22.02
CA ALA E 316 -44.35 9.34 -21.89
C ALA E 316 -45.16 8.53 -20.89
N CYS E 317 -45.60 9.15 -19.80
CA CYS E 317 -46.40 8.42 -18.81
C CYS E 317 -47.71 8.00 -19.42
N ALA E 318 -48.30 8.89 -20.21
CA ALA E 318 -49.56 8.60 -20.87
C ALA E 318 -49.37 7.41 -21.80
N ALA E 319 -48.27 7.38 -22.54
CA ALA E 319 -48.01 6.27 -23.42
C ALA E 319 -47.86 5.00 -22.61
N ALA E 320 -47.18 5.12 -21.47
CA ALA E 320 -46.98 3.98 -20.58
C ALA E 320 -48.30 3.50 -20.02
N ASN E 321 -49.14 4.44 -19.63
CA ASN E 321 -50.47 4.12 -19.15
C ASN E 321 -51.29 3.37 -20.18
N ALA E 322 -51.27 3.84 -21.42
CA ALA E 322 -51.97 3.17 -22.50
C ALA E 322 -51.39 1.78 -22.74
N SER E 323 -50.05 1.69 -22.71
CA SER E 323 -49.38 0.43 -22.91
C SER E 323 -49.73 -0.57 -21.83
N LEU E 324 -49.71 -0.14 -20.58
CA LEU E 324 -50.00 -1.07 -19.48
C LEU E 324 -51.47 -1.48 -19.52
N ALA E 325 -52.32 -0.52 -19.89
CA ALA E 325 -53.75 -0.78 -19.97
C ALA E 325 -54.06 -1.88 -20.99
N ILE E 326 -53.30 -1.91 -22.09
CA ILE E 326 -53.44 -2.98 -23.08
C ILE E 326 -53.07 -4.33 -22.47
N LEU E 327 -52.07 -4.33 -21.61
CA LEU E 327 -51.64 -5.58 -21.00
C LEU E 327 -52.65 -6.07 -19.95
N GLU E 328 -53.50 -5.16 -19.49
CA GLU E 328 -54.48 -5.45 -18.44
C GLU E 328 -55.57 -6.39 -18.94
N SER E 329 -55.79 -6.43 -20.25
CA SER E 329 -56.73 -7.39 -20.82
C SER E 329 -56.22 -8.80 -20.61
N GLY E 330 -54.91 -8.95 -20.51
CA GLY E 330 -54.36 -10.28 -20.29
C GLY E 330 -54.15 -11.04 -21.58
N ASP E 331 -54.46 -10.39 -22.69
CA ASP E 331 -54.31 -11.02 -23.99
C ASP E 331 -52.86 -11.39 -24.32
N TRP E 332 -51.93 -10.69 -23.69
CA TRP E 332 -50.52 -10.89 -23.97
C TRP E 332 -50.04 -12.31 -23.61
N GLN E 333 -50.61 -12.89 -22.54
CA GLN E 333 -50.11 -14.16 -22.02
C GLN E 333 -50.17 -15.25 -23.07
N GLN E 334 -51.34 -15.42 -23.66
CA GLN E 334 -51.54 -16.44 -24.66
C GLN E 334 -50.78 -16.07 -25.93
N GLN E 335 -50.73 -14.79 -26.24
CA GLN E 335 -50.01 -14.33 -27.42
C GLN E 335 -48.56 -14.70 -27.30
N VAL E 336 -48.01 -14.51 -26.10
CA VAL E 336 -46.62 -14.81 -25.88
C VAL E 336 -46.46 -16.32 -25.78
N ALA E 337 -47.43 -16.98 -25.14
CA ALA E 337 -47.45 -18.44 -25.08
C ALA E 337 -47.48 -19.00 -26.48
N ASP E 338 -48.30 -18.42 -27.34
CA ASP E 338 -48.38 -18.87 -28.72
C ASP E 338 -47.09 -18.61 -29.48
N ILE E 339 -46.49 -17.43 -29.31
CA ILE E 339 -45.24 -17.13 -30.00
C ILE E 339 -44.10 -18.07 -29.58
N GLU E 340 -44.04 -18.35 -28.29
CA GLU E 340 -43.08 -19.29 -27.73
C GLU E 340 -43.22 -20.66 -28.42
N VAL E 341 -44.46 -21.18 -28.45
CA VAL E 341 -44.75 -22.45 -29.09
C VAL E 341 -44.28 -22.38 -30.55
N GLN E 342 -44.69 -21.34 -31.28
CA GLN E 342 -44.32 -21.27 -32.70
C GLN E 342 -42.81 -21.10 -32.91
N LEU E 343 -42.14 -20.38 -32.02
CA LEU E 343 -40.68 -20.15 -32.13
C LEU E 343 -39.92 -21.45 -31.89
N ARG E 344 -40.33 -22.21 -30.86
CA ARG E 344 -39.69 -23.50 -30.58
C ARG E 344 -39.82 -24.40 -31.77
N GLU E 345 -41.02 -24.48 -32.33
CA GLU E 345 -41.26 -25.43 -33.38
C GLU E 345 -40.51 -25.02 -34.62
N GLN E 346 -40.64 -23.76 -35.02
CA GLN E 346 -40.12 -23.35 -36.31
C GLN E 346 -38.60 -23.02 -36.29
N LEU E 347 -38.01 -22.86 -35.10
CA LEU E 347 -36.56 -22.61 -35.02
C LEU E 347 -35.78 -23.88 -34.68
N ALA E 348 -36.48 -24.88 -34.17
CA ALA E 348 -35.88 -26.16 -33.83
C ALA E 348 -34.98 -26.76 -34.95
N PRO E 349 -35.46 -26.73 -36.24
CA PRO E 349 -34.65 -27.26 -37.34
C PRO E 349 -33.28 -26.63 -37.48
N ALA E 350 -33.15 -25.39 -37.00
CA ALA E 350 -31.91 -24.65 -37.17
C ALA E 350 -30.80 -25.38 -36.46
N ARG E 351 -31.14 -26.16 -35.43
CA ARG E 351 -30.14 -26.96 -34.72
C ARG E 351 -29.33 -27.86 -35.68
N ASP E 352 -29.94 -28.30 -36.78
CA ASP E 352 -29.25 -29.15 -37.76
C ASP E 352 -28.31 -28.35 -38.66
N ALA E 353 -28.43 -27.03 -38.67
CA ALA E 353 -27.57 -26.23 -39.51
C ALA E 353 -26.17 -26.30 -38.94
N GLU E 354 -25.17 -26.32 -39.82
CA GLU E 354 -23.79 -26.51 -39.35
C GLU E 354 -23.35 -25.27 -38.64
N MET E 355 -23.92 -24.15 -39.06
CA MET E 355 -23.54 -22.86 -38.55
C MET E 355 -24.17 -22.60 -37.18
N VAL E 356 -25.13 -23.40 -36.76
CA VAL E 356 -25.84 -23.10 -35.51
C VAL E 356 -25.24 -23.87 -34.34
N ALA E 357 -25.01 -23.17 -33.24
CA ALA E 357 -24.44 -23.78 -32.04
C ALA E 357 -25.49 -24.07 -31.00
N ASP E 358 -26.55 -23.26 -30.97
CA ASP E 358 -27.63 -23.47 -29.99
C ASP E 358 -28.89 -22.75 -30.42
N VAL E 359 -30.03 -23.28 -30.00
CA VAL E 359 -31.31 -22.62 -30.22
C VAL E 359 -32.04 -22.62 -28.89
N ARG E 360 -32.44 -21.45 -28.44
CA ARG E 360 -33.19 -21.36 -27.21
C ARG E 360 -34.35 -20.40 -27.36
N VAL E 361 -35.46 -20.72 -26.71
CA VAL E 361 -36.67 -19.95 -26.81
C VAL E 361 -37.28 -19.84 -25.43
N LEU E 362 -37.75 -18.64 -25.10
CA LEU E 362 -38.50 -18.38 -23.89
C LEU E 362 -39.44 -17.22 -24.18
N GLY E 363 -40.74 -17.41 -23.90
CA GLY E 363 -41.72 -16.40 -24.20
C GLY E 363 -41.61 -15.96 -25.65
N ALA E 364 -41.77 -14.69 -25.93
CA ALA E 364 -41.65 -14.20 -27.29
C ALA E 364 -40.20 -13.84 -27.66
N ILE E 365 -39.27 -14.66 -27.20
CA ILE E 365 -37.87 -14.56 -27.58
C ILE E 365 -37.35 -15.83 -28.22
N GLY E 366 -36.82 -15.73 -29.43
CA GLY E 366 -36.27 -16.90 -30.07
C GLY E 366 -34.84 -16.61 -30.43
N VAL E 367 -33.92 -17.44 -29.95
CA VAL E 367 -32.52 -17.17 -30.18
C VAL E 367 -31.83 -18.27 -30.94
N VAL E 368 -31.24 -17.93 -32.09
CA VAL E 368 -30.40 -18.89 -32.77
C VAL E 368 -28.94 -18.43 -32.64
N GLU E 369 -28.20 -19.07 -31.74
CA GLU E 369 -26.78 -18.77 -31.53
C GLU E 369 -25.94 -19.50 -32.57
N THR E 370 -25.10 -18.77 -33.29
CA THR E 370 -24.33 -19.37 -34.36
C THR E 370 -22.91 -19.60 -33.92
N THR E 371 -22.17 -20.39 -34.70
CA THR E 371 -20.82 -20.79 -34.34
C THR E 371 -19.81 -19.74 -34.69
N HIS E 372 -20.19 -18.86 -35.58
CA HIS E 372 -19.29 -17.80 -35.98
C HIS E 372 -20.09 -16.52 -35.97
N PRO E 373 -19.42 -15.39 -35.72
CA PRO E 373 -20.15 -14.12 -35.73
C PRO E 373 -20.76 -13.88 -37.10
N VAL E 374 -21.93 -13.26 -37.14
CA VAL E 374 -22.59 -12.99 -38.42
C VAL E 374 -21.90 -11.88 -39.22
N ASN E 375 -22.03 -11.95 -40.53
CA ASN E 375 -21.59 -10.89 -41.43
C ASN E 375 -22.69 -9.83 -41.53
N MET E 376 -22.66 -8.88 -40.60
CA MET E 376 -23.77 -7.94 -40.37
C MET E 376 -24.31 -7.34 -41.66
N ALA E 377 -23.44 -6.74 -42.45
CA ALA E 377 -23.85 -6.00 -43.63
C ALA E 377 -24.59 -6.88 -44.65
N ALA E 378 -23.99 -8.04 -44.97
CA ALA E 378 -24.55 -8.97 -45.95
C ALA E 378 -25.85 -9.60 -45.46
N LEU E 379 -25.83 -10.07 -44.21
CA LEU E 379 -26.97 -10.74 -43.58
C LEU E 379 -28.16 -9.82 -43.35
N GLN E 380 -27.87 -8.57 -42.97
CA GLN E 380 -28.90 -7.56 -42.81
C GLN E 380 -29.56 -7.28 -44.15
N LYS E 381 -28.76 -7.21 -45.21
CA LYS E 381 -29.28 -7.02 -46.56
C LYS E 381 -30.21 -8.18 -46.94
N PHE E 382 -29.77 -9.39 -46.62
CA PHE E 382 -30.53 -10.59 -46.91
C PHE E 382 -31.89 -10.52 -46.26
N PHE E 383 -31.89 -10.16 -44.99
CA PHE E 383 -33.14 -10.10 -44.25
C PHE E 383 -34.06 -9.04 -44.89
N VAL E 384 -33.50 -7.92 -45.30
CA VAL E 384 -34.34 -6.90 -45.93
C VAL E 384 -34.96 -7.47 -47.18
N GLU E 385 -34.14 -8.17 -47.97
CA GLU E 385 -34.59 -8.79 -49.22
C GLU E 385 -35.65 -9.88 -48.99
N GLN E 386 -35.60 -10.54 -47.84
CA GLN E 386 -36.64 -11.49 -47.46
C GLN E 386 -37.87 -10.78 -46.86
N GLY E 387 -37.85 -9.45 -46.87
CA GLY E 387 -38.98 -8.69 -46.37
C GLY E 387 -39.18 -8.73 -44.87
N VAL E 388 -38.13 -9.02 -44.12
CA VAL E 388 -38.24 -8.98 -42.67
C VAL E 388 -37.23 -8.03 -42.06
N TRP E 389 -37.51 -7.54 -40.86
CA TRP E 389 -36.51 -6.79 -40.14
C TRP E 389 -35.99 -7.64 -38.99
N ILE E 390 -34.80 -8.18 -39.16
CA ILE E 390 -34.12 -8.89 -38.10
C ILE E 390 -32.70 -8.31 -37.99
N ARG E 391 -32.33 -7.89 -36.78
CA ARG E 391 -31.05 -7.24 -36.53
C ARG E 391 -30.23 -8.19 -35.69
N PRO E 392 -29.39 -9.01 -36.34
CA PRO E 392 -28.60 -9.97 -35.59
C PRO E 392 -27.49 -9.25 -34.84
N PHE E 393 -26.93 -9.90 -33.83
CA PHE E 393 -25.86 -9.30 -33.06
C PHE E 393 -24.83 -10.37 -32.70
N GLY E 394 -23.60 -10.15 -33.19
CA GLY E 394 -22.50 -11.06 -32.96
C GLY E 394 -22.78 -12.46 -33.41
N LYS E 395 -22.85 -13.39 -32.46
CA LYS E 395 -23.15 -14.78 -32.79
C LYS E 395 -24.61 -15.09 -32.51
N LEU E 396 -25.46 -14.06 -32.53
CA LEU E 396 -26.88 -14.22 -32.22
C LEU E 396 -27.80 -13.75 -33.34
N ILE E 397 -28.64 -14.65 -33.84
CA ILE E 397 -29.73 -14.23 -34.71
C ILE E 397 -30.98 -14.49 -33.87
N TYR E 398 -31.57 -13.43 -33.33
CA TYR E 398 -32.64 -13.63 -32.37
C TYR E 398 -33.91 -12.87 -32.76
N LEU E 399 -35.04 -13.39 -32.28
CA LEU E 399 -36.32 -12.78 -32.60
C LEU E 399 -37.05 -12.41 -31.33
N MET E 400 -37.61 -11.22 -31.33
CA MET E 400 -38.45 -10.78 -30.24
C MET E 400 -39.58 -9.96 -30.83
N PRO E 401 -40.52 -10.65 -31.47
CA PRO E 401 -41.55 -9.95 -32.24
C PRO E 401 -42.54 -9.26 -31.32
N PRO E 402 -43.27 -8.26 -31.85
CA PRO E 402 -44.36 -7.69 -31.07
C PRO E 402 -45.36 -8.78 -30.72
N TYR E 403 -46.08 -8.64 -29.62
CA TYR E 403 -47.02 -9.68 -29.17
C TYR E 403 -48.16 -9.83 -30.15
N ILE E 404 -48.37 -8.80 -30.96
CA ILE E 404 -49.52 -8.82 -31.86
C ILE E 404 -49.16 -9.46 -33.20
N ILE E 405 -47.96 -10.05 -33.29
CA ILE E 405 -47.53 -10.61 -34.56
C ILE E 405 -48.42 -11.78 -34.98
N LEU E 406 -48.80 -11.81 -36.26
CA LEU E 406 -49.64 -12.89 -36.79
C LEU E 406 -48.81 -14.15 -37.06
N PRO E 407 -49.42 -15.34 -36.90
CA PRO E 407 -48.69 -16.60 -37.09
C PRO E 407 -48.00 -16.65 -38.45
N GLN E 408 -48.63 -16.14 -39.51
CA GLN E 408 -48.05 -16.12 -40.85
C GLN E 408 -46.88 -15.13 -40.93
N GLN E 409 -46.96 -14.08 -40.13
CA GLN E 409 -45.85 -13.12 -40.01
C GLN E 409 -44.64 -13.71 -39.28
N LEU E 410 -44.91 -14.41 -38.18
CA LEU E 410 -43.87 -15.05 -37.39
C LEU E 410 -43.16 -16.07 -38.23
N GLN E 411 -43.91 -16.76 -39.08
CA GLN E 411 -43.35 -17.79 -39.91
C GLN E 411 -42.34 -17.21 -40.89
N ARG E 412 -42.65 -16.06 -41.48
CA ARG E 412 -41.66 -15.42 -42.34
C ARG E 412 -40.35 -15.10 -41.65
N LEU E 413 -40.43 -14.72 -40.38
CA LEU E 413 -39.23 -14.41 -39.61
C LEU E 413 -38.41 -15.70 -39.45
N THR E 414 -39.06 -16.74 -38.93
CA THR E 414 -38.42 -18.01 -38.66
C THR E 414 -37.92 -18.63 -39.96
N ALA E 415 -38.64 -18.42 -41.04
CA ALA E 415 -38.17 -18.93 -42.32
C ALA E 415 -36.89 -18.23 -42.70
N ALA E 416 -36.87 -16.90 -42.56
CA ALA E 416 -35.68 -16.10 -42.94
C ALA E 416 -34.47 -16.48 -42.09
N VAL E 417 -34.68 -16.71 -40.79
CA VAL E 417 -33.59 -17.13 -39.93
C VAL E 417 -33.01 -18.47 -40.34
N ASN E 418 -33.91 -19.41 -40.59
CA ASN E 418 -33.51 -20.75 -41.02
C ASN E 418 -32.78 -20.76 -42.35
N ARG E 419 -33.24 -19.95 -43.30
CA ARG E 419 -32.58 -19.91 -44.57
C ARG E 419 -31.18 -19.29 -44.41
N ALA E 420 -31.08 -18.30 -43.54
CA ALA E 420 -29.82 -17.58 -43.35
C ALA E 420 -28.73 -18.45 -42.73
N VAL E 421 -29.09 -19.29 -41.77
CA VAL E 421 -28.08 -20.07 -41.06
C VAL E 421 -27.60 -21.25 -41.90
N GLN E 422 -28.27 -21.49 -43.02
CA GLN E 422 -27.83 -22.53 -43.95
C GLN E 422 -26.64 -22.05 -44.79
N ASP E 423 -26.62 -20.76 -45.09
CA ASP E 423 -25.61 -20.20 -45.96
C ASP E 423 -24.49 -19.62 -45.12
N GLU E 424 -23.26 -20.05 -45.37
CA GLU E 424 -22.16 -19.58 -44.55
C GLU E 424 -21.65 -18.24 -45.05
N THR E 425 -22.24 -17.74 -46.14
CA THR E 425 -21.84 -16.46 -46.71
C THR E 425 -22.14 -15.33 -45.75
N PHE E 426 -23.07 -15.61 -44.84
CA PHE E 426 -23.53 -14.65 -43.87
C PHE E 426 -22.75 -14.80 -42.57
N PHE E 427 -21.58 -15.43 -42.62
CA PHE E 427 -20.79 -15.61 -41.40
C PHE E 427 -19.32 -15.35 -41.68
N CYS E 428 -18.57 -14.91 -40.67
CA CYS E 428 -17.15 -14.58 -40.82
C CYS E 428 -16.16 -15.52 -40.16
N GLN E 429 -14.99 -15.70 -40.80
CA GLN E 429 -13.88 -16.49 -40.26
C GLN E 429 -14.27 -17.88 -39.78
N ALA F 1 -56.60 15.87 -10.28
CA ALA F 1 -56.22 14.86 -9.29
C ALA F 1 -57.01 15.01 -7.97
N THR F 2 -57.41 13.86 -7.42
CA THR F 2 -58.16 13.77 -6.15
C THR F 2 -57.20 14.04 -4.97
N THR F 3 -57.75 14.09 -3.76
CA THR F 3 -56.91 14.18 -2.57
C THR F 3 -56.32 12.77 -2.33
N ASP F 4 -56.90 11.78 -3.03
CA ASP F 4 -56.46 10.38 -2.99
C ASP F 4 -55.33 10.18 -4.02
N ASP F 5 -55.43 10.87 -5.15
CA ASP F 5 -54.31 10.95 -6.07
C ASP F 5 -53.11 11.56 -5.35
N LEU F 6 -53.30 12.77 -4.82
CA LEU F 6 -52.23 13.49 -4.13
C LEU F 6 -51.66 12.67 -2.99
N ALA F 7 -52.50 11.86 -2.37
CA ALA F 7 -52.06 11.04 -1.28
C ALA F 7 -51.21 9.89 -1.82
N PHE F 8 -51.58 9.35 -2.97
CA PHE F 8 -50.79 8.30 -3.58
C PHE F 8 -49.45 8.86 -4.06
N ASP F 9 -49.49 10.06 -4.63
CA ASP F 9 -48.27 10.69 -5.11
C ASP F 9 -47.29 10.84 -3.97
N GLN F 10 -47.79 11.37 -2.87
CA GLN F 10 -46.96 11.63 -1.69
C GLN F 10 -46.36 10.35 -1.13
N ARG F 11 -47.13 9.28 -1.16
CA ARG F 11 -46.78 8.05 -0.46
C ARG F 11 -45.95 7.09 -1.32
N HIS F 12 -45.96 7.27 -2.64
CA HIS F 12 -45.36 6.28 -3.55
C HIS F 12 -44.45 6.84 -4.63
N ILE F 13 -44.55 8.14 -4.90
CA ILE F 13 -43.90 8.72 -6.07
C ILE F 13 -42.78 9.67 -5.71
N TRP F 14 -41.54 9.37 -6.11
CA TRP F 14 -40.45 10.31 -5.86
C TRP F 14 -40.61 11.48 -6.80
N HIS F 15 -40.16 12.65 -6.36
CA HIS F 15 -40.01 13.76 -7.27
C HIS F 15 -38.52 14.10 -7.24
N PRO F 16 -38.07 15.04 -8.10
CA PRO F 16 -36.64 15.35 -8.11
C PRO F 16 -36.10 15.72 -6.75
N TYR F 17 -35.10 14.98 -6.28
CA TYR F 17 -34.45 15.24 -5.01
C TYR F 17 -35.39 15.41 -3.84
N THR F 18 -36.27 14.45 -3.64
CA THR F 18 -37.23 14.55 -2.55
C THR F 18 -37.06 13.37 -1.61
N SER F 19 -37.61 13.53 -0.41
CA SER F 19 -37.62 12.53 0.62
C SER F 19 -38.94 11.79 0.60
N MET F 20 -38.89 10.48 0.79
CA MET F 20 -40.12 9.70 0.83
C MET F 20 -40.74 9.68 2.21
N THR F 21 -39.95 9.97 3.24
CA THR F 21 -40.44 10.01 4.61
C THR F 21 -41.15 11.35 4.87
N SER F 22 -40.51 12.46 4.50
CA SER F 22 -41.09 13.79 4.73
C SER F 22 -41.18 14.64 3.45
N PRO F 23 -42.06 14.26 2.51
CA PRO F 23 -42.20 14.99 1.25
C PRO F 23 -42.89 16.33 1.40
N LEU F 24 -42.49 17.32 0.61
CA LEU F 24 -43.12 18.63 0.61
C LEU F 24 -44.34 18.57 -0.31
N PRO F 25 -45.29 19.51 -0.16
CA PRO F 25 -46.48 19.48 -1.01
C PRO F 25 -46.12 19.68 -2.48
N VAL F 26 -46.85 19.02 -3.36
CA VAL F 26 -46.68 19.24 -4.78
C VAL F 26 -48.02 19.67 -5.34
N TYR F 27 -48.02 20.53 -6.34
CA TYR F 27 -49.27 21.04 -6.84
C TYR F 27 -49.67 20.26 -8.07
N PRO F 28 -50.92 19.79 -8.11
CA PRO F 28 -51.39 19.00 -9.27
C PRO F 28 -51.68 19.89 -10.46
N VAL F 29 -50.96 19.66 -11.56
CA VAL F 29 -51.20 20.41 -12.79
C VAL F 29 -51.96 19.53 -13.76
N VAL F 30 -53.04 20.06 -14.34
CA VAL F 30 -53.86 19.23 -15.22
C VAL F 30 -53.59 19.55 -16.68
N SER F 31 -53.17 20.77 -16.96
CA SER F 31 -52.87 21.11 -18.34
C SER F 31 -52.05 22.36 -18.42
N ALA F 32 -51.69 22.75 -19.64
CA ALA F 32 -50.91 23.96 -19.81
C ALA F 32 -51.05 24.54 -21.21
N GLU F 33 -50.98 25.86 -21.29
CA GLU F 33 -51.13 26.56 -22.57
C GLU F 33 -50.49 27.94 -22.48
N GLY F 34 -49.83 28.35 -23.58
CA GLY F 34 -49.10 29.61 -23.61
C GLY F 34 -48.05 29.60 -22.51
N CYS F 35 -48.12 30.58 -21.60
CA CYS F 35 -47.22 30.62 -20.47
C CYS F 35 -47.92 30.32 -19.17
N GLU F 36 -48.97 29.51 -19.25
CA GLU F 36 -49.75 29.21 -18.07
C GLU F 36 -49.92 27.74 -17.74
N LEU F 37 -49.71 27.42 -16.45
CA LEU F 37 -50.03 26.11 -15.94
C LEU F 37 -51.39 26.19 -15.29
N ILE F 38 -52.22 25.19 -15.53
CA ILE F 38 -53.54 25.15 -14.94
C ILE F 38 -53.57 24.08 -13.85
N LEU F 39 -53.75 24.50 -12.60
CA LEU F 39 -53.79 23.54 -11.50
C LEU F 39 -55.15 22.82 -11.48
N SER F 40 -55.23 21.78 -10.65
CA SER F 40 -56.46 20.98 -10.52
C SER F 40 -57.67 21.80 -10.11
N ASP F 41 -57.47 22.81 -9.28
CA ASP F 41 -58.60 23.59 -8.78
C ASP F 41 -58.99 24.65 -9.80
N GLY F 42 -58.31 24.61 -10.94
CA GLY F 42 -58.61 25.49 -12.04
C GLY F 42 -57.80 26.76 -12.10
N ARG F 43 -57.12 27.13 -11.01
CA ARG F 43 -56.31 28.36 -11.05
C ARG F 43 -55.18 28.23 -12.05
N ARG F 44 -54.89 29.33 -12.71
CA ARG F 44 -53.91 29.39 -13.77
C ARG F 44 -52.67 30.09 -13.27
N LEU F 45 -51.50 29.48 -13.46
CA LEU F 45 -50.24 30.05 -13.00
C LEU F 45 -49.41 30.54 -14.17
N VAL F 46 -48.87 31.74 -14.05
CA VAL F 46 -47.90 32.22 -15.05
C VAL F 46 -46.60 31.48 -14.84
N ASP F 47 -46.07 30.86 -15.89
CA ASP F 47 -44.90 30.04 -15.71
C ASP F 47 -43.65 30.88 -15.71
N GLY F 48 -42.89 30.85 -14.62
CA GLY F 48 -41.62 31.55 -14.62
C GLY F 48 -40.42 30.66 -14.88
N MET F 49 -40.64 29.35 -15.01
CA MET F 49 -39.53 28.39 -15.04
C MET F 49 -39.22 27.74 -16.40
N SER F 50 -40.18 27.78 -17.34
CA SER F 50 -40.07 27.06 -18.62
C SER F 50 -39.80 25.58 -18.39
N SER F 51 -40.39 25.07 -17.31
CA SER F 51 -40.17 23.70 -16.86
C SER F 51 -38.68 23.39 -16.80
N TRP F 52 -37.95 24.29 -16.16
CA TRP F 52 -36.51 24.22 -16.10
C TRP F 52 -35.89 24.38 -17.47
N TRP F 53 -35.86 25.62 -17.94
CA TRP F 53 -35.15 26.00 -19.16
C TRP F 53 -35.84 25.58 -20.43
N ALA F 54 -36.38 24.36 -20.45
CA ALA F 54 -36.70 23.69 -21.70
C ALA F 54 -37.90 24.23 -22.49
N ALA F 55 -38.93 24.72 -21.82
CA ALA F 55 -40.15 25.05 -22.53
C ALA F 55 -40.08 26.46 -23.11
N ILE F 56 -39.11 26.70 -23.98
CA ILE F 56 -38.87 28.06 -24.43
C ILE F 56 -40.01 28.60 -25.28
N HIS F 57 -40.86 27.72 -25.82
CA HIS F 57 -42.02 28.16 -26.58
C HIS F 57 -43.28 28.07 -25.78
N GLY F 58 -43.14 27.90 -24.47
CA GLY F 58 -44.30 27.76 -23.63
C GLY F 58 -44.97 26.42 -23.77
N TYR F 59 -46.26 26.37 -23.49
CA TYR F 59 -46.94 25.09 -23.46
C TYR F 59 -48.02 25.03 -24.51
N ASN F 60 -48.35 23.83 -24.95
CA ASN F 60 -49.33 23.64 -26.00
C ASN F 60 -49.07 24.54 -27.19
N HIS F 61 -47.83 24.54 -27.67
CA HIS F 61 -47.53 25.27 -28.88
C HIS F 61 -48.05 24.51 -30.10
N PRO F 62 -48.84 25.18 -30.94
CA PRO F 62 -49.54 24.54 -32.06
C PRO F 62 -48.60 23.84 -33.03
N GLN F 63 -47.44 24.43 -33.30
CA GLN F 63 -46.49 23.85 -34.23
C GLN F 63 -45.84 22.61 -33.62
N LEU F 64 -45.51 22.68 -32.33
CA LEU F 64 -45.00 21.53 -31.61
C LEU F 64 -46.03 20.43 -31.65
N ASN F 65 -47.27 20.78 -31.33
CA ASN F 65 -48.36 19.82 -31.28
C ASN F 65 -48.60 19.13 -32.62
N ALA F 66 -48.59 19.92 -33.69
CA ALA F 66 -48.83 19.39 -35.03
C ALA F 66 -47.70 18.46 -35.46
N ALA F 67 -46.47 18.89 -35.22
CA ALA F 67 -45.30 18.08 -35.57
C ALA F 67 -45.28 16.78 -34.77
N MET F 68 -45.61 16.87 -33.49
CA MET F 68 -45.64 15.70 -32.62
C MET F 68 -46.76 14.73 -33.02
N LYS F 69 -47.97 15.24 -33.25
CA LYS F 69 -49.10 14.40 -33.63
C LYS F 69 -48.89 13.76 -35.00
N SER F 70 -48.34 14.54 -35.93
CA SER F 70 -48.08 14.07 -37.29
C SER F 70 -47.12 12.88 -37.26
N GLN F 71 -46.07 13.03 -36.46
CA GLN F 71 -45.06 11.99 -36.37
C GLN F 71 -45.63 10.74 -35.78
N ILE F 72 -46.52 10.89 -34.82
CA ILE F 72 -47.20 9.75 -34.22
C ILE F 72 -47.86 8.93 -35.30
N ASP F 73 -48.47 9.60 -36.26
CA ASP F 73 -49.16 8.92 -37.34
C ASP F 73 -48.24 8.11 -38.21
N ALA F 74 -47.04 8.63 -38.45
CA ALA F 74 -46.10 7.86 -39.25
C ALA F 74 -45.59 6.70 -38.40
N MET F 75 -44.94 7.04 -37.29
CA MET F 75 -44.42 6.08 -36.34
C MET F 75 -43.88 6.85 -35.16
N SER F 76 -44.32 6.50 -33.97
CA SER F 76 -43.81 7.19 -32.79
C SER F 76 -42.34 6.85 -32.58
N HIS F 77 -41.99 5.60 -32.86
CA HIS F 77 -40.61 5.16 -32.68
C HIS F 77 -40.26 3.97 -33.56
N VAL F 78 -38.99 3.93 -33.95
CA VAL F 78 -38.41 2.73 -34.52
C VAL F 78 -36.96 2.73 -34.07
N MET F 79 -36.36 1.55 -33.96
CA MET F 79 -34.96 1.44 -33.54
C MET F 79 -34.05 2.12 -34.54
N PHE F 80 -32.85 2.47 -34.09
CA PHE F 80 -31.90 3.26 -34.86
C PHE F 80 -30.72 2.40 -35.25
N GLY F 81 -30.75 1.11 -34.87
CA GLY F 81 -29.69 0.22 -35.28
C GLY F 81 -29.91 -0.31 -36.69
N GLY F 82 -29.11 0.15 -37.64
CA GLY F 82 -29.24 -0.26 -39.04
C GLY F 82 -30.41 0.37 -39.74
N ILE F 83 -31.05 1.30 -39.05
CA ILE F 83 -32.21 2.02 -39.56
C ILE F 83 -32.00 3.50 -39.36
N THR F 84 -32.36 4.32 -40.33
CA THR F 84 -32.37 5.76 -40.16
C THR F 84 -33.73 6.27 -40.59
N HIS F 85 -34.03 7.54 -40.33
CA HIS F 85 -35.30 8.12 -40.71
C HIS F 85 -35.26 9.64 -40.83
N ALA F 86 -36.31 10.21 -41.43
CA ALA F 86 -36.35 11.64 -41.71
C ALA F 86 -36.26 12.54 -40.47
N PRO F 87 -37.04 12.26 -39.40
CA PRO F 87 -36.92 13.21 -38.28
C PRO F 87 -35.48 13.35 -37.74
N ALA F 88 -34.73 12.25 -37.62
CA ALA F 88 -33.36 12.30 -37.12
C ALA F 88 -32.40 12.98 -38.09
N ILE F 89 -32.54 12.71 -39.38
CA ILE F 89 -31.65 13.32 -40.37
C ILE F 89 -31.87 14.82 -40.41
N GLU F 90 -33.14 15.22 -40.46
CA GLU F 90 -33.48 16.63 -40.46
C GLU F 90 -32.95 17.31 -39.19
N LEU F 91 -33.11 16.66 -38.04
CA LEU F 91 -32.62 17.25 -36.80
C LEU F 91 -31.10 17.44 -36.82
N CYS F 92 -30.37 16.43 -37.29
CA CYS F 92 -28.90 16.52 -37.34
C CYS F 92 -28.47 17.54 -38.38
N ARG F 93 -29.21 17.61 -39.48
CA ARG F 93 -28.99 18.66 -40.45
C ARG F 93 -29.12 20.02 -39.75
N LYS F 94 -30.19 20.20 -38.99
CA LYS F 94 -30.38 21.46 -38.28
C LYS F 94 -29.24 21.70 -37.28
N LEU F 95 -28.89 20.64 -36.54
CA LEU F 95 -27.92 20.80 -35.46
C LEU F 95 -26.54 21.11 -35.99
N VAL F 96 -26.10 20.39 -37.03
CA VAL F 96 -24.80 20.65 -37.65
C VAL F 96 -24.75 22.07 -38.23
N ALA F 97 -25.84 22.45 -38.89
CA ALA F 97 -25.95 23.75 -39.54
C ALA F 97 -25.88 24.92 -38.56
N MET F 98 -26.49 24.78 -37.37
CA MET F 98 -26.60 25.91 -36.47
C MET F 98 -25.47 26.00 -35.44
N THR F 99 -24.68 24.94 -35.30
CA THR F 99 -23.58 24.94 -34.33
C THR F 99 -22.27 25.35 -34.97
N PRO F 100 -21.31 25.84 -34.18
CA PRO F 100 -19.96 26.22 -34.65
C PRO F 100 -19.36 25.27 -35.70
N GLN F 101 -18.67 25.84 -36.67
CA GLN F 101 -18.22 25.11 -37.86
C GLN F 101 -17.57 23.74 -37.64
N PRO F 102 -16.62 23.63 -36.69
CA PRO F 102 -15.94 22.32 -36.61
C PRO F 102 -16.83 21.18 -36.13
N LEU F 103 -17.96 21.49 -35.50
CA LEU F 103 -18.88 20.48 -34.99
C LEU F 103 -19.80 19.92 -36.07
N GLU F 104 -19.57 18.69 -36.52
CA GLU F 104 -20.41 18.16 -37.60
C GLU F 104 -20.78 16.68 -37.49
N CYS F 105 -20.47 16.09 -36.34
CA CYS F 105 -20.85 14.71 -36.04
C CYS F 105 -21.79 14.65 -34.85
N VAL F 106 -22.94 14.02 -35.06
CA VAL F 106 -24.00 14.04 -34.07
C VAL F 106 -24.32 12.67 -33.48
N PHE F 107 -24.31 12.60 -32.15
CA PHE F 107 -24.80 11.43 -31.43
C PHE F 107 -26.06 11.82 -30.69
N LEU F 108 -27.20 11.33 -31.13
CA LEU F 108 -28.47 11.65 -30.47
C LEU F 108 -28.63 10.76 -29.25
N ALA F 109 -29.03 11.30 -28.11
CA ALA F 109 -29.28 10.43 -26.99
C ALA F 109 -30.57 10.89 -26.32
N ASP F 110 -30.92 10.34 -25.17
CA ASP F 110 -32.27 10.61 -24.66
C ASP F 110 -32.31 11.67 -23.56
N SER F 111 -31.21 11.88 -22.84
CA SER F 111 -31.25 12.88 -21.80
C SER F 111 -29.95 13.67 -21.61
N GLY F 112 -30.07 14.77 -20.86
CA GLY F 112 -28.94 15.62 -20.57
C GLY F 112 -27.77 14.86 -19.97
N SER F 113 -28.01 14.09 -18.92
CA SER F 113 -26.93 13.33 -18.29
C SER F 113 -26.28 12.36 -19.26
N VAL F 114 -27.09 11.72 -20.10
CA VAL F 114 -26.52 10.77 -21.03
C VAL F 114 -25.66 11.54 -22.03
N ALA F 115 -26.09 12.73 -22.40
CA ALA F 115 -25.32 13.51 -23.35
C ALA F 115 -23.94 13.82 -22.79
N VAL F 116 -23.89 14.13 -21.51
CA VAL F 116 -22.62 14.43 -20.85
C VAL F 116 -21.72 13.19 -20.81
N GLU F 117 -22.32 12.05 -20.48
CA GLU F 117 -21.57 10.81 -20.41
C GLU F 117 -21.11 10.39 -21.80
N VAL F 118 -21.90 10.73 -22.80
CA VAL F 118 -21.49 10.47 -24.16
C VAL F 118 -20.26 11.35 -24.45
N ALA F 119 -20.32 12.61 -24.05
CA ALA F 119 -19.19 13.51 -24.29
C ALA F 119 -17.92 13.04 -23.55
N MET F 120 -18.07 12.63 -22.30
CA MET F 120 -16.93 12.16 -21.55
C MET F 120 -16.34 10.89 -22.19
N LYS F 121 -17.21 9.97 -22.59
CA LYS F 121 -16.75 8.75 -23.24
C LYS F 121 -16.07 9.02 -24.58
N MET F 122 -16.58 9.97 -25.34
CA MET F 122 -15.92 10.36 -26.56
C MET F 122 -14.48 10.78 -26.22
N ALA F 123 -14.36 11.64 -25.21
CA ALA F 123 -13.07 12.13 -24.82
C ALA F 123 -12.15 10.99 -24.39
N LEU F 124 -12.67 10.07 -23.59
CA LEU F 124 -11.84 9.00 -23.08
C LEU F 124 -11.38 8.15 -24.24
N GLN F 125 -12.32 7.80 -25.12
CA GLN F 125 -12.01 6.97 -26.29
C GLN F 125 -11.07 7.70 -27.24
N TYR F 126 -11.21 9.02 -27.32
CA TYR F 126 -10.32 9.82 -28.15
C TYR F 126 -8.88 9.57 -27.76
N TRP F 127 -8.58 9.68 -26.47
CA TRP F 127 -7.22 9.51 -26.01
C TRP F 127 -6.77 8.05 -25.98
N GLN F 128 -7.71 7.12 -25.81
CA GLN F 128 -7.36 5.70 -25.89
C GLN F 128 -6.91 5.40 -27.32
N ALA F 129 -7.62 5.93 -28.29
CA ALA F 129 -7.25 5.75 -29.70
C ALA F 129 -5.85 6.30 -30.02
N LYS F 130 -5.39 7.28 -29.24
CA LYS F 130 -4.10 7.91 -29.48
C LYS F 130 -2.97 7.31 -28.64
N GLY F 131 -3.31 6.31 -27.83
CA GLY F 131 -2.32 5.67 -26.98
C GLY F 131 -1.96 6.48 -25.73
N GLU F 132 -2.81 7.44 -25.36
CA GLU F 132 -2.58 8.21 -24.13
C GLU F 132 -3.68 8.04 -23.09
N ALA F 133 -3.48 7.14 -22.14
CA ALA F 133 -4.46 6.85 -21.08
C ALA F 133 -4.96 8.03 -20.23
N ARG F 134 -5.34 9.15 -20.85
CA ARG F 134 -5.93 10.25 -20.10
C ARG F 134 -7.29 9.87 -19.52
N GLN F 135 -7.44 10.02 -18.22
CA GLN F 135 -8.66 9.58 -17.58
C GLN F 135 -9.29 10.67 -16.67
N ARG F 136 -8.62 11.81 -16.50
CA ARG F 136 -9.14 12.87 -15.63
C ARG F 136 -9.87 13.96 -16.42
N PHE F 137 -10.88 14.55 -15.79
CA PHE F 137 -11.53 15.71 -16.36
C PHE F 137 -11.29 16.94 -15.52
N LEU F 138 -11.09 18.06 -16.19
CA LEU F 138 -10.97 19.34 -15.51
C LEU F 138 -12.25 20.12 -15.72
N THR F 139 -12.90 20.47 -14.63
CA THR F 139 -14.16 21.20 -14.68
C THR F 139 -14.15 22.33 -13.70
N PHE F 140 -15.24 23.09 -13.65
CA PHE F 140 -15.35 24.17 -12.68
C PHE F 140 -16.16 23.81 -11.45
N ARG F 141 -15.86 24.47 -10.34
CA ARG F 141 -16.78 24.42 -9.24
C ARG F 141 -18.06 25.12 -9.65
N ASN F 142 -19.15 24.80 -8.96
CA ASN F 142 -20.49 25.33 -9.28
C ASN F 142 -21.04 24.90 -10.63
N GLY F 143 -20.46 23.85 -11.20
CA GLY F 143 -20.96 23.26 -12.42
C GLY F 143 -22.01 22.20 -12.10
N TYR F 144 -22.93 22.00 -13.03
CA TYR F 144 -23.86 20.89 -12.92
C TYR F 144 -24.03 20.24 -14.27
N HIS F 145 -23.90 18.92 -14.30
CA HIS F 145 -23.93 18.20 -15.58
C HIS F 145 -24.80 16.96 -15.54
N GLY F 146 -25.58 16.79 -14.48
CA GLY F 146 -26.50 15.66 -14.43
C GLY F 146 -26.31 14.81 -13.20
N ASP F 147 -27.13 13.76 -13.07
CA ASP F 147 -27.15 12.97 -11.84
C ASP F 147 -26.56 11.57 -12.00
N THR F 148 -26.30 11.15 -13.23
CA THR F 148 -25.67 9.86 -13.46
C THR F 148 -24.24 9.95 -12.94
N PHE F 149 -23.60 8.82 -12.68
CA PHE F 149 -22.31 8.84 -12.01
C PHE F 149 -21.22 9.58 -12.76
N GLY F 150 -21.14 9.39 -14.07
CA GLY F 150 -20.14 10.10 -14.85
C GLY F 150 -20.36 11.60 -14.75
N ALA F 151 -21.60 12.02 -14.95
CA ALA F 151 -21.96 13.42 -14.86
C ALA F 151 -21.72 13.94 -13.44
N MET F 152 -22.03 13.13 -12.42
CA MET F 152 -21.76 13.53 -11.03
C MET F 152 -20.31 13.78 -10.81
N SER F 153 -19.47 12.98 -11.45
CA SER F 153 -18.04 13.05 -11.21
C SER F 153 -17.45 14.37 -11.71
N VAL F 154 -18.23 15.13 -12.47
CA VAL F 154 -17.77 16.45 -12.87
C VAL F 154 -18.72 17.54 -12.40
N CYS F 155 -19.64 17.20 -11.49
CA CYS F 155 -20.47 18.23 -10.87
C CYS F 155 -19.71 18.84 -9.72
N ASP F 156 -20.12 20.02 -9.30
CA ASP F 156 -19.52 20.60 -8.11
C ASP F 156 -19.52 19.63 -6.94
N PRO F 157 -18.35 19.43 -6.33
CA PRO F 157 -18.20 18.41 -5.28
C PRO F 157 -18.84 18.80 -3.95
N ASP F 158 -19.22 20.06 -3.81
CA ASP F 158 -19.78 20.53 -2.54
C ASP F 158 -21.29 20.45 -2.57
N ASN F 159 -21.89 21.13 -3.56
CA ASN F 159 -23.33 21.15 -3.76
C ASN F 159 -23.92 19.75 -4.00
N SER F 160 -23.20 18.95 -4.80
CA SER F 160 -23.60 17.58 -5.17
C SER F 160 -23.30 16.53 -4.09
N MET F 161 -22.93 17.00 -2.90
CA MET F 161 -22.61 16.17 -1.74
C MET F 161 -21.76 14.96 -2.08
N HIS F 162 -20.68 15.19 -2.83
CA HIS F 162 -19.73 14.13 -3.21
C HIS F 162 -19.05 13.51 -1.98
N SER F 163 -19.17 14.16 -0.82
CA SER F 163 -18.70 13.61 0.46
C SER F 163 -19.27 12.21 0.68
N LEU F 164 -20.50 12.00 0.23
CA LEU F 164 -21.17 10.72 0.31
C LEU F 164 -20.76 9.81 -0.85
N TRP F 165 -20.17 10.38 -1.89
CA TRP F 165 -19.77 9.61 -3.06
C TRP F 165 -18.24 9.54 -3.22
N LYS F 166 -17.53 10.38 -2.47
CA LYS F 166 -16.06 10.39 -2.48
C LYS F 166 -15.53 9.05 -2.04
N GLY F 167 -15.14 8.23 -3.01
CA GLY F 167 -14.73 6.87 -2.73
C GLY F 167 -15.20 6.08 -3.92
N TYR F 168 -16.40 6.43 -4.38
CA TYR F 168 -17.00 5.80 -5.55
C TYR F 168 -16.67 6.55 -6.84
N LEU F 169 -16.90 7.85 -6.81
CA LEU F 169 -16.61 8.70 -7.95
C LEU F 169 -15.10 8.92 -8.08
N PRO F 170 -14.55 8.69 -9.29
CA PRO F 170 -13.15 9.08 -9.51
C PRO F 170 -12.98 10.58 -9.23
N GLU F 171 -11.80 10.94 -8.73
CA GLU F 171 -11.53 12.33 -8.37
C GLU F 171 -11.10 13.07 -9.61
N ASN F 172 -11.94 14.00 -10.05
CA ASN F 172 -11.55 14.85 -11.16
C ASN F 172 -10.99 16.15 -10.60
N LEU F 173 -10.61 17.05 -11.50
CA LEU F 173 -9.96 18.28 -11.09
C LEU F 173 -10.94 19.41 -11.16
N PHE F 174 -11.04 20.20 -10.08
CA PHE F 174 -12.01 21.28 -10.07
C PHE F 174 -11.36 22.64 -9.90
N ALA F 175 -11.28 23.38 -11.00
CA ALA F 175 -10.88 24.77 -10.94
C ALA F 175 -11.94 25.53 -10.16
N PRO F 176 -11.56 26.68 -9.57
CA PRO F 176 -12.53 27.53 -8.85
C PRO F 176 -13.64 28.00 -9.75
N ALA F 177 -14.78 28.31 -9.17
CA ALA F 177 -15.86 28.90 -9.94
C ALA F 177 -15.37 30.21 -10.55
N PRO F 178 -15.61 30.40 -11.85
CA PRO F 178 -15.24 31.65 -12.53
C PRO F 178 -15.85 32.86 -11.82
N GLN F 179 -15.01 33.81 -11.41
CA GLN F 179 -15.44 34.95 -10.59
C GLN F 179 -15.83 36.19 -11.39
N SER F 180 -15.10 36.46 -12.48
CA SER F 180 -15.40 37.61 -13.32
C SER F 180 -16.80 37.48 -13.89
N ARG F 181 -17.61 38.51 -13.67
CA ARG F 181 -19.02 38.50 -14.05
C ARG F 181 -19.19 38.79 -15.54
N MET F 182 -20.41 38.67 -16.05
CA MET F 182 -20.67 38.76 -17.48
C MET F 182 -21.10 40.17 -17.87
N ASP F 183 -21.30 41.01 -16.88
CA ASP F 183 -21.37 42.43 -17.12
C ASP F 183 -20.05 43.05 -16.67
N GLY F 184 -19.62 42.70 -15.47
CA GLY F 184 -18.23 42.75 -15.00
C GLY F 184 -17.06 43.08 -15.89
N GLU F 185 -16.11 43.83 -15.33
CA GLU F 185 -14.68 43.80 -15.67
C GLU F 185 -14.03 42.42 -15.58
N TRP F 186 -13.17 42.11 -16.55
CA TRP F 186 -12.35 40.92 -16.46
C TRP F 186 -11.22 41.14 -15.47
N ASP F 187 -10.95 40.13 -14.66
CA ASP F 187 -9.86 40.15 -13.68
C ASP F 187 -8.88 39.00 -13.96
N GLU F 188 -7.62 39.34 -14.23
CA GLU F 188 -6.64 38.34 -14.61
C GLU F 188 -6.34 37.32 -13.52
N ARG F 189 -6.54 37.69 -12.26
CA ARG F 189 -6.29 36.76 -11.14
C ARG F 189 -7.31 35.62 -11.13
N ASP F 190 -8.42 35.80 -11.85
CA ASP F 190 -9.45 34.76 -11.96
C ASP F 190 -8.86 33.46 -12.50
N MET F 191 -7.91 33.58 -13.42
CA MET F 191 -7.36 32.46 -14.16
C MET F 191 -6.42 31.58 -13.34
N VAL F 192 -6.04 32.04 -12.16
CA VAL F 192 -4.95 31.42 -11.41
C VAL F 192 -5.21 29.95 -10.99
N GLY F 193 -6.36 29.69 -10.38
CA GLY F 193 -6.67 28.35 -9.91
C GLY F 193 -6.68 27.38 -11.07
N PHE F 194 -7.32 27.83 -12.15
CA PHE F 194 -7.44 27.06 -13.36
C PHE F 194 -6.10 26.77 -14.02
N ALA F 195 -5.35 27.84 -14.24
CA ALA F 195 -4.05 27.76 -14.87
C ALA F 195 -3.16 26.81 -14.08
N ARG F 196 -3.17 26.96 -12.77
CA ARG F 196 -2.33 26.12 -11.94
C ARG F 196 -2.71 24.64 -12.07
N LEU F 197 -4.01 24.34 -11.99
CA LEU F 197 -4.48 22.96 -12.14
C LEU F 197 -4.16 22.41 -13.53
N MET F 198 -4.40 23.21 -14.54
CA MET F 198 -4.04 22.83 -15.88
C MET F 198 -2.55 22.50 -15.92
N ALA F 199 -1.73 23.43 -15.43
CA ALA F 199 -0.28 23.24 -15.43
C ALA F 199 0.12 21.94 -14.74
N ALA F 200 -0.49 21.63 -13.61
CA ALA F 200 -0.08 20.45 -12.85
C ALA F 200 -0.57 19.13 -13.43
N HIS F 201 -1.58 19.17 -14.28
CA HIS F 201 -2.21 17.90 -14.68
C HIS F 201 -2.45 17.75 -16.18
N ARG F 202 -1.94 18.72 -16.95
CA ARG F 202 -2.21 18.83 -18.38
C ARG F 202 -1.93 17.55 -19.18
N HIS F 203 -1.13 16.65 -18.63
CA HIS F 203 -0.85 15.42 -19.36
C HIS F 203 -1.84 14.30 -19.00
N GLU F 204 -2.55 14.46 -17.89
CA GLU F 204 -3.50 13.43 -17.50
C GLU F 204 -4.95 13.90 -17.64
N ILE F 205 -5.14 15.12 -18.14
CA ILE F 205 -6.49 15.67 -18.35
C ILE F 205 -7.00 15.35 -19.76
N ALA F 206 -8.09 14.56 -19.83
CA ALA F 206 -8.66 14.16 -21.11
C ALA F 206 -9.41 15.28 -21.76
N ALA F 207 -10.11 16.04 -20.94
CA ALA F 207 -10.95 17.10 -21.46
C ALA F 207 -11.29 18.08 -20.37
N VAL F 208 -11.60 19.30 -20.79
CA VAL F 208 -12.17 20.31 -19.92
C VAL F 208 -13.68 20.40 -20.18
N ILE F 209 -14.48 20.40 -19.13
CA ILE F 209 -15.93 20.54 -19.31
C ILE F 209 -16.50 21.68 -18.48
N ILE F 210 -17.25 22.56 -19.14
CA ILE F 210 -17.89 23.68 -18.46
C ILE F 210 -19.19 23.99 -19.15
N GLU F 211 -20.11 24.57 -18.41
CA GLU F 211 -21.26 25.22 -19.03
C GLU F 211 -20.81 26.60 -19.48
N PRO F 212 -20.93 26.90 -20.78
CA PRO F 212 -20.48 28.21 -21.25
C PRO F 212 -21.33 29.38 -20.73
N ILE F 213 -20.64 30.38 -20.18
CA ILE F 213 -21.20 31.64 -19.69
C ILE F 213 -22.10 31.52 -18.46
N VAL F 214 -23.11 30.66 -18.51
CA VAL F 214 -24.01 30.47 -17.37
C VAL F 214 -23.85 29.11 -16.74
N GLN F 215 -23.40 29.07 -15.50
CA GLN F 215 -23.46 27.82 -14.74
C GLN F 215 -24.84 27.77 -14.13
N GLY F 216 -25.72 26.96 -14.70
CA GLY F 216 -27.12 27.04 -14.36
C GLY F 216 -27.45 26.48 -12.99
N ALA F 217 -27.76 25.19 -13.00
CA ALA F 217 -28.30 24.56 -11.81
C ALA F 217 -27.30 24.54 -10.67
N GLY F 218 -26.06 24.90 -10.95
CA GLY F 218 -25.03 24.90 -9.92
C GLY F 218 -24.89 26.20 -9.16
N GLY F 219 -25.71 27.18 -9.51
CA GLY F 219 -25.69 28.46 -8.80
C GLY F 219 -26.15 29.66 -9.61
N MET F 220 -26.66 29.41 -10.82
CA MET F 220 -27.12 30.46 -11.74
C MET F 220 -26.12 31.59 -11.85
N ARG F 221 -24.87 31.23 -12.06
CA ARG F 221 -23.79 32.19 -12.18
C ARG F 221 -23.59 32.54 -13.65
N MET F 222 -23.32 33.80 -13.90
CA MET F 222 -23.07 34.30 -15.24
C MET F 222 -21.69 34.93 -15.25
N TYR F 223 -20.71 34.25 -15.84
CA TYR F 223 -19.33 34.71 -15.74
C TYR F 223 -18.84 35.32 -17.06
N HIS F 224 -17.65 35.94 -17.03
CA HIS F 224 -17.12 36.71 -18.15
C HIS F 224 -16.73 35.82 -19.33
N PRO F 225 -17.13 36.20 -20.56
CA PRO F 225 -16.81 35.41 -21.76
C PRO F 225 -15.32 35.20 -21.99
N GLU F 226 -14.50 36.01 -21.35
CA GLU F 226 -13.05 35.91 -21.48
C GLU F 226 -12.61 34.52 -21.06
N TRP F 227 -13.34 33.95 -20.10
CA TRP F 227 -13.08 32.60 -19.66
C TRP F 227 -13.09 31.57 -20.79
N LEU F 228 -14.06 31.65 -21.70
CA LEU F 228 -14.12 30.68 -22.79
C LEU F 228 -12.96 30.92 -23.77
N LYS F 229 -12.64 32.19 -24.00
CA LYS F 229 -11.51 32.52 -24.87
C LYS F 229 -10.25 31.89 -24.30
N ARG F 230 -9.97 32.11 -23.03
CA ARG F 230 -8.76 31.58 -22.39
C ARG F 230 -8.75 30.06 -22.32
N ILE F 231 -9.89 29.47 -21.96
CA ILE F 231 -9.98 28.02 -21.82
C ILE F 231 -9.80 27.36 -23.20
N ARG F 232 -10.38 27.96 -24.23
CA ARG F 232 -10.22 27.46 -25.58
C ARG F 232 -8.75 27.50 -25.99
N LYS F 233 -8.09 28.63 -25.73
CA LYS F 233 -6.68 28.79 -26.07
C LYS F 233 -5.82 27.81 -25.29
N ILE F 234 -6.03 27.72 -23.97
CA ILE F 234 -5.27 26.77 -23.16
C ILE F 234 -5.48 25.32 -23.62
N CYS F 235 -6.71 24.98 -24.04
CA CYS F 235 -7.01 23.64 -24.55
C CYS F 235 -6.32 23.39 -25.87
N ASP F 236 -6.32 24.39 -26.74
CA ASP F 236 -5.62 24.27 -28.01
C ASP F 236 -4.14 23.98 -27.78
N ARG F 237 -3.54 24.73 -26.88
CA ARG F 237 -2.12 24.59 -26.62
C ARG F 237 -1.76 23.20 -26.07
N GLU F 238 -2.64 22.62 -25.26
CA GLU F 238 -2.36 21.32 -24.69
C GLU F 238 -2.92 20.19 -25.55
N GLY F 239 -3.74 20.53 -26.54
CA GLY F 239 -4.41 19.50 -27.32
C GLY F 239 -5.52 18.81 -26.51
N ILE F 240 -5.92 19.42 -25.40
CA ILE F 240 -6.98 18.93 -24.52
C ILE F 240 -8.35 19.28 -25.12
N LEU F 241 -9.27 18.33 -25.10
CA LEU F 241 -10.62 18.54 -25.64
C LEU F 241 -11.44 19.46 -24.72
N LEU F 242 -12.18 20.38 -25.32
CA LEU F 242 -13.08 21.19 -24.55
C LEU F 242 -14.51 20.72 -24.76
N ILE F 243 -15.16 20.29 -23.68
CA ILE F 243 -16.57 19.94 -23.72
C ILE F 243 -17.41 21.10 -23.23
N ALA F 244 -18.22 21.65 -24.13
CA ALA F 244 -19.16 22.70 -23.76
C ALA F 244 -20.52 22.07 -23.49
N ASP F 245 -20.95 22.11 -22.23
CA ASP F 245 -22.27 21.61 -21.88
C ASP F 245 -23.32 22.71 -22.07
N GLU F 246 -23.98 22.72 -23.22
CA GLU F 246 -24.97 23.74 -23.49
C GLU F 246 -26.36 23.21 -23.36
N ILE F 247 -26.53 22.22 -22.49
CA ILE F 247 -27.85 21.65 -22.34
C ILE F 247 -28.84 22.70 -21.80
N ALA F 248 -28.35 23.60 -20.93
CA ALA F 248 -29.20 24.66 -20.41
C ALA F 248 -29.08 25.95 -21.25
N THR F 249 -27.86 26.30 -21.66
CA THR F 249 -27.64 27.59 -22.28
C THR F 249 -28.03 27.56 -23.73
N GLY F 250 -28.23 26.36 -24.26
CA GLY F 250 -28.56 26.17 -25.67
C GLY F 250 -29.86 26.78 -26.14
N PHE F 251 -29.88 27.13 -27.43
CA PHE F 251 -31.05 27.57 -28.17
C PHE F 251 -31.61 28.88 -27.64
N GLY F 252 -30.72 29.82 -27.34
CA GLY F 252 -31.09 31.21 -27.23
C GLY F 252 -31.31 31.85 -25.88
N ARG F 253 -31.40 31.05 -24.82
CA ARG F 253 -31.80 31.56 -23.50
C ARG F 253 -30.91 32.71 -23.01
N THR F 254 -29.62 32.69 -23.37
CA THR F 254 -28.71 33.72 -22.91
C THR F 254 -28.55 34.84 -23.94
N GLY F 255 -29.37 34.82 -24.98
CA GLY F 255 -29.30 35.88 -25.97
C GLY F 255 -28.55 35.54 -27.24
N LYS F 256 -27.71 34.52 -27.16
CA LYS F 256 -27.05 34.00 -28.35
C LYS F 256 -27.63 32.62 -28.59
N LEU F 257 -27.60 32.17 -29.83
CA LEU F 257 -28.16 30.86 -30.17
C LEU F 257 -27.51 29.80 -29.30
N PHE F 258 -26.19 29.89 -29.16
CA PHE F 258 -25.46 29.10 -28.18
C PHE F 258 -24.54 30.02 -27.38
N ALA F 259 -24.47 29.78 -26.08
CA ALA F 259 -23.72 30.65 -25.18
C ALA F 259 -22.26 30.72 -25.57
N CYS F 260 -21.80 29.74 -26.34
CA CYS F 260 -20.43 29.79 -26.84
C CYS F 260 -20.19 31.01 -27.70
N GLU F 261 -21.23 31.50 -28.38
CA GLU F 261 -21.09 32.63 -29.29
C GLU F 261 -20.69 33.91 -28.56
N HIS F 262 -21.01 33.99 -27.27
CA HIS F 262 -20.57 35.11 -26.43
C HIS F 262 -19.05 35.27 -26.43
N ALA F 263 -18.32 34.21 -26.74
CA ALA F 263 -16.86 34.32 -26.79
C ALA F 263 -16.32 33.93 -28.15
N GLU F 264 -17.22 33.67 -29.08
CA GLU F 264 -16.85 33.21 -30.42
C GLU F 264 -15.80 32.12 -30.37
N ILE F 265 -16.01 31.15 -29.48
CA ILE F 265 -15.17 29.97 -29.43
C ILE F 265 -16.02 28.76 -29.79
N ALA F 266 -15.35 27.70 -30.21
CA ALA F 266 -16.03 26.46 -30.54
C ALA F 266 -15.47 25.40 -29.63
N PRO F 267 -16.36 24.59 -29.05
CA PRO F 267 -15.89 23.46 -28.25
C PRO F 267 -15.48 22.35 -29.17
N ASP F 268 -14.74 21.36 -28.68
CA ASP F 268 -14.45 20.18 -29.47
C ASP F 268 -15.66 19.25 -29.43
N ILE F 269 -16.36 19.31 -28.30
CA ILE F 269 -17.55 18.54 -28.05
C ILE F 269 -18.63 19.45 -27.46
N LEU F 270 -19.84 19.34 -27.98
CA LEU F 270 -20.94 20.19 -27.57
C LEU F 270 -22.15 19.34 -27.14
N CYS F 271 -22.63 19.57 -25.92
CA CYS F 271 -23.79 18.91 -25.39
C CYS F 271 -25.06 19.80 -25.45
N LEU F 272 -26.14 19.21 -25.93
CA LEU F 272 -27.40 19.90 -26.11
C LEU F 272 -28.52 19.09 -25.47
N GLY F 273 -29.57 19.77 -25.03
CA GLY F 273 -30.72 19.09 -24.44
C GLY F 273 -31.85 20.06 -24.21
N LYS F 274 -32.69 19.77 -23.22
CA LYS F 274 -33.73 20.71 -22.75
C LYS F 274 -34.53 21.38 -23.86
N ALA F 275 -34.13 22.60 -24.22
CA ALA F 275 -34.85 23.38 -25.22
C ALA F 275 -34.75 22.75 -26.59
N LEU F 276 -33.87 21.77 -26.75
CA LEU F 276 -33.78 21.02 -28.00
C LEU F 276 -35.16 20.59 -28.49
N THR F 277 -36.00 20.11 -27.57
CA THR F 277 -37.34 19.66 -27.92
C THR F 277 -38.44 20.66 -27.60
N GLY F 278 -38.07 21.90 -27.31
CA GLY F 278 -39.06 22.86 -26.87
C GLY F 278 -39.66 22.44 -25.54
N GLY F 279 -38.94 21.60 -24.82
CA GLY F 279 -39.38 21.13 -23.53
C GLY F 279 -40.59 20.21 -23.58
N THR F 280 -40.83 19.56 -24.74
CA THR F 280 -41.97 18.68 -24.90
C THR F 280 -41.71 17.29 -24.34
N MET F 281 -40.47 16.84 -24.43
CA MET F 281 -40.11 15.49 -24.01
C MET F 281 -38.60 15.40 -24.00
N THR F 282 -38.05 14.32 -23.47
CA THR F 282 -36.62 14.31 -23.28
C THR F 282 -35.90 13.97 -24.56
N LEU F 283 -34.76 14.60 -24.78
CA LEU F 283 -33.89 14.32 -25.92
C LEU F 283 -32.60 15.08 -25.71
N SER F 284 -31.51 14.56 -26.25
CA SER F 284 -30.24 15.27 -26.14
C SER F 284 -29.38 15.02 -27.36
N ALA F 285 -28.30 15.79 -27.49
CA ALA F 285 -27.40 15.58 -28.58
C ALA F 285 -26.01 15.96 -28.12
N THR F 286 -25.02 15.14 -28.48
CA THR F 286 -23.63 15.44 -28.27
C THR F 286 -22.97 15.51 -29.62
N LEU F 287 -22.50 16.71 -29.96
CA LEU F 287 -21.88 16.94 -31.26
C LEU F 287 -20.39 17.03 -31.06
N THR F 288 -19.64 16.58 -32.05
CA THR F 288 -18.19 16.69 -32.00
C THR F 288 -17.61 16.93 -33.37
N THR F 289 -16.30 17.10 -33.39
CA THR F 289 -15.58 17.38 -34.63
C THR F 289 -15.30 16.11 -35.39
N ARG F 290 -15.04 16.25 -36.69
CA ARG F 290 -14.58 15.12 -37.47
C ARG F 290 -13.27 14.53 -36.94
N GLU F 291 -12.38 15.39 -36.46
CA GLU F 291 -11.11 14.90 -35.91
C GLU F 291 -11.36 13.93 -34.76
N VAL F 292 -12.17 14.34 -33.81
CA VAL F 292 -12.53 13.47 -32.69
C VAL F 292 -13.33 12.23 -33.17
N ALA F 293 -14.28 12.44 -34.07
CA ALA F 293 -15.10 11.31 -34.54
C ALA F 293 -14.27 10.23 -35.23
N GLU F 294 -13.35 10.65 -36.08
CA GLU F 294 -12.53 9.68 -36.80
C GLU F 294 -11.50 9.05 -35.89
N THR F 295 -10.91 9.85 -35.01
CA THR F 295 -9.93 9.34 -34.07
C THR F 295 -10.56 8.25 -33.22
N ILE F 296 -11.72 8.54 -32.66
CA ILE F 296 -12.48 7.57 -31.89
C ILE F 296 -12.75 6.33 -32.72
N SER F 297 -13.19 6.55 -33.96
CA SER F 297 -13.60 5.47 -34.87
C SER F 297 -12.43 4.59 -35.33
N ASN F 298 -11.25 5.18 -35.40
CA ASN F 298 -10.05 4.47 -35.81
C ASN F 298 -9.29 3.87 -34.64
N GLY F 299 -9.88 3.91 -33.45
CA GLY F 299 -9.29 3.33 -32.27
C GLY F 299 -9.53 1.83 -32.24
N GLU F 300 -9.16 1.19 -31.14
CA GLU F 300 -9.29 -0.26 -31.01
C GLU F 300 -10.77 -0.68 -31.01
N ALA F 301 -11.64 0.19 -30.53
CA ALA F 301 -13.05 -0.16 -30.46
C ALA F 301 -13.62 -0.30 -31.87
N GLY F 302 -13.11 0.53 -32.78
CA GLY F 302 -13.54 0.52 -34.17
C GLY F 302 -14.89 1.17 -34.33
N CYS F 303 -15.36 1.77 -33.24
CA CYS F 303 -16.67 2.42 -33.18
C CYS F 303 -16.76 3.20 -31.88
N PHE F 304 -17.76 4.08 -31.79
CA PHE F 304 -18.07 4.77 -30.54
C PHE F 304 -19.02 3.92 -29.69
N MET F 305 -18.56 3.56 -28.51
CA MET F 305 -19.25 2.55 -27.74
C MET F 305 -20.39 3.11 -26.92
N HIS F 306 -21.41 3.61 -27.61
CA HIS F 306 -22.61 4.05 -26.93
C HIS F 306 -23.82 3.86 -27.84
N GLY F 307 -24.92 3.40 -27.26
CA GLY F 307 -26.13 3.24 -28.03
C GLY F 307 -27.37 3.03 -27.19
N PRO F 308 -28.02 4.13 -26.77
CA PRO F 308 -29.24 3.95 -25.98
C PRO F 308 -30.35 3.31 -26.83
N THR F 309 -31.25 2.53 -26.22
CA THR F 309 -32.35 1.89 -26.92
C THR F 309 -33.16 2.80 -27.82
N PHE F 310 -33.57 3.96 -27.30
CA PHE F 310 -34.48 4.82 -28.04
C PHE F 310 -33.74 5.90 -28.81
N MET F 311 -32.46 5.65 -29.08
CA MET F 311 -31.63 6.58 -29.82
C MET F 311 -32.32 7.04 -31.09
N GLY F 312 -32.35 8.34 -31.28
CA GLY F 312 -32.90 8.92 -32.48
C GLY F 312 -34.40 8.82 -32.52
N ASN F 313 -35.02 8.53 -31.38
CA ASN F 313 -36.47 8.48 -31.27
C ASN F 313 -37.12 9.48 -32.19
N PRO F 314 -37.83 8.98 -33.22
CA PRO F 314 -38.51 9.83 -34.20
C PRO F 314 -39.44 10.90 -33.59
N LEU F 315 -40.24 10.54 -32.59
CA LEU F 315 -41.15 11.52 -31.98
C LEU F 315 -40.39 12.71 -31.38
N ALA F 316 -39.40 12.42 -30.55
CA ALA F 316 -38.60 13.45 -29.92
C ALA F 316 -37.84 14.28 -30.98
N CYS F 317 -37.39 13.63 -32.04
CA CYS F 317 -36.73 14.34 -33.11
C CYS F 317 -37.69 15.24 -33.84
N ALA F 318 -38.90 14.75 -34.08
CA ALA F 318 -39.90 15.55 -34.77
C ALA F 318 -40.17 16.81 -33.98
N ALA F 319 -40.32 16.64 -32.67
CA ALA F 319 -40.57 17.75 -31.78
C ALA F 319 -39.41 18.72 -31.78
N ALA F 320 -38.19 18.17 -31.82
CA ALA F 320 -36.98 18.98 -31.86
C ALA F 320 -36.94 19.80 -33.14
N ASN F 321 -37.24 19.13 -34.27
CA ASN F 321 -37.32 19.77 -35.58
C ASN F 321 -38.31 20.94 -35.58
N ALA F 322 -39.48 20.73 -34.99
CA ALA F 322 -40.47 21.79 -34.87
C ALA F 322 -39.96 22.89 -33.95
N SER F 323 -39.36 22.49 -32.83
CA SER F 323 -38.87 23.48 -31.87
C SER F 323 -37.75 24.30 -32.51
N LEU F 324 -36.88 23.64 -33.26
CA LEU F 324 -35.81 24.36 -33.95
C LEU F 324 -36.37 25.25 -35.07
N ALA F 325 -37.41 24.77 -35.76
CA ALA F 325 -38.01 25.52 -36.87
C ALA F 325 -38.60 26.85 -36.39
N ILE F 326 -39.15 26.85 -35.18
CA ILE F 326 -39.68 28.07 -34.58
C ILE F 326 -38.58 29.10 -34.34
N LEU F 327 -37.38 28.65 -33.95
CA LEU F 327 -36.28 29.58 -33.67
C LEU F 327 -35.67 30.20 -34.93
N GLU F 328 -35.95 29.60 -36.08
CA GLU F 328 -35.38 30.01 -37.35
C GLU F 328 -35.97 31.37 -37.77
N SER F 329 -37.16 31.66 -37.25
CA SER F 329 -37.83 32.93 -37.51
C SER F 329 -37.01 34.11 -36.99
N GLY F 330 -36.18 33.85 -36.00
CA GLY F 330 -35.32 34.85 -35.40
C GLY F 330 -36.04 35.61 -34.33
N ASP F 331 -37.33 35.31 -34.16
CA ASP F 331 -38.17 36.05 -33.21
C ASP F 331 -37.69 35.96 -31.78
N TRP F 332 -36.97 34.88 -31.47
CA TRP F 332 -36.47 34.67 -30.13
C TRP F 332 -35.49 35.77 -29.74
N GLN F 333 -34.71 36.23 -30.73
CA GLN F 333 -33.65 37.21 -30.44
C GLN F 333 -34.21 38.43 -29.77
N GLN F 334 -35.21 39.04 -30.41
CA GLN F 334 -35.77 40.26 -29.87
C GLN F 334 -36.56 39.93 -28.60
N GLN F 335 -37.21 38.76 -28.58
CA GLN F 335 -37.99 38.30 -27.43
C GLN F 335 -37.12 38.14 -26.19
N VAL F 336 -35.94 37.59 -26.38
CA VAL F 336 -35.03 37.35 -25.28
C VAL F 336 -34.41 38.66 -24.79
N ALA F 337 -34.13 39.55 -25.73
CA ALA F 337 -33.63 40.89 -25.45
C ALA F 337 -34.62 41.72 -24.64
N ASP F 338 -35.89 41.68 -25.05
CA ASP F 338 -36.94 42.44 -24.39
C ASP F 338 -37.12 41.90 -22.98
N ILE F 339 -37.09 40.58 -22.87
CA ILE F 339 -37.22 39.92 -21.58
C ILE F 339 -36.03 40.30 -20.70
N GLU F 340 -34.85 40.35 -21.29
CA GLU F 340 -33.65 40.75 -20.56
C GLU F 340 -33.82 42.14 -19.98
N VAL F 341 -34.18 43.08 -20.85
CA VAL F 341 -34.37 44.48 -20.49
C VAL F 341 -35.38 44.56 -19.36
N GLN F 342 -36.52 43.90 -19.53
CA GLN F 342 -37.58 43.97 -18.52
C GLN F 342 -37.14 43.31 -17.21
N LEU F 343 -36.35 42.24 -17.29
CA LEU F 343 -35.83 41.56 -16.10
C LEU F 343 -34.84 42.46 -15.34
N ARG F 344 -33.95 43.11 -16.10
CA ARG F 344 -32.98 44.05 -15.52
C ARG F 344 -33.73 45.15 -14.80
N GLU F 345 -34.75 45.66 -15.49
CA GLU F 345 -35.50 46.79 -15.01
C GLU F 345 -36.31 46.40 -13.80
N GLN F 346 -37.04 45.31 -13.90
CA GLN F 346 -37.99 44.97 -12.85
C GLN F 346 -37.44 44.17 -11.66
N LEU F 347 -36.26 43.58 -11.81
CA LEU F 347 -35.69 42.86 -10.68
C LEU F 347 -34.73 43.80 -9.97
N ALA F 348 -34.41 44.92 -10.63
CA ALA F 348 -33.52 45.91 -10.02
C ALA F 348 -33.86 46.29 -8.57
N PRO F 349 -35.15 46.58 -8.23
CA PRO F 349 -35.40 46.97 -6.82
C PRO F 349 -34.97 45.94 -5.80
N ALA F 350 -34.89 44.69 -6.23
CA ALA F 350 -34.58 43.62 -5.32
C ALA F 350 -33.19 43.78 -4.69
N ARG F 351 -32.27 44.49 -5.36
CA ARG F 351 -30.91 44.64 -4.78
C ARG F 351 -30.98 45.27 -3.39
N ASP F 352 -31.94 46.17 -3.19
CA ASP F 352 -32.06 46.95 -1.94
C ASP F 352 -32.64 46.16 -0.77
N ALA F 353 -33.28 45.03 -1.06
CA ALA F 353 -33.89 44.23 0.00
C ALA F 353 -32.77 43.65 0.84
N GLU F 354 -33.02 43.50 2.14
CA GLU F 354 -31.97 43.06 3.06
C GLU F 354 -31.61 41.61 2.82
N MET F 355 -32.58 40.85 2.33
CA MET F 355 -32.41 39.41 2.13
C MET F 355 -31.64 39.05 0.86
N VAL F 356 -31.40 40.04 0.00
CA VAL F 356 -30.83 39.79 -1.31
C VAL F 356 -29.33 40.02 -1.32
N ALA F 357 -28.57 39.07 -1.86
CA ALA F 357 -27.13 39.23 -1.93
C ALA F 357 -26.71 39.68 -3.33
N ASP F 358 -27.50 39.34 -4.34
CA ASP F 358 -27.16 39.73 -5.70
C ASP F 358 -28.34 39.62 -6.66
N VAL F 359 -28.32 40.43 -7.71
CA VAL F 359 -29.25 40.30 -8.80
C VAL F 359 -28.48 40.36 -10.09
N ARG F 360 -28.61 39.32 -10.91
CA ARG F 360 -27.95 39.26 -12.21
C ARG F 360 -28.96 38.80 -13.26
N VAL F 361 -28.81 39.35 -14.45
CA VAL F 361 -29.72 39.08 -15.53
C VAL F 361 -28.88 38.84 -16.76
N LEU F 362 -29.25 37.84 -17.53
CA LEU F 362 -28.65 37.60 -18.82
C LEU F 362 -29.69 36.94 -19.72
N GLY F 363 -29.92 37.50 -20.90
CA GLY F 363 -30.92 36.96 -21.81
C GLY F 363 -32.24 36.81 -21.07
N ALA F 364 -32.96 35.71 -21.31
CA ALA F 364 -34.20 35.46 -20.58
C ALA F 364 -33.96 34.68 -19.27
N ILE F 365 -32.88 35.02 -18.58
CA ILE F 365 -32.61 34.48 -17.26
C ILE F 365 -32.51 35.62 -16.26
N GLY F 366 -33.31 35.58 -15.19
CA GLY F 366 -33.25 36.60 -14.16
C GLY F 366 -33.03 35.94 -12.81
N VAL F 367 -31.96 36.32 -12.14
CA VAL F 367 -31.57 35.68 -10.88
C VAL F 367 -31.53 36.64 -9.71
N VAL F 368 -32.29 36.34 -8.66
CA VAL F 368 -32.18 37.09 -7.42
C VAL F 368 -31.56 36.15 -6.40
N GLU F 369 -30.27 36.34 -6.15
CA GLU F 369 -29.55 35.52 -5.18
C GLU F 369 -29.76 36.09 -3.79
N THR F 370 -30.18 35.24 -2.87
CA THR F 370 -30.50 35.69 -1.52
C THR F 370 -29.40 35.33 -0.57
N THR F 371 -29.44 35.91 0.63
CA THR F 371 -28.37 35.71 1.61
C THR F 371 -28.56 34.41 2.40
N HIS F 372 -29.79 33.93 2.42
CA HIS F 372 -30.10 32.68 3.11
C HIS F 372 -30.93 31.76 2.24
N PRO F 373 -30.84 30.45 2.48
CA PRO F 373 -31.63 29.51 1.68
C PRO F 373 -33.11 29.79 1.81
N VAL F 374 -33.84 29.67 0.71
CA VAL F 374 -35.27 29.91 0.75
C VAL F 374 -35.96 28.80 1.52
N ASN F 375 -37.05 29.15 2.19
CA ASN F 375 -37.92 28.18 2.83
C ASN F 375 -38.82 27.60 1.77
N MET F 376 -38.41 26.47 1.19
CA MET F 376 -39.07 25.91 0.01
C MET F 376 -40.60 25.85 0.14
N ALA F 377 -41.08 25.22 1.20
CA ALA F 377 -42.51 24.98 1.34
C ALA F 377 -43.28 26.28 1.40
N ALA F 378 -42.82 27.19 2.25
CA ALA F 378 -43.50 28.46 2.47
C ALA F 378 -43.46 29.36 1.24
N LEU F 379 -42.28 29.50 0.65
CA LEU F 379 -42.10 30.39 -0.49
C LEU F 379 -42.85 29.89 -1.72
N GLN F 380 -42.88 28.57 -1.91
CA GLN F 380 -43.62 27.98 -3.02
C GLN F 380 -45.11 28.26 -2.92
N LYS F 381 -45.66 28.11 -1.71
CA LYS F 381 -47.07 28.39 -1.48
C LYS F 381 -47.40 29.84 -1.79
N PHE F 382 -46.50 30.73 -1.37
CA PHE F 382 -46.65 32.15 -1.63
C PHE F 382 -46.75 32.44 -3.12
N PHE F 383 -45.85 31.87 -3.91
CA PHE F 383 -45.82 32.12 -5.34
C PHE F 383 -47.10 31.66 -5.99
N VAL F 384 -47.57 30.48 -5.57
CA VAL F 384 -48.78 29.91 -6.15
C VAL F 384 -49.95 30.85 -5.90
N GLU F 385 -50.06 31.33 -4.68
CA GLU F 385 -51.13 32.23 -4.29
C GLU F 385 -51.10 33.50 -5.10
N GLN F 386 -49.92 33.90 -5.55
CA GLN F 386 -49.77 35.05 -6.42
C GLN F 386 -50.11 34.71 -7.85
N GLY F 387 -50.52 33.47 -8.10
CA GLY F 387 -50.85 33.03 -9.43
C GLY F 387 -49.64 32.89 -10.34
N VAL F 388 -48.46 32.67 -9.75
CA VAL F 388 -47.27 32.44 -10.56
C VAL F 388 -46.59 31.10 -10.25
N TRP F 389 -45.91 30.52 -11.24
CA TRP F 389 -45.13 29.34 -10.94
C TRP F 389 -43.66 29.72 -11.00
N ILE F 390 -43.05 29.84 -9.83
CA ILE F 390 -41.63 30.10 -9.71
C ILE F 390 -41.05 29.10 -8.72
N ARG F 391 -40.02 28.36 -9.12
CA ARG F 391 -39.47 27.30 -8.27
C ARG F 391 -38.06 27.67 -7.80
N PRO F 392 -37.95 28.31 -6.63
CA PRO F 392 -36.64 28.72 -6.13
C PRO F 392 -35.80 27.52 -5.71
N PHE F 393 -34.50 27.72 -5.56
CA PHE F 393 -33.58 26.66 -5.20
C PHE F 393 -32.48 27.23 -4.32
N GLY F 394 -32.33 26.67 -3.12
CA GLY F 394 -31.32 27.12 -2.18
C GLY F 394 -31.42 28.61 -1.92
N LYS F 395 -30.41 29.35 -2.35
CA LYS F 395 -30.38 30.80 -2.20
C LYS F 395 -30.69 31.50 -3.52
N LEU F 396 -31.43 30.85 -4.40
CA LEU F 396 -31.70 31.43 -5.72
C LEU F 396 -33.19 31.54 -6.00
N ILE F 397 -33.66 32.74 -6.27
CA ILE F 397 -35.00 32.92 -6.79
C ILE F 397 -34.82 33.39 -8.20
N TYR F 398 -35.07 32.51 -9.17
CA TYR F 398 -34.77 32.88 -10.53
C TYR F 398 -35.93 32.74 -11.48
N LEU F 399 -35.87 33.48 -12.58
CA LEU F 399 -36.90 33.42 -13.58
C LEU F 399 -36.29 33.02 -14.89
N MET F 400 -36.93 32.10 -15.58
CA MET F 400 -36.51 31.75 -16.93
C MET F 400 -37.75 31.44 -17.71
N PRO F 401 -38.52 32.49 -18.02
CA PRO F 401 -39.84 32.35 -18.64
C PRO F 401 -39.73 31.90 -20.09
N PRO F 402 -40.82 31.37 -20.65
CA PRO F 402 -40.84 31.10 -22.09
C PRO F 402 -40.61 32.36 -22.91
N TYR F 403 -40.08 32.20 -24.11
CA TYR F 403 -39.74 33.34 -24.92
C TYR F 403 -40.98 34.15 -25.31
N ILE F 404 -42.14 33.52 -25.22
CA ILE F 404 -43.38 34.16 -25.64
C ILE F 404 -44.13 34.86 -24.51
N ILE F 405 -43.50 34.99 -23.36
CA ILE F 405 -44.19 35.53 -22.21
C ILE F 405 -44.55 36.98 -22.49
N LEU F 406 -45.77 37.37 -22.12
CA LEU F 406 -46.27 38.73 -22.28
C LEU F 406 -45.73 39.63 -21.19
N PRO F 407 -45.59 40.94 -21.48
CA PRO F 407 -45.03 41.89 -20.52
C PRO F 407 -45.76 41.89 -19.18
N GLN F 408 -47.09 41.83 -19.22
CA GLN F 408 -47.85 41.84 -17.96
C GLN F 408 -47.64 40.54 -17.20
N GLN F 409 -47.46 39.44 -17.95
CA GLN F 409 -47.16 38.14 -17.33
C GLN F 409 -45.80 38.18 -16.69
N LEU F 410 -44.83 38.72 -17.41
CA LEU F 410 -43.48 38.82 -16.88
C LEU F 410 -43.49 39.69 -15.64
N GLN F 411 -44.34 40.71 -15.65
CA GLN F 411 -44.49 41.63 -14.53
C GLN F 411 -44.95 40.92 -13.27
N ARG F 412 -45.92 40.01 -13.44
CA ARG F 412 -46.42 39.23 -12.33
C ARG F 412 -45.28 38.46 -11.67
N LEU F 413 -44.37 37.94 -12.48
CA LEU F 413 -43.23 37.18 -11.98
C LEU F 413 -42.28 38.04 -11.15
N THR F 414 -41.84 39.14 -11.77
CA THR F 414 -40.90 40.05 -11.12
C THR F 414 -41.52 40.66 -9.86
N ALA F 415 -42.82 40.93 -9.89
CA ALA F 415 -43.49 41.49 -8.72
C ALA F 415 -43.46 40.48 -7.59
N ALA F 416 -43.73 39.22 -7.92
CA ALA F 416 -43.75 38.18 -6.90
C ALA F 416 -42.38 38.00 -6.26
N VAL F 417 -41.33 38.02 -7.09
CA VAL F 417 -39.98 37.87 -6.59
C VAL F 417 -39.65 39.03 -5.65
N ASN F 418 -40.00 40.25 -6.06
CA ASN F 418 -39.75 41.42 -5.23
C ASN F 418 -40.47 41.35 -3.88
N ARG F 419 -41.73 40.91 -3.88
CA ARG F 419 -42.48 40.79 -2.62
C ARG F 419 -41.88 39.70 -1.74
N ALA F 420 -41.40 38.62 -2.36
CA ALA F 420 -40.91 37.47 -1.61
C ALA F 420 -39.63 37.80 -0.83
N VAL F 421 -38.77 38.61 -1.42
CA VAL F 421 -37.51 38.97 -0.77
C VAL F 421 -37.67 40.10 0.26
N GLN F 422 -38.86 40.71 0.31
CA GLN F 422 -39.18 41.71 1.33
C GLN F 422 -39.43 40.98 2.64
N ASP F 423 -40.01 39.81 2.49
CA ASP F 423 -40.48 39.03 3.62
C ASP F 423 -39.45 37.96 3.98
N GLU F 424 -38.96 38.04 5.21
CA GLU F 424 -37.91 37.16 5.69
C GLU F 424 -38.48 35.87 6.25
N THR F 425 -39.80 35.75 6.28
CA THR F 425 -40.43 34.50 6.73
C THR F 425 -40.20 33.44 5.65
N PHE F 426 -39.84 33.91 4.45
CA PHE F 426 -39.59 33.03 3.32
C PHE F 426 -38.13 32.57 3.22
N PHE F 427 -37.36 32.69 4.29
CA PHE F 427 -35.96 32.28 4.26
C PHE F 427 -35.54 31.54 5.51
N CYS F 428 -34.60 30.62 5.39
CA CYS F 428 -34.16 29.87 6.54
C CYS F 428 -32.78 30.28 6.96
N GLN F 429 -32.66 30.82 8.16
CA GLN F 429 -31.35 31.19 8.66
C GLN F 429 -30.73 30.08 9.54
N ALA G 1 37.46 -29.23 -36.30
CA ALA G 1 37.69 -27.81 -36.02
C ALA G 1 39.08 -27.59 -35.40
N THR G 2 39.79 -26.58 -35.94
CA THR G 2 41.13 -26.21 -35.50
C THR G 2 41.16 -25.43 -34.17
N THR G 3 42.35 -24.95 -33.80
CA THR G 3 42.53 -24.13 -32.61
C THR G 3 42.05 -22.68 -32.82
N ASP G 4 41.81 -22.32 -34.07
CA ASP G 4 41.34 -20.99 -34.41
C ASP G 4 39.81 -21.01 -34.33
N ASP G 5 39.21 -22.11 -34.77
CA ASP G 5 37.80 -22.32 -34.56
C ASP G 5 37.48 -22.36 -33.06
N LEU G 6 38.21 -23.17 -32.32
CA LEU G 6 37.99 -23.28 -30.88
C LEU G 6 38.17 -21.94 -30.17
N ALA G 7 39.07 -21.11 -30.69
CA ALA G 7 39.35 -19.81 -30.10
C ALA G 7 38.20 -18.86 -30.39
N PHE G 8 37.65 -18.96 -31.59
CA PHE G 8 36.53 -18.13 -31.97
C PHE G 8 35.34 -18.51 -31.12
N ASP G 9 35.16 -19.81 -30.96
CA ASP G 9 34.04 -20.33 -30.19
C ASP G 9 34.09 -19.79 -28.78
N GLN G 10 35.27 -19.87 -28.20
CA GLN G 10 35.46 -19.45 -26.82
C GLN G 10 35.11 -17.98 -26.66
N ARG G 11 35.37 -17.22 -27.72
CA ARG G 11 35.23 -15.78 -27.69
C ARG G 11 33.86 -15.26 -28.10
N HIS G 12 33.08 -16.06 -28.82
CA HIS G 12 31.87 -15.52 -29.45
C HIS G 12 30.61 -16.32 -29.25
N ILE G 13 30.75 -17.57 -28.81
CA ILE G 13 29.63 -18.47 -28.77
C ILE G 13 29.29 -18.86 -27.34
N TRP G 14 28.07 -18.56 -26.91
CA TRP G 14 27.57 -19.04 -25.63
C TRP G 14 27.28 -20.51 -25.76
N HIS G 15 27.45 -21.23 -24.66
CA HIS G 15 26.90 -22.57 -24.61
C HIS G 15 25.90 -22.55 -23.46
N PRO G 16 25.13 -23.63 -23.26
CA PRO G 16 24.14 -23.57 -22.18
C PRO G 16 24.76 -23.17 -20.84
N TYR G 17 24.23 -22.12 -20.24
CA TYR G 17 24.65 -21.62 -18.93
C TYR G 17 26.16 -21.45 -18.81
N THR G 18 26.73 -20.65 -19.70
CA THR G 18 28.17 -20.43 -19.68
C THR G 18 28.48 -18.95 -19.49
N SER G 19 29.71 -18.67 -19.09
CA SER G 19 30.20 -17.30 -18.97
C SER G 19 30.95 -16.93 -20.21
N MET G 20 30.76 -15.71 -20.65
CA MET G 20 31.47 -15.23 -21.82
C MET G 20 32.84 -14.68 -21.42
N THR G 21 33.02 -14.35 -20.15
CA THR G 21 34.32 -13.84 -19.68
C THR G 21 35.28 -14.99 -19.44
N SER G 22 34.85 -15.99 -18.68
CA SER G 22 35.70 -17.15 -18.43
C SER G 22 34.96 -18.47 -18.74
N PRO G 23 34.79 -18.78 -20.03
CA PRO G 23 34.12 -20.02 -20.41
C PRO G 23 35.02 -21.22 -20.15
N LEU G 24 34.41 -22.37 -19.85
CA LEU G 24 35.13 -23.62 -19.66
C LEU G 24 35.37 -24.24 -21.04
N PRO G 25 36.35 -25.15 -21.14
CA PRO G 25 36.65 -25.74 -22.46
C PRO G 25 35.48 -26.55 -23.07
N VAL G 26 35.37 -26.50 -24.40
CA VAL G 26 34.41 -27.34 -25.10
C VAL G 26 35.17 -28.27 -26.03
N TYR G 27 34.64 -29.48 -26.20
CA TYR G 27 35.27 -30.48 -27.05
C TYR G 27 34.64 -30.49 -28.44
N PRO G 28 35.47 -30.30 -29.48
CA PRO G 28 34.89 -30.26 -30.82
C PRO G 28 34.53 -31.65 -31.33
N VAL G 29 33.26 -31.80 -31.67
CA VAL G 29 32.73 -33.03 -32.25
C VAL G 29 32.48 -32.80 -33.73
N VAL G 30 32.93 -33.72 -34.57
CA VAL G 30 32.78 -33.56 -36.02
C VAL G 30 31.65 -34.42 -36.55
N SER G 31 31.38 -35.52 -35.85
CA SER G 31 30.32 -36.42 -36.27
C SER G 31 29.92 -37.39 -35.17
N ALA G 32 28.94 -38.24 -35.44
CA ALA G 32 28.49 -39.21 -34.47
C ALA G 32 27.81 -40.38 -35.17
N GLU G 33 27.90 -41.57 -34.59
CA GLU G 33 27.29 -42.76 -35.19
C GLU G 33 27.11 -43.80 -34.11
N GLY G 34 26.01 -44.55 -34.16
CA GLY G 34 25.74 -45.51 -33.11
C GLY G 34 25.69 -44.81 -31.77
N CYS G 35 26.51 -45.25 -30.81
CA CYS G 35 26.58 -44.56 -29.52
C CYS G 35 27.91 -43.87 -29.32
N GLU G 36 28.50 -43.43 -30.41
CA GLU G 36 29.79 -42.78 -30.32
C GLU G 36 29.81 -41.40 -30.95
N LEU G 37 30.42 -40.45 -30.24
CA LEU G 37 30.69 -39.13 -30.78
C LEU G 37 32.12 -39.11 -31.24
N ILE G 38 32.39 -38.50 -32.38
CA ILE G 38 33.74 -38.46 -32.88
C ILE G 38 34.29 -37.07 -32.76
N LEU G 39 35.34 -36.92 -31.97
CA LEU G 39 35.94 -35.63 -31.76
C LEU G 39 36.74 -35.21 -32.99
N SER G 40 37.16 -33.96 -32.99
CA SER G 40 37.92 -33.39 -34.09
C SER G 40 39.20 -34.18 -34.37
N ASP G 41 39.87 -34.66 -33.32
CA ASP G 41 41.15 -35.34 -33.47
C ASP G 41 40.98 -36.83 -33.82
N GLY G 42 39.73 -37.22 -34.09
CA GLY G 42 39.38 -38.56 -34.54
C GLY G 42 38.93 -39.52 -33.45
N ARG G 43 39.16 -39.13 -32.20
CA ARG G 43 38.77 -39.97 -31.06
C ARG G 43 37.28 -40.27 -31.03
N ARG G 44 36.94 -41.48 -30.61
CA ARG G 44 35.54 -41.85 -30.47
C ARG G 44 35.17 -41.91 -29.00
N LEU G 45 34.06 -41.26 -28.65
CA LEU G 45 33.58 -41.23 -27.28
C LEU G 45 32.31 -42.03 -27.18
N VAL G 46 32.21 -42.90 -26.20
CA VAL G 46 30.94 -43.55 -25.96
C VAL G 46 30.00 -42.56 -25.24
N ASP G 47 28.84 -42.32 -25.85
CA ASP G 47 27.91 -41.32 -25.36
C ASP G 47 27.05 -41.82 -24.21
N GLY G 48 27.18 -41.17 -23.06
CA GLY G 48 26.38 -41.52 -21.91
C GLY G 48 25.20 -40.59 -21.68
N MET G 49 25.07 -39.59 -22.54
CA MET G 49 24.13 -38.51 -22.32
C MET G 49 22.90 -38.50 -23.24
N SER G 50 22.95 -39.19 -24.38
CA SER G 50 21.87 -39.13 -25.37
C SER G 50 21.56 -37.71 -25.80
N SER G 51 22.61 -36.89 -25.88
CA SER G 51 22.44 -35.47 -26.15
C SER G 51 21.40 -34.88 -25.23
N TRP G 52 21.52 -35.22 -23.95
CA TRP G 52 20.52 -34.87 -22.94
C TRP G 52 19.15 -35.51 -23.28
N TRP G 53 19.00 -36.79 -22.96
CA TRP G 53 17.72 -37.52 -23.06
C TRP G 53 17.32 -37.87 -24.49
N ALA G 54 17.48 -36.94 -25.43
CA ALA G 54 16.77 -37.01 -26.70
C ALA G 54 17.24 -38.09 -27.69
N ALA G 55 18.55 -38.35 -27.74
CA ALA G 55 19.10 -39.24 -28.78
C ALA G 55 19.01 -40.73 -28.37
N ILE G 56 17.78 -41.19 -28.21
CA ILE G 56 17.54 -42.54 -27.71
C ILE G 56 17.88 -43.63 -28.72
N HIS G 57 17.93 -43.29 -30.00
CA HIS G 57 18.29 -44.27 -31.02
C HIS G 57 19.72 -44.08 -31.45
N GLY G 58 20.46 -43.29 -30.67
CA GLY G 58 21.83 -42.97 -30.99
C GLY G 58 21.95 -42.00 -32.16
N TYR G 59 23.08 -42.08 -32.84
CA TYR G 59 23.37 -41.11 -33.86
C TYR G 59 23.48 -41.74 -35.23
N ASN G 60 23.23 -40.93 -36.25
CA ASN G 60 23.24 -41.39 -37.63
C ASN G 60 22.43 -42.66 -37.82
N HIS G 61 21.24 -42.67 -37.24
CA HIS G 61 20.35 -43.81 -37.43
C HIS G 61 19.80 -43.80 -38.85
N PRO G 62 19.98 -44.92 -39.57
CA PRO G 62 19.63 -45.06 -40.99
C PRO G 62 18.15 -44.76 -41.26
N GLN G 63 17.27 -45.12 -40.32
CA GLN G 63 15.83 -44.87 -40.48
C GLN G 63 15.48 -43.38 -40.32
N LEU G 64 16.05 -42.75 -39.28
CA LEU G 64 15.90 -41.31 -39.06
C LEU G 64 16.48 -40.55 -40.26
N ASN G 65 17.70 -40.91 -40.64
CA ASN G 65 18.39 -40.23 -41.74
C ASN G 65 17.59 -40.33 -43.02
N ALA G 66 16.98 -41.49 -43.23
CA ALA G 66 16.21 -41.70 -44.43
C ALA G 66 14.99 -40.80 -44.41
N ALA G 67 14.30 -40.80 -43.27
CA ALA G 67 13.06 -40.03 -43.14
C ALA G 67 13.30 -38.54 -43.33
N MET G 68 14.37 -38.06 -42.71
CA MET G 68 14.72 -36.64 -42.78
C MET G 68 15.09 -36.21 -44.20
N LYS G 69 15.94 -37.00 -44.85
CA LYS G 69 16.34 -36.73 -46.22
C LYS G 69 15.14 -36.78 -47.17
N SER G 70 14.22 -37.72 -46.91
CA SER G 70 13.02 -37.85 -47.71
C SER G 70 12.15 -36.60 -47.67
N GLN G 71 11.92 -36.11 -46.46
CA GLN G 71 11.06 -34.97 -46.26
C GLN G 71 11.67 -33.75 -46.91
N ILE G 72 13.00 -33.66 -46.84
CA ILE G 72 13.74 -32.61 -47.50
C ILE G 72 13.40 -32.55 -48.98
N ASP G 73 13.33 -33.71 -49.62
CA ASP G 73 13.00 -33.76 -51.05
C ASP G 73 11.61 -33.22 -51.30
N ALA G 74 10.70 -33.53 -50.38
CA ALA G 74 9.30 -33.08 -50.45
C ALA G 74 9.18 -31.59 -50.17
N MET G 75 9.59 -31.22 -48.96
CA MET G 75 9.62 -29.84 -48.50
C MET G 75 10.24 -29.86 -47.12
N SER G 76 11.27 -29.05 -46.88
CA SER G 76 11.86 -28.99 -45.55
C SER G 76 10.84 -28.36 -44.59
N HIS G 77 10.15 -27.34 -45.10
CA HIS G 77 9.16 -26.62 -44.31
C HIS G 77 8.13 -25.89 -45.16
N VAL G 78 6.92 -25.80 -44.62
CA VAL G 78 5.90 -24.91 -45.15
C VAL G 78 5.09 -24.44 -43.95
N MET G 79 4.50 -23.26 -44.06
CA MET G 79 3.71 -22.69 -42.96
C MET G 79 2.52 -23.59 -42.61
N PHE G 80 2.02 -23.45 -41.39
CA PHE G 80 0.98 -24.31 -40.83
C PHE G 80 -0.33 -23.53 -40.70
N GLY G 81 -0.28 -22.26 -41.07
CA GLY G 81 -1.46 -21.41 -41.08
C GLY G 81 -2.26 -21.64 -42.35
N GLY G 82 -3.44 -22.22 -42.21
CA GLY G 82 -4.31 -22.49 -43.35
C GLY G 82 -3.80 -23.63 -44.21
N ILE G 83 -2.77 -24.30 -43.73
CA ILE G 83 -2.14 -25.43 -44.41
C ILE G 83 -1.88 -26.60 -43.46
N THR G 84 -2.16 -27.83 -43.92
CA THR G 84 -1.76 -29.01 -43.16
C THR G 84 -0.95 -29.92 -44.05
N HIS G 85 -0.31 -30.92 -43.47
CA HIS G 85 0.50 -31.82 -44.27
C HIS G 85 0.60 -33.20 -43.63
N ALA G 86 1.05 -34.15 -44.42
CA ALA G 86 1.10 -35.53 -43.99
C ALA G 86 1.98 -35.75 -42.75
N PRO G 87 3.22 -35.19 -42.74
CA PRO G 87 4.06 -35.48 -41.56
C PRO G 87 3.45 -35.04 -40.23
N ALA G 88 2.82 -33.87 -40.17
CA ALA G 88 2.20 -33.39 -38.92
C ALA G 88 0.99 -34.27 -38.56
N ILE G 89 0.21 -34.63 -39.58
CA ILE G 89 -0.96 -35.48 -39.36
C ILE G 89 -0.52 -36.87 -38.91
N GLU G 90 0.50 -37.43 -39.56
CA GLU G 90 1.00 -38.74 -39.17
C GLU G 90 1.47 -38.71 -37.71
N LEU G 91 2.23 -37.67 -37.36
CA LEU G 91 2.79 -37.52 -36.02
C LEU G 91 1.70 -37.38 -34.94
N CYS G 92 0.66 -36.60 -35.26
CA CYS G 92 -0.44 -36.40 -34.32
C CYS G 92 -1.24 -37.68 -34.17
N ARG G 93 -1.40 -38.42 -35.26
CA ARG G 93 -2.01 -39.74 -35.21
C ARG G 93 -1.26 -40.63 -34.23
N LYS G 94 0.05 -40.69 -34.40
CA LYS G 94 0.90 -41.52 -33.54
C LYS G 94 0.82 -41.06 -32.08
N LEU G 95 0.84 -39.74 -31.87
CA LEU G 95 0.86 -39.17 -30.53
C LEU G 95 -0.47 -39.39 -29.80
N VAL G 96 -1.58 -39.15 -30.49
CA VAL G 96 -2.89 -39.40 -29.90
C VAL G 96 -3.02 -40.90 -29.57
N ALA G 97 -2.57 -41.73 -30.51
CA ALA G 97 -2.69 -43.17 -30.36
C ALA G 97 -1.92 -43.73 -29.17
N MET G 98 -0.71 -43.24 -28.94
CA MET G 98 0.15 -43.90 -27.97
C MET G 98 0.02 -43.35 -26.57
N THR G 99 -0.61 -42.18 -26.47
CA THR G 99 -0.79 -41.51 -25.18
C THR G 99 -2.16 -41.86 -24.62
N PRO G 100 -2.36 -41.72 -23.30
CA PRO G 100 -3.67 -41.96 -22.67
C PRO G 100 -4.85 -41.44 -23.49
N GLN G 101 -5.93 -42.22 -23.52
CA GLN G 101 -7.13 -41.93 -24.32
C GLN G 101 -7.70 -40.51 -24.17
N PRO G 102 -7.76 -39.97 -22.92
CA PRO G 102 -8.42 -38.65 -22.86
C PRO G 102 -7.63 -37.57 -23.62
N LEU G 103 -6.34 -37.83 -23.82
CA LEU G 103 -5.45 -36.93 -24.56
C LEU G 103 -5.62 -37.20 -26.05
N GLU G 104 -6.31 -36.28 -26.72
CA GLU G 104 -6.60 -36.46 -28.14
C GLU G 104 -6.50 -35.14 -28.88
N CYS G 105 -6.04 -34.09 -28.19
CA CYS G 105 -5.83 -32.81 -28.84
C CYS G 105 -4.35 -32.44 -28.78
N VAL G 106 -3.77 -32.19 -29.96
CA VAL G 106 -2.33 -32.00 -30.09
C VAL G 106 -1.95 -30.61 -30.54
N PHE G 107 -1.07 -29.96 -29.78
CA PHE G 107 -0.46 -28.69 -30.19
C PHE G 107 1.04 -28.82 -30.44
N LEU G 108 1.45 -28.73 -31.71
CA LEU G 108 2.87 -28.82 -32.04
C LEU G 108 3.62 -27.50 -31.82
N ALA G 109 4.81 -27.57 -31.20
CA ALA G 109 5.65 -26.38 -31.06
C ALA G 109 7.11 -26.75 -31.30
N ASP G 110 8.05 -25.84 -31.05
CA ASP G 110 9.44 -26.07 -31.49
C ASP G 110 10.35 -26.54 -30.39
N SER G 111 10.05 -26.20 -29.15
CA SER G 111 10.95 -26.56 -28.08
C SER G 111 10.19 -26.95 -26.81
N GLY G 112 10.93 -27.59 -25.90
CA GLY G 112 10.38 -28.01 -24.64
C GLY G 112 9.76 -26.86 -23.88
N SER G 113 10.51 -25.76 -23.75
CA SER G 113 10.02 -24.60 -23.03
C SER G 113 8.73 -24.06 -23.63
N VAL G 114 8.66 -23.99 -24.95
CA VAL G 114 7.48 -23.46 -25.60
C VAL G 114 6.30 -24.39 -25.29
N ALA G 115 6.57 -25.69 -25.25
CA ALA G 115 5.51 -26.66 -24.91
C ALA G 115 4.98 -26.45 -23.47
N VAL G 116 5.88 -26.20 -22.53
CA VAL G 116 5.49 -25.97 -21.14
C VAL G 116 4.69 -24.67 -21.10
N GLU G 117 5.15 -23.67 -21.83
CA GLU G 117 4.40 -22.42 -21.85
C GLU G 117 3.07 -22.59 -22.57
N VAL G 118 3.02 -23.46 -23.58
CA VAL G 118 1.72 -23.69 -24.23
C VAL G 118 0.76 -24.35 -23.24
N ALA G 119 1.27 -25.31 -22.49
CA ALA G 119 0.47 -26.00 -21.47
C ALA G 119 -0.05 -25.00 -20.43
N MET G 120 0.84 -24.12 -19.96
CA MET G 120 0.46 -23.12 -18.98
C MET G 120 -0.60 -22.18 -19.55
N LYS G 121 -0.38 -21.75 -20.78
CA LYS G 121 -1.29 -20.88 -21.49
C LYS G 121 -2.65 -21.56 -21.68
N MET G 122 -2.64 -22.87 -21.88
CA MET G 122 -3.89 -23.65 -21.96
C MET G 122 -4.71 -23.57 -20.69
N ALA G 123 -4.03 -23.78 -19.55
CA ALA G 123 -4.65 -23.72 -18.25
C ALA G 123 -5.22 -22.33 -18.00
N LEU G 124 -4.45 -21.30 -18.34
CA LEU G 124 -4.90 -19.95 -18.11
C LEU G 124 -6.13 -19.63 -18.96
N GLN G 125 -6.09 -20.01 -20.24
CA GLN G 125 -7.23 -19.76 -21.13
C GLN G 125 -8.45 -20.58 -20.71
N TYR G 126 -8.20 -21.77 -20.18
CA TYR G 126 -9.25 -22.63 -19.64
C TYR G 126 -10.08 -21.94 -18.54
N TRP G 127 -9.42 -21.43 -17.51
CA TRP G 127 -10.13 -20.82 -16.39
C TRP G 127 -10.66 -19.44 -16.75
N GLN G 128 -9.95 -18.72 -17.61
CA GLN G 128 -10.46 -17.43 -18.10
C GLN G 128 -11.79 -17.70 -18.80
N ALA G 129 -11.87 -18.82 -19.52
CA ALA G 129 -13.07 -19.21 -20.27
C ALA G 129 -14.22 -19.69 -19.36
N LYS G 130 -13.87 -20.13 -18.16
CA LYS G 130 -14.83 -20.60 -17.18
C LYS G 130 -15.26 -19.45 -16.28
N GLY G 131 -14.78 -18.26 -16.60
CA GLY G 131 -15.16 -17.07 -15.86
C GLY G 131 -14.46 -16.96 -14.52
N GLU G 132 -13.39 -17.72 -14.32
CA GLU G 132 -12.62 -17.62 -13.07
C GLU G 132 -11.23 -17.02 -13.34
N ALA G 133 -10.52 -16.61 -12.29
CA ALA G 133 -9.23 -15.97 -12.49
C ALA G 133 -8.07 -16.72 -11.86
N ARG G 134 -8.06 -18.04 -12.01
CA ARG G 134 -6.93 -18.81 -11.54
C ARG G 134 -5.70 -18.52 -12.40
N GLN G 135 -4.63 -18.07 -11.76
CA GLN G 135 -3.40 -17.71 -12.47
C GLN G 135 -2.14 -18.27 -11.80
N ARG G 136 -2.28 -18.90 -10.63
CA ARG G 136 -1.11 -19.43 -9.93
C ARG G 136 -0.94 -20.87 -10.39
N PHE G 137 0.30 -21.34 -10.42
CA PHE G 137 0.54 -22.75 -10.67
C PHE G 137 1.16 -23.37 -9.42
N LEU G 138 0.75 -24.60 -9.15
CA LEU G 138 1.34 -25.36 -8.06
C LEU G 138 2.32 -26.39 -8.61
N THR G 139 3.56 -26.33 -8.17
CA THR G 139 4.53 -27.31 -8.63
C THR G 139 5.40 -27.80 -7.48
N PHE G 140 6.28 -28.76 -7.77
CA PHE G 140 7.20 -29.27 -6.76
C PHE G 140 8.53 -28.53 -6.88
N ARG G 141 9.26 -28.43 -5.77
CA ARG G 141 10.64 -27.97 -5.78
C ARG G 141 11.48 -29.00 -6.52
N ASN G 142 12.68 -28.62 -6.94
CA ASN G 142 13.57 -29.49 -7.73
C ASN G 142 12.94 -29.80 -9.08
N GLY G 143 11.94 -29.01 -9.47
CA GLY G 143 11.33 -29.17 -10.77
C GLY G 143 12.14 -28.38 -11.79
N TYR G 144 12.11 -28.84 -13.03
CA TYR G 144 12.67 -28.08 -14.14
C TYR G 144 11.80 -28.18 -15.40
N HIS G 145 11.48 -27.02 -16.00
CA HIS G 145 10.59 -26.97 -17.15
C HIS G 145 11.04 -26.07 -18.30
N GLY G 146 12.26 -25.56 -18.24
CA GLY G 146 12.79 -24.72 -19.31
C GLY G 146 13.29 -23.37 -18.85
N ASP G 147 13.81 -22.60 -19.79
CA ASP G 147 14.49 -21.34 -19.48
C ASP G 147 13.72 -20.09 -19.88
N THR G 148 12.63 -20.26 -20.61
CA THR G 148 11.77 -19.12 -20.94
C THR G 148 11.08 -18.65 -19.66
N PHE G 149 10.56 -17.43 -19.64
CA PHE G 149 10.05 -16.85 -18.39
C PHE G 149 8.91 -17.63 -17.77
N GLY G 150 7.99 -18.08 -18.62
CA GLY G 150 6.86 -18.84 -18.14
C GLY G 150 7.32 -20.11 -17.47
N ALA G 151 8.16 -20.88 -18.16
CA ALA G 151 8.68 -22.12 -17.60
C ALA G 151 9.56 -21.84 -16.38
N MET G 152 10.37 -20.79 -16.43
CA MET G 152 11.20 -20.43 -15.29
C MET G 152 10.34 -20.24 -14.07
N SER G 153 9.15 -19.68 -14.25
CA SER G 153 8.30 -19.32 -13.11
C SER G 153 7.77 -20.56 -12.40
N VAL G 154 7.92 -21.74 -13.01
CA VAL G 154 7.53 -22.98 -12.33
C VAL G 154 8.71 -23.93 -12.12
N CYS G 155 9.91 -23.40 -12.37
CA CYS G 155 11.15 -24.11 -12.05
C CYS G 155 11.50 -23.89 -10.59
N ASP G 156 12.31 -24.78 -10.02
CA ASP G 156 12.78 -24.63 -8.65
C ASP G 156 13.38 -23.26 -8.40
N PRO G 157 12.93 -22.57 -7.33
CA PRO G 157 13.34 -21.18 -7.06
C PRO G 157 14.80 -21.05 -6.63
N ASP G 158 15.46 -22.17 -6.33
CA ASP G 158 16.88 -22.14 -5.99
C ASP G 158 17.73 -22.46 -7.22
N ASN G 159 17.40 -23.55 -7.91
CA ASN G 159 18.13 -23.94 -9.11
C ASN G 159 18.06 -22.83 -10.18
N SER G 160 16.85 -22.28 -10.36
CA SER G 160 16.61 -21.24 -11.35
C SER G 160 17.03 -19.87 -10.83
N MET G 161 17.67 -19.86 -9.65
CA MET G 161 18.14 -18.63 -9.01
C MET G 161 17.12 -17.49 -9.08
N HIS G 162 15.86 -17.79 -8.76
CA HIS G 162 14.77 -16.83 -8.85
C HIS G 162 15.02 -15.57 -7.99
N SER G 163 16.03 -15.62 -7.12
CA SER G 163 16.47 -14.47 -6.35
C SER G 163 16.75 -13.28 -7.28
N LEU G 164 17.28 -13.59 -8.46
CA LEU G 164 17.54 -12.59 -9.49
C LEU G 164 16.29 -12.28 -10.34
N TRP G 165 15.27 -13.13 -10.23
CA TRP G 165 14.06 -12.98 -11.04
C TRP G 165 12.81 -12.60 -10.26
N LYS G 166 12.89 -12.65 -8.93
CA LYS G 166 11.80 -12.24 -8.06
C LYS G 166 11.44 -10.78 -8.28
N GLY G 167 10.40 -10.54 -9.07
CA GLY G 167 10.00 -9.20 -9.46
C GLY G 167 9.40 -9.18 -10.85
N TYR G 168 10.02 -9.92 -11.77
CA TYR G 168 9.48 -10.07 -13.12
C TYR G 168 8.63 -11.32 -13.17
N LEU G 169 9.17 -12.42 -12.63
CA LEU G 169 8.45 -13.69 -12.62
C LEU G 169 7.34 -13.64 -11.57
N PRO G 170 6.09 -13.95 -11.99
CA PRO G 170 4.99 -14.07 -11.02
C PRO G 170 5.26 -15.16 -9.98
N GLU G 171 4.78 -15.00 -8.75
CA GLU G 171 5.04 -15.98 -7.68
C GLU G 171 4.09 -17.14 -7.71
N ASN G 172 4.62 -18.31 -8.02
CA ASN G 172 3.82 -19.52 -8.00
C ASN G 172 4.02 -20.27 -6.68
N LEU G 173 3.35 -21.40 -6.54
CA LEU G 173 3.38 -22.17 -5.31
C LEU G 173 4.31 -23.38 -5.45
N PHE G 174 5.22 -23.53 -4.49
CA PHE G 174 6.17 -24.64 -4.54
C PHE G 174 6.05 -25.57 -3.34
N ALA G 175 5.46 -26.74 -3.57
CA ALA G 175 5.45 -27.83 -2.60
C ALA G 175 6.88 -28.34 -2.38
N PRO G 176 7.16 -28.96 -1.21
CA PRO G 176 8.49 -29.52 -1.04
C PRO G 176 8.75 -30.62 -2.07
N ALA G 177 10.01 -30.86 -2.42
CA ALA G 177 10.33 -31.94 -3.35
C ALA G 177 9.82 -33.26 -2.80
N PRO G 178 9.11 -34.05 -3.61
CA PRO G 178 8.65 -35.35 -3.11
C PRO G 178 9.83 -36.22 -2.63
N GLN G 179 9.79 -36.59 -1.35
CA GLN G 179 10.91 -37.24 -0.67
C GLN G 179 10.85 -38.76 -0.78
N SER G 180 9.65 -39.33 -0.80
CA SER G 180 9.49 -40.77 -0.95
C SER G 180 10.05 -41.26 -2.30
N ARG G 181 10.99 -42.21 -2.25
CA ARG G 181 11.71 -42.71 -3.44
C ARG G 181 10.91 -43.70 -4.29
N MET G 182 11.43 -44.08 -5.45
CA MET G 182 10.73 -44.97 -6.38
C MET G 182 11.24 -46.40 -6.16
N ASP G 183 12.20 -46.49 -5.25
CA ASP G 183 12.74 -47.77 -4.78
C ASP G 183 12.23 -48.01 -3.38
N GLY G 184 11.53 -47.00 -2.87
CA GLY G 184 11.13 -46.90 -1.48
C GLY G 184 9.72 -47.35 -1.20
N GLU G 185 9.51 -47.88 0.00
CA GLU G 185 8.24 -47.74 0.70
C GLU G 185 7.76 -46.28 0.74
N TRP G 186 6.47 -46.09 0.48
CA TRP G 186 5.79 -44.79 0.55
C TRP G 186 5.64 -44.26 1.98
N ASP G 187 5.90 -42.97 2.18
CA ASP G 187 5.73 -42.32 3.48
C ASP G 187 4.67 -41.22 3.38
N GLU G 188 3.59 -41.38 4.14
CA GLU G 188 2.43 -40.49 4.07
C GLU G 188 2.74 -39.05 4.54
N ARG G 189 3.78 -38.90 5.37
CA ARG G 189 4.17 -37.59 5.88
C ARG G 189 4.68 -36.68 4.76
N ASP G 190 5.03 -37.28 3.63
CA ASP G 190 5.46 -36.56 2.45
C ASP G 190 4.36 -35.59 1.98
N MET G 191 3.10 -36.02 2.08
CA MET G 191 1.96 -35.27 1.55
C MET G 191 1.64 -34.02 2.36
N VAL G 192 2.28 -33.89 3.52
CA VAL G 192 1.96 -32.86 4.50
C VAL G 192 2.21 -31.46 3.93
N GLY G 193 3.41 -31.27 3.36
CA GLY G 193 3.80 -29.99 2.77
C GLY G 193 2.92 -29.56 1.61
N PHE G 194 2.61 -30.52 0.73
CA PHE G 194 1.77 -30.31 -0.45
C PHE G 194 0.33 -29.93 -0.09
N ALA G 195 -0.26 -30.72 0.80
CA ALA G 195 -1.64 -30.51 1.23
C ALA G 195 -1.82 -29.12 1.82
N ARG G 196 -0.83 -28.69 2.60
CA ARG G 196 -0.86 -27.41 3.29
C ARG G 196 -0.94 -26.28 2.26
N LEU G 197 -0.12 -26.40 1.22
CA LEU G 197 -0.15 -25.46 0.11
C LEU G 197 -1.44 -25.56 -0.71
N MET G 198 -1.85 -26.80 -1.02
CA MET G 198 -3.09 -27.01 -1.78
C MET G 198 -4.30 -26.42 -1.10
N ALA G 199 -4.50 -26.77 0.17
CA ALA G 199 -5.66 -26.27 0.90
C ALA G 199 -5.75 -24.75 0.89
N ALA G 200 -4.61 -24.10 1.11
CA ALA G 200 -4.54 -22.65 1.30
C ALA G 200 -4.74 -21.81 0.03
N HIS G 201 -4.55 -22.42 -1.14
CA HIS G 201 -4.57 -21.66 -2.39
C HIS G 201 -5.39 -22.35 -3.51
N ARG G 202 -6.07 -23.43 -3.18
CA ARG G 202 -6.74 -24.26 -4.18
C ARG G 202 -7.68 -23.50 -5.12
N HIS G 203 -8.11 -22.31 -4.71
CA HIS G 203 -9.07 -21.52 -5.51
C HIS G 203 -8.37 -20.61 -6.51
N GLU G 204 -7.07 -20.41 -6.32
CA GLU G 204 -6.31 -19.55 -7.21
C GLU G 204 -5.34 -20.36 -8.08
N ILE G 205 -5.42 -21.69 -7.97
CA ILE G 205 -4.55 -22.59 -8.75
C ILE G 205 -5.16 -23.05 -10.09
N ALA G 206 -4.54 -22.59 -11.18
CA ALA G 206 -4.98 -22.93 -12.53
C ALA G 206 -4.63 -24.36 -12.89
N ALA G 207 -3.44 -24.79 -12.47
CA ALA G 207 -2.94 -26.12 -12.75
C ALA G 207 -1.79 -26.54 -11.81
N VAL G 208 -1.65 -27.85 -11.63
CA VAL G 208 -0.47 -28.44 -10.99
C VAL G 208 0.44 -28.97 -12.07
N ILE G 209 1.71 -28.62 -11.98
CA ILE G 209 2.66 -29.07 -12.98
C ILE G 209 3.83 -29.80 -12.31
N ILE G 210 4.11 -31.01 -12.81
CA ILE G 210 5.20 -31.85 -12.32
C ILE G 210 5.77 -32.70 -13.45
N GLU G 211 7.03 -33.06 -13.30
CA GLU G 211 7.61 -34.15 -14.07
C GLU G 211 7.26 -35.44 -13.34
N PRO G 212 6.54 -36.36 -13.99
CA PRO G 212 6.20 -37.60 -13.28
C PRO G 212 7.39 -38.53 -12.98
N ILE G 213 7.51 -38.95 -11.72
CA ILE G 213 8.50 -39.92 -11.22
C ILE G 213 9.96 -39.44 -11.27
N VAL G 214 10.38 -38.90 -12.41
CA VAL G 214 11.74 -38.39 -12.51
C VAL G 214 11.74 -36.89 -12.64
N GLN G 215 12.27 -36.23 -11.62
CA GLN G 215 12.59 -34.81 -11.72
C GLN G 215 13.98 -34.73 -12.35
N GLY G 216 14.02 -34.39 -13.64
CA GLY G 216 15.24 -34.56 -14.41
C GLY G 216 16.33 -33.55 -14.10
N ALA G 217 16.38 -32.46 -14.83
CA ALA G 217 17.51 -31.54 -14.73
C ALA G 217 17.56 -30.84 -13.37
N GLY G 218 16.50 -30.96 -12.59
CA GLY G 218 16.44 -30.30 -11.29
C GLY G 218 17.05 -31.07 -10.12
N GLY G 219 17.58 -32.26 -10.40
CA GLY G 219 18.24 -33.06 -9.38
C GLY G 219 18.22 -34.57 -9.60
N MET G 220 17.73 -34.99 -10.76
CA MET G 220 17.60 -36.41 -11.11
C MET G 220 17.02 -37.21 -9.96
N ARG G 221 15.90 -36.74 -9.43
CA ARG G 221 15.26 -37.40 -8.31
C ARG G 221 14.27 -38.42 -8.85
N MET G 222 14.17 -39.56 -8.17
CA MET G 222 13.24 -40.61 -8.57
C MET G 222 12.31 -40.96 -7.43
N TYR G 223 11.07 -40.49 -7.52
CA TYR G 223 10.14 -40.60 -6.40
C TYR G 223 9.00 -41.60 -6.65
N HIS G 224 8.26 -41.88 -5.58
CA HIS G 224 7.23 -42.91 -5.58
C HIS G 224 6.04 -42.53 -6.44
N PRO G 225 5.52 -43.48 -7.25
CA PRO G 225 4.35 -43.26 -8.10
C PRO G 225 3.09 -42.87 -7.33
N GLU G 226 3.08 -43.13 -6.02
CA GLU G 226 1.93 -42.79 -5.17
C GLU G 226 1.67 -41.29 -5.24
N TRP G 227 2.76 -40.51 -5.33
CA TRP G 227 2.67 -39.06 -5.49
C TRP G 227 1.82 -38.65 -6.67
N LEU G 228 1.99 -39.34 -7.80
CA LEU G 228 1.21 -39.03 -9.00
C LEU G 228 -0.24 -39.44 -8.81
N LYS G 229 -0.46 -40.56 -8.12
CA LYS G 229 -1.82 -41.06 -7.83
C LYS G 229 -2.61 -40.02 -6.97
N ARG G 230 -1.96 -39.52 -5.91
CA ARG G 230 -2.58 -38.56 -4.99
C ARG G 230 -2.84 -37.22 -5.70
N ILE G 231 -1.84 -36.76 -6.46
CA ILE G 231 -1.90 -35.50 -7.18
C ILE G 231 -2.92 -35.60 -8.32
N ARG G 232 -3.04 -36.76 -8.95
CA ARG G 232 -4.11 -36.95 -9.92
C ARG G 232 -5.47 -36.79 -9.25
N LYS G 233 -5.62 -37.42 -8.08
CA LYS G 233 -6.87 -37.34 -7.32
C LYS G 233 -7.19 -35.95 -6.76
N ILE G 234 -6.20 -35.31 -6.14
CA ILE G 234 -6.41 -33.97 -5.57
C ILE G 234 -6.85 -32.99 -6.67
N CYS G 235 -6.28 -33.16 -7.86
CA CYS G 235 -6.65 -32.36 -9.02
C CYS G 235 -8.08 -32.67 -9.51
N ASP G 236 -8.45 -33.95 -9.54
CA ASP G 236 -9.81 -34.35 -9.89
C ASP G 236 -10.79 -33.74 -8.93
N ARG G 237 -10.43 -33.81 -7.66
CA ARG G 237 -11.28 -33.38 -6.56
C ARG G 237 -11.54 -31.88 -6.57
N GLU G 238 -10.51 -31.11 -6.90
CA GLU G 238 -10.57 -29.66 -6.91
C GLU G 238 -10.94 -29.12 -8.31
N GLY G 239 -10.97 -30.01 -9.29
CA GLY G 239 -11.21 -29.66 -10.69
C GLY G 239 -10.03 -28.95 -11.33
N ILE G 240 -8.87 -29.01 -10.67
CA ILE G 240 -7.64 -28.36 -11.12
C ILE G 240 -6.92 -29.18 -12.21
N LEU G 241 -6.39 -28.51 -13.23
CA LEU G 241 -5.68 -29.22 -14.30
C LEU G 241 -4.33 -29.80 -13.84
N LEU G 242 -4.05 -31.02 -14.29
CA LEU G 242 -2.75 -31.62 -14.02
C LEU G 242 -1.93 -31.56 -15.31
N ILE G 243 -0.81 -30.84 -15.24
CA ILE G 243 0.14 -30.80 -16.33
C ILE G 243 1.29 -31.79 -16.10
N ALA G 244 1.36 -32.80 -16.96
CA ALA G 244 2.48 -33.71 -16.92
C ALA G 244 3.47 -33.28 -17.98
N ASP G 245 4.63 -32.84 -17.51
CA ASP G 245 5.74 -32.46 -18.38
C ASP G 245 6.54 -33.74 -18.67
N GLU G 246 6.28 -34.36 -19.81
CA GLU G 246 6.99 -35.57 -20.19
C GLU G 246 8.09 -35.30 -21.23
N ILE G 247 8.60 -34.08 -21.24
CA ILE G 247 9.61 -33.72 -22.23
C ILE G 247 10.86 -34.55 -22.06
N ALA G 248 11.22 -34.84 -20.80
CA ALA G 248 12.40 -35.65 -20.53
C ALA G 248 12.06 -37.14 -20.43
N THR G 249 10.97 -37.45 -19.72
CA THR G 249 10.63 -38.83 -19.39
C THR G 249 9.87 -39.56 -20.49
N GLY G 250 9.36 -38.82 -21.47
CA GLY G 250 8.59 -39.42 -22.54
C GLY G 250 9.40 -40.41 -23.36
N PHE G 251 8.68 -41.38 -23.92
CA PHE G 251 9.20 -42.38 -24.85
C PHE G 251 10.22 -43.35 -24.27
N GLY G 252 9.91 -43.87 -23.09
CA GLY G 252 10.53 -45.09 -22.61
C GLY G 252 11.68 -44.99 -21.64
N ARG G 253 12.23 -43.80 -21.49
CA ARG G 253 13.48 -43.60 -20.74
C ARG G 253 13.40 -44.10 -19.29
N THR G 254 12.20 -44.07 -18.71
CA THR G 254 11.98 -44.52 -17.32
C THR G 254 11.52 -45.99 -17.25
N GLY G 255 11.53 -46.65 -18.39
CA GLY G 255 11.13 -48.03 -18.51
C GLY G 255 9.71 -48.15 -19.05
N LYS G 256 8.91 -47.10 -18.89
CA LYS G 256 7.59 -47.14 -19.51
C LYS G 256 7.47 -46.10 -20.61
N LEU G 257 6.59 -46.33 -21.59
CA LEU G 257 6.46 -45.41 -22.72
C LEU G 257 6.24 -43.98 -22.21
N PHE G 258 5.37 -43.78 -21.20
CA PHE G 258 5.33 -42.51 -20.51
C PHE G 258 5.39 -42.75 -19.02
N ALA G 259 6.18 -41.96 -18.30
CA ALA G 259 6.40 -42.16 -16.87
C ALA G 259 5.10 -42.08 -16.05
N CYS G 260 4.07 -41.47 -16.63
CA CYS G 260 2.76 -41.42 -15.98
C CYS G 260 2.17 -42.81 -15.74
N GLU G 261 2.55 -43.76 -16.60
CA GLU G 261 2.06 -45.15 -16.57
C GLU G 261 2.51 -45.88 -15.30
N HIS G 262 3.59 -45.37 -14.71
CA HIS G 262 4.10 -45.81 -13.41
C HIS G 262 3.12 -45.76 -12.23
N ALA G 263 2.11 -44.90 -12.34
CA ALA G 263 1.07 -44.75 -11.35
C ALA G 263 -0.29 -44.96 -12.01
N GLU G 264 -0.26 -45.35 -13.28
CA GLU G 264 -1.45 -45.56 -14.10
C GLU G 264 -2.42 -44.39 -14.01
N ILE G 265 -1.89 -43.16 -14.13
CA ILE G 265 -2.72 -41.94 -14.15
C ILE G 265 -2.61 -41.23 -15.51
N ALA G 266 -3.57 -40.38 -15.83
CA ALA G 266 -3.51 -39.56 -17.03
C ALA G 266 -3.63 -38.08 -16.69
N PRO G 267 -2.73 -37.26 -17.23
CA PRO G 267 -2.82 -35.82 -16.99
C PRO G 267 -3.84 -35.15 -17.90
N ASP G 268 -4.28 -33.95 -17.55
CA ASP G 268 -5.16 -33.19 -18.41
C ASP G 268 -4.38 -32.57 -19.56
N ILE G 269 -3.14 -32.19 -19.27
CA ILE G 269 -2.27 -31.62 -20.29
C ILE G 269 -0.92 -32.32 -20.27
N LEU G 270 -0.44 -32.67 -21.47
CA LEU G 270 0.77 -33.48 -21.61
C LEU G 270 1.85 -32.79 -22.44
N CYS G 271 3.03 -32.62 -21.87
CA CYS G 271 4.14 -32.03 -22.64
C CYS G 271 5.14 -33.08 -23.12
N LEU G 272 5.46 -33.00 -24.41
CA LEU G 272 6.38 -33.94 -25.04
C LEU G 272 7.47 -33.20 -25.78
N GLY G 273 8.66 -33.80 -25.84
CA GLY G 273 9.76 -33.25 -26.59
C GLY G 273 10.96 -34.19 -26.60
N LYS G 274 12.14 -33.60 -26.78
CA LYS G 274 13.40 -34.35 -26.71
C LYS G 274 13.40 -35.61 -27.57
N ALA G 275 13.12 -36.77 -26.98
CA ALA G 275 13.18 -38.02 -27.73
C ALA G 275 12.09 -38.09 -28.80
N LEU G 276 11.16 -37.15 -28.74
CA LEU G 276 10.11 -37.04 -29.70
C LEU G 276 10.65 -37.14 -31.12
N THR G 277 11.79 -36.51 -31.37
CA THR G 277 12.39 -36.52 -32.69
C THR G 277 13.57 -37.47 -32.78
N GLY G 278 13.71 -38.31 -31.76
CA GLY G 278 14.89 -39.16 -31.66
C GLY G 278 16.12 -38.28 -31.48
N GLY G 279 15.88 -37.04 -31.06
CA GLY G 279 16.96 -36.11 -30.83
C GLY G 279 17.66 -35.63 -32.09
N THR G 280 16.97 -35.65 -33.22
CA THR G 280 17.61 -35.19 -34.46
C THR G 280 17.59 -33.68 -34.56
N MET G 281 16.55 -33.08 -34.02
CA MET G 281 16.33 -31.65 -34.12
C MET G 281 15.24 -31.26 -33.17
N THR G 282 15.00 -29.96 -33.01
CA THR G 282 14.07 -29.54 -31.99
C THR G 282 12.63 -29.66 -32.48
N LEU G 283 11.76 -30.07 -31.58
CA LEU G 283 10.31 -30.14 -31.81
C LEU G 283 9.61 -30.47 -30.50
N SER G 284 8.37 -30.04 -30.35
CA SER G 284 7.65 -30.37 -29.15
C SER G 284 6.19 -30.60 -29.45
N ALA G 285 5.50 -31.12 -28.44
CA ALA G 285 4.08 -31.39 -28.55
C ALA G 285 3.45 -31.18 -27.20
N THR G 286 2.32 -30.48 -27.18
CA THR G 286 1.54 -30.36 -25.97
C THR G 286 0.16 -30.95 -26.22
N LEU G 287 -0.14 -32.03 -25.51
CA LEU G 287 -1.43 -32.69 -25.66
C LEU G 287 -2.33 -32.38 -24.48
N THR G 288 -3.62 -32.28 -24.77
CA THR G 288 -4.59 -32.08 -23.72
C THR G 288 -5.89 -32.80 -24.07
N THR G 289 -6.84 -32.77 -23.14
CA THR G 289 -8.12 -33.44 -23.31
C THR G 289 -9.04 -32.58 -24.20
N ARG G 290 -10.04 -33.21 -24.81
CA ARG G 290 -11.08 -32.47 -25.53
C ARG G 290 -11.79 -31.48 -24.62
N GLU G 291 -11.93 -31.87 -23.36
CA GLU G 291 -12.59 -31.10 -22.31
C GLU G 291 -11.94 -29.71 -22.16
N VAL G 292 -10.61 -29.72 -22.00
CA VAL G 292 -9.79 -28.51 -21.93
C VAL G 292 -9.78 -27.72 -23.26
N ALA G 293 -9.64 -28.45 -24.37
CA ALA G 293 -9.54 -27.87 -25.71
C ALA G 293 -10.75 -27.07 -26.17
N GLU G 294 -11.93 -27.61 -25.95
CA GLU G 294 -13.15 -26.93 -26.38
C GLU G 294 -13.41 -25.72 -25.50
N THR G 295 -13.13 -25.86 -24.20
CA THR G 295 -13.29 -24.75 -23.25
C THR G 295 -12.52 -23.50 -23.68
N ILE G 296 -11.23 -23.72 -23.97
CA ILE G 296 -10.36 -22.67 -24.49
C ILE G 296 -10.98 -22.04 -25.74
N SER G 297 -11.44 -22.89 -26.65
CA SER G 297 -11.97 -22.45 -27.92
C SER G 297 -13.29 -21.69 -27.78
N ASN G 298 -14.01 -21.95 -26.67
CA ASN G 298 -15.29 -21.30 -26.39
C ASN G 298 -15.17 -20.02 -25.56
N GLY G 299 -13.95 -19.53 -25.39
CA GLY G 299 -13.70 -18.30 -24.64
C GLY G 299 -13.91 -17.09 -25.53
N GLU G 300 -13.58 -15.91 -25.02
CA GLU G 300 -13.76 -14.67 -25.79
C GLU G 300 -12.85 -14.63 -27.02
N ALA G 301 -11.68 -15.24 -26.91
CA ALA G 301 -10.70 -15.23 -27.99
C ALA G 301 -11.19 -16.04 -29.17
N GLY G 302 -11.91 -17.11 -28.91
CA GLY G 302 -12.42 -17.95 -29.97
C GLY G 302 -11.37 -18.90 -30.55
N CYS G 303 -10.24 -18.99 -29.87
CA CYS G 303 -9.13 -19.82 -30.33
C CYS G 303 -8.08 -19.98 -29.25
N PHE G 304 -7.18 -20.94 -29.44
CA PHE G 304 -6.03 -21.04 -28.55
C PHE G 304 -4.94 -20.13 -29.07
N MET G 305 -4.56 -19.16 -28.22
CA MET G 305 -3.72 -18.04 -28.63
C MET G 305 -2.23 -18.35 -28.61
N HIS G 306 -1.85 -19.24 -29.53
CA HIS G 306 -0.47 -19.57 -29.72
C HIS G 306 -0.30 -20.05 -31.16
N GLY G 307 0.79 -19.65 -31.80
CA GLY G 307 1.12 -20.15 -33.11
C GLY G 307 2.52 -19.79 -33.55
N PRO G 308 3.54 -20.60 -33.17
CA PRO G 308 4.92 -20.32 -33.57
C PRO G 308 5.12 -20.38 -35.09
N THR G 309 6.07 -19.60 -35.61
CA THR G 309 6.32 -19.53 -37.05
C THR G 309 6.50 -20.89 -37.71
N PHE G 310 7.29 -21.74 -37.09
CA PHE G 310 7.63 -23.02 -37.70
C PHE G 310 6.79 -24.13 -37.12
N MET G 311 5.62 -23.77 -36.59
CA MET G 311 4.71 -24.77 -36.05
C MET G 311 4.49 -25.89 -37.06
N GLY G 312 4.63 -27.12 -36.59
CA GLY G 312 4.34 -28.27 -37.42
C GLY G 312 5.35 -28.53 -38.51
N ASN G 313 6.52 -27.89 -38.39
CA ASN G 313 7.61 -28.08 -39.34
C ASN G 313 7.74 -29.50 -39.85
N PRO G 314 7.45 -29.69 -41.15
CA PRO G 314 7.43 -31.01 -41.79
C PRO G 314 8.69 -31.87 -41.53
N LEU G 315 9.86 -31.29 -41.68
CA LEU G 315 11.09 -32.04 -41.46
C LEU G 315 11.14 -32.58 -40.03
N ALA G 316 10.87 -31.72 -39.07
CA ALA G 316 10.88 -32.09 -37.67
C ALA G 316 9.87 -33.19 -37.36
N CYS G 317 8.70 -33.11 -38.00
CA CYS G 317 7.65 -34.12 -37.81
C CYS G 317 8.11 -35.43 -38.41
N ALA G 318 8.72 -35.36 -39.59
CA ALA G 318 9.25 -36.55 -40.26
C ALA G 318 10.28 -37.24 -39.37
N ALA G 319 11.16 -36.47 -38.76
CA ALA G 319 12.16 -37.04 -37.90
C ALA G 319 11.46 -37.72 -36.74
N ALA G 320 10.42 -37.08 -36.22
CA ALA G 320 9.63 -37.63 -35.11
C ALA G 320 8.84 -38.89 -35.51
N ASN G 321 8.21 -38.86 -36.69
CA ASN G 321 7.50 -40.03 -37.20
C ASN G 321 8.42 -41.26 -37.26
N ALA G 322 9.61 -41.06 -37.83
CA ALA G 322 10.59 -42.12 -37.93
C ALA G 322 11.00 -42.60 -36.56
N SER G 323 11.20 -41.66 -35.64
CA SER G 323 11.60 -41.98 -34.29
C SER G 323 10.55 -42.86 -33.59
N LEU G 324 9.29 -42.48 -33.74
CA LEU G 324 8.22 -43.22 -33.10
C LEU G 324 8.11 -44.62 -33.68
N ALA G 325 8.32 -44.72 -35.00
CA ALA G 325 8.23 -45.99 -35.69
C ALA G 325 9.26 -46.98 -35.13
N ILE G 326 10.44 -46.49 -34.80
CA ILE G 326 11.48 -47.34 -34.21
C ILE G 326 11.01 -47.87 -32.84
N LEU G 327 10.29 -47.03 -32.10
CA LEU G 327 9.77 -47.42 -30.80
C LEU G 327 8.60 -48.42 -30.89
N GLU G 328 8.03 -48.55 -32.09
CA GLU G 328 6.87 -49.40 -32.32
C GLU G 328 7.20 -50.90 -32.25
N SER G 329 8.46 -51.22 -32.53
CA SER G 329 8.96 -52.59 -32.45
C SER G 329 8.95 -53.11 -31.02
N GLY G 330 8.99 -52.20 -30.08
CA GLY G 330 8.93 -52.57 -28.67
C GLY G 330 10.28 -52.96 -28.14
N ASP G 331 11.30 -52.92 -29.00
CA ASP G 331 12.64 -53.35 -28.61
C ASP G 331 13.17 -52.52 -27.46
N TRP G 332 12.67 -51.29 -27.37
CA TRP G 332 13.13 -50.37 -26.33
C TRP G 332 12.87 -50.89 -24.92
N GLN G 333 11.76 -51.60 -24.75
CA GLN G 333 11.36 -52.11 -23.43
C GLN G 333 12.44 -52.98 -22.82
N GLN G 334 12.83 -54.01 -23.57
CA GLN G 334 13.86 -54.93 -23.10
C GLN G 334 15.21 -54.22 -23.11
N GLN G 335 15.42 -53.39 -24.13
CA GLN G 335 16.68 -52.65 -24.27
C GLN G 335 16.88 -51.79 -23.04
N VAL G 336 15.81 -51.13 -22.59
CA VAL G 336 15.89 -50.27 -21.41
C VAL G 336 15.94 -51.11 -20.14
N ALA G 337 15.18 -52.20 -20.10
CA ALA G 337 15.20 -53.09 -18.94
C ALA G 337 16.60 -53.66 -18.69
N ASP G 338 17.29 -54.08 -19.75
CA ASP G 338 18.65 -54.63 -19.66
C ASP G 338 19.64 -53.58 -19.19
N ILE G 339 19.51 -52.40 -19.79
CA ILE G 339 20.33 -51.24 -19.46
C ILE G 339 20.02 -50.87 -18.01
N GLU G 340 18.73 -50.97 -17.68
CA GLU G 340 18.27 -50.68 -16.32
C GLU G 340 19.03 -51.60 -15.37
N VAL G 341 18.95 -52.91 -15.66
CA VAL G 341 19.60 -53.93 -14.85
C VAL G 341 21.08 -53.67 -14.66
N GLN G 342 21.75 -53.44 -15.79
CA GLN G 342 23.19 -53.28 -15.86
C GLN G 342 23.65 -52.05 -15.10
N LEU G 343 22.83 -51.01 -15.09
CA LEU G 343 23.14 -49.79 -14.35
C LEU G 343 23.14 -50.02 -12.82
N ARG G 344 22.16 -50.75 -12.28
CA ARG G 344 22.09 -51.02 -10.84
C ARG G 344 23.31 -51.74 -10.39
N GLU G 345 23.65 -52.74 -11.17
CA GLU G 345 24.67 -53.68 -10.83
C GLU G 345 26.04 -53.00 -10.85
N GLN G 346 26.33 -52.26 -11.92
CA GLN G 346 27.64 -51.67 -12.16
C GLN G 346 27.86 -50.32 -11.47
N LEU G 347 26.77 -49.68 -11.04
CA LEU G 347 26.88 -48.40 -10.34
C LEU G 347 26.78 -48.63 -8.85
N ALA G 348 26.33 -49.81 -8.46
CA ALA G 348 26.23 -50.19 -7.06
C ALA G 348 27.51 -49.92 -6.25
N PRO G 349 28.69 -50.31 -6.77
CA PRO G 349 29.91 -50.09 -5.97
C PRO G 349 30.15 -48.65 -5.53
N ALA G 350 29.60 -47.68 -6.26
CA ALA G 350 29.85 -46.28 -5.95
C ALA G 350 29.25 -45.87 -4.60
N ARG G 351 28.21 -46.60 -4.16
CA ARG G 351 27.56 -46.29 -2.89
C ARG G 351 28.54 -46.26 -1.71
N ASP G 352 29.55 -47.12 -1.77
CA ASP G 352 30.49 -47.24 -0.68
C ASP G 352 31.51 -46.10 -0.67
N ALA G 353 31.59 -45.37 -1.78
CA ALA G 353 32.56 -44.29 -1.92
C ALA G 353 32.21 -43.11 -1.03
N GLU G 354 33.24 -42.44 -0.53
CA GLU G 354 33.07 -41.36 0.43
C GLU G 354 32.45 -40.12 -0.24
N MET G 355 32.70 -39.96 -1.54
CA MET G 355 32.20 -38.80 -2.27
C MET G 355 30.74 -38.95 -2.67
N VAL G 356 30.19 -40.14 -2.52
CA VAL G 356 28.84 -40.42 -3.01
C VAL G 356 27.81 -40.29 -1.90
N ALA G 357 26.73 -39.56 -2.17
CA ALA G 357 25.69 -39.36 -1.17
C ALA G 357 24.56 -40.36 -1.41
N ASP G 358 24.36 -40.74 -2.67
CA ASP G 358 23.32 -41.68 -3.06
C ASP G 358 23.55 -42.26 -4.45
N VAL G 359 22.97 -43.43 -4.70
CA VAL G 359 22.90 -44.01 -6.02
C VAL G 359 21.46 -44.43 -6.28
N ARG G 360 20.87 -43.94 -7.36
CA ARG G 360 19.52 -44.31 -7.73
C ARG G 360 19.46 -44.63 -9.21
N VAL G 361 18.66 -45.62 -9.58
CA VAL G 361 18.57 -46.05 -10.97
C VAL G 361 17.12 -46.34 -11.33
N LEU G 362 16.71 -45.88 -12.51
CA LEU G 362 15.40 -46.22 -13.09
C LEU G 362 15.43 -46.19 -14.61
N GLY G 363 14.96 -47.26 -15.25
CA GLY G 363 15.01 -47.35 -16.70
C GLY G 363 16.42 -47.12 -17.20
N ALA G 364 16.55 -46.37 -18.31
CA ALA G 364 17.86 -46.04 -18.86
C ALA G 364 18.42 -44.76 -18.20
N ILE G 365 18.20 -44.64 -16.90
CA ILE G 365 18.76 -43.58 -16.09
C ILE G 365 19.57 -44.09 -14.89
N GLY G 366 20.82 -43.67 -14.78
CA GLY G 366 21.63 -44.07 -13.65
C GLY G 366 22.20 -42.82 -13.03
N VAL G 367 21.94 -42.60 -11.74
CA VAL G 367 22.38 -41.37 -11.09
C VAL G 367 23.30 -41.62 -9.89
N VAL G 368 24.47 -41.01 -9.89
CA VAL G 368 25.31 -41.06 -8.72
C VAL G 368 25.35 -39.66 -8.11
N GLU G 369 24.58 -39.43 -7.05
CA GLU G 369 24.59 -38.13 -6.40
C GLU G 369 25.77 -38.06 -5.47
N THR G 370 26.54 -36.99 -5.60
CA THR G 370 27.74 -36.84 -4.80
C THR G 370 27.55 -35.88 -3.62
N THR G 371 28.46 -35.89 -2.66
CA THR G 371 28.30 -35.10 -1.46
C THR G 371 28.70 -33.66 -1.70
N HIS G 372 29.52 -33.46 -2.73
CA HIS G 372 30.01 -32.15 -3.12
C HIS G 372 29.90 -31.95 -4.62
N PRO G 373 29.81 -30.69 -5.07
CA PRO G 373 29.73 -30.43 -6.52
C PRO G 373 30.94 -30.93 -7.30
N VAL G 374 30.71 -31.45 -8.50
CA VAL G 374 31.79 -31.95 -9.34
C VAL G 374 32.59 -30.77 -9.86
N ASN G 375 33.90 -30.98 -10.05
CA ASN G 375 34.78 -30.00 -10.69
C ASN G 375 34.69 -30.14 -12.20
N MET G 376 33.79 -29.37 -12.79
CA MET G 376 33.36 -29.54 -14.18
C MET G 376 34.50 -29.75 -15.16
N ALA G 377 35.46 -28.83 -15.16
CA ALA G 377 36.54 -28.85 -16.13
C ALA G 377 37.40 -30.10 -16.00
N ALA G 378 37.86 -30.37 -14.77
CA ALA G 378 38.74 -31.52 -14.51
C ALA G 378 38.01 -32.84 -14.74
N LEU G 379 36.79 -32.95 -14.25
CA LEU G 379 36.02 -34.18 -14.39
C LEU G 379 35.65 -34.45 -15.85
N GLN G 380 35.32 -33.40 -16.59
CA GLN G 380 34.98 -33.56 -18.00
C GLN G 380 36.18 -34.09 -18.79
N LYS G 381 37.35 -33.52 -18.55
CA LYS G 381 38.58 -33.97 -19.18
C LYS G 381 38.89 -35.44 -18.84
N PHE G 382 38.65 -35.82 -17.58
CA PHE G 382 38.84 -37.19 -17.18
C PHE G 382 37.98 -38.11 -18.05
N PHE G 383 36.71 -37.75 -18.18
CA PHE G 383 35.76 -38.58 -18.92
C PHE G 383 36.16 -38.74 -20.38
N VAL G 384 36.61 -37.65 -20.99
CA VAL G 384 37.03 -37.69 -22.38
C VAL G 384 38.23 -38.65 -22.54
N GLU G 385 39.18 -38.56 -21.61
CA GLU G 385 40.36 -39.41 -21.59
C GLU G 385 40.00 -40.88 -21.40
N GLN G 386 38.91 -41.13 -20.69
CA GLN G 386 38.42 -42.49 -20.54
C GLN G 386 37.69 -42.88 -21.82
N GLY G 387 37.66 -41.96 -22.78
CA GLY G 387 37.01 -42.24 -24.03
C GLY G 387 35.50 -42.34 -23.93
N VAL G 388 34.92 -41.73 -22.90
CA VAL G 388 33.47 -41.71 -22.78
C VAL G 388 32.96 -40.28 -22.73
N TRP G 389 31.73 -40.06 -23.20
CA TRP G 389 31.13 -38.75 -23.06
C TRP G 389 30.08 -38.79 -21.97
N ILE G 390 30.46 -38.25 -20.82
CA ILE G 390 29.58 -38.12 -19.67
C ILE G 390 29.62 -36.68 -19.23
N ARG G 391 28.45 -36.08 -19.11
CA ARG G 391 28.34 -34.67 -18.76
C ARG G 391 27.70 -34.54 -17.37
N PRO G 392 28.55 -34.39 -16.34
CA PRO G 392 28.06 -34.26 -14.97
C PRO G 392 27.43 -32.89 -14.77
N PHE G 393 26.63 -32.73 -13.72
CA PHE G 393 25.98 -31.46 -13.42
C PHE G 393 25.92 -31.28 -11.91
N GLY G 394 26.61 -30.27 -11.39
CA GLY G 394 26.62 -30.01 -9.96
C GLY G 394 27.03 -31.19 -9.09
N LYS G 395 26.09 -31.72 -8.30
CA LYS G 395 26.38 -32.85 -7.43
C LYS G 395 25.87 -34.15 -8.03
N LEU G 396 25.69 -34.14 -9.36
CA LEU G 396 25.16 -35.29 -10.08
C LEU G 396 26.08 -35.79 -11.19
N ILE G 397 26.41 -37.07 -11.12
CA ILE G 397 27.04 -37.77 -12.24
C ILE G 397 26.04 -38.81 -12.74
N TYR G 398 25.43 -38.55 -13.89
CA TYR G 398 24.37 -39.43 -14.35
C TYR G 398 24.59 -39.93 -15.78
N LEU G 399 23.98 -41.07 -16.07
CA LEU G 399 24.09 -41.73 -17.36
C LEU G 399 22.70 -41.85 -17.91
N MET G 400 22.55 -41.53 -19.20
CA MET G 400 21.32 -41.77 -19.91
C MET G 400 21.67 -42.10 -21.35
N PRO G 401 22.27 -43.28 -21.54
CA PRO G 401 22.79 -43.68 -22.86
C PRO G 401 21.67 -43.99 -23.84
N PRO G 402 21.96 -43.95 -25.16
CA PRO G 402 20.97 -44.36 -26.16
C PRO G 402 20.50 -45.79 -25.93
N TYR G 403 19.29 -46.11 -26.36
CA TYR G 403 18.72 -47.42 -26.09
C TYR G 403 19.52 -48.52 -26.76
N ILE G 404 20.24 -48.17 -27.82
CA ILE G 404 20.94 -49.16 -28.63
C ILE G 404 22.37 -49.42 -28.16
N ILE G 405 22.69 -48.90 -26.98
CA ILE G 405 24.05 -49.03 -26.49
C ILE G 405 24.43 -50.48 -26.25
N LEU G 406 25.65 -50.83 -26.64
CA LEU G 406 26.15 -52.19 -26.45
C LEU G 406 26.60 -52.32 -25.00
N PRO G 407 26.48 -53.54 -24.45
CA PRO G 407 26.82 -53.83 -23.05
C PRO G 407 28.25 -53.44 -22.72
N GLN G 408 29.15 -53.63 -23.68
CA GLN G 408 30.55 -53.30 -23.46
C GLN G 408 30.72 -51.79 -23.39
N GLN G 409 29.92 -51.09 -24.18
CA GLN G 409 29.92 -49.63 -24.20
C GLN G 409 29.39 -49.05 -22.90
N LEU G 410 28.28 -49.61 -22.41
CA LEU G 410 27.72 -49.16 -21.14
C LEU G 410 28.72 -49.39 -20.00
N GLN G 411 29.46 -50.50 -20.06
CA GLN G 411 30.43 -50.82 -19.01
C GLN G 411 31.54 -49.75 -18.93
N ARG G 412 31.99 -49.30 -20.09
CA ARG G 412 32.97 -48.22 -20.18
C ARG G 412 32.43 -47.00 -19.44
N LEU G 413 31.13 -46.76 -19.58
CA LEU G 413 30.48 -45.61 -18.95
C LEU G 413 30.47 -45.76 -17.43
N THR G 414 29.94 -46.89 -16.99
CA THR G 414 29.81 -47.18 -15.57
C THR G 414 31.16 -47.24 -14.84
N ALA G 415 32.19 -47.74 -15.53
CA ALA G 415 33.53 -47.82 -14.96
C ALA G 415 34.11 -46.44 -14.66
N ALA G 416 33.93 -45.54 -15.62
CA ALA G 416 34.44 -44.18 -15.53
C ALA G 416 33.80 -43.42 -14.40
N VAL G 417 32.50 -43.63 -14.23
CA VAL G 417 31.77 -42.98 -13.16
C VAL G 417 32.35 -43.44 -11.83
N ASN G 418 32.52 -44.75 -11.72
CA ASN G 418 33.07 -45.38 -10.54
C ASN G 418 34.49 -44.90 -10.24
N ARG G 419 35.32 -44.83 -11.28
CA ARG G 419 36.70 -44.39 -11.11
C ARG G 419 36.76 -42.92 -10.70
N ALA G 420 35.87 -42.10 -11.27
CA ALA G 420 35.83 -40.66 -11.00
C ALA G 420 35.34 -40.38 -9.60
N VAL G 421 34.41 -41.21 -9.14
CA VAL G 421 33.76 -41.00 -7.88
C VAL G 421 34.61 -41.42 -6.65
N GLN G 422 35.69 -42.15 -6.90
CA GLN G 422 36.64 -42.52 -5.84
C GLN G 422 37.58 -41.34 -5.55
N ASP G 423 37.83 -40.51 -6.57
CA ASP G 423 38.81 -39.43 -6.46
C ASP G 423 38.19 -38.08 -6.11
N GLU G 424 38.75 -37.45 -5.09
CA GLU G 424 38.23 -36.19 -4.55
C GLU G 424 38.74 -34.98 -5.31
N THR G 425 39.65 -35.21 -6.26
CA THR G 425 40.15 -34.10 -7.09
C THR G 425 39.07 -33.66 -8.07
N PHE G 426 38.10 -34.53 -8.30
CA PHE G 426 37.05 -34.21 -9.25
C PHE G 426 35.86 -33.57 -8.56
N PHE G 427 36.09 -33.01 -7.37
CA PHE G 427 35.00 -32.39 -6.62
C PHE G 427 35.45 -31.09 -5.95
N CYS G 428 34.54 -30.14 -5.81
CA CYS G 428 34.87 -28.85 -5.19
C CYS G 428 34.21 -28.79 -3.81
N GLN G 429 35.02 -28.77 -2.76
CA GLN G 429 34.47 -28.71 -1.40
C GLN G 429 34.44 -27.32 -0.75
N ALA H 1 -9.38 -38.94 -51.59
CA ALA H 1 -8.91 -40.10 -50.86
C ALA H 1 -8.31 -39.71 -49.51
N THR H 2 -7.38 -38.74 -49.56
CA THR H 2 -6.70 -38.20 -48.37
C THR H 2 -7.58 -37.24 -47.55
N THR H 3 -8.89 -37.40 -47.66
CA THR H 3 -9.83 -36.57 -46.92
C THR H 3 -9.99 -36.98 -45.44
N ASP H 4 -9.45 -38.15 -45.07
CA ASP H 4 -9.53 -38.60 -43.67
C ASP H 4 -8.42 -38.00 -42.81
N ASP H 5 -7.24 -37.83 -43.41
CA ASP H 5 -6.16 -37.11 -42.76
C ASP H 5 -6.69 -35.71 -42.46
N LEU H 6 -7.31 -35.08 -43.45
CA LEU H 6 -7.84 -33.74 -43.27
C LEU H 6 -8.85 -33.72 -42.11
N ALA H 7 -9.57 -34.82 -41.94
CA ALA H 7 -10.58 -34.91 -40.88
C ALA H 7 -9.98 -35.12 -39.49
N PHE H 8 -8.92 -35.92 -39.40
CA PHE H 8 -8.19 -36.13 -38.15
C PHE H 8 -7.53 -34.81 -37.78
N ASP H 9 -7.05 -34.14 -38.81
CA ASP H 9 -6.41 -32.84 -38.68
C ASP H 9 -7.36 -31.85 -38.03
N GLN H 10 -8.57 -31.77 -38.57
CA GLN H 10 -9.57 -30.86 -38.04
C GLN H 10 -9.94 -31.17 -36.58
N ARG H 11 -9.98 -32.46 -36.22
CA ARG H 11 -10.48 -32.90 -34.91
C ARG H 11 -9.44 -32.99 -33.79
N HIS H 12 -8.16 -33.06 -34.12
CA HIS H 12 -7.14 -33.36 -33.11
C HIS H 12 -5.95 -32.39 -33.15
N ILE H 13 -5.82 -31.68 -34.25
CA ILE H 13 -4.61 -30.89 -34.51
C ILE H 13 -4.85 -29.37 -34.48
N TRP H 14 -4.21 -28.69 -33.53
CA TRP H 14 -4.29 -27.25 -33.54
C TRP H 14 -3.44 -26.72 -34.69
N HIS H 15 -3.86 -25.59 -35.22
CA HIS H 15 -3.01 -24.84 -36.12
C HIS H 15 -2.76 -23.47 -35.47
N PRO H 16 -1.89 -22.64 -36.07
CA PRO H 16 -1.67 -21.34 -35.40
C PRO H 16 -2.98 -20.56 -35.20
N TYR H 17 -3.25 -20.22 -33.95
CA TYR H 17 -4.43 -19.42 -33.54
C TYR H 17 -5.77 -19.90 -34.12
N THR H 18 -6.10 -21.16 -33.90
CA THR H 18 -7.34 -21.72 -34.42
C THR H 18 -8.21 -22.24 -33.31
N SER H 19 -9.47 -22.49 -33.63
CA SER H 19 -10.37 -23.07 -32.67
C SER H 19 -10.40 -24.59 -32.86
N MET H 20 -10.46 -25.33 -31.76
CA MET H 20 -10.58 -26.78 -31.80
C MET H 20 -12.05 -27.20 -31.99
N THR H 21 -12.93 -26.29 -31.60
CA THR H 21 -14.36 -26.46 -31.71
C THR H 21 -14.85 -26.15 -33.13
N SER H 22 -14.50 -24.98 -33.62
CA SER H 22 -14.94 -24.58 -34.95
C SER H 22 -13.75 -24.14 -35.80
N PRO H 23 -12.91 -25.09 -36.22
CA PRO H 23 -11.76 -24.75 -37.06
C PRO H 23 -12.16 -24.47 -38.50
N LEU H 24 -11.40 -23.60 -39.16
CA LEU H 24 -11.60 -23.31 -40.58
C LEU H 24 -10.86 -24.38 -41.40
N PRO H 25 -11.22 -24.53 -42.69
CA PRO H 25 -10.53 -25.54 -43.50
C PRO H 25 -9.05 -25.23 -43.74
N VAL H 26 -8.21 -26.26 -43.77
CA VAL H 26 -6.81 -26.11 -44.11
C VAL H 26 -6.50 -26.95 -45.34
N TYR H 27 -5.57 -26.48 -46.16
CA TYR H 27 -5.25 -27.15 -47.41
C TYR H 27 -4.05 -28.06 -47.27
N PRO H 28 -4.19 -29.31 -47.70
CA PRO H 28 -3.04 -30.22 -47.58
C PRO H 28 -1.98 -29.94 -48.64
N VAL H 29 -0.77 -29.63 -48.20
CA VAL H 29 0.36 -29.45 -49.10
C VAL H 29 1.21 -30.72 -49.00
N VAL H 30 1.60 -31.24 -50.16
CA VAL H 30 2.34 -32.49 -50.22
C VAL H 30 3.82 -32.27 -50.49
N SER H 31 4.14 -31.19 -51.18
CA SER H 31 5.53 -30.83 -51.46
C SER H 31 5.58 -29.39 -51.91
N ALA H 32 6.79 -28.89 -52.19
CA ALA H 32 6.99 -27.53 -52.66
C ALA H 32 8.32 -27.41 -53.38
N GLU H 33 8.39 -26.51 -54.36
CA GLU H 33 9.63 -26.29 -55.12
C GLU H 33 9.59 -24.90 -55.74
N GLY H 34 10.74 -24.22 -55.77
CA GLY H 34 10.82 -22.86 -56.26
C GLY H 34 9.93 -21.91 -55.47
N CYS H 35 9.02 -21.20 -56.14
CA CYS H 35 8.09 -20.36 -55.41
C CYS H 35 6.69 -20.92 -55.47
N GLU H 36 6.57 -22.24 -55.60
CA GLU H 36 5.25 -22.86 -55.68
C GLU H 36 5.04 -23.95 -54.64
N LEU H 37 3.86 -23.93 -54.05
CA LEU H 37 3.44 -24.99 -53.16
C LEU H 37 2.61 -25.98 -53.95
N ILE H 38 2.76 -27.25 -53.67
CA ILE H 38 2.02 -28.28 -54.37
C ILE H 38 0.96 -28.91 -53.46
N LEU H 39 -0.31 -28.78 -53.84
CA LEU H 39 -1.43 -29.34 -53.08
C LEU H 39 -1.61 -30.85 -53.32
N SER H 40 -2.44 -31.48 -52.47
CA SER H 40 -2.71 -32.92 -52.56
C SER H 40 -3.29 -33.33 -53.91
N ASP H 41 -4.14 -32.47 -54.47
CA ASP H 41 -4.80 -32.76 -55.73
C ASP H 41 -3.90 -32.35 -56.92
N GLY H 42 -2.66 -31.96 -56.65
CA GLY H 42 -1.70 -31.65 -57.70
C GLY H 42 -1.64 -30.20 -58.11
N ARG H 43 -2.61 -29.41 -57.64
CA ARG H 43 -2.74 -27.98 -57.92
C ARG H 43 -1.50 -27.21 -57.41
N ARG H 44 -1.02 -26.25 -58.19
CA ARG H 44 0.18 -25.51 -57.78
C ARG H 44 -0.10 -24.06 -57.40
N LEU H 45 0.35 -23.67 -56.21
CA LEU H 45 0.12 -22.32 -55.71
C LEU H 45 1.40 -21.51 -55.68
N VAL H 46 1.34 -20.29 -56.20
CA VAL H 46 2.46 -19.37 -56.08
C VAL H 46 2.48 -18.88 -54.63
N ASP H 47 3.61 -19.05 -53.95
CA ASP H 47 3.70 -18.69 -52.54
C ASP H 47 3.94 -17.20 -52.42
N GLY H 48 3.02 -16.50 -51.78
CA GLY H 48 3.20 -15.08 -51.57
C GLY H 48 3.66 -14.73 -50.16
N MET H 49 3.79 -15.74 -49.31
CA MET H 49 4.02 -15.52 -47.89
C MET H 49 5.44 -15.84 -47.43
N SER H 50 6.15 -16.64 -48.23
CA SER H 50 7.45 -17.17 -47.84
C SER H 50 7.39 -17.97 -46.54
N SER H 51 6.29 -18.69 -46.36
CA SER H 51 6.03 -19.43 -45.12
C SER H 51 6.25 -18.53 -43.92
N TRP H 52 5.64 -17.35 -43.99
CA TRP H 52 5.77 -16.28 -43.02
C TRP H 52 7.23 -15.82 -42.94
N TRP H 53 7.64 -15.05 -43.96
CA TRP H 53 8.91 -14.36 -44.06
C TRP H 53 10.07 -15.30 -44.39
N ALA H 54 10.06 -16.47 -43.74
CA ALA H 54 11.30 -17.23 -43.58
C ALA H 54 11.88 -17.83 -44.86
N ALA H 55 11.02 -18.25 -45.78
CA ALA H 55 11.46 -18.99 -46.96
C ALA H 55 11.93 -18.07 -48.10
N ILE H 56 12.95 -17.27 -47.84
CA ILE H 56 13.37 -16.26 -48.79
C ILE H 56 14.03 -16.83 -50.05
N HIS H 57 14.50 -18.08 -49.98
CA HIS H 57 15.14 -18.72 -51.14
C HIS H 57 14.18 -19.67 -51.83
N GLY H 58 12.91 -19.54 -51.47
CA GLY H 58 11.89 -20.41 -52.00
C GLY H 58 12.01 -21.81 -51.42
N TYR H 59 11.48 -22.77 -52.15
CA TYR H 59 11.36 -24.11 -51.62
C TYR H 59 12.24 -25.05 -52.41
N ASN H 60 12.64 -26.12 -51.73
CA ASN H 60 13.53 -27.14 -52.29
C ASN H 60 14.75 -26.50 -52.95
N HIS H 61 15.38 -25.57 -52.26
CA HIS H 61 16.59 -24.97 -52.79
C HIS H 61 17.69 -26.03 -52.77
N PRO H 62 18.31 -26.26 -53.93
CA PRO H 62 19.29 -27.34 -54.07
C PRO H 62 20.45 -27.24 -53.09
N GLN H 63 20.89 -26.01 -52.82
CA GLN H 63 21.99 -25.76 -51.89
C GLN H 63 21.58 -25.98 -50.45
N LEU H 64 20.40 -25.46 -50.11
CA LEU H 64 19.80 -25.67 -48.79
C LEU H 64 19.64 -27.16 -48.59
N ASN H 65 19.10 -27.85 -49.58
CA ASN H 65 18.91 -29.29 -49.49
C ASN H 65 20.24 -30.04 -49.36
N ALA H 66 21.23 -29.61 -50.13
CA ALA H 66 22.53 -30.28 -50.12
C ALA H 66 23.20 -30.13 -48.76
N ALA H 67 23.22 -28.91 -48.23
CA ALA H 67 23.89 -28.66 -46.95
C ALA H 67 23.22 -29.46 -45.86
N MET H 68 21.89 -29.47 -45.88
CA MET H 68 21.12 -30.20 -44.88
C MET H 68 21.38 -31.69 -44.93
N LYS H 69 21.33 -32.27 -46.12
CA LYS H 69 21.56 -33.70 -46.22
C LYS H 69 22.98 -34.02 -45.78
N SER H 70 23.90 -33.15 -46.14
CA SER H 70 25.31 -33.33 -45.78
C SER H 70 25.52 -33.35 -44.27
N GLN H 71 24.84 -32.45 -43.56
CA GLN H 71 24.96 -32.41 -42.11
C GLN H 71 24.36 -33.64 -41.46
N ILE H 72 23.26 -34.12 -42.02
CA ILE H 72 22.64 -35.35 -41.54
C ILE H 72 23.65 -36.49 -41.56
N ASP H 73 24.44 -36.56 -42.63
CA ASP H 73 25.45 -37.61 -42.77
C ASP H 73 26.50 -37.53 -41.66
N ALA H 74 26.89 -36.32 -41.28
CA ALA H 74 27.86 -36.12 -40.19
C ALA H 74 27.23 -36.37 -38.82
N MET H 75 26.20 -35.57 -38.52
CA MET H 75 25.38 -35.66 -37.31
C MET H 75 24.23 -34.68 -37.38
N SER H 76 23.02 -35.20 -37.24
CA SER H 76 21.85 -34.37 -37.28
C SER H 76 21.84 -33.44 -36.09
N HIS H 77 22.26 -33.98 -34.95
CA HIS H 77 22.33 -33.21 -33.72
C HIS H 77 23.33 -33.77 -32.71
N VAL H 78 23.96 -32.88 -31.96
CA VAL H 78 24.69 -33.27 -30.76
C VAL H 78 24.53 -32.11 -29.77
N MET H 79 24.54 -32.40 -28.48
CA MET H 79 24.38 -31.39 -27.45
C MET H 79 25.46 -30.33 -27.49
N PHE H 80 25.19 -29.20 -26.86
CA PHE H 80 26.08 -28.05 -26.96
C PHE H 80 26.74 -27.83 -25.60
N GLY H 81 26.44 -28.70 -24.65
CA GLY H 81 27.08 -28.59 -23.35
C GLY H 81 28.47 -29.20 -23.33
N GLY H 82 29.48 -28.33 -23.27
CA GLY H 82 30.87 -28.79 -23.26
C GLY H 82 31.32 -29.29 -24.62
N ILE H 83 30.45 -29.11 -25.62
CA ILE H 83 30.69 -29.56 -26.99
C ILE H 83 30.44 -28.42 -27.95
N THR H 84 31.32 -28.27 -28.94
CA THR H 84 31.05 -27.34 -30.02
C THR H 84 31.29 -28.10 -31.30
N HIS H 85 30.91 -27.52 -32.42
CA HIS H 85 31.05 -28.20 -33.70
C HIS H 85 31.14 -27.20 -34.83
N ALA H 86 31.57 -27.66 -36.00
CA ALA H 86 31.83 -26.75 -37.11
C ALA H 86 30.63 -25.91 -37.55
N PRO H 87 29.42 -26.53 -37.66
CA PRO H 87 28.29 -25.72 -38.12
C PRO H 87 27.96 -24.51 -37.24
N ALA H 88 28.02 -24.68 -35.92
CA ALA H 88 27.73 -23.57 -35.02
C ALA H 88 28.80 -22.51 -35.11
N ILE H 89 30.06 -22.93 -35.18
CA ILE H 89 31.15 -21.96 -35.23
C ILE H 89 31.06 -21.15 -36.50
N GLU H 90 30.89 -21.83 -37.62
CA GLU H 90 30.73 -21.18 -38.92
C GLU H 90 29.52 -20.25 -38.89
N LEU H 91 28.40 -20.71 -38.35
CA LEU H 91 27.21 -19.86 -38.31
C LEU H 91 27.49 -18.63 -37.46
N CYS H 92 28.12 -18.83 -36.31
CA CYS H 92 28.40 -17.69 -35.47
C CYS H 92 29.45 -16.81 -36.10
N ARG H 93 30.43 -17.39 -36.77
CA ARG H 93 31.38 -16.59 -37.54
C ARG H 93 30.63 -15.72 -38.55
N LYS H 94 29.74 -16.33 -39.33
CA LYS H 94 28.99 -15.59 -40.32
C LYS H 94 28.15 -14.49 -39.68
N LEU H 95 27.51 -14.80 -38.56
CA LEU H 95 26.62 -13.84 -37.93
C LEU H 95 27.41 -12.67 -37.38
N VAL H 96 28.51 -12.96 -36.70
CA VAL H 96 29.34 -11.87 -36.17
C VAL H 96 29.85 -11.00 -37.30
N ALA H 97 30.25 -11.63 -38.41
CA ALA H 97 30.81 -10.87 -39.53
C ALA H 97 29.84 -9.90 -40.16
N MET H 98 28.58 -10.30 -40.29
CA MET H 98 27.59 -9.55 -41.07
C MET H 98 26.71 -8.61 -40.23
N THR H 99 26.75 -8.70 -38.91
CA THR H 99 25.91 -7.85 -38.09
C THR H 99 26.73 -6.63 -37.73
N PRO H 100 26.07 -5.51 -37.36
CA PRO H 100 26.73 -4.28 -36.92
C PRO H 100 27.91 -4.57 -36.01
N GLN H 101 29.01 -3.85 -36.21
CA GLN H 101 30.31 -4.22 -35.62
C GLN H 101 30.29 -4.55 -34.11
N PRO H 102 29.55 -3.80 -33.27
CA PRO H 102 29.65 -4.11 -31.83
C PRO H 102 29.08 -5.47 -31.43
N LEU H 103 28.21 -6.05 -32.26
CA LEU H 103 27.58 -7.33 -31.97
C LEU H 103 28.55 -8.48 -32.28
N GLU H 104 29.06 -9.11 -31.24
CA GLU H 104 30.07 -10.15 -31.41
C GLU H 104 29.92 -11.35 -30.47
N CYS H 105 28.82 -11.40 -29.73
CA CYS H 105 28.55 -12.59 -28.92
C CYS H 105 27.23 -13.24 -29.33
N VAL H 106 27.28 -14.53 -29.66
CA VAL H 106 26.11 -15.19 -30.21
C VAL H 106 25.55 -16.24 -29.29
N PHE H 107 24.26 -16.10 -28.99
CA PHE H 107 23.52 -17.11 -28.26
C PHE H 107 22.52 -17.75 -29.20
N LEU H 108 22.78 -19.00 -29.59
CA LEU H 108 21.88 -19.72 -30.48
C LEU H 108 20.74 -20.30 -29.70
N ALA H 109 19.54 -20.21 -30.23
CA ALA H 109 18.40 -20.84 -29.60
C ALA H 109 17.52 -21.42 -30.67
N ASP H 110 16.35 -21.90 -30.29
CA ASP H 110 15.55 -22.69 -31.22
C ASP H 110 14.38 -21.95 -31.86
N SER H 111 13.88 -20.91 -31.24
CA SER H 111 12.75 -20.24 -31.87
C SER H 111 12.79 -18.74 -31.70
N GLY H 112 12.02 -18.03 -32.52
CA GLY H 112 11.93 -16.58 -32.42
C GLY H 112 11.56 -16.13 -31.03
N SER H 113 10.48 -16.68 -30.46
CA SER H 113 10.04 -16.31 -29.11
C SER H 113 11.13 -16.53 -28.08
N VAL H 114 11.82 -17.66 -28.18
CA VAL H 114 12.88 -17.99 -27.24
C VAL H 114 14.03 -16.98 -27.41
N ALA H 115 14.31 -16.58 -28.65
CA ALA H 115 15.38 -15.60 -28.88
C ALA H 115 15.05 -14.28 -28.23
N VAL H 116 13.78 -13.88 -28.29
CA VAL H 116 13.35 -12.64 -27.65
C VAL H 116 13.45 -12.75 -26.13
N GLU H 117 13.03 -13.89 -25.58
CA GLU H 117 13.10 -14.09 -24.13
C GLU H 117 14.55 -14.10 -23.63
N VAL H 118 15.44 -14.61 -24.46
CA VAL H 118 16.87 -14.58 -24.20
C VAL H 118 17.37 -13.14 -24.22
N ALA H 119 16.90 -12.37 -25.20
CA ALA H 119 17.26 -10.95 -25.30
C ALA H 119 16.81 -10.22 -24.05
N MET H 120 15.59 -10.49 -23.62
CA MET H 120 15.05 -9.86 -22.41
C MET H 120 15.83 -10.29 -21.17
N LYS H 121 16.14 -11.59 -21.05
CA LYS H 121 16.92 -12.04 -19.89
C LYS H 121 18.30 -11.41 -19.84
N MET H 122 18.92 -11.25 -21.01
CA MET H 122 20.22 -10.60 -21.09
C MET H 122 20.09 -9.22 -20.49
N ALA H 123 19.08 -8.47 -20.91
CA ALA H 123 18.89 -7.13 -20.40
C ALA H 123 18.66 -7.20 -18.89
N LEU H 124 17.88 -8.19 -18.42
CA LEU H 124 17.61 -8.27 -16.99
C LEU H 124 18.88 -8.58 -16.19
N GLN H 125 19.61 -9.60 -16.64
CA GLN H 125 20.84 -10.01 -15.97
C GLN H 125 21.89 -8.92 -16.03
N TYR H 126 21.86 -8.15 -17.12
CA TYR H 126 22.75 -7.02 -17.28
C TYR H 126 22.59 -6.07 -16.12
N TRP H 127 21.36 -5.69 -15.83
CA TRP H 127 21.14 -4.71 -14.75
C TRP H 127 21.31 -5.38 -13.39
N GLN H 128 20.96 -6.65 -13.30
CA GLN H 128 21.22 -7.37 -12.06
C GLN H 128 22.71 -7.31 -11.76
N ALA H 129 23.52 -7.43 -12.81
CA ALA H 129 24.96 -7.40 -12.63
C ALA H 129 25.47 -5.98 -12.35
N LYS H 130 24.71 -4.98 -12.79
CA LYS H 130 25.09 -3.59 -12.53
C LYS H 130 24.40 -3.05 -11.28
N GLY H 131 23.68 -3.90 -10.56
CA GLY H 131 23.12 -3.48 -9.31
C GLY H 131 21.89 -2.57 -9.31
N GLU H 132 21.10 -2.55 -10.39
CA GLU H 132 19.86 -1.77 -10.33
C GLU H 132 18.55 -2.54 -10.44
N ALA H 133 18.59 -3.80 -10.85
CA ALA H 133 17.36 -4.60 -10.94
C ALA H 133 16.18 -3.93 -11.70
N ARG H 134 16.50 -3.28 -12.82
CA ARG H 134 15.52 -2.73 -13.75
C ARG H 134 14.75 -3.89 -14.41
N GLN H 135 13.42 -3.83 -14.42
CA GLN H 135 12.63 -4.95 -14.88
C GLN H 135 11.58 -4.63 -15.93
N ARG H 136 11.43 -3.35 -16.27
CA ARG H 136 10.40 -2.97 -17.23
C ARG H 136 10.98 -2.92 -18.63
N PHE H 137 10.19 -3.23 -19.65
CA PHE H 137 10.65 -2.97 -21.00
C PHE H 137 9.78 -1.88 -21.61
N LEU H 138 10.42 -1.00 -22.36
CA LEU H 138 9.70 0.05 -23.09
C LEU H 138 9.60 -0.37 -24.55
N THR H 139 8.38 -0.44 -25.06
CA THR H 139 8.20 -0.82 -26.44
C THR H 139 7.11 -0.02 -27.14
N PHE H 140 6.88 -0.36 -28.39
CA PHE H 140 5.86 0.26 -29.21
C PHE H 140 4.58 -0.52 -29.13
N ARG H 141 3.46 0.15 -29.36
CA ARG H 141 2.22 -0.55 -29.65
C ARG H 141 2.37 -1.15 -31.04
N ASN H 142 1.54 -2.13 -31.36
CA ASN H 142 1.62 -2.83 -32.63
C ASN H 142 2.88 -3.66 -32.80
N GLY H 143 3.55 -3.95 -31.67
CA GLY H 143 4.71 -4.83 -31.70
C GLY H 143 4.28 -6.29 -31.61
N TYR H 144 5.08 -7.17 -32.19
CA TYR H 144 4.89 -8.60 -32.00
C TYR H 144 6.25 -9.26 -31.82
N HIS H 145 6.39 -10.06 -30.78
CA HIS H 145 7.68 -10.66 -30.52
C HIS H 145 7.56 -12.10 -30.19
N GLY H 146 6.37 -12.67 -30.37
CA GLY H 146 6.15 -14.08 -30.11
C GLY H 146 5.03 -14.40 -29.14
N ASP H 147 4.79 -15.68 -28.92
CA ASP H 147 3.64 -16.09 -28.15
C ASP H 147 3.99 -16.62 -26.77
N THR H 148 5.27 -16.81 -26.47
CA THR H 148 5.63 -17.21 -25.10
C THR H 148 5.38 -16.02 -24.17
N PHE H 149 5.23 -16.29 -22.86
CA PHE H 149 4.77 -15.27 -21.89
C PHE H 149 5.69 -14.06 -21.81
N GLY H 150 6.99 -14.32 -21.82
CA GLY H 150 7.95 -13.23 -21.81
C GLY H 150 7.76 -12.37 -23.05
N ALA H 151 7.69 -12.99 -24.22
CA ALA H 151 7.49 -12.25 -25.46
C ALA H 151 6.13 -11.53 -25.50
N MET H 152 5.10 -12.21 -25.02
CA MET H 152 3.77 -11.61 -24.97
C MET H 152 3.81 -10.33 -24.15
N SER H 153 4.63 -10.29 -23.10
CA SER H 153 4.61 -9.15 -22.21
C SER H 153 5.12 -7.86 -22.87
N VAL H 154 5.67 -7.97 -24.09
CA VAL H 154 6.03 -6.77 -24.87
C VAL H 154 5.31 -6.78 -26.22
N CYS H 155 4.33 -7.64 -26.38
CA CYS H 155 3.47 -7.60 -27.54
C CYS H 155 2.41 -6.55 -27.29
N ASP H 156 1.78 -6.08 -28.37
CA ASP H 156 0.73 -5.10 -28.26
C ASP H 156 -0.31 -5.53 -27.24
N PRO H 157 -0.61 -4.68 -26.26
CA PRO H 157 -1.50 -5.11 -25.17
C PRO H 157 -2.94 -5.22 -25.62
N ASP H 158 -3.26 -4.69 -26.79
CA ASP H 158 -4.63 -4.72 -27.28
C ASP H 158 -4.87 -5.82 -28.32
N ASN H 159 -4.06 -5.83 -29.38
CA ASN H 159 -4.14 -6.84 -30.43
C ASN H 159 -3.90 -8.27 -29.92
N SER H 160 -2.89 -8.40 -29.05
CA SER H 160 -2.51 -9.68 -28.43
C SER H 160 -3.40 -10.02 -27.23
N MET H 161 -4.48 -9.24 -27.08
CA MET H 161 -5.46 -9.39 -26.00
C MET H 161 -4.89 -9.55 -24.61
N HIS H 162 -3.98 -8.65 -24.22
CA HIS H 162 -3.40 -8.66 -22.88
C HIS H 162 -4.51 -8.49 -21.82
N SER H 163 -5.70 -8.10 -22.28
CA SER H 163 -6.90 -8.04 -21.45
C SER H 163 -7.17 -9.35 -20.71
N LEU H 164 -6.89 -10.47 -21.38
CA LEU H 164 -7.06 -11.81 -20.81
C LEU H 164 -5.83 -12.23 -19.98
N TRP H 165 -4.73 -11.52 -20.18
CA TRP H 165 -3.47 -11.83 -19.52
C TRP H 165 -3.08 -10.77 -18.50
N LYS H 166 -3.82 -9.66 -18.49
CA LYS H 166 -3.59 -8.60 -17.52
C LYS H 166 -3.75 -9.15 -16.11
N GLY H 167 -2.62 -9.50 -15.50
CA GLY H 167 -2.61 -10.16 -14.21
C GLY H 167 -1.47 -11.14 -14.13
N TYR H 168 -1.24 -11.87 -15.22
CA TYR H 168 -0.12 -12.81 -15.28
C TYR H 168 1.11 -12.10 -15.89
N LEU H 169 0.87 -11.39 -16.99
CA LEU H 169 1.94 -10.66 -17.64
C LEU H 169 2.30 -9.43 -16.82
N PRO H 170 3.60 -9.25 -16.49
CA PRO H 170 4.02 -7.98 -15.90
C PRO H 170 3.67 -6.87 -16.88
N GLU H 171 3.30 -5.68 -16.40
CA GLU H 171 2.90 -4.63 -17.32
C GLU H 171 4.12 -3.84 -17.78
N ASN H 172 4.41 -3.91 -19.08
CA ASN H 172 5.51 -3.13 -19.59
C ASN H 172 4.99 -1.81 -20.13
N LEU H 173 5.88 -1.00 -20.67
CA LEU H 173 5.54 0.35 -21.09
C LEU H 173 5.39 0.40 -22.59
N PHE H 174 4.26 0.95 -23.02
CA PHE H 174 3.92 1.01 -24.42
C PHE H 174 3.72 2.43 -24.89
N ALA H 175 4.72 2.94 -25.60
CA ALA H 175 4.62 4.19 -26.34
C ALA H 175 3.60 3.99 -27.45
N PRO H 176 3.02 5.07 -27.97
CA PRO H 176 2.11 4.87 -29.09
C PRO H 176 2.84 4.25 -30.27
N ALA H 177 2.11 3.55 -31.14
CA ALA H 177 2.67 2.98 -32.37
C ALA H 177 3.28 4.11 -33.21
N PRO H 178 4.48 3.90 -33.75
CA PRO H 178 5.15 4.93 -34.57
C PRO H 178 4.28 5.36 -35.74
N GLN H 179 3.97 6.65 -35.82
CA GLN H 179 3.03 7.16 -36.80
C GLN H 179 3.70 7.60 -38.09
N SER H 180 4.91 8.16 -37.95
CA SER H 180 5.66 8.64 -39.11
C SER H 180 5.96 7.50 -40.07
N ARG H 181 5.54 7.63 -41.33
CA ARG H 181 5.71 6.53 -42.28
C ARG H 181 7.13 6.47 -42.84
N MET H 182 7.43 5.39 -43.58
CA MET H 182 8.77 5.11 -44.08
C MET H 182 8.92 5.63 -45.50
N ASP H 183 7.78 5.82 -46.15
CA ASP H 183 7.70 6.55 -47.39
C ASP H 183 7.16 7.92 -47.06
N GLY H 184 6.80 8.08 -45.78
CA GLY H 184 6.59 9.33 -45.10
C GLY H 184 7.76 10.22 -44.77
N GLU H 185 7.46 11.51 -44.72
CA GLU H 185 8.01 12.50 -43.77
C GLU H 185 7.93 12.21 -42.26
N TRP H 186 9.04 12.50 -41.59
CA TRP H 186 9.14 12.40 -40.13
C TRP H 186 8.40 13.54 -39.44
N ASP H 187 7.62 13.21 -38.42
CA ASP H 187 6.86 14.22 -37.66
C ASP H 187 7.30 14.21 -36.20
N GLU H 188 7.81 15.34 -35.73
CA GLU H 188 8.37 15.44 -34.37
C GLU H 188 7.36 15.16 -33.26
N ARG H 189 6.08 15.34 -33.53
CA ARG H 189 5.06 15.04 -32.53
C ARG H 189 5.03 13.54 -32.24
N ASP H 190 5.53 12.74 -33.17
CA ASP H 190 5.56 11.27 -33.03
C ASP H 190 6.30 10.89 -31.75
N MET H 191 7.36 11.63 -31.43
CA MET H 191 8.20 11.32 -30.29
C MET H 191 7.68 11.67 -28.90
N VAL H 192 6.63 12.50 -28.79
CA VAL H 192 6.30 13.03 -27.46
C VAL H 192 5.89 11.89 -26.52
N GLY H 193 5.04 10.98 -27.00
CA GLY H 193 4.59 9.87 -26.17
C GLY H 193 5.73 9.00 -25.69
N PHE H 194 6.66 8.67 -26.60
CA PHE H 194 7.81 7.85 -26.24
C PHE H 194 8.70 8.59 -25.22
N ALA H 195 9.04 9.83 -25.57
CA ALA H 195 9.88 10.65 -24.72
C ALA H 195 9.26 10.82 -23.33
N ARG H 196 7.94 11.03 -23.30
CA ARG H 196 7.24 11.25 -22.04
C ARG H 196 7.33 10.01 -21.14
N LEU H 197 7.16 8.84 -21.72
CA LEU H 197 7.28 7.59 -20.99
C LEU H 197 8.70 7.41 -20.46
N MET H 198 9.67 7.70 -21.32
CA MET H 198 11.08 7.62 -20.96
C MET H 198 11.30 8.50 -19.74
N ALA H 199 10.85 9.76 -19.82
CA ALA H 199 11.02 10.71 -18.72
C ALA H 199 10.47 10.15 -17.42
N ALA H 200 9.28 9.57 -17.51
CA ALA H 200 8.58 9.10 -16.33
C ALA H 200 9.12 7.80 -15.78
N HIS H 201 9.84 7.02 -16.60
CA HIS H 201 10.22 5.66 -16.18
C HIS H 201 11.67 5.26 -16.45
N ARG H 202 12.52 6.20 -16.84
CA ARG H 202 13.87 5.84 -17.32
C ARG H 202 14.68 4.96 -16.37
N HIS H 203 14.35 4.96 -15.07
CA HIS H 203 15.16 4.25 -14.07
C HIS H 203 14.74 2.79 -13.92
N GLU H 204 13.55 2.45 -14.40
CA GLU H 204 13.06 1.10 -14.27
C GLU H 204 13.03 0.40 -15.63
N ILE H 205 13.53 1.07 -16.67
CA ILE H 205 13.53 0.49 -18.02
C ILE H 205 14.83 -0.26 -18.31
N ALA H 206 14.74 -1.58 -18.42
CA ALA H 206 15.91 -2.43 -18.67
C ALA H 206 16.40 -2.30 -20.12
N ALA H 207 15.45 -2.21 -21.04
CA ALA H 207 15.78 -2.10 -22.44
C ALA H 207 14.59 -1.57 -23.23
N VAL H 208 14.88 -1.00 -24.38
CA VAL H 208 13.84 -0.69 -25.35
C VAL H 208 13.88 -1.81 -26.36
N ILE H 209 12.71 -2.39 -26.65
CA ILE H 209 12.63 -3.47 -27.63
C ILE H 209 11.66 -3.09 -28.73
N ILE H 210 12.10 -3.21 -29.97
CA ILE H 210 11.29 -2.85 -31.12
C ILE H 210 11.56 -3.74 -32.31
N GLU H 211 10.59 -3.87 -33.20
CA GLU H 211 10.91 -4.37 -34.52
C GLU H 211 11.40 -3.16 -35.31
N PRO H 212 12.65 -3.22 -35.82
CA PRO H 212 13.11 -2.04 -36.56
C PRO H 212 12.41 -1.85 -37.91
N ILE H 213 11.90 -0.63 -38.11
CA ILE H 213 11.30 -0.16 -39.37
C ILE H 213 9.97 -0.86 -39.72
N VAL H 214 9.93 -2.19 -39.65
CA VAL H 214 8.70 -2.92 -39.97
C VAL H 214 8.12 -3.62 -38.74
N GLN H 215 6.95 -3.18 -38.31
CA GLN H 215 6.20 -3.89 -37.29
C GLN H 215 5.37 -4.97 -37.97
N GLY H 216 5.81 -6.21 -37.89
CA GLY H 216 5.24 -7.25 -38.73
C GLY H 216 3.86 -7.72 -38.35
N ALA H 217 3.79 -8.75 -37.52
CA ALA H 217 2.52 -9.41 -37.23
C ALA H 217 1.55 -8.51 -36.47
N GLY H 218 2.05 -7.37 -36.01
CA GLY H 218 1.21 -6.44 -35.28
C GLY H 218 0.50 -5.46 -36.20
N GLY H 219 0.72 -5.58 -37.51
CA GLY H 219 0.03 -4.71 -38.44
C GLY H 219 0.75 -4.38 -39.75
N MET H 220 1.87 -5.05 -40.00
CA MET H 220 2.69 -4.77 -41.18
C MET H 220 2.88 -3.28 -41.35
N ARG H 221 3.29 -2.62 -40.27
CA ARG H 221 3.49 -1.18 -40.28
C ARG H 221 4.93 -0.89 -40.68
N MET H 222 5.12 0.18 -41.45
CA MET H 222 6.45 0.56 -41.90
C MET H 222 6.70 2.00 -41.48
N TYR H 223 7.52 2.21 -40.47
CA TYR H 223 7.68 3.56 -39.92
C TYR H 223 9.04 4.14 -40.24
N HIS H 224 9.18 5.44 -40.00
CA HIS H 224 10.35 6.21 -40.43
C HIS H 224 11.66 5.86 -39.70
N PRO H 225 12.76 5.75 -40.46
CA PRO H 225 14.04 5.43 -39.85
C PRO H 225 14.51 6.43 -38.78
N GLU H 226 13.94 7.63 -38.77
CA GLU H 226 14.34 8.63 -37.79
C GLU H 226 14.12 8.11 -36.37
N TRP H 227 13.06 7.31 -36.24
CA TRP H 227 12.72 6.66 -34.99
C TRP H 227 13.89 5.89 -34.41
N LEU H 228 14.60 5.12 -35.25
CA LEU H 228 15.71 4.32 -34.76
C LEU H 228 16.87 5.19 -34.36
N LYS H 229 17.15 6.24 -35.13
CA LYS H 229 18.23 7.15 -34.75
C LYS H 229 17.93 7.74 -33.40
N ARG H 230 16.69 8.22 -33.21
CA ARG H 230 16.32 8.86 -31.95
C ARG H 230 16.36 7.87 -30.77
N ILE H 231 15.84 6.65 -30.95
CA ILE H 231 15.82 5.64 -29.88
C ILE H 231 17.22 5.20 -29.52
N ARG H 232 18.09 5.07 -30.51
CA ARG H 232 19.47 4.73 -30.24
C ARG H 232 20.12 5.83 -29.39
N LYS H 233 19.89 7.09 -29.77
CA LYS H 233 20.43 8.24 -29.05
C LYS H 233 19.91 8.26 -27.61
N ILE H 234 18.60 8.09 -27.47
CA ILE H 234 17.96 8.07 -26.16
C ILE H 234 18.50 6.95 -25.32
N CYS H 235 18.68 5.79 -25.93
CA CYS H 235 19.19 4.62 -25.22
C CYS H 235 20.63 4.86 -24.81
N ASP H 236 21.42 5.40 -25.73
CA ASP H 236 22.81 5.75 -25.43
C ASP H 236 22.83 6.73 -24.30
N ARG H 237 21.97 7.74 -24.37
CA ARG H 237 21.92 8.80 -23.37
C ARG H 237 21.52 8.27 -22.00
N GLU H 238 20.59 7.32 -21.97
CA GLU H 238 20.07 6.80 -20.70
C GLU H 238 20.83 5.61 -20.19
N GLY H 239 21.70 5.05 -21.02
CA GLY H 239 22.41 3.82 -20.72
C GLY H 239 21.50 2.61 -20.82
N ILE H 240 20.33 2.81 -21.42
CA ILE H 240 19.33 1.75 -21.61
C ILE H 240 19.69 0.89 -22.82
N LEU H 241 19.55 -0.43 -22.70
CA LEU H 241 19.87 -1.34 -23.78
C LEU H 241 18.87 -1.21 -24.91
N LEU H 242 19.32 -1.28 -26.14
CA LEU H 242 18.40 -1.36 -27.26
C LEU H 242 18.39 -2.79 -27.82
N ILE H 243 17.21 -3.42 -27.77
CA ILE H 243 16.95 -4.72 -28.40
C ILE H 243 16.23 -4.58 -29.73
N ALA H 244 16.88 -4.92 -30.82
CA ALA H 244 16.21 -4.87 -32.11
C ALA H 244 15.72 -6.25 -32.45
N ASP H 245 14.43 -6.41 -32.55
CA ASP H 245 13.89 -7.71 -32.94
C ASP H 245 13.84 -7.77 -34.46
N GLU H 246 14.89 -8.35 -35.05
CA GLU H 246 15.00 -8.48 -36.49
C GLU H 246 14.65 -9.88 -36.90
N ILE H 247 13.85 -10.55 -36.12
CA ILE H 247 13.49 -11.92 -36.46
C ILE H 247 12.72 -11.95 -37.78
N ALA H 248 11.91 -10.92 -38.02
CA ALA H 248 11.13 -10.85 -39.24
C ALA H 248 11.86 -10.07 -40.33
N THR H 249 12.52 -8.98 -39.94
CA THR H 249 13.12 -8.07 -40.92
C THR H 249 14.53 -8.49 -41.37
N GLY H 250 15.17 -9.40 -40.64
CA GLY H 250 16.52 -9.80 -40.97
C GLY H 250 16.68 -10.45 -42.34
N PHE H 251 17.89 -10.32 -42.88
CA PHE H 251 18.34 -10.99 -44.09
C PHE H 251 17.62 -10.54 -45.35
N GLY H 252 17.47 -9.21 -45.46
CA GLY H 252 17.21 -8.58 -46.74
C GLY H 252 15.79 -8.19 -47.05
N ARG H 253 14.84 -8.67 -46.25
CA ARG H 253 13.43 -8.52 -46.58
C ARG H 253 13.02 -7.04 -46.75
N THR H 254 13.64 -6.13 -46.01
CA THR H 254 13.24 -4.72 -46.12
C THR H 254 14.13 -3.94 -47.09
N GLY H 255 14.97 -4.66 -47.84
CA GLY H 255 15.82 -4.01 -48.81
C GLY H 255 17.25 -3.83 -48.36
N LYS H 256 17.45 -3.84 -47.05
CA LYS H 256 18.79 -3.90 -46.47
C LYS H 256 18.99 -5.21 -45.69
N LEU H 257 20.24 -5.63 -45.52
CA LEU H 257 20.54 -6.91 -44.90
C LEU H 257 19.86 -7.03 -43.54
N PHE H 258 19.96 -5.97 -42.74
CA PHE H 258 19.18 -5.85 -41.51
C PHE H 258 18.47 -4.49 -41.50
N ALA H 259 17.22 -4.47 -41.05
CA ALA H 259 16.42 -3.25 -41.10
C ALA H 259 17.08 -2.12 -40.32
N CYS H 260 17.97 -2.46 -39.39
CA CYS H 260 18.69 -1.46 -38.63
C CYS H 260 19.54 -0.55 -39.53
N GLU H 261 19.97 -1.08 -40.68
CA GLU H 261 20.83 -0.33 -41.59
C GLU H 261 20.10 0.87 -42.18
N HIS H 262 18.78 0.79 -42.27
CA HIS H 262 17.95 1.92 -42.70
C HIS H 262 18.18 3.19 -41.88
N ALA H 263 18.70 3.03 -40.66
CA ALA H 263 18.97 4.16 -39.79
C ALA H 263 20.45 4.20 -39.45
N GLU H 264 21.21 3.29 -40.06
CA GLU H 264 22.65 3.16 -39.80
C GLU H 264 22.92 3.12 -38.30
N ILE H 265 22.10 2.37 -37.57
CA ILE H 265 22.32 2.19 -36.13
C ILE H 265 22.57 0.72 -35.80
N ALA H 266 23.13 0.50 -34.61
CA ALA H 266 23.38 -0.82 -34.09
C ALA H 266 22.62 -1.00 -32.76
N PRO H 267 21.91 -2.11 -32.61
CA PRO H 267 21.26 -2.37 -31.33
C PRO H 267 22.26 -2.97 -30.36
N ASP H 268 21.97 -2.98 -29.07
CA ASP H 268 22.82 -3.68 -28.11
C ASP H 268 22.53 -5.17 -28.10
N ILE H 269 21.28 -5.52 -28.36
CA ILE H 269 20.89 -6.91 -28.43
C ILE H 269 20.09 -7.11 -29.71
N LEU H 270 20.45 -8.15 -30.43
CA LEU H 270 19.86 -8.38 -31.74
C LEU H 270 19.23 -9.75 -31.86
N CYS H 271 17.94 -9.79 -32.19
CA CYS H 271 17.25 -11.06 -32.36
C CYS H 271 17.08 -11.42 -33.81
N LEU H 272 17.45 -12.66 -34.13
CA LEU H 272 17.41 -13.16 -35.48
C LEU H 272 16.70 -14.49 -35.43
N GLY H 273 16.00 -14.85 -36.51
CA GLY H 273 15.33 -16.14 -36.65
C GLY H 273 14.77 -16.22 -38.05
N LYS H 274 13.73 -17.02 -38.24
CA LYS H 274 13.01 -17.12 -39.50
C LYS H 274 13.92 -17.35 -40.71
N ALA H 275 14.21 -16.28 -41.45
CA ALA H 275 15.01 -16.39 -42.67
C ALA H 275 16.44 -16.80 -42.38
N LEU H 276 16.79 -16.84 -41.10
CA LEU H 276 18.09 -17.30 -40.62
C LEU H 276 18.46 -18.65 -41.25
N THR H 277 17.46 -19.54 -41.32
CA THR H 277 17.62 -20.88 -41.86
C THR H 277 17.07 -20.99 -43.27
N GLY H 278 16.74 -19.86 -43.88
CA GLY H 278 16.13 -19.89 -45.20
C GLY H 278 14.77 -20.57 -45.16
N GLY H 279 14.18 -20.59 -43.98
CA GLY H 279 12.87 -21.17 -43.78
C GLY H 279 12.86 -22.68 -43.90
N THR H 280 14.00 -23.33 -43.67
CA THR H 280 14.04 -24.78 -43.77
C THR H 280 13.50 -25.45 -42.50
N MET H 281 13.81 -24.86 -41.34
CA MET H 281 13.44 -25.41 -40.03
C MET H 281 13.70 -24.30 -39.02
N THR H 282 13.30 -24.49 -37.78
CA THR H 282 13.38 -23.39 -36.83
C THR H 282 14.79 -23.28 -36.26
N LEU H 283 15.20 -22.03 -36.06
CA LEU H 283 16.45 -21.70 -35.40
C LEU H 283 16.41 -20.22 -35.15
N SER H 284 17.10 -19.78 -34.11
CA SER H 284 17.16 -18.36 -33.80
C SER H 284 18.52 -18.05 -33.24
N ALA H 285 18.83 -16.76 -33.15
CA ALA H 285 20.10 -16.29 -32.61
C ALA H 285 19.87 -14.95 -31.92
N THR H 286 20.48 -14.77 -30.77
CA THR H 286 20.44 -13.47 -30.15
C THR H 286 21.87 -12.95 -30.01
N LEU H 287 22.18 -11.85 -30.69
CA LEU H 287 23.53 -11.30 -30.61
C LEU H 287 23.54 -10.10 -29.70
N THR H 288 24.63 -9.97 -28.95
CA THR H 288 24.78 -8.80 -28.10
C THR H 288 26.26 -8.40 -28.11
N THR H 289 26.55 -7.26 -27.50
CA THR H 289 27.88 -6.71 -27.49
C THR H 289 28.74 -7.39 -26.44
N ARG H 290 30.04 -7.26 -26.58
CA ARG H 290 30.95 -7.77 -25.56
C ARG H 290 30.67 -7.19 -24.18
N GLU H 291 30.37 -5.89 -24.13
CA GLU H 291 30.13 -5.27 -22.83
C GLU H 291 29.00 -5.94 -22.08
N VAL H 292 27.88 -6.12 -22.78
CA VAL H 292 26.71 -6.77 -22.19
C VAL H 292 27.04 -8.20 -21.80
N ALA H 293 27.73 -8.91 -22.70
CA ALA H 293 28.08 -10.28 -22.46
C ALA H 293 28.94 -10.41 -21.23
N GLU H 294 29.90 -9.52 -21.11
CA GLU H 294 30.81 -9.60 -19.96
C GLU H 294 30.12 -9.14 -18.69
N THR H 295 29.32 -8.06 -18.80
CA THR H 295 28.60 -7.54 -17.65
C THR H 295 27.73 -8.64 -17.04
N ILE H 296 26.96 -9.31 -17.89
CA ILE H 296 26.12 -10.45 -17.47
C ILE H 296 26.94 -11.55 -16.79
N SER H 297 28.07 -11.90 -17.42
CA SER H 297 28.90 -13.01 -16.98
C SER H 297 29.63 -12.77 -15.67
N ASN H 298 29.93 -11.50 -15.37
CA ASN H 298 30.63 -11.13 -14.14
C ASN H 298 29.69 -10.78 -12.99
N GLY H 299 28.41 -11.09 -13.16
CA GLY H 299 27.45 -10.84 -12.12
C GLY H 299 27.44 -11.96 -11.10
N GLU H 300 26.46 -11.90 -10.20
CA GLU H 300 26.32 -12.89 -9.15
C GLU H 300 26.03 -14.26 -9.76
N ALA H 301 25.37 -14.25 -10.93
CA ALA H 301 25.01 -15.50 -11.61
C ALA H 301 26.26 -16.23 -12.13
N GLY H 302 27.23 -15.45 -12.61
CA GLY H 302 28.47 -15.99 -13.14
C GLY H 302 28.35 -16.59 -14.53
N CYS H 303 27.21 -16.38 -15.17
CA CYS H 303 26.94 -16.91 -16.52
C CYS H 303 25.63 -16.36 -17.08
N PHE H 304 25.39 -16.59 -18.36
CA PHE H 304 24.06 -16.29 -18.91
C PHE H 304 23.15 -17.50 -18.72
N MET H 305 22.07 -17.31 -17.97
CA MET H 305 21.27 -18.43 -17.50
C MET H 305 20.22 -18.89 -18.53
N HIS H 306 20.69 -19.46 -19.62
CA HIS H 306 19.78 -20.01 -20.62
C HIS H 306 20.51 -21.15 -21.33
N GLY H 307 19.79 -22.21 -21.66
CA GLY H 307 20.35 -23.29 -22.44
C GLY H 307 19.31 -24.24 -22.97
N PRO H 308 18.74 -23.97 -24.15
CA PRO H 308 17.75 -24.92 -24.68
C PRO H 308 18.39 -26.28 -24.95
N THR H 309 17.64 -27.36 -24.82
CA THR H 309 18.14 -28.71 -25.06
C THR H 309 18.84 -28.85 -26.40
N PHE H 310 18.22 -28.30 -27.43
CA PHE H 310 18.70 -28.47 -28.80
C PHE H 310 19.49 -27.27 -29.27
N MET H 311 19.99 -26.53 -28.30
CA MET H 311 20.83 -25.38 -28.61
C MET H 311 21.96 -25.72 -29.59
N GLY H 312 22.08 -24.89 -30.61
CA GLY H 312 23.18 -24.97 -31.56
C GLY H 312 23.04 -26.17 -32.47
N ASN H 313 21.85 -26.77 -32.50
CA ASN H 313 21.58 -27.91 -33.37
C ASN H 313 22.28 -27.80 -34.71
N PRO H 314 23.24 -28.70 -34.96
CA PRO H 314 24.05 -28.72 -36.18
C PRO H 314 23.24 -28.71 -37.47
N LEU H 315 22.16 -29.48 -37.52
CA LEU H 315 21.37 -29.50 -38.75
C LEU H 315 20.83 -28.14 -39.11
N ALA H 316 20.20 -27.48 -38.13
CA ALA H 316 19.65 -26.15 -38.35
C ALA H 316 20.77 -25.16 -38.68
N CYS H 317 21.92 -25.30 -38.01
CA CYS H 317 23.04 -24.43 -38.29
C CYS H 317 23.54 -24.65 -39.71
N ALA H 318 23.57 -25.91 -40.14
CA ALA H 318 24.02 -26.21 -41.51
C ALA H 318 23.11 -25.51 -42.50
N ALA H 319 21.81 -25.59 -42.26
CA ALA H 319 20.85 -24.94 -43.12
C ALA H 319 21.03 -23.42 -43.10
N ALA H 320 21.30 -22.88 -41.91
CA ALA H 320 21.48 -21.44 -41.76
C ALA H 320 22.71 -21.01 -42.53
N ASN H 321 23.78 -21.76 -42.34
CA ASN H 321 25.03 -21.55 -43.07
C ASN H 321 24.82 -21.55 -44.57
N ALA H 322 24.06 -22.53 -45.05
CA ALA H 322 23.77 -22.59 -46.46
C ALA H 322 22.95 -21.35 -46.86
N SER H 323 21.97 -21.00 -46.04
CA SER H 323 21.13 -19.85 -46.32
C SER H 323 21.94 -18.56 -46.41
N LEU H 324 22.87 -18.37 -45.48
CA LEU H 324 23.72 -17.17 -45.49
C LEU H 324 24.67 -17.15 -46.68
N ALA H 325 25.17 -18.33 -47.06
CA ALA H 325 26.08 -18.44 -48.20
C ALA H 325 25.38 -17.98 -49.48
N ILE H 326 24.09 -18.27 -49.59
CA ILE H 326 23.33 -17.82 -50.75
C ILE H 326 23.25 -16.30 -50.78
N LEU H 327 23.06 -15.69 -49.61
CA LEU H 327 22.96 -14.23 -49.52
C LEU H 327 24.31 -13.58 -49.73
N GLU H 328 25.37 -14.38 -49.63
CA GLU H 328 26.71 -13.84 -49.78
C GLU H 328 27.02 -13.40 -51.21
N SER H 329 26.32 -13.95 -52.21
CA SER H 329 26.46 -13.48 -53.59
C SER H 329 25.95 -12.04 -53.75
N GLY H 330 25.01 -11.63 -52.91
CA GLY H 330 24.45 -10.30 -52.97
C GLY H 330 23.30 -10.16 -53.95
N ASP H 331 22.93 -11.27 -54.59
CA ASP H 331 21.89 -11.26 -55.62
C ASP H 331 20.55 -10.79 -55.07
N TRP H 332 20.38 -10.93 -53.75
CA TRP H 332 19.14 -10.56 -53.11
C TRP H 332 18.86 -9.06 -53.26
N GLN H 333 19.91 -8.24 -53.27
CA GLN H 333 19.69 -6.80 -53.32
C GLN H 333 18.85 -6.40 -54.50
N GLN H 334 19.29 -6.79 -55.69
CA GLN H 334 18.56 -6.41 -56.88
C GLN H 334 17.22 -7.15 -56.90
N GLN H 335 17.23 -8.40 -56.45
CA GLN H 335 16.01 -9.18 -56.45
C GLN H 335 14.94 -8.57 -55.57
N VAL H 336 15.33 -8.11 -54.39
CA VAL H 336 14.38 -7.50 -53.48
C VAL H 336 14.01 -6.11 -53.99
N ALA H 337 14.98 -5.40 -54.56
CA ALA H 337 14.73 -4.10 -55.15
C ALA H 337 13.70 -4.22 -56.27
N ASP H 338 13.83 -5.25 -57.11
CA ASP H 338 12.91 -5.47 -58.22
C ASP H 338 11.51 -5.76 -57.72
N ILE H 339 11.45 -6.62 -56.71
CA ILE H 339 10.19 -7.00 -56.08
C ILE H 339 9.53 -5.76 -55.47
N GLU H 340 10.34 -4.90 -54.85
CA GLU H 340 9.82 -3.64 -54.27
C GLU H 340 9.17 -2.80 -55.34
N VAL H 341 9.89 -2.57 -56.43
CA VAL H 341 9.41 -1.77 -57.56
C VAL H 341 8.10 -2.35 -58.09
N GLN H 342 8.11 -3.66 -58.32
CA GLN H 342 6.95 -4.33 -58.89
C GLN H 342 5.74 -4.30 -57.95
N LEU H 343 5.98 -4.37 -56.65
CA LEU H 343 4.89 -4.28 -55.66
C LEU H 343 4.29 -2.90 -55.60
N ARG H 344 5.14 -1.87 -55.67
CA ARG H 344 4.66 -0.50 -55.66
C ARG H 344 3.73 -0.27 -56.83
N GLU H 345 4.20 -0.65 -58.01
CA GLU H 345 3.47 -0.40 -59.24
C GLU H 345 2.18 -1.23 -59.30
N GLN H 346 2.27 -2.52 -59.00
CA GLN H 346 1.14 -3.41 -59.22
C GLN H 346 0.10 -3.40 -58.11
N LEU H 347 0.46 -2.86 -56.96
CA LEU H 347 -0.49 -2.75 -55.84
C LEU H 347 -1.07 -1.34 -55.80
N ALA H 348 -0.46 -0.43 -56.55
CA ALA H 348 -0.97 0.94 -56.65
C ALA H 348 -2.50 1.01 -56.92
N PRO H 349 -3.04 0.23 -57.89
CA PRO H 349 -4.49 0.31 -58.16
C PRO H 349 -5.40 0.04 -56.98
N ALA H 350 -4.91 -0.71 -56.00
CA ALA H 350 -5.72 -1.08 -54.86
C ALA H 350 -6.11 0.16 -54.08
N ARG H 351 -5.34 1.23 -54.16
CA ARG H 351 -5.67 2.47 -53.43
C ARG H 351 -7.04 3.03 -53.77
N ASP H 352 -7.47 2.88 -55.02
CA ASP H 352 -8.75 3.44 -55.47
C ASP H 352 -9.93 2.57 -55.07
N ALA H 353 -9.64 1.33 -54.66
CA ALA H 353 -10.67 0.38 -54.30
C ALA H 353 -11.36 0.85 -53.04
N GLU H 354 -12.65 0.59 -52.96
CA GLU H 354 -13.44 1.14 -51.88
C GLU H 354 -13.10 0.48 -50.54
N MET H 355 -12.70 -0.78 -50.59
CA MET H 355 -12.42 -1.53 -49.38
C MET H 355 -11.01 -1.24 -48.83
N VAL H 356 -10.19 -0.54 -49.59
CA VAL H 356 -8.79 -0.38 -49.19
C VAL H 356 -8.52 0.93 -48.46
N ALA H 357 -7.84 0.83 -47.32
CA ALA H 357 -7.54 2.00 -46.52
C ALA H 357 -6.12 2.52 -46.76
N ASP H 358 -5.19 1.63 -47.08
CA ASP H 358 -3.82 2.05 -47.37
C ASP H 358 -3.03 0.99 -48.10
N VAL H 359 -2.04 1.44 -48.88
CA VAL H 359 -1.09 0.53 -49.52
C VAL H 359 0.30 1.03 -49.19
N ARG H 360 1.11 0.13 -48.64
CA ARG H 360 2.50 0.44 -48.32
C ARG H 360 3.41 -0.70 -48.78
N VAL H 361 4.58 -0.34 -49.27
CA VAL H 361 5.52 -1.27 -49.81
C VAL H 361 6.91 -0.92 -49.34
N LEU H 362 7.65 -1.91 -48.89
CA LEU H 362 9.06 -1.72 -48.53
C LEU H 362 9.78 -3.04 -48.78
N GLY H 363 10.87 -2.98 -49.54
CA GLY H 363 11.60 -4.18 -49.91
C GLY H 363 10.66 -5.20 -50.53
N ALA H 364 10.86 -6.47 -50.18
CA ALA H 364 10.00 -7.54 -50.70
C ALA H 364 8.76 -7.74 -49.81
N ILE H 365 8.19 -6.61 -49.36
CA ILE H 365 6.94 -6.60 -48.63
C ILE H 365 5.89 -5.67 -49.27
N GLY H 366 4.71 -6.20 -49.56
CA GLY H 366 3.65 -5.38 -50.11
C GLY H 366 2.42 -5.52 -49.25
N VAL H 367 1.92 -4.40 -48.73
CA VAL H 367 0.81 -4.46 -47.80
C VAL H 367 -0.39 -3.69 -48.30
N VAL H 368 -1.52 -4.37 -48.40
CA VAL H 368 -2.75 -3.67 -48.68
C VAL H 368 -3.65 -3.71 -47.45
N GLU H 369 -3.72 -2.61 -46.71
CA GLU H 369 -4.60 -2.55 -45.55
C GLU H 369 -6.03 -2.18 -45.98
N THR H 370 -6.99 -2.98 -45.57
CA THR H 370 -8.37 -2.74 -45.96
C THR H 370 -9.13 -2.08 -44.81
N THR H 371 -10.31 -1.55 -45.09
CA THR H 371 -11.05 -0.80 -44.08
C THR H 371 -11.81 -1.74 -43.13
N HIS H 372 -12.02 -2.98 -43.56
CA HIS H 372 -12.69 -3.99 -42.73
C HIS H 372 -11.92 -5.30 -42.75
N PRO H 373 -12.04 -6.08 -41.65
CA PRO H 373 -11.36 -7.38 -41.55
C PRO H 373 -11.81 -8.34 -42.65
N VAL H 374 -10.87 -9.12 -43.16
CA VAL H 374 -11.17 -10.08 -44.21
C VAL H 374 -12.02 -11.26 -43.70
N ASN H 375 -12.84 -11.80 -44.58
CA ASN H 375 -13.60 -13.02 -44.33
C ASN H 375 -12.64 -14.17 -44.63
N MET H 376 -11.92 -14.61 -43.60
CA MET H 376 -10.78 -15.51 -43.77
C MET H 376 -11.03 -16.71 -44.69
N ALA H 377 -12.06 -17.50 -44.39
CA ALA H 377 -12.32 -18.74 -45.13
C ALA H 377 -12.60 -18.46 -46.60
N ALA H 378 -13.48 -17.48 -46.84
CA ALA H 378 -13.89 -17.12 -48.19
C ALA H 378 -12.73 -16.55 -49.00
N LEU H 379 -11.98 -15.63 -48.40
CA LEU H 379 -10.87 -15.00 -49.08
C LEU H 379 -9.73 -15.98 -49.31
N GLN H 380 -9.48 -16.88 -48.36
CA GLN H 380 -8.44 -17.88 -48.57
C GLN H 380 -8.78 -18.80 -49.72
N LYS H 381 -10.02 -19.26 -49.75
CA LYS H 381 -10.51 -20.17 -50.80
C LYS H 381 -10.43 -19.47 -52.16
N PHE H 382 -10.76 -18.19 -52.21
CA PHE H 382 -10.64 -17.40 -53.44
C PHE H 382 -9.20 -17.36 -53.96
N PHE H 383 -8.24 -17.11 -53.06
CA PHE H 383 -6.83 -17.03 -53.42
C PHE H 383 -6.28 -18.35 -53.95
N VAL H 384 -6.68 -19.45 -53.31
CA VAL H 384 -6.24 -20.77 -53.74
C VAL H 384 -6.74 -21.04 -55.16
N GLU H 385 -8.02 -20.73 -55.41
CA GLU H 385 -8.66 -20.87 -56.70
C GLU H 385 -8.01 -19.99 -57.78
N GLN H 386 -7.42 -18.88 -57.36
CA GLN H 386 -6.63 -18.02 -58.24
C GLN H 386 -5.22 -18.58 -58.47
N GLY H 387 -4.95 -19.74 -57.86
CA GLY H 387 -3.66 -20.39 -57.98
C GLY H 387 -2.53 -19.69 -57.25
N VAL H 388 -2.89 -18.91 -56.23
CA VAL H 388 -1.90 -18.24 -55.39
C VAL H 388 -2.05 -18.63 -53.92
N TRP H 389 -0.94 -18.59 -53.20
CA TRP H 389 -1.03 -18.74 -51.75
C TRP H 389 -0.73 -17.40 -51.09
N ILE H 390 -1.81 -16.75 -50.63
CA ILE H 390 -1.75 -15.52 -49.88
C ILE H 390 -2.58 -15.75 -48.63
N ARG H 391 -1.99 -15.48 -47.47
CA ARG H 391 -2.65 -15.73 -46.20
C ARG H 391 -2.93 -14.41 -45.51
N PRO H 392 -4.15 -13.86 -45.71
CA PRO H 392 -4.50 -12.56 -45.11
C PRO H 392 -4.68 -12.65 -43.60
N PHE H 393 -4.59 -11.51 -42.92
CA PHE H 393 -4.70 -11.44 -41.46
C PHE H 393 -5.40 -10.15 -41.07
N GLY H 394 -6.51 -10.25 -40.35
CA GLY H 394 -7.25 -9.08 -39.91
C GLY H 394 -7.61 -8.14 -41.05
N LYS H 395 -7.06 -6.94 -41.03
CA LYS H 395 -7.31 -5.98 -42.11
C LYS H 395 -6.11 -5.93 -43.05
N LEU H 396 -5.34 -7.01 -43.10
CA LEU H 396 -4.13 -7.02 -43.90
C LEU H 396 -4.10 -8.10 -44.96
N ILE H 397 -4.00 -7.64 -46.21
CA ILE H 397 -3.71 -8.50 -47.33
C ILE H 397 -2.32 -8.12 -47.79
N TYR H 398 -1.35 -8.96 -47.46
CA TYR H 398 0.02 -8.60 -47.70
C TYR H 398 0.77 -9.67 -48.47
N LEU H 399 1.83 -9.21 -49.13
CA LEU H 399 2.67 -10.08 -49.93
C LEU H 399 4.09 -9.98 -49.41
N MET H 400 4.73 -11.13 -49.29
CA MET H 400 6.13 -11.21 -48.96
C MET H 400 6.69 -12.42 -49.69
N PRO H 401 6.86 -12.30 -51.01
CA PRO H 401 7.25 -13.46 -51.82
C PRO H 401 8.69 -13.82 -51.54
N PRO H 402 9.09 -15.06 -51.85
CA PRO H 402 10.52 -15.44 -51.83
C PRO H 402 11.30 -14.55 -52.79
N TYR H 403 12.58 -14.32 -52.53
CA TYR H 403 13.32 -13.35 -53.33
C TYR H 403 13.44 -13.78 -54.79
N ILE H 404 13.30 -15.07 -55.04
CA ILE H 404 13.52 -15.62 -56.37
C ILE H 404 12.25 -15.68 -57.23
N ILE H 405 11.19 -15.01 -56.76
CA ILE H 405 9.90 -15.07 -57.46
C ILE H 405 10.00 -14.43 -58.84
N LEU H 406 9.41 -15.09 -59.82
CA LEU H 406 9.39 -14.60 -61.19
C LEU H 406 8.33 -13.52 -61.36
N PRO H 407 8.58 -12.53 -62.24
CA PRO H 407 7.61 -11.43 -62.42
C PRO H 407 6.21 -11.93 -62.77
N GLN H 408 6.12 -12.99 -63.56
CA GLN H 408 4.82 -13.54 -63.94
C GLN H 408 4.14 -14.16 -62.71
N GLN H 409 4.97 -14.69 -61.80
CA GLN H 409 4.50 -15.22 -60.53
C GLN H 409 4.04 -14.15 -59.54
N LEU H 410 4.85 -13.09 -59.41
CA LEU H 410 4.53 -11.95 -58.56
C LEU H 410 3.29 -11.24 -59.06
N GLN H 411 3.11 -11.16 -60.39
CA GLN H 411 1.91 -10.56 -60.96
C GLN H 411 0.67 -11.34 -60.59
N ARG H 412 0.76 -12.66 -60.63
CA ARG H 412 -0.37 -13.49 -60.22
C ARG H 412 -0.78 -13.14 -58.80
N LEU H 413 0.18 -12.82 -57.95
CA LEU H 413 -0.12 -12.43 -56.59
C LEU H 413 -0.82 -11.07 -56.54
N THR H 414 -0.17 -10.03 -57.08
CA THR H 414 -0.73 -8.67 -57.04
C THR H 414 -2.06 -8.62 -57.77
N ALA H 415 -2.20 -9.42 -58.82
CA ALA H 415 -3.47 -9.48 -59.52
C ALA H 415 -4.54 -10.03 -58.58
N ALA H 416 -4.18 -11.08 -57.84
CA ALA H 416 -5.12 -11.72 -56.92
C ALA H 416 -5.55 -10.81 -55.78
N VAL H 417 -4.61 -10.03 -55.26
CA VAL H 417 -4.90 -9.09 -54.19
C VAL H 417 -5.88 -8.02 -54.68
N ASN H 418 -5.57 -7.42 -55.82
CA ASN H 418 -6.43 -6.38 -56.40
C ASN H 418 -7.83 -6.89 -56.70
N ARG H 419 -7.93 -8.10 -57.25
CA ARG H 419 -9.24 -8.64 -57.57
C ARG H 419 -10.03 -8.86 -56.28
N ALA H 420 -9.35 -9.28 -55.22
CA ALA H 420 -10.02 -9.60 -53.95
C ALA H 420 -10.55 -8.34 -53.28
N VAL H 421 -9.81 -7.24 -53.38
CA VAL H 421 -10.23 -5.99 -52.75
C VAL H 421 -11.22 -5.14 -53.55
N GLN H 422 -11.56 -5.54 -54.78
CA GLN H 422 -12.48 -4.71 -55.55
C GLN H 422 -13.90 -4.81 -55.02
N ASP H 423 -14.33 -6.01 -54.64
CA ASP H 423 -15.71 -6.18 -54.21
C ASP H 423 -15.76 -6.34 -52.68
N GLU H 424 -16.93 -6.11 -52.08
CA GLU H 424 -17.12 -6.16 -50.63
C GLU H 424 -17.34 -7.58 -50.12
N THR H 425 -17.34 -8.55 -51.02
CA THR H 425 -17.66 -9.93 -50.65
C THR H 425 -16.65 -10.65 -49.77
N PHE H 426 -15.39 -10.24 -49.78
CA PHE H 426 -14.40 -10.95 -48.96
C PHE H 426 -14.17 -10.27 -47.61
N PHE H 427 -15.17 -9.52 -47.12
CA PHE H 427 -14.95 -8.77 -45.90
C PHE H 427 -16.10 -8.84 -44.90
N CYS H 428 -15.75 -8.69 -43.62
CA CYS H 428 -16.70 -8.74 -42.52
C CYS H 428 -16.97 -7.33 -41.99
N GLN H 429 -18.20 -6.89 -42.05
CA GLN H 429 -18.57 -5.56 -41.59
C GLN H 429 -19.56 -5.59 -40.42
N1 PLP I . -20.05 15.33 27.09
C2 PLP I . -21.35 15.68 27.02
C2A PLP I . -22.41 14.66 27.35
C3 PLP I . -21.70 16.97 26.64
O3 PLP I . -23.03 17.27 26.60
C4 PLP I . -20.72 17.91 26.34
C4A PLP I . -21.03 19.31 25.92
C5 PLP I . -19.39 17.51 26.42
C6 PLP I . -19.09 16.21 26.80
C5A PLP I . -18.26 18.45 26.09
O4P PLP I . -18.31 19.58 26.94
P PLP I . -17.61 21.00 26.63
O1P PLP I . -18.39 21.53 25.45
O2P PLP I . -16.19 20.67 26.32
O3P PLP I . -17.85 21.76 27.94
O30 J4J J . -28.03 21.71 21.78
N28 J4J J . -27.04 22.27 21.35
O29 J4J J . -27.08 23.62 21.04
C27 J4J J . -25.82 21.59 21.17
C26 J4J J . -25.67 20.70 20.12
C25 J4J J . -24.46 20.04 19.96
C24 J4J J . -23.41 20.27 20.84
C23 J4J J . -23.56 21.17 21.88
C22 J4J J . -24.77 21.83 22.06
S21 J4J J . -24.98 22.93 23.34
C20 J4J J . -23.58 22.87 24.41
C18 J4J J . -23.56 21.58 25.21
O19 J4J J . -24.58 21.14 25.71
N17 J4J J . -22.38 20.99 25.34
N16 J4J J . -22.20 19.74 25.72
O30 J4J K . -27.11 25.21 15.72
N28 J4J K . -26.22 25.94 16.10
O29 J4J K . -25.24 26.37 15.20
C27 J4J K . -26.22 26.39 17.45
C26 J4J K . -26.85 27.60 17.66
C25 J4J K . -26.93 28.16 18.92
C24 J4J K . -26.42 27.51 20.01
C23 J4J K . -25.79 26.28 19.80
C22 J4J K . -25.67 25.70 18.54
S21 J4J K . -24.86 24.20 18.47
C20 J4J K . -23.40 24.20 19.48
C18 J4J K . -22.54 22.97 19.19
O19 J4J K . -22.89 22.10 18.40
N17 J4J K . -21.37 22.89 19.85
N16 J4J K . -20.60 21.84 19.65
N1 PLP L . -0.03 26.08 25.06
C2 PLP L . 0.97 26.49 25.87
C2A PLP L . 2.08 27.31 25.28
C3 PLP L . 0.96 26.13 27.20
O3 PLP L . 1.96 26.55 27.99
C4 PLP L . -0.07 25.37 27.72
C4A PLP L . -0.11 24.96 29.14
C5 PLP L . -1.08 24.97 26.87
C6 PLP L . -1.03 25.33 25.53
C5A PLP L . -2.24 24.15 27.34
O4P PLP L . -2.92 24.80 28.41
P PLP L . -3.78 23.85 29.38
O1P PLP L . -4.84 23.23 28.50
O2P PLP L . -2.77 22.84 29.85
O3P PLP L . -4.24 24.78 30.46
O30 J4J M . 5.70 21.81 35.39
N28 J4J M . 5.99 22.17 34.25
O29 J4J M . 7.10 23.03 34.00
C27 J4J M . 5.26 21.73 33.15
C26 J4J M . 5.89 20.85 32.29
C25 J4J M . 5.20 20.37 31.19
C24 J4J M . 3.90 20.78 30.94
C23 J4J M . 3.26 21.65 31.81
C22 J4J M . 3.94 22.13 32.91
S21 J4J M . 3.13 23.21 33.94
C20 J4J M . 1.55 23.57 33.24
C18 J4J M . 1.65 24.53 32.07
O19 J4J M . 2.46 25.44 32.04
N17 J4J M . 0.77 24.32 31.09
N16 J4J M . 0.92 24.72 29.83
N28 J4J N . 3.99 18.76 38.34
O29 J4J N . 4.68 19.93 38.73
C27 J4J N . 4.75 17.83 37.62
C26 J4J N . 5.56 16.94 38.33
C25 J4J N . 6.37 16.00 37.71
C24 J4J N . 6.36 15.94 36.33
C23 J4J N . 5.55 16.82 35.61
C22 J4J N . 4.73 17.78 36.22
S21 J4J N . 3.77 18.83 35.24
C20 J4J N . 3.77 18.32 33.52
C18 J4J N . 2.44 18.52 32.82
O19 J4J N . 1.44 18.91 33.41
N17 J4J N . 2.35 18.23 31.52
N16 J4J N . 1.16 18.43 30.97
N1 PLP O . 35.57 -4.87 10.63
C2 PLP O . 36.52 -5.39 9.84
C2A PLP O . 37.34 -4.45 9.00
C3 PLP O . 36.77 -6.76 9.82
O3 PLP O . 37.76 -7.20 8.99
C4 PLP O . 36.02 -7.62 10.61
C4A PLP O . 36.21 -9.11 10.63
C5 PLP O . 35.03 -7.06 11.40
C6 PLP O . 34.82 -5.68 11.39
C5A PLP O . 34.16 -7.88 12.28
O4P PLP O . 34.87 -8.32 13.42
P PLP O . 34.36 -9.66 14.15
O1P PLP O . 34.04 -10.63 13.03
O2P PLP O . 35.58 -9.95 14.99
O3P PLP O . 33.11 -9.27 14.91
O30 J4J P . 37.91 -15.90 5.92
N28 J4J P . 37.74 -14.80 5.42
O29 J4J P . 38.65 -14.27 4.49
C27 J4J P . 36.63 -14.05 5.78
C26 J4J P . 35.62 -13.84 4.84
C25 J4J P . 34.51 -13.11 5.20
C24 J4J P . 34.43 -12.57 6.48
C23 J4J P . 35.45 -12.77 7.41
C22 J4J P . 36.56 -13.53 7.07
S21 J4J P . 37.83 -13.81 8.18
C20 J4J P . 38.66 -12.27 8.33
C18 J4J P . 38.17 -11.54 9.55
O19 J4J P . 38.90 -11.43 10.50
N17 J4J P . 36.95 -11.02 9.58
N16 J4J P . 36.79 -9.70 9.67
O30 J4J Q . 33.47 -20.79 4.24
N28 J4J Q . 34.53 -20.23 4.01
O29 J4J Q . 34.89 -19.98 2.68
C27 J4J Q . 35.43 -19.91 5.06
C26 J4J Q . 36.16 -20.98 5.55
C25 J4J Q . 37.08 -20.83 6.57
C24 J4J Q . 37.30 -19.59 7.11
C23 J4J Q . 36.59 -18.49 6.65
C22 J4J Q . 35.66 -18.64 5.64
S21 J4J Q . 34.92 -17.18 5.19
C20 J4J Q . 33.40 -16.71 5.98
C18 J4J Q . 33.50 -15.93 7.27
O19 J4J Q . 34.33 -16.20 8.12
N17 J4J Q . 32.58 -14.96 7.42
N16 J4J Q . 32.51 -14.21 8.51
N1 PLP R . 21.44 -11.91 26.88
C2 PLP R . 21.30 -11.80 28.21
C2A PLP R . 20.28 -12.66 28.91
C3 PLP R . 22.10 -10.94 28.92
O3 PLP R . 21.96 -10.85 30.26
C4 PLP R . 23.05 -10.18 28.25
C4A PLP R . 23.91 -9.21 28.94
C5 PLP R . 23.16 -10.31 26.86
C6 PLP R . 22.34 -11.20 26.21
C5A PLP R . 24.14 -9.52 26.04
O4P PLP R . 25.48 -9.74 26.43
P PLP R . 26.60 -8.62 26.15
O1P PLP R . 26.72 -8.61 24.65
O2P PLP R . 26.06 -7.36 26.75
O3P PLP R . 27.77 -9.22 26.91
O30 J4J S . 23.34 -3.03 35.19
N28 J4J S . 22.36 -3.67 34.84
O29 J4J S . 21.51 -4.26 35.79
C27 J4J S . 22.06 -3.78 33.47
C26 J4J S . 20.87 -3.23 32.97
C25 J4J S . 20.59 -3.36 31.62
C24 J4J S . 21.47 -4.05 30.78
C23 J4J S . 22.63 -4.59 31.28
C22 J4J S . 22.93 -4.46 32.64
S21 J4J S . 24.37 -5.11 33.25
C20 J4J S . 25.20 -6.02 31.98
C18 J4J S . 24.53 -7.36 31.71
O19 J4J S . 24.17 -8.09 32.62
N17 J4J S . 24.39 -7.65 30.42
N16 J4J S . 23.52 -8.51 29.91
O30 J4J T . 22.64 4.15 34.26
N28 J4J T . 22.68 3.06 33.70
O29 J4J T . 21.65 2.79 32.79
C27 J4J T . 23.70 2.15 34.06
C26 J4J T . 24.54 2.62 35.06
C25 J4J T . 25.58 1.87 35.57
C24 J4J T . 25.85 0.61 35.09
C23 J4J T . 25.04 0.11 34.08
C22 J4J T . 23.98 0.84 33.55
S21 J4J T . 23.10 0.03 32.31
C20 J4J T . 24.06 -1.08 31.32
C18 J4J T . 23.28 -1.50 30.07
O19 J4J T . 22.08 -1.28 29.93
N17 J4J T . 23.91 -2.13 29.08
N16 J4J T . 23.15 -2.44 28.03
N1 PLP U . -30.90 -2.96 -18.89
C2 PLP U . -31.19 -3.83 -19.88
C2A PLP U . -31.50 -5.28 -19.60
C3 PLP U . -31.21 -3.39 -21.19
O3 PLP U . -31.53 -4.29 -22.16
C4 PLP U . -30.91 -2.07 -21.48
C4A PLP U . -30.96 -1.63 -22.88
C5 PLP U . -30.61 -1.19 -20.44
C6 PLP U . -30.60 -1.68 -19.15
C5A PLP U . -30.30 0.29 -20.58
O4P PLP U . -30.24 0.79 -21.91
P PLP U . -30.88 2.17 -22.42
O1P PLP U . -32.35 1.95 -22.36
O2P PLP U . -30.33 3.28 -21.52
O3P PLP U . -30.33 2.20 -23.82
O30 J4J V . -28.04 -6.51 -29.78
N28 J4J V . -27.95 -5.30 -29.69
O29 J4J V . -28.28 -4.51 -30.79
C27 J4J V . -27.52 -4.73 -28.48
C26 J4J V . -26.37 -5.23 -27.90
C25 J4J V . -25.90 -4.70 -26.69
C24 J4J V . -26.60 -3.66 -26.08
C23 J4J V . -27.75 -3.17 -26.66
C22 J4J V . -28.22 -3.70 -27.86
S21 J4J V . -29.63 -3.07 -28.53
C20 J4J V . -30.45 -2.00 -27.40
C18 J4J V . -30.85 -2.68 -26.10
O19 J4J V . -31.25 -3.83 -26.03
N17 J4J V . -30.74 -1.89 -25.05
N16 J4J V . -30.66 -2.40 -23.84
O30 J4J W . -22.79 -4.09 -33.03
N28 J4J W . -23.16 -3.02 -33.53
O29 J4J W . -22.22 -2.13 -34.06
C27 J4J W . -24.53 -2.73 -33.62
C26 J4J W . -25.00 -2.54 -34.91
C25 J4J W . -26.34 -2.29 -35.13
C24 J4J W . -27.24 -2.21 -34.08
C23 J4J W . -26.77 -2.40 -32.79
C22 J4J W . -25.43 -2.65 -32.54
S21 J4J W . -24.99 -2.87 -30.90
C20 J4J W . -25.69 -1.66 -29.81
C18 J4J W . -24.99 -1.67 -28.44
O19 J4J W . -24.07 -2.45 -28.20
N17 J4J W . -25.40 -0.80 -27.51
N16 J4J W . -24.79 -0.83 -26.33
N1 PLP X . -26.27 19.57 -18.30
C2 PLP X . -26.87 20.72 -17.90
C2A PLP X . -26.26 22.07 -18.23
C3 PLP X . -28.04 20.69 -17.16
O3 PLP X . -28.62 21.87 -16.77
C4 PLP X . -28.59 19.45 -16.84
C4A PLP X . -29.82 19.27 -16.06
C5 PLP X . -27.95 18.30 -17.28
C6 PLP X . -26.77 18.37 -18.00
C5A PLP X . -28.54 16.97 -16.91
O4P PLP X . -29.74 16.75 -17.62
P PLP X . -30.78 15.61 -17.13
O1P PLP X . -31.95 15.82 -18.07
O2P PLP X . -30.05 14.29 -17.31
O3P PLP X . -31.07 15.94 -15.69
O30 J4J Y . -34.11 23.07 -9.39
N28 J4J Y . -32.97 23.35 -9.78
O29 J4J Y . -32.60 24.70 -9.98
C27 J4J Y . -32.00 22.35 -10.03
C26 J4J Y . -30.83 22.34 -9.27
C25 J4J Y . -29.85 21.38 -9.47
C24 J4J Y . -30.04 20.41 -10.43
C23 J4J Y . -31.21 20.40 -11.19
C22 J4J Y . -32.20 21.37 -10.99
S21 J4J Y . -33.62 21.34 -11.93
C20 J4J Y . -33.38 20.34 -13.36
C18 J4J Y . -32.23 20.84 -14.21
O19 J4J Y . -32.03 22.03 -14.40
N17 J4J Y . -31.47 19.89 -14.74
N16 J4J Y . -30.37 20.20 -15.41
O30 J4J Z . -35.26 19.34 -3.34
N28 J4J Z . -34.93 20.31 -4.02
O29 J4J Z . -33.97 21.19 -3.49
C27 J4J Z . -35.48 20.54 -5.30
C26 J4J Z . -36.79 20.97 -5.40
C25 J4J Z . -37.39 21.19 -6.63
C24 J4J Z . -36.64 20.98 -7.77
C23 J4J Z . -35.33 20.53 -7.71
C22 J4J Z . -34.74 20.30 -6.47
S21 J4J Z . -33.14 19.75 -6.38
C20 J4J Z . -32.29 19.65 -7.91
C18 J4J Z . -32.28 18.29 -8.57
O19 J4J Z . -33.27 17.58 -8.51
N17 J4J Z . -31.20 17.90 -9.22
N16 J4J Z . -31.21 16.72 -9.79
O30 J4J AA . 26.38 -24.76 -16.14
N28 J4J AA . 26.31 -25.94 -16.46
O29 J4J AA . 26.24 -26.93 -15.48
C27 J4J AA . 26.35 -26.34 -17.81
C26 J4J AA . 27.57 -26.13 -18.47
C25 J4J AA . 27.73 -26.47 -19.81
C24 J4J AA . 26.69 -27.07 -20.48
C23 J4J AA . 25.47 -27.29 -19.83
C22 J4J AA . 25.29 -26.92 -18.50
S21 J4J AA . 23.75 -27.23 -17.85
C20 J4J AA . 22.54 -26.67 -19.03
C18 J4J AA . 21.41 -25.83 -18.44
O19 J4J AA . 21.45 -25.50 -17.26
N17 J4J AA . 20.40 -25.47 -19.25
N16 J4J AA . 19.40 -24.74 -18.79
N1 PLP BA . 10.73 -29.78 -19.68
C2 PLP BA . 11.55 -30.75 -19.24
C2A PLP BA . 11.01 -31.88 -18.40
C3 PLP BA . 12.88 -30.72 -19.56
O3 PLP BA . 13.69 -31.71 -19.10
C4 PLP BA . 13.37 -29.67 -20.34
C4A PLP BA . 14.79 -29.58 -20.72
C5 PLP BA . 12.50 -28.69 -20.79
C6 PLP BA . 11.16 -28.77 -20.43
C5A PLP BA . 12.99 -27.52 -21.62
O4P PLP BA . 13.08 -27.78 -23.02
P PLP BA . 14.00 -26.80 -23.91
O1P PLP BA . 14.21 -27.59 -25.18
O2P PLP BA . 15.20 -26.62 -23.00
O3P PLP BA . 13.27 -25.50 -24.17
O30 J4J CA . 22.98 -30.20 -17.54
N28 J4J CA . 21.88 -30.43 -17.08
O29 J4J CA . 21.64 -31.71 -16.54
C27 J4J CA . 20.85 -29.46 -17.10
C26 J4J CA . 20.57 -28.72 -15.95
C25 J4J CA . 19.57 -27.76 -15.97
C24 J4J CA . 18.83 -27.54 -17.14
C23 J4J CA . 19.10 -28.28 -18.28
C22 J4J CA . 20.12 -29.23 -18.25
S21 J4J CA . 20.48 -30.14 -19.65
C20 J4J CA . 19.28 -29.93 -20.92
C18 J4J CA . 18.03 -30.64 -20.46
O19 J4J CA . 18.09 -31.74 -19.94
N17 J4J CA . 16.90 -29.94 -20.68
N16 J4J CA . 15.71 -30.20 -20.17
N1 PLP DA . 9.72 -11.51 -33.45
C2 PLP DA . 9.18 -11.27 -34.66
C2A PLP DA . 9.45 -9.97 -35.36
C3 PLP DA . 8.39 -12.22 -35.25
O3 PLP DA . 7.84 -11.98 -36.48
C4 PLP DA . 8.16 -13.42 -34.60
C4A PLP DA . 7.30 -14.44 -35.22
C5 PLP DA . 8.71 -13.65 -33.36
C6 PLP DA . 9.50 -12.65 -32.80
C5A PLP DA . 8.49 -14.93 -32.58
O4P PLP DA . 8.79 -16.10 -33.36
P PLP DA . 8.07 -17.53 -33.14
O1P PLP DA . 8.55 -18.37 -34.30
O2P PLP DA . 8.57 -18.04 -31.80
O3P PLP DA . 6.61 -17.14 -33.19
O30 J4J EA . 1.34 -12.95 -35.15
N28 J4J EA . 1.46 -13.92 -35.91
O29 J4J EA . 1.99 -15.12 -35.42
C27 J4J EA . 0.98 -13.79 -37.22
C26 J4J EA . -0.03 -12.85 -37.33
C25 J4J EA . -0.60 -12.60 -38.56
C24 J4J EA . -0.24 -13.27 -39.71
C23 J4J EA . 0.76 -14.20 -39.59
C22 J4J EA . 1.38 -14.48 -38.37
S21 J4J EA . 2.55 -15.68 -38.60
C20 J4J EA . 3.81 -16.13 -37.46
C18 J4J EA . 4.91 -15.13 -37.50
O19 J4J EA . 5.14 -14.44 -38.49
N17 J4J EA . 5.57 -15.11 -36.36
N16 J4J EA . 6.28 -14.11 -35.90
O30 J4J FA . -5.62 -15.00 -37.38
N28 J4J FA . -5.62 -16.21 -37.25
O29 J4J FA . -6.63 -16.77 -36.48
C27 J4J FA . -4.63 -17.01 -37.92
C26 J4J FA . -5.04 -17.86 -38.96
C25 J4J FA . -4.13 -18.64 -39.67
C24 J4J FA . -2.79 -18.56 -39.38
C23 J4J FA . -2.36 -17.72 -38.37
C22 J4J FA . -3.26 -16.94 -37.64
S21 J4J FA . -2.59 -15.93 -36.43
C20 J4J FA . -1.23 -16.77 -35.65
C18 J4J FA . -0.61 -15.98 -34.51
O19 J4J FA . -0.91 -14.81 -34.31
N17 J4J FA . 0.28 -16.58 -33.72
N16 J4J FA . 0.78 -15.85 -32.74
#